data_9PDD
#
_entry.id   9PDD
#
_cell.length_a   1.00
_cell.length_b   1.00
_cell.length_c   1.00
_cell.angle_alpha   90.00
_cell.angle_beta   90.00
_cell.angle_gamma   90.00
#
_symmetry.space_group_name_H-M   'P 1'
#
loop_
_entity.id
_entity.type
_entity.pdbx_description
1 polymer 'Vesicle-fusing ATPase'
2 polymer 'Unknown SNARE protein'
3 polymer 'Alpha-soluble NSF attachment protein'
4 non-polymer "ADENOSINE-5'-DIPHOSPHATE"
5 non-polymer "ADENOSINE-5'-TRIPHOSPHATE"
6 non-polymer 'PHOSPHATE ION'
7 non-polymer 'MAGNESIUM ION'
#
loop_
_entity_poly.entity_id
_entity_poly.type
_entity_poly.pdbx_seq_one_letter_code
_entity_poly.pdbx_strand_id
1 'polypeptide(L)'
;GAHMAGRSMQAARCPTDELSLSNCAVVSEKDYQSGQHVIVRTSPNHKYIFTLRTHPSVVPGSVAFSLPQRKWAGLSIGQE
IEVALYSFDKAKQCIGTMTIEIDFLQKKNIDSNPYDTDKMAAEFIQQFNNQAFSVGQQLVFSFNDKLFGLLVKDIEAMDP
SILKGEPASGKRQKIEVGLVVGNSQVAFEKAENSSLNLIGKAKTKENRQSIINPDWNFEKMGIGGLDKEFSDIFRRAFAS
RVFPPEIVEQMGCKHVKGILLYGPPGCGKTLLARQIGKMLNAREPKVVNGPEILNKYVGESEANIRKLFADAEEEQRRLG
ANSGLHIIIFDEIDAICKQRGSMAGSTGVHDTVVNQLLSKIDGVEQLNNILVIGMTNRPDLIDEALLRPGRLEVKMEIGL
PDEKGRLQILHIHTARMRGHQLLSADVDIKELAVETKNFSGAELEGLVRAAQSTAMNRHIKASTKVEVDMEKAESLQVTR
GDFLASLENDIKPAFGTNQEDYASYIMNGIIKWGDPVTRVLDDGELLVQQTKNSDRTPLVSVLLEGPPHSGKTALAAKIA
EESNFPFIKICSPDKMIGFSETAKCQAMKKIFDDAYKSQLSCVVVDDIERLLDYVPIGPRFSNLVLQALLVLLKKAPPQG
RKLLIIGTTSRKDVLQEMEMLNAFSTTIHVPNIATGEQLLEALELLGNFKDKERTTIAQQVKGKKVWIGIKKLLMLIEMS
LQMDPEYRVRKFLALLREEGASPLDFD
;
A,B,C,D,E,F
2 'polypeptide(L)' (UNK)(UNK)(UNK)(UNK)(UNK)(UNK)(UNK)(UNK)(UNK)(UNK)(UNK)(UNK)(UNK) G
3 'polypeptide(L)'
;GMDTSGKQAEAMALLAEAERKVKNSQSFFSGLFGGSSKIEEACEIYARAANMFKMAKNWSAAGNAFCQAAQLHLQLQSKH
DAATCFVDAGNAFKKADPQEAINCLMRAIEIYTDMGRFTIAAKHHISIAEIYETELVDVEKAIAHYEQSADYYKGEESNS
SANKCLLKVAGYAAQLEQYQKAIDIYEQVGTSAMDSPLLKYSAKDYFFKAALCHFCIDMLNAKLAVQKYEELFPAFSDSR
ECKLMKKLLEAHEEQNVDSYTESVKEYDSISRLDQWLTTMLLRIKKTIQGDEEDLR
;
I,J,K,L
#
# COMPACT_ATOMS: atom_id res chain seq x y z
N ILE A 212 -41.68 -28.70 25.06
CA ILE A 212 -42.06 -30.00 24.53
C ILE A 212 -42.85 -30.77 25.59
N ASN A 213 -43.65 -31.73 25.14
CA ASN A 213 -44.48 -32.49 26.05
C ASN A 213 -43.61 -33.33 26.99
N PRO A 214 -44.12 -33.65 28.19
CA PRO A 214 -43.30 -34.40 29.16
C PRO A 214 -42.85 -35.75 28.64
N ASP A 215 -43.62 -36.38 27.75
CA ASP A 215 -43.23 -37.63 27.11
C ASP A 215 -42.87 -37.33 25.66
N TRP A 216 -41.59 -37.41 25.34
CA TRP A 216 -41.12 -37.00 24.03
C TRP A 216 -41.68 -37.90 22.93
N ASN A 217 -41.44 -37.48 21.68
CA ASN A 217 -41.91 -38.21 20.51
C ASN A 217 -40.86 -38.28 19.40
N PHE A 218 -39.62 -37.87 19.65
CA PHE A 218 -38.60 -37.75 18.61
C PHE A 218 -38.22 -39.08 17.99
N GLU A 219 -38.60 -40.21 18.61
CA GLU A 219 -38.06 -41.50 18.21
C GLU A 219 -38.12 -41.73 16.69
N LYS A 220 -39.15 -41.22 16.02
CA LYS A 220 -39.40 -41.59 14.63
C LYS A 220 -39.07 -40.51 13.61
N MET A 221 -38.74 -39.29 14.02
CA MET A 221 -38.53 -38.25 13.03
C MET A 221 -37.09 -38.22 12.52
N GLY A 222 -36.14 -37.90 13.39
CA GLY A 222 -34.76 -37.81 12.95
C GLY A 222 -33.77 -38.65 13.75
N ILE A 223 -34.09 -38.94 15.00
CA ILE A 223 -33.10 -39.51 15.91
C ILE A 223 -32.91 -41.00 15.65
N GLY A 224 -33.96 -41.79 15.87
CA GLY A 224 -33.86 -43.23 15.66
C GLY A 224 -33.31 -44.02 16.84
N GLY A 225 -32.05 -44.46 16.74
CA GLY A 225 -31.52 -45.41 17.71
C GLY A 225 -31.37 -44.85 19.12
N LEU A 226 -30.84 -43.64 19.24
CA LEU A 226 -30.43 -43.11 20.54
C LEU A 226 -31.64 -42.50 21.24
N ASP A 227 -32.19 -43.24 22.21
CA ASP A 227 -33.35 -42.81 22.99
C ASP A 227 -33.05 -42.48 24.45
N LYS A 228 -32.12 -43.20 25.08
CA LYS A 228 -31.83 -42.96 26.50
C LYS A 228 -30.96 -41.72 26.71
N GLU A 229 -30.05 -41.44 25.78
CA GLU A 229 -29.16 -40.29 25.94
C GLU A 229 -29.94 -39.00 26.10
N PHE A 230 -31.08 -38.87 25.41
CA PHE A 230 -31.89 -37.66 25.57
C PHE A 230 -32.37 -37.49 26.99
N SER A 231 -32.98 -38.53 27.56
CA SER A 231 -33.46 -38.42 28.93
C SER A 231 -32.31 -38.13 29.88
N ASP A 232 -31.16 -38.78 29.67
CA ASP A 232 -30.01 -38.54 30.54
C ASP A 232 -29.58 -37.08 30.49
N ILE A 233 -29.39 -36.54 29.28
CA ILE A 233 -28.91 -35.17 29.14
C ILE A 233 -29.95 -34.19 29.67
N PHE A 234 -31.23 -34.48 29.47
CA PHE A 234 -32.27 -33.57 29.97
C PHE A 234 -32.27 -33.54 31.48
N ARG A 235 -32.15 -34.70 32.13
CA ARG A 235 -32.07 -34.71 33.58
C ARG A 235 -30.83 -33.97 34.07
N ARG A 236 -29.69 -34.18 33.40
CA ARG A 236 -28.44 -33.65 33.92
C ARG A 236 -28.27 -32.15 33.68
N ALA A 237 -28.76 -31.63 32.55
CA ALA A 237 -28.42 -30.29 32.10
C ALA A 237 -29.60 -29.32 32.12
N PHE A 238 -30.69 -29.66 31.44
CA PHE A 238 -31.76 -28.69 31.19
C PHE A 238 -32.89 -28.79 32.20
N ALA A 239 -32.57 -29.12 33.46
CA ALA A 239 -33.60 -29.16 34.48
C ALA A 239 -34.14 -27.76 34.80
N SER A 240 -33.31 -26.74 34.62
CA SER A 240 -33.70 -25.39 35.02
C SER A 240 -34.70 -24.75 34.07
N ARG A 241 -34.62 -25.06 32.78
CA ARG A 241 -35.38 -24.36 31.76
C ARG A 241 -36.74 -25.00 31.45
N VAL A 242 -37.14 -26.03 32.20
CA VAL A 242 -38.43 -26.67 31.99
C VAL A 242 -39.45 -26.34 33.06
N PHE A 243 -39.05 -25.65 34.12
CA PHE A 243 -39.91 -25.26 35.23
C PHE A 243 -40.38 -23.83 35.04
N PRO A 244 -41.52 -23.46 35.64
CA PRO A 244 -41.99 -22.07 35.50
C PRO A 244 -40.92 -21.08 35.92
N PRO A 245 -40.74 -19.97 35.19
CA PRO A 245 -39.64 -19.06 35.51
C PRO A 245 -39.72 -18.46 36.91
N GLU A 246 -40.90 -18.42 37.53
CA GLU A 246 -41.06 -17.73 38.80
C GLU A 246 -40.18 -18.36 39.89
N ILE A 247 -40.28 -19.68 40.06
CA ILE A 247 -39.53 -20.33 41.12
C ILE A 247 -38.03 -20.22 40.86
N VAL A 248 -37.60 -20.42 39.62
CA VAL A 248 -36.18 -20.36 39.33
C VAL A 248 -35.62 -18.96 39.59
N GLU A 249 -36.34 -17.92 39.17
CA GLU A 249 -35.86 -16.57 39.45
C GLU A 249 -35.87 -16.30 40.96
N GLN A 250 -36.82 -16.88 41.69
CA GLN A 250 -36.77 -16.76 43.15
C GLN A 250 -35.50 -17.39 43.71
N MET A 251 -35.13 -18.57 43.21
CA MET A 251 -33.91 -19.22 43.71
C MET A 251 -32.67 -18.41 43.34
N GLY A 252 -32.60 -17.91 42.12
CA GLY A 252 -31.46 -17.15 41.67
C GLY A 252 -30.33 -17.97 41.10
N CYS A 253 -30.58 -19.23 40.76
CA CYS A 253 -29.56 -20.10 40.20
C CYS A 253 -29.33 -19.77 38.73
N LYS A 254 -28.18 -20.21 38.22
CA LYS A 254 -27.81 -20.01 36.83
C LYS A 254 -27.97 -21.31 36.05
N HIS A 255 -27.88 -21.21 34.73
CA HIS A 255 -28.00 -22.35 33.84
C HIS A 255 -26.62 -22.84 33.41
N VAL A 256 -26.55 -24.11 33.04
CA VAL A 256 -25.31 -24.67 32.52
C VAL A 256 -24.93 -23.94 31.25
N LYS A 257 -23.64 -23.68 31.07
CA LYS A 257 -23.13 -22.89 29.96
C LYS A 257 -22.41 -23.75 28.93
N GLY A 258 -22.84 -24.99 28.76
CA GLY A 258 -22.35 -25.82 27.67
C GLY A 258 -22.16 -27.27 28.05
N ILE A 259 -22.02 -28.14 27.04
CA ILE A 259 -21.81 -29.57 27.24
C ILE A 259 -20.84 -30.07 26.18
N LEU A 260 -20.36 -31.30 26.39
CA LEU A 260 -19.37 -31.91 25.53
C LEU A 260 -19.82 -33.31 25.12
N LEU A 261 -19.45 -33.69 23.90
CA LEU A 261 -19.77 -35.01 23.36
C LEU A 261 -18.52 -35.62 22.75
N TYR A 262 -18.39 -36.93 22.88
CA TYR A 262 -17.27 -37.66 22.29
C TYR A 262 -17.76 -39.05 21.88
N GLY A 263 -17.12 -39.59 20.85
CA GLY A 263 -17.47 -40.90 20.36
C GLY A 263 -16.80 -41.24 19.04
N PRO A 264 -17.19 -42.37 18.45
CA PRO A 264 -16.57 -42.81 17.19
C PRO A 264 -16.92 -41.88 16.05
N PRO A 265 -16.15 -41.91 14.97
CA PRO A 265 -16.39 -40.99 13.85
C PRO A 265 -17.57 -41.38 12.98
N GLY A 266 -18.77 -40.93 13.33
CA GLY A 266 -19.94 -41.21 12.52
C GLY A 266 -21.03 -41.97 13.24
N CYS A 267 -21.16 -41.73 14.56
CA CYS A 267 -22.19 -42.36 15.36
C CYS A 267 -23.41 -41.47 15.55
N GLY A 268 -23.50 -40.36 14.83
CA GLY A 268 -24.68 -39.51 14.91
C GLY A 268 -24.61 -38.44 15.99
N LYS A 269 -23.61 -37.57 15.92
CA LYS A 269 -23.43 -36.52 16.91
C LYS A 269 -24.10 -35.22 16.51
N THR A 270 -23.98 -34.80 15.25
CA THR A 270 -24.52 -33.51 14.84
C THR A 270 -26.03 -33.46 15.00
N LEU A 271 -26.72 -34.56 14.66
CA LEU A 271 -28.17 -34.58 14.78
C LEU A 271 -28.61 -34.28 16.22
N LEU A 272 -27.87 -34.80 17.20
CA LEU A 272 -28.18 -34.49 18.59
C LEU A 272 -28.16 -32.98 18.83
N ALA A 273 -27.09 -32.31 18.38
CA ALA A 273 -26.99 -30.87 18.60
C ALA A 273 -28.12 -30.12 17.90
N ARG A 274 -28.43 -30.50 16.66
CA ARG A 274 -29.48 -29.81 15.93
C ARG A 274 -30.83 -29.98 16.60
N GLN A 275 -31.15 -31.20 17.04
CA GLN A 275 -32.44 -31.42 17.70
C GLN A 275 -32.50 -30.66 19.02
N ILE A 276 -31.42 -30.69 19.81
CA ILE A 276 -31.43 -29.97 21.08
C ILE A 276 -31.62 -28.48 20.86
N GLY A 277 -30.95 -27.94 19.85
CA GLY A 277 -31.17 -26.54 19.52
C GLY A 277 -32.59 -26.25 19.10
N LYS A 278 -33.17 -27.14 18.30
CA LYS A 278 -34.53 -26.92 17.81
C LYS A 278 -35.53 -26.90 18.96
N MET A 279 -35.44 -27.85 19.88
CA MET A 279 -36.46 -27.96 20.92
C MET A 279 -36.49 -26.71 21.79
N LEU A 280 -35.32 -26.20 22.17
CA LEU A 280 -35.24 -25.07 23.10
C LEU A 280 -35.80 -23.77 22.54
N ASN A 281 -36.30 -23.77 21.30
CA ASN A 281 -36.85 -22.56 20.68
C ASN A 281 -35.76 -21.47 20.61
N ALA A 282 -34.69 -21.79 19.89
CA ALA A 282 -33.55 -20.91 19.72
C ALA A 282 -33.45 -20.48 18.26
N ARG A 283 -32.49 -19.59 17.98
CA ARG A 283 -32.28 -19.07 16.64
C ARG A 283 -31.42 -20.07 15.85
N GLU A 284 -31.01 -19.67 14.66
CA GLU A 284 -30.26 -20.57 13.79
C GLU A 284 -28.88 -20.87 14.41
N PRO A 285 -28.51 -22.13 14.56
CA PRO A 285 -27.17 -22.43 15.08
C PRO A 285 -26.08 -21.97 14.13
N LYS A 286 -24.95 -21.58 14.71
CA LYS A 286 -23.80 -21.09 13.93
C LYS A 286 -22.75 -22.20 13.87
N VAL A 287 -22.94 -23.09 12.90
CA VAL A 287 -21.99 -24.19 12.73
C VAL A 287 -20.60 -23.65 12.42
N VAL A 288 -19.58 -24.42 12.76
CA VAL A 288 -18.20 -24.06 12.47
C VAL A 288 -17.35 -25.32 12.59
N ASN A 289 -16.21 -25.32 11.91
CA ASN A 289 -15.31 -26.46 11.90
C ASN A 289 -14.02 -26.13 12.64
N GLY A 290 -13.37 -27.17 13.16
CA GLY A 290 -12.19 -26.99 13.99
C GLY A 290 -10.96 -26.58 13.21
N PRO A 291 -10.50 -27.43 12.29
CA PRO A 291 -9.28 -27.10 11.55
C PRO A 291 -9.39 -25.81 10.76
N GLU A 292 -10.60 -25.40 10.38
CA GLU A 292 -10.76 -24.17 9.61
C GLU A 292 -10.25 -22.96 10.37
N ILE A 293 -10.46 -22.93 11.69
CA ILE A 293 -10.06 -21.77 12.50
C ILE A 293 -8.60 -21.99 12.87
N LEU A 294 -7.71 -21.60 11.95
CA LEU A 294 -6.28 -21.66 12.17
C LEU A 294 -5.58 -20.91 11.04
N ASN A 295 -4.66 -20.01 11.40
CA ASN A 295 -3.94 -19.22 10.41
C ASN A 295 -2.50 -19.05 10.84
N LYS A 296 -1.61 -18.88 9.86
CA LYS A 296 -0.18 -18.74 10.15
C LYS A 296 0.20 -17.32 10.53
N TYR A 297 -0.70 -16.35 10.35
CA TYR A 297 -0.39 -14.96 10.69
C TYR A 297 -0.53 -14.75 12.19
N VAL A 298 0.30 -13.83 12.71
CA VAL A 298 0.28 -13.52 14.14
C VAL A 298 -1.04 -12.87 14.50
N GLY A 299 -1.71 -13.39 15.52
CA GLY A 299 -2.91 -12.77 16.03
C GLY A 299 -4.05 -12.67 15.03
N GLU A 300 -4.27 -13.73 14.26
CA GLU A 300 -5.40 -13.78 13.33
C GLU A 300 -6.44 -14.82 13.71
N SER A 301 -6.06 -15.89 14.42
CA SER A 301 -7.04 -16.83 14.92
C SER A 301 -7.95 -16.19 15.96
N GLU A 302 -7.39 -15.30 16.79
CA GLU A 302 -8.17 -14.68 17.84
C GLU A 302 -9.33 -13.87 17.27
N ALA A 303 -9.11 -13.19 16.14
CA ALA A 303 -10.20 -12.46 15.50
C ALA A 303 -11.32 -13.41 15.08
N ASN A 304 -10.96 -14.56 14.50
CA ASN A 304 -11.97 -15.54 14.12
C ASN A 304 -12.75 -16.02 15.33
N ILE A 305 -12.05 -16.29 16.43
CA ILE A 305 -12.73 -16.73 17.64
C ILE A 305 -13.69 -15.65 18.15
N ARG A 306 -13.23 -14.39 18.16
CA ARG A 306 -14.04 -13.31 18.69
C ARG A 306 -15.27 -13.05 17.85
N LYS A 307 -15.16 -13.19 16.52
CA LYS A 307 -16.26 -12.84 15.64
C LYS A 307 -17.52 -13.65 15.91
N LEU A 308 -17.39 -14.80 16.59
CA LEU A 308 -18.52 -15.71 16.70
C LEU A 308 -19.64 -15.13 17.57
N PHE A 309 -19.29 -14.42 18.64
CA PHE A 309 -20.26 -14.02 19.65
C PHE A 309 -20.97 -12.70 19.34
N ALA A 310 -20.63 -12.04 18.23
CA ALA A 310 -21.09 -10.67 17.99
C ALA A 310 -22.60 -10.55 18.17
N ASP A 311 -23.37 -11.49 17.61
CA ASP A 311 -24.82 -11.44 17.76
C ASP A 311 -25.24 -11.51 19.21
N ALA A 312 -24.58 -12.38 19.99
CA ALA A 312 -24.90 -12.53 21.40
C ALA A 312 -24.65 -11.23 22.14
N GLU A 313 -23.50 -10.60 21.89
CA GLU A 313 -23.21 -9.33 22.54
C GLU A 313 -24.24 -8.26 22.15
N GLU A 314 -24.60 -8.19 20.86
CA GLU A 314 -25.55 -7.18 20.43
C GLU A 314 -26.90 -7.37 21.12
N GLU A 315 -27.38 -8.62 21.17
CA GLU A 315 -28.65 -8.88 21.82
C GLU A 315 -28.60 -8.58 23.30
N GLN A 316 -27.50 -8.95 23.97
CA GLN A 316 -27.37 -8.65 25.39
C GLN A 316 -27.39 -7.14 25.63
N ARG A 317 -26.68 -6.39 24.79
CA ARG A 317 -26.65 -4.94 24.95
C ARG A 317 -28.03 -4.33 24.75
N ARG A 318 -28.76 -4.78 23.71
CA ARG A 318 -30.01 -4.12 23.36
C ARG A 318 -31.16 -4.58 24.25
N LEU A 319 -31.49 -5.88 24.21
CA LEU A 319 -32.68 -6.38 24.88
C LEU A 319 -32.48 -6.59 26.37
N GLY A 320 -31.26 -6.44 26.87
CA GLY A 320 -31.01 -6.62 28.29
C GLY A 320 -30.97 -8.08 28.72
N ALA A 321 -31.87 -8.46 29.63
CA ALA A 321 -31.92 -9.81 30.16
C ALA A 321 -33.15 -10.58 29.66
N ASN A 322 -33.63 -10.26 28.45
CA ASN A 322 -34.78 -10.92 27.87
C ASN A 322 -34.51 -11.45 26.47
N SER A 323 -33.25 -11.51 26.04
CA SER A 323 -32.94 -12.04 24.73
C SER A 323 -33.12 -13.56 24.70
N GLY A 324 -33.20 -14.10 23.49
CA GLY A 324 -33.38 -15.53 23.31
C GLY A 324 -32.14 -16.32 23.63
N LEU A 325 -31.96 -17.45 22.95
CA LEU A 325 -30.80 -18.33 23.15
C LEU A 325 -30.06 -18.52 21.84
N HIS A 326 -28.75 -18.35 21.88
CA HIS A 326 -27.87 -18.60 20.73
C HIS A 326 -26.95 -19.76 21.09
N ILE A 327 -26.79 -20.70 20.16
CA ILE A 327 -25.98 -21.89 20.37
C ILE A 327 -24.88 -21.91 19.33
N ILE A 328 -23.64 -22.11 19.77
CA ILE A 328 -22.48 -22.18 18.90
C ILE A 328 -21.94 -23.60 18.96
N ILE A 329 -21.79 -24.23 17.80
CA ILE A 329 -21.41 -25.64 17.69
C ILE A 329 -20.00 -25.69 17.11
N PHE A 330 -19.01 -25.96 17.95
CA PHE A 330 -17.69 -26.29 17.45
C PHE A 330 -17.69 -27.70 16.87
N ASP A 331 -16.53 -28.13 16.40
CA ASP A 331 -16.38 -29.49 15.88
C ASP A 331 -14.89 -29.82 15.86
N GLU A 332 -14.55 -31.02 16.31
CA GLU A 332 -13.15 -31.42 16.46
C GLU A 332 -12.40 -30.38 17.30
N ILE A 333 -13.03 -29.95 18.39
CA ILE A 333 -12.49 -28.91 19.26
C ILE A 333 -11.08 -29.28 19.72
N ASP A 334 -10.75 -30.57 19.67
CA ASP A 334 -9.41 -30.99 20.06
C ASP A 334 -8.33 -30.38 19.15
N ALA A 335 -8.71 -29.90 17.97
CA ALA A 335 -7.72 -29.34 17.06
C ALA A 335 -6.97 -28.17 17.70
N ILE A 336 -7.69 -27.30 18.40
CA ILE A 336 -7.12 -26.12 19.02
C ILE A 336 -6.87 -26.44 20.49
N CYS A 337 -5.65 -26.87 20.81
CA CYS A 337 -5.29 -27.19 22.18
C CYS A 337 -3.79 -27.37 22.26
N LYS A 338 -3.23 -27.06 23.43
CA LYS A 338 -1.81 -27.17 23.68
C LYS A 338 -1.42 -28.52 24.28
N GLN A 339 -2.40 -29.40 24.54
CA GLN A 339 -2.06 -30.72 25.05
C GLN A 339 -1.44 -31.61 23.98
N ARG A 340 -1.83 -31.41 22.72
CA ARG A 340 -1.27 -32.21 21.64
C ARG A 340 0.23 -32.01 21.52
N GLY A 341 0.74 -30.84 21.88
CA GLY A 341 2.16 -30.60 21.89
C GLY A 341 2.92 -31.50 22.85
N SER A 342 2.24 -32.03 23.87
CA SER A 342 2.90 -32.93 24.80
C SER A 342 3.39 -34.19 24.09
N MET A 343 2.57 -34.74 23.20
CA MET A 343 2.98 -35.89 22.43
C MET A 343 4.16 -35.53 21.52
N ALA A 344 4.81 -36.55 20.98
CA ALA A 344 5.96 -36.36 20.11
C ALA A 344 5.58 -35.53 18.89
N GLY A 345 6.12 -34.33 18.79
CA GLY A 345 5.83 -33.45 17.68
C GLY A 345 5.97 -32.00 18.11
N SER A 346 5.58 -31.11 17.20
CA SER A 346 5.61 -29.67 17.43
C SER A 346 4.26 -29.11 16.98
N THR A 347 3.30 -29.10 17.91
CA THR A 347 1.95 -28.61 17.64
C THR A 347 1.50 -27.70 18.78
N GLY A 348 2.35 -26.77 19.17
CA GLY A 348 1.99 -25.83 20.21
C GLY A 348 0.79 -24.97 19.86
N VAL A 349 0.47 -24.86 18.57
CA VAL A 349 -0.71 -24.15 18.08
C VAL A 349 -0.91 -22.83 18.79
N HIS A 350 0.19 -22.20 19.23
CA HIS A 350 0.12 -20.89 19.85
C HIS A 350 -0.94 -20.87 20.96
N ASP A 351 -0.62 -21.62 22.02
CA ASP A 351 -1.56 -21.95 23.09
C ASP A 351 -2.48 -20.80 23.44
N THR A 352 -1.97 -19.56 23.33
CA THR A 352 -2.77 -18.36 23.58
C THR A 352 -4.19 -18.51 23.09
N VAL A 353 -4.35 -19.11 21.90
CA VAL A 353 -5.68 -19.24 21.28
C VAL A 353 -6.69 -19.74 22.29
N VAL A 354 -6.43 -20.90 22.91
CA VAL A 354 -7.44 -21.49 23.80
C VAL A 354 -7.82 -20.50 24.89
N ASN A 355 -6.83 -19.80 25.45
CA ASN A 355 -7.11 -18.86 26.53
C ASN A 355 -8.17 -17.86 26.10
N GLN A 356 -8.03 -17.31 24.88
CA GLN A 356 -9.02 -16.36 24.38
C GLN A 356 -10.42 -16.92 24.52
N LEU A 357 -10.62 -18.17 24.10
CA LEU A 357 -11.94 -18.78 24.19
C LEU A 357 -12.49 -18.69 25.60
N LEU A 358 -11.67 -19.06 26.59
CA LEU A 358 -12.12 -19.00 27.98
C LEU A 358 -12.62 -17.60 28.30
N SER A 359 -11.88 -16.58 27.90
CA SER A 359 -12.23 -15.22 28.26
C SER A 359 -13.58 -14.80 27.70
N LYS A 360 -14.12 -15.52 26.71
CA LYS A 360 -15.45 -15.22 26.23
C LYS A 360 -16.53 -15.96 27.03
N ILE A 361 -16.25 -17.19 27.47
CA ILE A 361 -17.23 -17.90 28.30
C ILE A 361 -17.33 -17.24 29.67
N ASP A 362 -16.19 -16.78 30.18
CA ASP A 362 -16.14 -16.19 31.54
C ASP A 362 -15.08 -15.10 31.54
N GLY A 363 -15.16 -14.15 32.46
CA GLY A 363 -14.23 -13.04 32.54
C GLY A 363 -14.90 -11.84 33.18
N VAL A 364 -14.34 -10.66 32.90
CA VAL A 364 -14.87 -9.43 33.48
C VAL A 364 -16.30 -9.20 33.01
N GLU A 365 -16.55 -9.40 31.72
CA GLU A 365 -17.89 -9.23 31.16
C GLU A 365 -18.67 -10.53 31.29
N GLN A 366 -19.96 -10.41 31.60
CA GLN A 366 -20.82 -11.56 31.85
C GLN A 366 -21.84 -11.70 30.73
N LEU A 367 -21.94 -12.90 30.18
CA LEU A 367 -22.95 -13.25 29.19
C LEU A 367 -23.88 -14.31 29.76
N ASN A 368 -25.19 -14.12 29.55
CA ASN A 368 -26.19 -15.01 30.12
C ASN A 368 -27.22 -15.46 29.09
N ASN A 369 -26.87 -15.44 27.81
CA ASN A 369 -27.77 -15.88 26.74
C ASN A 369 -27.02 -16.71 25.71
N ILE A 370 -26.16 -17.62 26.19
CA ILE A 370 -25.30 -18.42 25.32
C ILE A 370 -25.31 -19.86 25.79
N LEU A 371 -24.96 -20.76 24.88
CA LEU A 371 -24.86 -22.18 25.19
C LEU A 371 -23.88 -22.81 24.20
N VAL A 372 -22.82 -23.42 24.71
CA VAL A 372 -21.74 -23.95 23.90
C VAL A 372 -21.80 -25.47 23.93
N ILE A 373 -21.90 -26.09 22.76
CA ILE A 373 -21.87 -27.55 22.62
C ILE A 373 -20.61 -27.91 21.85
N GLY A 374 -19.79 -28.76 22.45
CA GLY A 374 -18.55 -29.19 21.84
C GLY A 374 -18.61 -30.65 21.43
N MET A 375 -17.91 -30.97 20.34
CA MET A 375 -17.81 -32.34 19.84
C MET A 375 -16.33 -32.69 19.68
N THR A 376 -15.98 -33.92 20.03
CA THR A 376 -14.59 -34.34 19.98
C THR A 376 -14.51 -35.82 19.63
N ASN A 377 -13.34 -36.23 19.14
CA ASN A 377 -13.08 -37.63 18.81
C ASN A 377 -11.98 -38.26 19.65
N ARG A 378 -11.14 -37.46 20.30
CA ARG A 378 -10.05 -37.94 21.14
C ARG A 378 -10.24 -37.33 22.52
N PRO A 379 -11.02 -37.96 23.40
CA PRO A 379 -11.35 -37.34 24.69
C PRO A 379 -10.15 -37.14 25.61
N ASP A 380 -9.01 -37.72 25.30
CA ASP A 380 -7.82 -37.58 26.13
C ASP A 380 -6.95 -36.39 25.74
N LEU A 381 -7.32 -35.65 24.70
CA LEU A 381 -6.54 -34.51 24.23
C LEU A 381 -7.24 -33.18 24.50
N ILE A 382 -8.12 -33.15 25.50
CA ILE A 382 -8.83 -31.93 25.88
C ILE A 382 -8.11 -31.29 27.06
N ASP A 383 -7.86 -29.98 26.97
CA ASP A 383 -7.18 -29.28 28.04
C ASP A 383 -7.97 -29.41 29.34
N GLU A 384 -7.25 -29.67 30.43
CA GLU A 384 -7.91 -29.86 31.72
C GLU A 384 -8.60 -28.58 32.19
N ALA A 385 -8.07 -27.41 31.83
CA ALA A 385 -8.66 -26.15 32.26
C ALA A 385 -10.03 -25.90 31.64
N LEU A 386 -10.41 -26.66 30.61
CA LEU A 386 -11.67 -26.47 29.92
C LEU A 386 -12.77 -27.41 30.44
N LEU A 387 -12.65 -27.84 31.70
CA LEU A 387 -13.64 -28.74 32.27
C LEU A 387 -13.98 -28.41 33.72
N ARG A 388 -13.62 -27.21 34.17
CA ARG A 388 -13.84 -26.80 35.58
C ARG A 388 -15.27 -26.28 35.73
N PRO A 389 -15.82 -26.20 36.95
CA PRO A 389 -17.16 -25.62 37.16
C PRO A 389 -17.23 -24.20 36.65
N GLY A 390 -18.40 -23.84 36.12
CA GLY A 390 -18.60 -22.57 35.46
C GLY A 390 -18.24 -22.58 33.99
N ARG A 391 -17.68 -23.68 33.49
CA ARG A 391 -17.37 -23.85 32.09
C ARG A 391 -18.00 -25.16 31.62
N LEU A 392 -17.62 -25.65 30.45
CA LEU A 392 -18.11 -26.95 30.00
C LEU A 392 -17.98 -27.95 31.13
N GLU A 393 -19.10 -28.43 31.67
CA GLU A 393 -19.07 -29.21 32.90
C GLU A 393 -20.06 -30.37 32.87
N VAL A 394 -20.35 -30.91 31.69
CA VAL A 394 -21.18 -32.10 31.57
C VAL A 394 -20.68 -32.94 30.42
N LYS A 395 -20.24 -34.16 30.71
CA LYS A 395 -19.71 -35.08 29.71
C LYS A 395 -20.70 -36.20 29.45
N MET A 396 -20.59 -36.77 28.25
CA MET A 396 -21.46 -37.87 27.85
C MET A 396 -20.77 -38.63 26.73
N GLU A 397 -21.16 -39.89 26.55
CA GLU A 397 -20.56 -40.77 25.56
C GLU A 397 -21.64 -41.28 24.63
N ILE A 398 -21.26 -41.48 23.36
CA ILE A 398 -22.17 -41.95 22.32
C ILE A 398 -21.51 -43.16 21.69
N GLY A 399 -21.86 -44.36 22.16
CA GLY A 399 -21.26 -45.59 21.69
C GLY A 399 -22.02 -46.21 20.54
N LEU A 400 -21.51 -47.35 20.08
CA LEU A 400 -22.08 -48.00 18.91
C LEU A 400 -23.52 -48.44 19.20
N PRO A 401 -24.33 -48.57 18.16
CA PRO A 401 -25.72 -49.04 18.35
C PRO A 401 -25.75 -50.54 18.58
N ASP A 402 -26.95 -51.04 18.85
CA ASP A 402 -27.18 -52.47 19.09
C ASP A 402 -28.21 -52.99 18.08
N GLU A 403 -28.64 -54.23 18.29
CA GLU A 403 -29.58 -54.86 17.36
C GLU A 403 -30.82 -54.00 17.17
N LYS A 404 -31.44 -53.58 18.28
CA LYS A 404 -32.63 -52.75 18.18
C LYS A 404 -32.32 -51.42 17.50
N GLY A 405 -31.17 -50.82 17.82
CA GLY A 405 -30.80 -49.58 17.16
C GLY A 405 -30.63 -49.75 15.67
N ARG A 406 -29.96 -50.82 15.25
CA ARG A 406 -29.81 -51.09 13.82
C ARG A 406 -31.17 -51.27 13.16
N LEU A 407 -32.06 -52.03 13.80
CA LEU A 407 -33.39 -52.23 13.25
C LEU A 407 -34.11 -50.92 13.06
N GLN A 408 -34.09 -50.07 14.09
CA GLN A 408 -34.79 -48.78 14.01
C GLN A 408 -34.19 -47.90 12.92
N ILE A 409 -32.86 -47.87 12.82
CA ILE A 409 -32.22 -47.02 11.82
C ILE A 409 -32.59 -47.48 10.43
N LEU A 410 -32.53 -48.79 10.18
CA LEU A 410 -32.90 -49.31 8.87
C LEU A 410 -34.37 -49.03 8.57
N HIS A 411 -35.23 -49.17 9.58
CA HIS A 411 -36.65 -48.88 9.39
C HIS A 411 -36.86 -47.43 8.98
N ILE A 412 -36.20 -46.50 9.67
CA ILE A 412 -36.46 -45.09 9.40
C ILE A 412 -35.88 -44.68 8.05
N HIS A 413 -34.69 -45.18 7.72
CA HIS A 413 -34.10 -44.84 6.43
C HIS A 413 -34.81 -45.49 5.25
N THR A 414 -35.75 -46.40 5.50
CA THR A 414 -36.45 -47.12 4.44
C THR A 414 -37.94 -46.80 4.43
N ALA A 415 -38.32 -45.62 4.91
CA ALA A 415 -39.72 -45.21 4.89
C ALA A 415 -40.17 -44.75 3.51
N ARG A 416 -39.25 -44.15 2.74
CA ARG A 416 -39.65 -43.53 1.48
C ARG A 416 -40.20 -44.55 0.49
N MET A 417 -39.44 -45.62 0.23
CA MET A 417 -39.85 -46.57 -0.80
C MET A 417 -41.13 -47.31 -0.41
N ARG A 418 -41.29 -47.64 0.87
CA ARG A 418 -42.47 -48.40 1.28
C ARG A 418 -43.75 -47.67 0.91
N GLY A 419 -43.76 -46.35 1.03
CA GLY A 419 -44.97 -45.60 0.73
C GLY A 419 -45.41 -45.75 -0.72
N HIS A 420 -44.44 -45.83 -1.64
CA HIS A 420 -44.72 -45.88 -3.07
C HIS A 420 -44.70 -47.31 -3.62
N GLN A 421 -44.65 -48.31 -2.75
CA GLN A 421 -44.63 -49.72 -3.14
C GLN A 421 -43.40 -50.09 -3.96
N LEU A 422 -42.44 -49.18 -4.08
CA LEU A 422 -41.26 -49.45 -4.90
C LEU A 422 -40.45 -50.61 -4.36
N LEU A 423 -40.31 -50.69 -3.04
CA LEU A 423 -39.61 -51.81 -2.43
C LEU A 423 -40.38 -53.11 -2.66
N SER A 424 -39.65 -54.19 -2.89
CA SER A 424 -40.27 -55.49 -3.06
C SER A 424 -40.70 -56.08 -1.72
N ALA A 425 -41.76 -56.89 -1.76
CA ALA A 425 -42.26 -57.55 -0.56
C ALA A 425 -41.37 -58.71 -0.13
N ASP A 426 -40.49 -59.20 -1.02
CA ASP A 426 -39.62 -60.32 -0.65
C ASP A 426 -38.69 -59.95 0.49
N VAL A 427 -38.15 -58.73 0.47
CA VAL A 427 -37.16 -58.34 1.46
C VAL A 427 -37.78 -58.29 2.86
N ASP A 428 -37.04 -58.78 3.83
CA ASP A 428 -37.37 -58.62 5.24
C ASP A 428 -36.45 -57.56 5.84
N ILE A 429 -36.65 -57.26 7.12
CA ILE A 429 -35.83 -56.27 7.80
C ILE A 429 -35.11 -56.91 8.97
N LYS A 430 -35.69 -57.96 9.55
CA LYS A 430 -35.04 -58.64 10.66
C LYS A 430 -33.75 -59.32 10.21
N GLU A 431 -33.78 -59.97 9.06
CA GLU A 431 -32.60 -60.66 8.56
C GLU A 431 -31.44 -59.69 8.36
N LEU A 432 -31.69 -58.57 7.68
CA LEU A 432 -30.64 -57.58 7.49
C LEU A 432 -30.18 -56.98 8.82
N ALA A 433 -31.12 -56.77 9.74
CA ALA A 433 -30.74 -56.25 11.05
C ALA A 433 -29.77 -57.18 11.77
N VAL A 434 -30.08 -58.48 11.80
CA VAL A 434 -29.22 -59.42 12.51
C VAL A 434 -27.90 -59.61 11.79
N GLU A 435 -27.92 -59.63 10.45
CA GLU A 435 -26.71 -59.91 9.70
C GLU A 435 -25.65 -58.84 9.94
N THR A 436 -26.05 -57.57 9.98
CA THR A 436 -25.11 -56.48 10.24
C THR A 436 -24.74 -56.49 11.72
N LYS A 437 -23.50 -56.86 12.03
CA LYS A 437 -23.07 -57.06 13.41
C LYS A 437 -22.63 -55.76 14.08
N ASN A 438 -21.62 -55.11 13.52
CA ASN A 438 -20.97 -53.97 14.17
C ASN A 438 -21.01 -52.73 13.28
N PHE A 439 -22.04 -52.61 12.45
CA PHE A 439 -22.14 -51.47 11.55
C PHE A 439 -22.41 -50.19 12.34
N SER A 440 -22.05 -49.07 11.73
CA SER A 440 -22.27 -47.74 12.29
C SER A 440 -23.36 -47.02 11.48
N GLY A 441 -23.63 -45.78 11.86
CA GLY A 441 -24.72 -45.04 11.26
C GLY A 441 -24.55 -44.83 9.76
N ALA A 442 -23.42 -44.25 9.36
CA ALA A 442 -23.22 -43.92 7.95
C ALA A 442 -23.23 -45.16 7.07
N GLU A 443 -22.78 -46.30 7.60
CA GLU A 443 -22.72 -47.50 6.79
C GLU A 443 -24.10 -47.98 6.36
N LEU A 444 -25.11 -47.80 7.21
CA LEU A 444 -26.45 -48.24 6.84
C LEU A 444 -26.99 -47.46 5.65
N GLU A 445 -26.89 -46.13 5.70
CA GLU A 445 -27.36 -45.33 4.58
C GLU A 445 -26.51 -45.56 3.33
N GLY A 446 -25.20 -45.78 3.51
CA GLY A 446 -24.37 -46.14 2.37
C GLY A 446 -24.83 -47.44 1.73
N LEU A 447 -25.16 -48.44 2.54
CA LEU A 447 -25.70 -49.69 2.03
C LEU A 447 -26.99 -49.46 1.26
N VAL A 448 -27.88 -48.62 1.82
CA VAL A 448 -29.15 -48.34 1.14
C VAL A 448 -28.89 -47.72 -0.22
N ARG A 449 -28.01 -46.72 -0.28
CA ARG A 449 -27.71 -46.05 -1.54
C ARG A 449 -27.09 -47.01 -2.55
N ALA A 450 -26.13 -47.82 -2.10
CA ALA A 450 -25.48 -48.77 -3.00
C ALA A 450 -26.49 -49.79 -3.53
N ALA A 451 -27.38 -50.26 -2.67
CA ALA A 451 -28.42 -51.19 -3.11
C ALA A 451 -29.31 -50.55 -4.16
N GLN A 452 -29.74 -49.31 -3.93
CA GLN A 452 -30.55 -48.63 -4.93
C GLN A 452 -29.81 -48.54 -6.26
N SER A 453 -28.54 -48.12 -6.21
CA SER A 453 -27.77 -47.95 -7.44
C SER A 453 -27.64 -49.27 -8.19
N THR A 454 -27.26 -50.34 -7.47
CA THR A 454 -27.05 -51.63 -8.14
C THR A 454 -28.36 -52.19 -8.68
N ALA A 455 -29.46 -52.03 -7.94
CA ALA A 455 -30.75 -52.50 -8.44
C ALA A 455 -31.14 -51.77 -9.71
N MET A 456 -30.97 -50.44 -9.73
CA MET A 456 -31.28 -49.68 -10.93
C MET A 456 -30.42 -50.12 -12.09
N ASN A 457 -29.12 -50.32 -11.85
CA ASN A 457 -28.23 -50.75 -12.92
C ASN A 457 -28.64 -52.11 -13.47
N ARG A 458 -28.94 -53.06 -12.58
CA ARG A 458 -29.36 -54.38 -13.03
C ARG A 458 -30.64 -54.30 -13.85
N HIS A 459 -31.62 -53.52 -13.36
CA HIS A 459 -32.89 -53.43 -14.08
C HIS A 459 -32.70 -52.82 -15.46
N ILE A 460 -31.92 -51.74 -15.55
CA ILE A 460 -31.74 -51.08 -16.85
C ILE A 460 -30.98 -51.99 -17.80
N LYS A 461 -29.95 -52.69 -17.30
CA LYS A 461 -29.20 -53.61 -18.17
C LYS A 461 -30.08 -54.74 -18.66
N ALA A 462 -30.91 -55.31 -17.77
CA ALA A 462 -31.81 -56.38 -18.19
C ALA A 462 -32.82 -55.87 -19.21
N SER A 463 -33.35 -54.67 -19.01
CA SER A 463 -34.28 -54.10 -19.98
C SER A 463 -33.60 -53.90 -21.33
N THR A 464 -32.35 -53.43 -21.32
CA THR A 464 -31.62 -53.27 -22.59
C THR A 464 -31.42 -54.61 -23.27
N LYS A 465 -31.07 -55.65 -22.51
CA LYS A 465 -30.81 -56.96 -23.11
C LYS A 465 -32.09 -57.56 -23.69
N VAL A 466 -33.20 -57.46 -22.97
CA VAL A 466 -34.47 -58.08 -23.35
C VAL A 466 -35.53 -57.00 -23.44
N GLU A 467 -36.27 -57.00 -24.55
CA GLU A 467 -37.37 -56.05 -24.76
C GLU A 467 -38.63 -56.58 -24.06
N VAL A 468 -38.56 -56.62 -22.73
CA VAL A 468 -39.67 -57.11 -21.94
C VAL A 468 -40.88 -56.20 -22.14
N ASP A 469 -42.06 -56.75 -21.88
CA ASP A 469 -43.29 -55.97 -21.95
C ASP A 469 -43.20 -54.77 -21.00
N MET A 470 -44.07 -53.78 -21.24
CA MET A 470 -44.02 -52.56 -20.45
C MET A 470 -44.25 -52.84 -18.97
N GLU A 471 -45.22 -53.71 -18.66
CA GLU A 471 -45.61 -53.98 -17.28
C GLU A 471 -44.42 -54.09 -16.35
N LYS A 472 -43.45 -54.93 -16.71
CA LYS A 472 -42.26 -55.06 -15.88
C LYS A 472 -41.33 -53.86 -16.04
N ALA A 473 -41.38 -53.19 -17.19
CA ALA A 473 -40.53 -52.01 -17.39
C ALA A 473 -40.87 -50.91 -16.38
N GLU A 474 -42.17 -50.64 -16.16
CA GLU A 474 -42.52 -49.64 -15.16
C GLU A 474 -42.10 -50.07 -13.76
N SER A 475 -42.21 -51.35 -13.46
CA SER A 475 -41.89 -51.83 -12.12
C SER A 475 -40.38 -51.79 -11.89
N LEU A 476 -39.98 -51.16 -10.78
CA LEU A 476 -38.57 -51.06 -10.40
C LEU A 476 -38.35 -51.66 -9.03
N GLN A 477 -38.91 -52.83 -8.78
CA GLN A 477 -38.69 -53.51 -7.51
C GLN A 477 -37.21 -53.79 -7.32
N VAL A 478 -36.69 -53.43 -6.14
CA VAL A 478 -35.27 -53.60 -5.85
C VAL A 478 -34.93 -55.04 -5.51
N THR A 479 -35.92 -55.86 -5.13
CA THR A 479 -35.68 -57.26 -4.82
C THR A 479 -34.74 -57.40 -3.64
N ARG A 480 -34.35 -58.64 -3.33
CA ARG A 480 -33.47 -58.92 -2.21
C ARG A 480 -32.04 -59.25 -2.63
N GLY A 481 -31.83 -59.77 -3.84
CA GLY A 481 -30.48 -60.12 -4.26
C GLY A 481 -29.55 -58.93 -4.25
N ASP A 482 -30.06 -57.76 -4.63
CA ASP A 482 -29.22 -56.56 -4.62
C ASP A 482 -28.71 -56.24 -3.23
N PHE A 483 -29.56 -56.35 -2.22
CA PHE A 483 -29.12 -56.09 -0.85
C PHE A 483 -27.98 -57.01 -0.45
N LEU A 484 -28.14 -58.32 -0.68
CA LEU A 484 -27.10 -59.26 -0.29
C LEU A 484 -25.81 -59.00 -1.06
N ALA A 485 -25.92 -58.77 -2.36
CA ALA A 485 -24.71 -58.53 -3.16
C ALA A 485 -23.97 -57.30 -2.68
N SER A 486 -24.71 -56.20 -2.45
CA SER A 486 -24.07 -54.97 -2.01
C SER A 486 -23.47 -55.11 -0.62
N LEU A 487 -24.17 -55.79 0.29
CA LEU A 487 -23.64 -56.02 1.63
C LEU A 487 -22.36 -56.82 1.58
N GLU A 488 -22.31 -57.84 0.72
CA GLU A 488 -21.15 -58.72 0.67
C GLU A 488 -20.02 -58.18 -0.19
N ASN A 489 -20.25 -57.16 -1.00
CA ASN A 489 -19.25 -56.71 -1.97
C ASN A 489 -18.82 -55.26 -1.80
N ASP A 490 -19.74 -54.33 -1.53
CA ASP A 490 -19.39 -52.91 -1.54
C ASP A 490 -18.94 -52.40 -0.18
N ILE A 491 -19.79 -52.49 0.83
CA ILE A 491 -19.53 -51.81 2.10
C ILE A 491 -18.47 -52.57 2.89
N LYS A 492 -17.45 -51.85 3.33
CA LYS A 492 -16.37 -52.42 4.15
C LYS A 492 -16.35 -51.71 5.50
N PRO A 493 -16.98 -52.27 6.53
CA PRO A 493 -16.99 -51.58 7.84
C PRO A 493 -15.58 -51.37 8.37
N ALA A 494 -15.39 -50.22 9.03
CA ALA A 494 -14.11 -49.92 9.64
C ALA A 494 -13.92 -50.62 10.97
N PHE A 495 -15.02 -50.92 11.67
CA PHE A 495 -14.98 -51.58 12.97
C PHE A 495 -15.43 -53.04 12.89
N GLY A 496 -15.40 -53.64 11.70
CA GLY A 496 -15.86 -55.00 11.52
C GLY A 496 -14.82 -55.85 10.82
N THR A 497 -15.13 -57.14 10.73
CA THR A 497 -14.23 -58.08 10.09
C THR A 497 -14.04 -57.73 8.62
N ASN A 498 -12.82 -57.91 8.12
CA ASN A 498 -12.48 -57.69 6.72
C ASN A 498 -12.11 -59.04 6.12
N GLN A 499 -13.07 -59.67 5.46
CA GLN A 499 -12.85 -60.99 4.88
C GLN A 499 -11.81 -60.97 3.77
N GLU A 500 -11.64 -59.82 3.11
CA GLU A 500 -10.72 -59.75 1.97
C GLU A 500 -9.29 -60.03 2.40
N ASP A 501 -8.84 -59.45 3.51
CA ASP A 501 -7.44 -59.58 3.91
C ASP A 501 -7.05 -61.02 4.16
N TYR A 502 -8.01 -61.87 4.54
CA TYR A 502 -7.69 -63.25 4.88
C TYR A 502 -7.11 -64.00 3.69
N ALA A 503 -7.67 -63.78 2.49
CA ALA A 503 -7.15 -64.46 1.31
C ALA A 503 -5.72 -64.03 0.97
N SER A 504 -5.28 -62.88 1.48
CA SER A 504 -3.94 -62.39 1.21
C SER A 504 -2.86 -63.06 2.05
N TYR A 505 -3.23 -63.79 3.11
CA TYR A 505 -2.28 -64.48 3.96
C TYR A 505 -2.34 -65.99 3.83
N ILE A 506 -3.53 -66.57 3.87
CA ILE A 506 -3.68 -68.03 3.72
C ILE A 506 -3.81 -68.28 2.23
N MET A 507 -2.65 -68.38 1.57
CA MET A 507 -2.64 -68.50 0.11
C MET A 507 -2.98 -69.92 -0.36
N ASN A 508 -2.57 -70.94 0.38
CA ASN A 508 -2.74 -72.33 -0.06
C ASN A 508 -3.50 -73.17 0.98
N GLY A 509 -4.37 -72.54 1.76
CA GLY A 509 -5.15 -73.30 2.71
C GLY A 509 -4.29 -73.95 3.79
N ILE A 510 -4.83 -75.02 4.37
CA ILE A 510 -4.16 -75.79 5.41
C ILE A 510 -4.30 -77.27 5.10
N ILE A 511 -3.20 -78.01 5.21
CA ILE A 511 -3.18 -79.44 4.98
C ILE A 511 -2.60 -80.11 6.23
N LYS A 512 -3.28 -81.17 6.69
CA LYS A 512 -2.91 -81.85 7.92
C LYS A 512 -1.83 -82.89 7.60
N TRP A 513 -0.57 -82.53 7.85
CA TRP A 513 0.55 -83.41 7.62
C TRP A 513 1.08 -84.07 8.89
N GLY A 514 0.52 -83.74 10.05
CA GLY A 514 1.02 -84.31 11.29
C GLY A 514 0.15 -83.95 12.46
N ASP A 515 0.47 -84.56 13.60
CA ASP A 515 -0.29 -84.31 14.83
C ASP A 515 -0.18 -82.88 15.32
N PRO A 516 1.00 -82.25 15.37
CA PRO A 516 1.12 -80.97 16.07
C PRO A 516 0.13 -79.90 15.62
N VAL A 517 -0.26 -79.88 14.34
CA VAL A 517 -1.22 -78.88 13.89
C VAL A 517 -2.52 -79.00 14.66
N THR A 518 -3.00 -80.22 14.86
CA THR A 518 -4.22 -80.43 15.63
C THR A 518 -4.04 -79.95 17.07
N ARG A 519 -2.87 -80.22 17.67
CA ARG A 519 -2.60 -79.77 19.02
C ARG A 519 -2.69 -78.24 19.11
N VAL A 520 -2.04 -77.55 18.18
CA VAL A 520 -2.05 -76.09 18.20
C VAL A 520 -3.45 -75.55 18.02
N LEU A 521 -4.20 -76.12 17.08
CA LEU A 521 -5.57 -75.65 16.85
C LEU A 521 -6.43 -75.86 18.10
N ASP A 522 -6.30 -77.03 18.74
CA ASP A 522 -7.08 -77.31 19.95
C ASP A 522 -6.72 -76.35 21.06
N ASP A 523 -5.42 -76.08 21.25
CA ASP A 523 -5.02 -75.16 22.31
C ASP A 523 -5.54 -73.76 22.03
N GLY A 524 -5.49 -73.31 20.77
CA GLY A 524 -6.06 -72.03 20.43
C GLY A 524 -7.54 -71.95 20.72
N GLU A 525 -8.28 -73.01 20.38
CA GLU A 525 -9.70 -73.04 20.67
C GLU A 525 -9.95 -72.98 22.18
N LEU A 526 -9.13 -73.69 22.95
CA LEU A 526 -9.27 -73.64 24.41
C LEU A 526 -9.05 -72.22 24.93
N LEU A 527 -8.02 -71.55 24.43
CA LEU A 527 -7.77 -70.17 24.86
C LEU A 527 -8.92 -69.25 24.47
N VAL A 528 -9.46 -69.43 23.26
CA VAL A 528 -10.58 -68.59 22.82
C VAL A 528 -11.78 -68.80 23.74
N GLN A 529 -12.08 -70.06 24.06
N GLN A 529 -12.08 -70.06 24.06
CA GLN A 529 -13.19 -70.34 24.95
CA GLN A 529 -13.19 -70.34 24.95
C GLN A 529 -12.96 -69.74 26.34
C GLN A 529 -12.96 -69.74 26.34
N GLN A 530 -11.73 -69.84 26.85
CA GLN A 530 -11.44 -69.29 28.16
C GLN A 530 -11.64 -67.78 28.18
N THR A 531 -11.18 -67.09 27.13
CA THR A 531 -11.29 -65.63 27.12
C THR A 531 -12.71 -65.17 26.86
N LYS A 532 -13.51 -65.96 26.14
CA LYS A 532 -14.86 -65.52 25.79
C LYS A 532 -15.70 -65.29 27.04
N ASN A 533 -15.97 -66.36 27.80
CA ASN A 533 -16.87 -66.31 28.95
C ASN A 533 -16.06 -66.54 30.22
N SER A 534 -15.67 -65.45 30.87
CA SER A 534 -14.94 -65.54 32.13
C SER A 534 -14.82 -64.15 32.74
N ASP A 535 -14.93 -64.09 34.06
CA ASP A 535 -14.69 -62.88 34.82
C ASP A 535 -13.39 -63.03 35.61
N ARG A 536 -12.96 -61.93 36.22
CA ARG A 536 -11.74 -61.87 37.02
C ARG A 536 -10.50 -61.93 36.14
N THR A 537 -10.64 -61.94 34.82
CA THR A 537 -9.51 -62.05 33.90
C THR A 537 -9.92 -61.55 32.53
N PRO A 538 -9.98 -60.23 32.32
CA PRO A 538 -10.42 -59.69 31.02
C PRO A 538 -9.33 -59.57 29.97
N LEU A 539 -8.09 -59.92 30.28
CA LEU A 539 -6.98 -59.81 29.34
C LEU A 539 -6.25 -61.14 29.25
N VAL A 540 -5.89 -61.54 28.04
CA VAL A 540 -5.22 -62.81 27.79
C VAL A 540 -4.15 -62.60 26.73
N SER A 541 -3.01 -63.29 26.88
CA SER A 541 -1.90 -63.18 25.96
C SER A 541 -1.37 -64.56 25.61
N VAL A 542 -0.77 -64.68 24.42
CA VAL A 542 -0.20 -65.93 23.95
C VAL A 542 0.87 -65.60 22.93
N LEU A 543 1.87 -66.48 22.83
CA LEU A 543 2.98 -66.29 21.91
C LEU A 543 3.25 -67.58 21.15
N LEU A 544 3.69 -67.43 19.90
CA LEU A 544 4.08 -68.55 19.05
C LEU A 544 5.56 -68.50 18.76
N GLU A 545 6.21 -69.66 18.79
CA GLU A 545 7.64 -69.78 18.55
C GLU A 545 7.90 -70.90 17.55
N GLY A 546 9.02 -70.78 16.85
CA GLY A 546 9.43 -71.80 15.90
C GLY A 546 10.57 -71.32 15.02
N PRO A 547 11.18 -72.24 14.28
CA PRO A 547 12.29 -71.87 13.40
C PRO A 547 11.80 -71.12 12.19
N PRO A 548 12.70 -70.47 11.45
CA PRO A 548 12.27 -69.68 10.29
C PRO A 548 11.59 -70.55 9.24
N HIS A 549 10.66 -69.94 8.51
CA HIS A 549 9.92 -70.59 7.42
C HIS A 549 9.01 -71.71 7.93
N SER A 550 8.72 -71.74 9.21
CA SER A 550 7.84 -72.76 9.77
C SER A 550 6.37 -72.54 9.43
N GLY A 551 6.02 -71.39 8.86
CA GLY A 551 4.63 -71.11 8.53
C GLY A 551 3.80 -70.81 9.76
N LYS A 552 4.13 -69.73 10.44
CA LYS A 552 3.44 -69.37 11.68
C LYS A 552 2.25 -68.47 11.35
N THR A 553 2.44 -67.43 10.55
CA THR A 553 1.40 -66.43 10.34
C THR A 553 0.09 -67.07 9.92
N ALA A 554 0.15 -68.08 9.06
CA ALA A 554 -1.07 -68.70 8.55
C ALA A 554 -1.88 -69.31 9.69
N LEU A 555 -1.22 -70.04 10.60
CA LEU A 555 -1.94 -70.68 11.69
C LEU A 555 -2.55 -69.64 12.63
N ALA A 556 -1.81 -68.57 12.92
CA ALA A 556 -2.35 -67.51 13.76
C ALA A 556 -3.57 -66.88 13.12
N ALA A 557 -3.50 -66.61 11.81
CA ALA A 557 -4.64 -66.03 11.12
C ALA A 557 -5.84 -66.98 11.16
N LYS A 558 -5.59 -68.28 10.97
CA LYS A 558 -6.68 -69.26 10.99
C LYS A 558 -7.36 -69.28 12.36
N ILE A 559 -6.56 -69.34 13.43
CA ILE A 559 -7.15 -69.42 14.76
C ILE A 559 -7.90 -68.12 15.08
N ALA A 560 -7.38 -66.98 14.65
CA ALA A 560 -8.09 -65.73 14.84
C ALA A 560 -9.41 -65.73 14.08
N GLU A 561 -9.40 -66.23 12.85
CA GLU A 561 -10.60 -66.24 12.03
C GLU A 561 -11.67 -67.13 12.64
N GLU A 562 -11.27 -68.29 13.18
CA GLU A 562 -12.25 -69.24 13.68
C GLU A 562 -13.01 -68.74 14.90
N SER A 563 -12.57 -67.65 15.52
CA SER A 563 -13.24 -67.16 16.73
C SER A 563 -14.62 -66.60 16.46
N ASN A 564 -14.92 -66.21 15.22
CA ASN A 564 -16.20 -65.61 14.87
C ASN A 564 -16.46 -64.33 15.66
N PHE A 565 -15.41 -63.67 16.11
CA PHE A 565 -15.55 -62.41 16.82
C PHE A 565 -15.98 -61.30 15.86
N PRO A 566 -16.56 -60.22 16.38
CA PRO A 566 -17.00 -59.13 15.49
C PRO A 566 -15.86 -58.28 14.97
N PHE A 567 -14.79 -58.12 15.76
CA PHE A 567 -13.72 -57.19 15.45
C PHE A 567 -12.39 -57.96 15.41
N ILE A 568 -11.80 -58.06 14.23
CA ILE A 568 -10.52 -58.71 14.02
C ILE A 568 -9.63 -57.76 13.25
N LYS A 569 -8.41 -57.55 13.75
CA LYS A 569 -7.47 -56.64 13.11
C LYS A 569 -6.09 -57.29 13.08
N ILE A 570 -5.34 -56.96 12.04
CA ILE A 570 -3.98 -57.46 11.85
C ILE A 570 -3.08 -56.25 11.65
N CYS A 571 -2.05 -56.12 12.50
CA CYS A 571 -1.09 -55.03 12.41
C CYS A 571 0.26 -55.67 12.12
N SER A 572 0.78 -55.39 10.94
CA SER A 572 2.02 -55.95 10.43
C SER A 572 2.87 -54.84 9.85
N PRO A 573 4.18 -55.05 9.73
CA PRO A 573 5.04 -54.05 9.08
C PRO A 573 4.73 -53.89 7.60
N ASP A 574 3.81 -54.71 7.07
CA ASP A 574 3.49 -54.68 5.66
C ASP A 574 3.10 -53.29 5.19
N LYS A 575 2.33 -52.57 5.99
CA LYS A 575 1.87 -51.23 5.63
C LYS A 575 2.71 -50.14 6.28
N MET A 576 3.97 -50.45 6.64
CA MET A 576 4.72 -49.59 7.55
C MET A 576 6.18 -49.45 7.09
N ILE A 577 6.40 -49.31 5.79
CA ILE A 577 7.75 -49.19 5.25
C ILE A 577 8.15 -47.71 5.27
N GLY A 578 9.35 -47.43 5.77
CA GLY A 578 9.89 -46.09 5.78
C GLY A 578 9.38 -45.20 6.88
N PHE A 579 8.44 -45.67 7.71
CA PHE A 579 7.95 -44.87 8.82
C PHE A 579 9.02 -44.71 9.88
N SER A 580 9.01 -43.56 10.54
CA SER A 580 9.86 -43.37 11.72
C SER A 580 9.22 -44.02 12.94
N GLU A 581 10.05 -44.27 13.95
CA GLU A 581 9.59 -44.98 15.14
C GLU A 581 8.37 -44.31 15.74
N THR A 582 8.36 -42.97 15.75
CA THR A 582 7.23 -42.25 16.33
C THR A 582 5.93 -42.60 15.59
N ALA A 583 5.98 -42.68 14.27
CA ALA A 583 4.80 -43.08 13.52
C ALA A 583 4.39 -44.50 13.89
N LYS A 584 5.36 -45.39 14.12
CA LYS A 584 5.02 -46.75 14.53
C LYS A 584 4.26 -46.77 15.85
N CYS A 585 4.75 -46.03 16.84
CA CYS A 585 4.05 -46.00 18.13
C CYS A 585 2.65 -45.40 17.96
N GLN A 586 2.54 -44.34 17.15
CA GLN A 586 1.24 -43.74 16.94
C GLN A 586 0.26 -44.72 16.31
N ALA A 587 0.71 -45.47 15.30
CA ALA A 587 -0.16 -46.45 14.65
C ALA A 587 -0.58 -47.54 15.62
N MET A 588 0.37 -48.05 16.41
CA MET A 588 0.03 -49.08 17.39
C MET A 588 -1.01 -48.58 18.37
N LYS A 589 -0.80 -47.37 18.91
CA LYS A 589 -1.75 -46.82 19.85
C LYS A 589 -3.12 -46.62 19.22
N LYS A 590 -3.16 -46.16 17.97
N LYS A 590 -3.16 -46.16 17.97
CA LYS A 590 -4.43 -45.97 17.29
CA LYS A 590 -4.43 -45.97 17.28
C LYS A 590 -5.17 -47.30 17.13
C LYS A 590 -5.17 -47.30 17.13
N ILE A 591 -4.45 -48.34 16.71
CA ILE A 591 -5.10 -49.65 16.51
C ILE A 591 -5.66 -50.15 17.82
N PHE A 592 -4.88 -50.06 18.91
CA PHE A 592 -5.38 -50.58 20.17
C PHE A 592 -6.54 -49.74 20.71
N ASP A 593 -6.48 -48.42 20.53
CA ASP A 593 -7.58 -47.57 20.95
C ASP A 593 -8.85 -47.92 20.20
N ASP A 594 -8.74 -48.15 18.88
CA ASP A 594 -9.91 -48.56 18.11
C ASP A 594 -10.45 -49.90 18.60
N ALA A 595 -9.55 -50.85 18.88
CA ALA A 595 -9.99 -52.15 19.36
C ALA A 595 -10.69 -52.04 20.71
N TYR A 596 -10.30 -51.06 21.52
CA TYR A 596 -10.92 -50.90 22.84
C TYR A 596 -12.42 -50.63 22.76
N LYS A 597 -12.93 -50.20 21.60
CA LYS A 597 -14.32 -49.73 21.49
C LYS A 597 -15.25 -50.82 20.96
N SER A 598 -15.01 -52.07 21.34
CA SER A 598 -15.92 -53.16 20.99
C SER A 598 -16.00 -54.13 22.16
N GLN A 599 -17.12 -54.85 22.23
CA GLN A 599 -17.30 -55.81 23.32
C GLN A 599 -16.27 -56.92 23.26
N LEU A 600 -15.99 -57.42 22.06
CA LEU A 600 -14.97 -58.44 21.85
C LEU A 600 -14.08 -58.01 20.69
N SER A 601 -12.78 -58.30 20.81
CA SER A 601 -11.82 -57.88 19.81
C SER A 601 -10.70 -58.90 19.74
N CYS A 602 -10.02 -58.93 18.60
CA CYS A 602 -8.88 -59.81 18.41
C CYS A 602 -7.86 -59.09 17.54
N VAL A 603 -6.69 -58.82 18.11
CA VAL A 603 -5.62 -58.10 17.43
C VAL A 603 -4.46 -59.06 17.20
N VAL A 604 -3.88 -59.01 16.01
CA VAL A 604 -2.76 -59.85 15.62
C VAL A 604 -1.56 -58.95 15.38
N VAL A 605 -0.42 -59.30 15.99
CA VAL A 605 0.85 -58.64 15.73
C VAL A 605 1.69 -59.59 14.89
N ASP A 606 2.08 -59.16 13.70
CA ASP A 606 2.64 -60.08 12.72
C ASP A 606 4.02 -60.57 13.13
N ASP A 607 4.99 -59.66 13.21
CA ASP A 607 6.38 -60.03 13.49
C ASP A 607 6.93 -59.06 14.52
N ILE A 608 7.18 -59.55 15.74
CA ILE A 608 7.70 -58.70 16.80
C ILE A 608 9.13 -58.28 16.48
N GLU A 609 9.93 -59.19 15.93
CA GLU A 609 11.33 -58.89 15.68
C GLU A 609 11.49 -57.75 14.67
N ARG A 610 10.70 -57.76 13.60
CA ARG A 610 10.83 -56.73 12.58
C ARG A 610 10.38 -55.37 13.11
N LEU A 611 9.36 -55.35 13.97
CA LEU A 611 8.90 -54.08 14.52
C LEU A 611 10.00 -53.40 15.32
N LEU A 612 10.78 -54.17 16.08
CA LEU A 612 11.81 -53.60 16.94
C LEU A 612 13.07 -53.21 16.19
N ASP A 613 13.21 -53.58 14.92
CA ASP A 613 14.38 -53.23 14.12
C ASP A 613 15.64 -53.84 14.73
N TYR A 614 15.65 -55.17 14.80
CA TYR A 614 16.71 -55.91 15.46
C TYR A 614 17.71 -56.44 14.43
N VAL A 615 18.99 -56.27 14.72
CA VAL A 615 20.07 -56.79 13.88
C VAL A 615 21.16 -57.33 14.79
N PRO A 616 21.64 -58.56 14.61
CA PRO A 616 22.59 -59.12 15.60
C PRO A 616 23.83 -58.26 15.81
N ILE A 617 24.39 -57.68 14.75
CA ILE A 617 25.51 -56.78 14.93
C ILE A 617 25.04 -55.60 15.79
N GLY A 618 25.95 -55.10 16.63
CA GLY A 618 25.59 -54.12 17.62
C GLY A 618 25.51 -54.73 19.00
N PRO A 619 24.30 -55.06 19.47
CA PRO A 619 22.99 -54.98 18.80
C PRO A 619 22.40 -53.57 18.77
N ARG A 620 21.41 -53.36 17.92
CA ARG A 620 20.73 -52.07 17.81
C ARG A 620 19.23 -52.30 17.72
N PHE A 621 18.47 -51.35 18.26
CA PHE A 621 17.01 -51.41 18.21
C PHE A 621 16.46 -50.09 18.70
N SER A 622 15.15 -49.91 18.56
CA SER A 622 14.45 -48.71 18.99
C SER A 622 13.79 -48.98 20.33
N ASN A 623 14.14 -48.19 21.34
CA ASN A 623 13.65 -48.42 22.69
C ASN A 623 12.20 -47.95 22.87
N LEU A 624 11.82 -46.87 22.17
CA LEU A 624 10.48 -46.31 22.37
C LEU A 624 9.40 -47.33 22.02
N VAL A 625 9.57 -48.02 20.88
CA VAL A 625 8.57 -49.00 20.46
C VAL A 625 8.50 -50.14 21.47
N LEU A 626 9.64 -50.61 21.95
CA LEU A 626 9.65 -51.69 22.92
C LEU A 626 8.89 -51.29 24.18
N GLN A 627 9.17 -50.09 24.69
CA GLN A 627 8.47 -49.63 25.90
C GLN A 627 6.98 -49.50 25.65
N ALA A 628 6.59 -48.93 24.50
CA ALA A 628 5.18 -48.77 24.21
C ALA A 628 4.48 -50.13 24.17
N LEU A 629 5.08 -51.10 23.49
CA LEU A 629 4.47 -52.42 23.40
C LEU A 629 4.36 -53.07 24.76
N LEU A 630 5.43 -52.98 25.56
CA LEU A 630 5.39 -53.61 26.87
C LEU A 630 4.30 -52.99 27.75
N VAL A 631 4.17 -51.67 27.72
CA VAL A 631 3.14 -51.02 28.51
C VAL A 631 1.76 -51.42 28.01
N LEU A 632 1.55 -51.45 26.69
CA LEU A 632 0.23 -51.78 26.16
C LEU A 632 -0.17 -53.20 26.53
N LEU A 633 0.77 -54.14 26.51
CA LEU A 633 0.41 -55.53 26.78
C LEU A 633 -0.12 -55.76 28.19
N LYS A 634 0.01 -54.78 29.09
CA LYS A 634 -0.42 -54.92 30.47
C LYS A 634 -1.34 -53.78 30.87
N LYS A 635 -2.33 -53.49 30.03
CA LYS A 635 -3.34 -52.46 30.31
C LYS A 635 -4.71 -53.03 29.97
N ALA A 636 -5.50 -53.34 31.00
CA ALA A 636 -6.82 -53.90 30.78
C ALA A 636 -7.75 -52.88 30.13
N PRO A 637 -8.72 -53.32 29.35
CA PRO A 637 -9.69 -52.38 28.77
C PRO A 637 -10.61 -51.83 29.84
N PRO A 638 -11.49 -50.90 29.48
CA PRO A 638 -12.49 -50.43 30.45
C PRO A 638 -13.35 -51.58 30.96
N GLN A 639 -14.09 -51.30 32.02
CA GLN A 639 -14.84 -52.35 32.71
C GLN A 639 -15.82 -53.03 31.76
N GLY A 640 -15.91 -54.35 31.88
CA GLY A 640 -16.92 -55.11 31.18
C GLY A 640 -16.63 -55.40 29.71
N ARG A 641 -15.39 -55.24 29.28
CA ARG A 641 -15.02 -55.52 27.90
C ARG A 641 -13.80 -56.42 27.87
N LYS A 642 -13.72 -57.26 26.84
CA LYS A 642 -12.69 -58.28 26.73
C LYS A 642 -11.71 -57.92 25.62
N LEU A 643 -10.63 -58.69 25.55
CA LEU A 643 -9.61 -58.49 24.53
C LEU A 643 -8.78 -59.76 24.42
N LEU A 644 -8.09 -59.89 23.27
CA LEU A 644 -7.20 -61.01 23.05
C LEU A 644 -6.05 -60.54 22.17
N ILE A 645 -4.84 -60.97 22.50
CA ILE A 645 -3.63 -60.57 21.79
C ILE A 645 -2.84 -61.82 21.45
N ILE A 646 -2.37 -61.91 20.21
CA ILE A 646 -1.59 -63.05 19.74
C ILE A 646 -0.34 -62.52 19.05
N GLY A 647 0.82 -63.01 19.49
CA GLY A 647 2.10 -62.60 18.92
C GLY A 647 2.68 -63.65 17.99
N THR A 648 3.88 -63.35 17.50
CA THR A 648 4.60 -64.25 16.62
C THR A 648 6.03 -63.76 16.46
N THR A 649 6.98 -64.69 16.50
CA THR A 649 8.39 -64.35 16.41
C THR A 649 9.16 -65.57 15.94
N SER A 650 10.43 -65.36 15.59
CA SER A 650 11.30 -66.43 15.12
C SER A 650 12.60 -66.53 15.90
N ARG A 651 12.77 -65.75 16.96
CA ARG A 651 13.98 -65.79 17.79
C ARG A 651 13.55 -65.59 19.24
N LYS A 652 13.33 -66.70 19.95
CA LYS A 652 12.90 -66.60 21.34
C LYS A 652 14.06 -66.29 22.28
N ASP A 653 15.28 -66.66 21.92
CA ASP A 653 16.40 -66.48 22.84
C ASP A 653 16.63 -65.00 23.12
N VAL A 654 16.79 -64.20 22.06
CA VAL A 654 16.95 -62.76 22.23
C VAL A 654 15.73 -62.18 22.95
N LEU A 655 14.53 -62.66 22.59
CA LEU A 655 13.32 -62.06 23.14
C LEU A 655 13.26 -62.25 24.63
N GLN A 656 13.61 -63.45 25.11
CA GLN A 656 13.73 -63.69 26.54
C GLN A 656 14.83 -62.82 27.14
N GLU A 657 15.96 -62.71 26.45
CA GLU A 657 17.03 -61.85 26.93
C GLU A 657 16.55 -60.41 27.12
N MET A 658 15.54 -59.99 26.36
CA MET A 658 14.99 -58.65 26.47
C MET A 658 13.97 -58.51 27.58
N GLU A 659 13.68 -59.59 28.31
CA GLU A 659 12.83 -59.57 29.50
C GLU A 659 11.35 -59.38 29.19
N MET A 660 10.92 -59.59 27.94
CA MET A 660 9.52 -59.47 27.62
C MET A 660 8.77 -60.80 27.71
N LEU A 661 9.47 -61.93 27.63
CA LEU A 661 8.79 -63.22 27.71
C LEU A 661 8.02 -63.38 29.01
N ASN A 662 8.39 -62.64 30.06
CA ASN A 662 7.64 -62.67 31.30
C ASN A 662 6.26 -62.02 31.16
N ALA A 663 6.10 -61.09 30.21
CA ALA A 663 4.82 -60.41 30.05
C ALA A 663 3.77 -61.35 29.47
N PHE A 664 4.12 -62.11 28.44
CA PHE A 664 3.16 -63.05 27.87
C PHE A 664 2.76 -64.07 28.91
N SER A 665 1.61 -64.71 28.67
CA SER A 665 1.05 -65.66 29.63
C SER A 665 1.20 -67.11 29.22
N THR A 666 1.45 -67.41 27.94
CA THR A 666 1.56 -68.78 27.49
C THR A 666 2.40 -68.81 26.21
N THR A 667 2.91 -69.99 25.89
CA THR A 667 3.74 -70.19 24.71
C THR A 667 3.35 -71.49 24.03
N ILE A 668 3.52 -71.53 22.71
CA ILE A 668 3.26 -72.71 21.90
C ILE A 668 4.43 -72.90 20.96
N HIS A 669 4.67 -74.15 20.56
CA HIS A 669 5.79 -74.51 19.69
C HIS A 669 5.25 -75.08 18.39
N VAL A 670 5.82 -74.62 17.28
CA VAL A 670 5.45 -75.07 15.94
C VAL A 670 6.66 -75.80 15.35
N PRO A 671 6.66 -77.12 15.26
CA PRO A 671 7.82 -77.83 14.73
C PRO A 671 7.81 -77.94 13.21
N ASN A 672 8.95 -78.37 12.67
CA ASN A 672 9.11 -78.59 11.24
C ASN A 672 8.90 -80.07 10.90
N ILE A 673 9.07 -80.40 9.64
CA ILE A 673 9.00 -81.78 9.19
C ILE A 673 10.32 -82.47 9.51
N ALA A 674 10.23 -83.68 10.06
CA ALA A 674 11.42 -84.39 10.50
C ALA A 674 11.45 -85.87 10.16
N THR A 675 10.45 -86.39 9.43
CA THR A 675 10.41 -87.80 9.10
C THR A 675 10.04 -87.96 7.63
N GLY A 676 10.55 -89.04 7.03
CA GLY A 676 10.30 -89.27 5.61
C GLY A 676 8.84 -89.49 5.30
N GLU A 677 8.16 -90.32 6.11
CA GLU A 677 6.75 -90.59 5.86
C GLU A 677 5.91 -89.32 5.93
N GLN A 678 6.30 -88.37 6.79
CA GLN A 678 5.61 -87.09 6.82
C GLN A 678 5.75 -86.36 5.48
N LEU A 679 6.96 -86.37 4.92
CA LEU A 679 7.17 -85.75 3.62
C LEU A 679 6.34 -86.46 2.54
N LEU A 680 6.29 -87.79 2.59
CA LEU A 680 5.50 -88.53 1.61
C LEU A 680 4.03 -88.15 1.72
N GLU A 681 3.50 -88.06 2.94
CA GLU A 681 2.10 -87.68 3.11
C GLU A 681 1.85 -86.26 2.61
N ALA A 682 2.78 -85.34 2.90
CA ALA A 682 2.62 -83.97 2.43
C ALA A 682 2.59 -83.93 0.89
N LEU A 683 3.50 -84.65 0.25
CA LEU A 683 3.52 -84.68 -1.21
C LEU A 683 2.23 -85.30 -1.75
N GLU A 684 1.76 -86.38 -1.13
CA GLU A 684 0.53 -87.01 -1.59
C GLU A 684 -0.65 -86.05 -1.47
N LEU A 685 -0.75 -85.33 -0.36
CA LEU A 685 -1.82 -84.36 -0.22
C LEU A 685 -1.72 -83.25 -1.26
N LEU A 686 -0.50 -82.76 -1.49
CA LEU A 686 -0.30 -81.76 -2.55
C LEU A 686 -0.59 -82.36 -3.92
N GLY A 687 -0.15 -83.60 -4.15
CA GLY A 687 -0.44 -84.29 -5.39
C GLY A 687 0.27 -83.73 -6.60
N ASN A 688 1.60 -83.89 -6.65
CA ASN A 688 2.39 -83.41 -7.77
C ASN A 688 3.35 -84.45 -8.33
N PHE A 689 3.42 -85.64 -7.75
CA PHE A 689 4.31 -86.69 -8.23
C PHE A 689 3.49 -87.95 -8.49
N LYS A 690 3.94 -88.73 -9.47
CA LYS A 690 3.20 -89.90 -9.92
C LYS A 690 3.47 -91.08 -8.99
N ASP A 691 3.01 -92.27 -9.39
CA ASP A 691 3.15 -93.45 -8.54
C ASP A 691 4.59 -93.94 -8.50
N LYS A 692 5.19 -94.18 -9.67
CA LYS A 692 6.58 -94.62 -9.69
C LYS A 692 7.51 -93.54 -9.17
N GLU A 693 7.20 -92.27 -9.45
CA GLU A 693 7.99 -91.19 -8.88
C GLU A 693 7.94 -91.22 -7.37
N ARG A 694 6.73 -91.41 -6.81
CA ARG A 694 6.59 -91.48 -5.36
C ARG A 694 7.34 -92.67 -4.78
N THR A 695 7.28 -93.82 -5.46
CA THR A 695 8.00 -94.99 -5.00
C THR A 695 9.50 -94.75 -4.98
N THR A 696 10.03 -94.15 -6.04
CA THR A 696 11.46 -93.86 -6.10
C THR A 696 11.85 -92.86 -5.01
N ILE A 697 11.02 -91.84 -4.79
CA ILE A 697 11.32 -90.86 -3.75
C ILE A 697 11.33 -91.51 -2.38
N ALA A 698 10.35 -92.38 -2.11
CA ALA A 698 10.31 -93.07 -0.83
C ALA A 698 11.53 -93.96 -0.65
N GLN A 699 11.93 -94.65 -1.73
CA GLN A 699 13.12 -95.49 -1.65
C GLN A 699 14.36 -94.66 -1.32
N GLN A 700 14.51 -93.51 -1.98
CA GLN A 700 15.68 -92.68 -1.80
C GLN A 700 15.69 -91.90 -0.49
N VAL A 701 14.53 -91.69 0.13
CA VAL A 701 14.43 -90.86 1.33
C VAL A 701 14.34 -91.71 2.60
N LYS A 702 14.54 -93.02 2.49
CA LYS A 702 14.41 -93.88 3.67
C LYS A 702 15.51 -93.65 4.70
N GLY A 703 16.54 -92.87 4.37
CA GLY A 703 17.56 -92.56 5.35
C GLY A 703 17.01 -91.85 6.58
N LYS A 704 15.90 -91.13 6.42
CA LYS A 704 15.17 -90.44 7.50
C LYS A 704 15.85 -89.15 7.93
N LYS A 705 16.86 -88.66 7.21
CA LYS A 705 17.58 -87.44 7.57
C LYS A 705 16.97 -86.27 6.81
N VAL A 706 15.80 -85.83 7.28
CA VAL A 706 15.04 -84.75 6.64
C VAL A 706 14.72 -83.70 7.68
N TRP A 707 15.07 -82.45 7.38
CA TRP A 707 14.76 -81.31 8.25
C TRP A 707 14.56 -80.10 7.35
N ILE A 708 13.30 -79.81 7.02
CA ILE A 708 12.96 -78.73 6.11
C ILE A 708 11.68 -78.04 6.57
N GLY A 709 11.47 -76.82 6.08
CA GLY A 709 10.26 -76.08 6.33
C GLY A 709 9.28 -76.19 5.17
N ILE A 710 8.01 -75.90 5.47
CA ILE A 710 6.95 -76.07 4.47
C ILE A 710 7.14 -75.11 3.31
N LYS A 711 7.43 -73.83 3.60
CA LYS A 711 7.60 -72.85 2.54
C LYS A 711 8.77 -73.21 1.64
N LYS A 712 9.89 -73.63 2.25
CA LYS A 712 11.03 -74.07 1.46
C LYS A 712 10.67 -75.27 0.61
N LEU A 713 9.87 -76.19 1.15
CA LEU A 713 9.45 -77.36 0.39
C LEU A 713 8.63 -76.94 -0.83
N LEU A 714 7.69 -76.02 -0.66
CA LEU A 714 6.90 -75.57 -1.80
C LEU A 714 7.77 -74.89 -2.84
N MET A 715 8.68 -74.02 -2.40
CA MET A 715 9.58 -73.36 -3.35
C MET A 715 10.42 -74.37 -4.11
N LEU A 716 10.91 -75.39 -3.41
CA LEU A 716 11.78 -76.37 -4.05
C LEU A 716 10.99 -77.23 -5.03
N ILE A 717 9.76 -77.58 -4.69
CA ILE A 717 8.91 -78.32 -5.63
C ILE A 717 8.69 -77.49 -6.89
N GLU A 718 8.40 -76.20 -6.71
CA GLU A 718 8.20 -75.34 -7.88
C GLU A 718 9.47 -75.27 -8.73
N MET A 719 10.63 -75.16 -8.08
CA MET A 719 11.89 -75.14 -8.81
C MET A 719 12.09 -76.45 -9.58
N SER A 720 11.80 -77.58 -8.93
CA SER A 720 12.06 -78.87 -9.57
C SER A 720 11.13 -79.12 -10.75
N LEU A 721 9.90 -78.62 -10.68
CA LEU A 721 8.92 -78.87 -11.74
C LEU A 721 9.13 -77.97 -12.97
N GLN A 722 10.30 -77.36 -13.14
CA GLN A 722 10.56 -76.43 -14.22
C GLN A 722 11.32 -77.05 -15.39
N MET A 723 11.44 -78.36 -15.45
CA MET A 723 12.18 -79.04 -16.50
C MET A 723 11.33 -80.15 -17.10
N ASP A 724 11.93 -80.92 -18.00
CA ASP A 724 11.24 -82.04 -18.62
C ASP A 724 10.99 -83.13 -17.59
N PRO A 725 10.00 -83.99 -17.82
CA PRO A 725 9.64 -84.99 -16.79
C PRO A 725 10.75 -85.97 -16.46
N GLU A 726 11.71 -86.16 -17.36
CA GLU A 726 12.72 -87.20 -17.15
C GLU A 726 13.61 -86.90 -15.95
N TYR A 727 14.04 -85.65 -15.80
CA TYR A 727 15.04 -85.29 -14.80
C TYR A 727 14.46 -84.59 -13.59
N ARG A 728 13.14 -84.62 -13.41
CA ARG A 728 12.54 -83.97 -12.24
C ARG A 728 13.00 -84.62 -10.95
N VAL A 729 12.93 -85.96 -10.89
CA VAL A 729 13.18 -86.66 -9.63
C VAL A 729 14.62 -86.46 -9.18
N ARG A 730 15.57 -86.62 -10.10
CA ARG A 730 16.98 -86.48 -9.74
C ARG A 730 17.28 -85.06 -9.29
N LYS A 731 16.77 -84.06 -10.02
CA LYS A 731 17.00 -82.67 -9.62
C LYS A 731 16.42 -82.39 -8.24
N PHE A 732 15.20 -82.86 -7.99
CA PHE A 732 14.58 -82.62 -6.69
C PHE A 732 15.38 -83.28 -5.57
N LEU A 733 15.81 -84.52 -5.79
CA LEU A 733 16.58 -85.21 -4.77
C LEU A 733 17.91 -84.53 -4.51
N ALA A 734 18.59 -84.09 -5.57
CA ALA A 734 19.86 -83.37 -5.41
C ALA A 734 19.65 -82.11 -4.59
N LEU A 735 18.61 -81.34 -4.92
CA LEU A 735 18.33 -80.12 -4.18
C LEU A 735 18.01 -80.42 -2.72
N LEU A 736 17.21 -81.46 -2.46
CA LEU A 736 16.87 -81.79 -1.09
C LEU A 736 18.11 -82.18 -0.28
N ARG A 737 18.98 -83.01 -0.87
CA ARG A 737 20.18 -83.41 -0.15
C ARG A 737 21.13 -82.23 0.06
N GLU A 738 21.16 -81.29 -0.89
CA GLU A 738 22.04 -80.13 -0.73
C GLU A 738 21.70 -79.34 0.53
N GLU A 739 20.43 -79.30 0.92
CA GLU A 739 20.02 -78.60 2.14
C GLU A 739 20.00 -79.56 3.32
N GLY A 740 21.15 -80.20 3.54
CA GLY A 740 21.27 -81.19 4.61
C GLY A 740 21.53 -80.58 5.96
N ALA A 741 20.52 -79.94 6.56
CA ALA A 741 20.67 -79.38 7.88
C ALA A 741 20.66 -80.48 8.93
N SER A 742 21.31 -80.19 10.06
CA SER A 742 21.38 -81.14 11.18
C SER A 742 21.46 -80.37 12.49
N PRO A 743 20.30 -79.94 13.02
CA PRO A 743 20.27 -79.18 14.27
C PRO A 743 21.04 -79.84 15.40
N MET B 4 -35.47 62.54 33.01
CA MET B 4 -36.51 61.66 33.54
C MET B 4 -37.18 60.89 32.41
N ALA B 5 -37.84 61.62 31.51
CA ALA B 5 -38.59 60.97 30.44
C ALA B 5 -37.68 60.19 29.49
N GLY B 6 -36.49 60.70 29.22
CA GLY B 6 -35.58 60.07 28.29
C GLY B 6 -35.45 60.90 27.02
N ARG B 7 -34.23 60.97 26.48
CA ARG B 7 -33.95 61.80 25.32
C ARG B 7 -33.00 61.05 24.40
N SER B 8 -33.02 61.45 23.12
CA SER B 8 -32.18 60.82 22.11
C SER B 8 -30.75 61.34 22.24
N MET B 9 -29.78 60.44 22.07
CA MET B 9 -28.37 60.78 22.16
C MET B 9 -27.60 59.99 21.10
N GLN B 10 -26.40 60.46 20.81
CA GLN B 10 -25.52 59.83 19.83
C GLN B 10 -24.33 59.20 20.55
N ALA B 11 -24.04 57.94 20.20
CA ALA B 11 -22.94 57.22 20.82
C ALA B 11 -21.61 57.72 20.29
N ALA B 12 -20.65 57.96 21.19
CA ALA B 12 -19.34 58.45 20.84
C ALA B 12 -18.28 57.57 21.49
N ARG B 13 -17.01 57.94 21.27
CA ARG B 13 -15.88 57.19 21.81
C ARG B 13 -15.42 57.80 23.13
N CYS B 14 -14.88 56.95 24.01
CA CYS B 14 -14.39 57.44 25.28
C CYS B 14 -13.24 58.42 25.05
N PRO B 15 -13.19 59.54 25.78
CA PRO B 15 -12.17 60.56 25.48
C PRO B 15 -10.79 60.28 26.06
N THR B 16 -10.69 59.58 27.18
CA THR B 16 -9.42 59.38 27.85
C THR B 16 -9.28 57.93 28.30
N ASP B 17 -8.04 57.48 28.42
CA ASP B 17 -7.77 56.13 28.90
C ASP B 17 -8.22 55.97 30.35
N GLU B 18 -7.98 56.99 31.17
CA GLU B 18 -8.35 56.92 32.58
C GLU B 18 -9.86 56.70 32.73
N LEU B 19 -10.66 57.42 31.96
CA LEU B 19 -12.10 57.24 32.00
C LEU B 19 -12.51 55.89 31.45
N SER B 20 -11.76 55.37 30.47
CA SER B 20 -12.08 54.05 29.91
C SER B 20 -12.03 52.98 30.99
N LEU B 21 -11.08 53.08 31.91
CA LEU B 21 -10.96 52.12 32.99
C LEU B 21 -12.00 52.30 34.08
N SER B 22 -12.73 53.42 34.07
CA SER B 22 -13.73 53.67 35.10
C SER B 22 -15.03 52.91 34.85
N ASN B 23 -15.23 52.38 33.65
CA ASN B 23 -16.45 51.67 33.27
C ASN B 23 -17.68 52.57 33.35
N CYS B 24 -17.47 53.89 33.35
CA CYS B 24 -18.56 54.84 33.43
C CYS B 24 -18.78 55.51 32.08
N ALA B 25 -20.04 55.58 31.67
CA ALA B 25 -20.40 56.33 30.47
C ALA B 25 -20.07 57.80 30.67
N VAL B 26 -19.33 58.38 29.72
CA VAL B 26 -18.84 59.74 29.82
C VAL B 26 -19.79 60.65 29.07
N VAL B 27 -20.26 61.70 29.76
CA VAL B 27 -21.26 62.62 29.22
C VAL B 27 -20.76 64.04 29.42
N SER B 28 -21.50 64.99 28.85
CA SER B 28 -21.18 66.40 29.00
C SER B 28 -21.87 66.95 30.26
N GLU B 29 -21.19 67.89 30.91
CA GLU B 29 -21.76 68.51 32.10
C GLU B 29 -23.09 69.21 31.81
N LYS B 30 -23.26 69.71 30.58
CA LYS B 30 -24.50 70.41 30.23
C LYS B 30 -25.71 69.48 30.23
N ASP B 31 -25.50 68.17 30.15
CA ASP B 31 -26.60 67.21 30.03
C ASP B 31 -26.87 66.45 31.33
N TYR B 32 -25.84 66.07 32.07
CA TYR B 32 -26.00 65.25 33.27
C TYR B 32 -24.98 65.67 34.31
N GLN B 33 -25.06 65.04 35.48
CA GLN B 33 -24.13 65.24 36.58
C GLN B 33 -23.45 63.91 36.90
N SER B 34 -22.19 64.00 37.32
CA SER B 34 -21.44 62.78 37.64
C SER B 34 -22.10 62.04 38.79
N GLY B 35 -22.14 60.71 38.67
CA GLY B 35 -22.75 59.86 39.68
C GLY B 35 -24.16 59.40 39.37
N GLN B 36 -24.83 60.04 38.41
CA GLN B 36 -26.18 59.63 38.05
C GLN B 36 -26.15 58.31 37.29
N HIS B 37 -27.25 57.58 37.36
CA HIS B 37 -27.43 56.33 36.63
C HIS B 37 -28.49 56.53 35.54
N VAL B 38 -28.22 55.96 34.37
CA VAL B 38 -29.11 56.04 33.22
C VAL B 38 -29.39 54.64 32.70
N ILE B 39 -30.50 54.52 31.98
CA ILE B 39 -30.84 53.30 31.26
C ILE B 39 -30.75 53.61 29.77
N VAL B 40 -29.87 52.91 29.07
CA VAL B 40 -29.61 53.13 27.65
C VAL B 40 -30.44 52.14 26.86
N ARG B 41 -31.29 52.66 25.97
CA ARG B 41 -32.19 51.85 25.17
C ARG B 41 -31.68 51.81 23.74
N THR B 42 -31.44 50.60 23.23
CA THR B 42 -31.14 50.39 21.82
C THR B 42 -32.29 49.74 21.06
N SER B 43 -33.25 49.14 21.77
CA SER B 43 -34.43 48.56 21.17
C SER B 43 -35.39 48.18 22.29
N PRO B 44 -36.63 47.81 21.96
CA PRO B 44 -37.57 47.45 23.02
C PRO B 44 -37.09 46.32 23.91
N ASN B 45 -36.28 45.40 23.39
CA ASN B 45 -35.82 44.24 24.14
C ASN B 45 -34.38 44.36 24.60
N HIS B 46 -33.77 45.54 24.52
CA HIS B 46 -32.36 45.72 24.88
C HIS B 46 -32.20 47.03 25.63
N LYS B 47 -32.00 46.94 26.95
CA LYS B 47 -31.75 48.08 27.80
C LYS B 47 -30.53 47.81 28.66
N TYR B 48 -29.70 48.84 28.85
CA TYR B 48 -28.48 48.72 29.63
C TYR B 48 -28.37 49.89 30.59
N ILE B 49 -27.83 49.62 31.78
CA ILE B 49 -27.74 50.62 32.85
C ILE B 49 -26.27 50.98 33.04
N PHE B 50 -25.99 52.28 33.10
CA PHE B 50 -24.63 52.79 33.23
C PHE B 50 -24.57 53.88 34.30
N THR B 51 -23.36 54.11 34.81
CA THR B 51 -23.10 55.20 35.74
C THR B 51 -22.35 56.30 35.00
N LEU B 52 -22.79 57.54 35.18
CA LEU B 52 -22.29 58.67 34.41
C LEU B 52 -21.09 59.33 35.08
N ARG B 53 -20.23 59.89 34.24
CA ARG B 53 -19.11 60.72 34.68
C ARG B 53 -18.88 61.79 33.64
N THR B 54 -18.83 63.04 34.09
CA THR B 54 -18.70 64.17 33.17
C THR B 54 -17.25 64.39 32.77
N HIS B 55 -17.06 64.93 31.57
CA HIS B 55 -15.74 65.33 31.09
C HIS B 55 -15.94 66.51 30.15
N PRO B 56 -15.07 67.53 30.20
CA PRO B 56 -15.29 68.72 29.38
C PRO B 56 -15.33 68.46 27.89
N SER B 57 -14.63 67.43 27.40
CA SER B 57 -14.47 67.22 25.96
C SER B 57 -15.70 66.60 25.30
N VAL B 58 -16.66 66.10 26.06
CA VAL B 58 -17.83 65.47 25.46
C VAL B 58 -18.74 66.54 24.88
N VAL B 59 -19.11 66.37 23.62
CA VAL B 59 -20.02 67.31 22.96
C VAL B 59 -21.43 67.09 23.52
N PRO B 60 -22.18 68.15 23.83
CA PRO B 60 -23.56 67.96 24.29
C PRO B 60 -24.38 67.21 23.26
N GLY B 61 -25.28 66.35 23.74
CA GLY B 61 -26.09 65.53 22.87
C GLY B 61 -25.50 64.18 22.51
N SER B 62 -24.38 63.80 23.13
CA SER B 62 -23.74 62.53 22.86
C SER B 62 -23.29 61.89 24.17
N VAL B 63 -23.22 60.56 24.16
CA VAL B 63 -22.72 59.78 25.29
C VAL B 63 -21.58 58.91 24.80
N ALA B 64 -20.44 58.97 25.49
CA ALA B 64 -19.24 58.25 25.09
C ALA B 64 -19.15 56.93 25.84
N PHE B 65 -18.77 55.88 25.11
CA PHE B 65 -18.62 54.54 25.66
C PHE B 65 -17.25 53.99 25.31
N SER B 66 -16.72 53.16 26.21
CA SER B 66 -15.47 52.46 25.95
C SER B 66 -15.74 51.20 25.12
N LEU B 67 -14.68 50.70 24.49
CA LEU B 67 -14.82 49.51 23.66
C LEU B 67 -15.45 48.35 24.42
N PRO B 68 -15.04 48.03 25.66
CA PRO B 68 -15.75 46.97 26.39
C PRO B 68 -17.23 47.25 26.55
N GLN B 69 -17.61 48.51 26.78
CA GLN B 69 -19.03 48.84 26.91
C GLN B 69 -19.75 48.69 25.59
N ARG B 70 -19.14 49.15 24.49
CA ARG B 70 -19.77 49.04 23.19
C ARG B 70 -19.97 47.57 22.80
N LYS B 71 -18.95 46.74 23.03
CA LYS B 71 -19.07 45.32 22.72
C LYS B 71 -20.12 44.63 23.57
N TRP B 72 -20.17 44.94 24.88
CA TRP B 72 -21.17 44.34 25.74
C TRP B 72 -22.58 44.77 25.33
N ALA B 73 -22.79 46.07 25.15
CA ALA B 73 -24.10 46.61 24.82
C ALA B 73 -24.39 46.62 23.33
N GLY B 74 -23.45 46.20 22.50
CA GLY B 74 -23.65 46.18 21.06
C GLY B 74 -23.89 47.57 20.49
N LEU B 75 -23.10 48.55 20.95
CA LEU B 75 -23.22 49.92 20.53
C LEU B 75 -22.20 50.23 19.44
N SER B 76 -22.56 51.15 18.56
CA SER B 76 -21.70 51.60 17.48
C SER B 76 -21.51 53.11 17.58
N ILE B 77 -20.28 53.57 17.30
CA ILE B 77 -19.99 55.00 17.34
C ILE B 77 -20.84 55.70 16.31
N GLY B 78 -21.56 56.74 16.75
CA GLY B 78 -22.44 57.50 15.88
C GLY B 78 -23.88 57.00 15.85
N GLN B 79 -24.18 55.87 16.47
CA GLN B 79 -25.54 55.34 16.49
C GLN B 79 -26.41 56.15 17.45
N GLU B 80 -27.69 56.25 17.11
CA GLU B 80 -28.65 56.96 17.94
C GLU B 80 -29.14 56.07 19.06
N ILE B 81 -29.21 56.63 20.28
CA ILE B 81 -29.63 55.90 21.46
C ILE B 81 -30.60 56.77 22.26
N GLU B 82 -31.37 56.10 23.12
CA GLU B 82 -32.29 56.76 24.04
C GLU B 82 -31.76 56.58 25.46
N VAL B 83 -31.58 57.70 26.16
CA VAL B 83 -30.98 57.70 27.50
C VAL B 83 -31.97 58.33 28.47
N ALA B 84 -32.29 57.60 29.54
CA ALA B 84 -33.18 58.08 30.59
C ALA B 84 -32.54 57.82 31.94
N LEU B 85 -32.70 58.78 32.85
CA LEU B 85 -32.12 58.64 34.18
C LEU B 85 -32.78 57.50 34.93
N TYR B 86 -31.97 56.75 35.69
CA TYR B 86 -32.41 55.57 36.41
C TYR B 86 -32.08 55.75 37.89
N SER B 87 -33.03 55.40 38.76
CA SER B 87 -32.89 55.51 40.20
C SER B 87 -32.90 54.12 40.82
N PHE B 88 -31.87 53.80 41.60
CA PHE B 88 -31.80 52.50 42.26
C PHE B 88 -32.65 52.48 43.53
N ASP B 89 -33.20 51.31 43.83
CA ASP B 89 -33.87 51.07 45.09
C ASP B 89 -32.82 50.50 46.05
N LYS B 90 -32.14 51.39 46.78
CA LYS B 90 -31.02 50.97 47.61
C LYS B 90 -31.45 50.01 48.71
N ALA B 91 -32.73 49.99 49.08
CA ALA B 91 -33.20 49.02 50.07
C ALA B 91 -33.13 47.60 49.52
N LYS B 92 -33.27 47.44 48.20
CA LYS B 92 -33.25 46.13 47.57
C LYS B 92 -32.09 45.91 46.62
N GLN B 93 -31.46 46.98 46.13
CA GLN B 93 -30.42 46.87 45.11
C GLN B 93 -29.03 47.20 45.62
N CYS B 94 -28.67 46.76 46.83
CA CYS B 94 -27.29 46.87 47.29
C CYS B 94 -26.65 45.47 47.31
N ILE B 95 -25.51 45.35 46.65
CA ILE B 95 -24.84 44.06 46.52
C ILE B 95 -24.25 43.67 47.87
N GLY B 96 -24.53 42.44 48.30
CA GLY B 96 -23.87 41.86 49.45
C GLY B 96 -22.70 41.01 49.01
N THR B 97 -22.79 40.46 47.80
CA THR B 97 -21.73 39.64 47.23
C THR B 97 -21.88 39.61 45.72
N MET B 98 -20.76 39.69 45.01
CA MET B 98 -20.72 39.57 43.56
C MET B 98 -19.58 38.64 43.17
N THR B 99 -19.86 37.75 42.21
CA THR B 99 -18.87 36.82 41.69
C THR B 99 -18.41 37.30 40.32
N ILE B 100 -17.10 37.45 40.16
CA ILE B 100 -16.51 38.02 38.95
C ILE B 100 -15.54 37.00 38.37
N GLU B 101 -15.74 36.64 37.09
CA GLU B 101 -14.79 35.83 36.36
C GLU B 101 -13.72 36.73 35.77
N ILE B 102 -12.46 36.35 35.94
CA ILE B 102 -11.33 37.21 35.58
C ILE B 102 -10.31 36.43 34.78
N ASP B 103 -9.70 37.11 33.81
CA ASP B 103 -8.59 36.57 33.04
C ASP B 103 -7.82 37.73 32.44
N PHE B 104 -6.58 37.46 32.05
CA PHE B 104 -5.74 38.49 31.45
C PHE B 104 -6.41 39.07 30.22
N LEU B 105 -6.44 40.41 30.14
CA LEU B 105 -7.06 41.05 28.99
C LEU B 105 -6.29 40.78 27.70
N GLN B 106 -4.95 40.81 27.78
CA GLN B 106 -4.10 40.66 26.61
C GLN B 106 -3.28 39.38 26.75
N LYS B 107 -3.35 38.52 25.73
CA LYS B 107 -2.60 37.28 25.76
C LYS B 107 -1.10 37.53 25.73
N LYS B 108 -0.66 38.62 25.09
CA LYS B 108 0.76 38.91 25.00
C LYS B 108 1.36 39.19 26.37
N ASN B 109 0.53 39.55 27.36
CA ASN B 109 0.99 39.95 28.68
C ASN B 109 0.62 38.94 29.76
N ILE B 110 0.50 37.66 29.41
CA ILE B 110 0.18 36.63 30.40
C ILE B 110 1.43 36.26 31.16
N ASP B 111 1.27 36.00 32.46
CA ASP B 111 2.39 35.60 33.31
C ASP B 111 1.85 34.68 34.40
N SER B 112 2.78 33.99 35.07
CA SER B 112 2.44 33.03 36.11
C SER B 112 2.61 33.60 37.52
N ASN B 113 2.81 34.91 37.65
CA ASN B 113 3.02 35.50 38.95
C ASN B 113 1.73 35.45 39.78
N PRO B 114 1.85 35.39 41.11
CA PRO B 114 0.65 35.38 41.95
C PRO B 114 -0.02 36.74 42.00
N TYR B 115 -1.34 36.73 42.13
CA TYR B 115 -2.13 37.94 42.28
C TYR B 115 -3.03 37.77 43.50
N ASP B 116 -2.95 38.71 44.43
CA ASP B 116 -3.68 38.61 45.70
C ASP B 116 -5.11 39.10 45.50
N THR B 117 -6.08 38.20 45.67
CA THR B 117 -7.47 38.57 45.48
C THR B 117 -7.92 39.60 46.51
N ASP B 118 -7.43 39.50 47.74
CA ASP B 118 -7.84 40.46 48.77
C ASP B 118 -7.48 41.88 48.38
N LYS B 119 -6.26 42.09 47.88
CA LYS B 119 -5.88 43.42 47.40
C LYS B 119 -6.69 43.81 46.18
N MET B 120 -6.95 42.85 45.29
CA MET B 120 -7.75 43.12 44.11
C MET B 120 -9.17 43.52 44.49
N ALA B 121 -9.76 42.83 45.46
CA ALA B 121 -11.10 43.17 45.91
C ALA B 121 -11.14 44.60 46.46
N ALA B 122 -10.17 44.95 47.31
CA ALA B 122 -10.15 46.29 47.88
C ALA B 122 -10.00 47.35 46.80
N GLU B 123 -9.11 47.11 45.83
CA GLU B 123 -8.96 48.04 44.72
C GLU B 123 -10.25 48.12 43.90
N PHE B 124 -10.92 46.97 43.72
CA PHE B 124 -12.18 46.96 42.98
C PHE B 124 -13.21 47.86 43.67
N ILE B 125 -13.31 47.77 44.99
CA ILE B 125 -14.24 48.62 45.73
C ILE B 125 -13.85 50.08 45.57
N GLN B 126 -12.56 50.39 45.71
CA GLN B 126 -12.13 51.78 45.63
C GLN B 126 -12.41 52.36 44.25
N GLN B 127 -12.27 51.54 43.20
CA GLN B 127 -12.41 52.03 41.83
C GLN B 127 -13.88 52.15 41.42
N PHE B 128 -14.71 51.18 41.78
CA PHE B 128 -16.05 51.05 41.21
C PHE B 128 -17.16 51.24 42.23
N ASN B 129 -16.86 51.74 43.43
CA ASN B 129 -17.92 52.00 44.40
C ASN B 129 -18.90 53.04 43.85
N ASN B 130 -20.17 52.86 44.20
CA ASN B 130 -21.25 53.74 43.73
C ASN B 130 -21.40 53.69 42.21
N GLN B 131 -21.26 52.49 41.63
CA GLN B 131 -21.44 52.29 40.20
C GLN B 131 -22.30 51.04 39.97
N ALA B 132 -23.01 51.04 38.85
CA ALA B 132 -23.93 49.95 38.54
C ALA B 132 -23.23 48.82 37.82
N PHE B 133 -23.62 47.59 38.14
CA PHE B 133 -23.09 46.39 37.52
C PHE B 133 -24.22 45.40 37.28
N SER B 134 -24.23 44.79 36.09
CA SER B 134 -25.27 43.86 35.70
C SER B 134 -24.66 42.49 35.42
N VAL B 135 -25.46 41.44 35.66
CA VAL B 135 -24.99 40.08 35.40
C VAL B 135 -24.65 39.95 33.93
N GLY B 136 -23.47 39.39 33.66
CA GLY B 136 -22.98 39.26 32.30
C GLY B 136 -22.27 40.49 31.76
N GLN B 137 -22.19 41.56 32.53
CA GLN B 137 -21.52 42.76 32.07
C GLN B 137 -20.02 42.52 31.90
N GLN B 138 -19.45 43.09 30.86
CA GLN B 138 -18.03 42.98 30.57
C GLN B 138 -17.36 44.33 30.76
N LEU B 139 -16.16 44.33 31.32
CA LEU B 139 -15.40 45.55 31.54
C LEU B 139 -13.93 45.20 31.68
N VAL B 140 -13.10 46.24 31.77
CA VAL B 140 -11.66 46.10 31.92
C VAL B 140 -11.25 46.64 33.28
N PHE B 141 -10.42 45.88 33.99
CA PHE B 141 -9.98 46.23 35.34
C PHE B 141 -8.47 46.35 35.36
N SER B 142 -7.98 47.46 35.90
CA SER B 142 -6.54 47.72 36.01
C SER B 142 -6.12 47.47 37.45
N PHE B 143 -5.10 46.63 37.63
CA PHE B 143 -4.62 46.25 38.95
C PHE B 143 -3.10 46.09 38.89
N ASN B 144 -2.39 46.94 39.62
CA ASN B 144 -0.92 46.98 39.56
C ASN B 144 -0.43 47.08 38.12
N ASP B 145 -0.97 48.06 37.40
CA ASP B 145 -0.52 48.36 36.03
C ASP B 145 -0.65 47.14 35.12
N LYS B 146 -1.67 46.32 35.39
CA LYS B 146 -1.96 45.15 34.57
C LYS B 146 -3.46 45.13 34.26
N LEU B 147 -3.79 44.90 33.00
CA LEU B 147 -5.17 44.95 32.53
C LEU B 147 -5.78 43.55 32.60
N PHE B 148 -6.96 43.46 33.20
CA PHE B 148 -7.68 42.21 33.35
C PHE B 148 -9.10 42.37 32.81
N GLY B 149 -9.57 41.34 32.10
CA GLY B 149 -10.94 41.31 31.63
C GLY B 149 -11.83 40.65 32.66
N LEU B 150 -12.94 41.30 32.98
CA LEU B 150 -13.86 40.84 34.00
C LEU B 150 -15.20 40.49 33.38
N LEU B 151 -15.88 39.51 33.99
CA LEU B 151 -17.21 39.11 33.57
C LEU B 151 -18.03 38.85 34.83
N VAL B 152 -19.08 39.65 35.04
CA VAL B 152 -19.92 39.50 36.22
C VAL B 152 -20.75 38.23 36.07
N LYS B 153 -20.64 37.34 37.05
CA LYS B 153 -21.31 36.04 37.00
C LYS B 153 -22.55 35.96 37.87
N ASP B 154 -22.49 36.49 39.09
CA ASP B 154 -23.62 36.40 40.00
C ASP B 154 -23.62 37.62 40.91
N ILE B 155 -24.82 38.03 41.34
CA ILE B 155 -25.00 39.18 42.21
C ILE B 155 -25.99 38.81 43.31
N GLU B 156 -25.70 39.22 44.54
CA GLU B 156 -26.55 38.93 45.69
C GLU B 156 -26.78 40.21 46.48
N ALA B 157 -27.85 40.23 47.27
CA ALA B 157 -28.28 41.46 47.93
C ALA B 157 -27.54 41.68 49.25
N MET B 158 -27.47 42.95 49.65
CA MET B 158 -26.94 43.31 50.95
C MET B 158 -27.96 42.97 52.05
N ASP B 159 -27.45 42.75 53.25
CA ASP B 159 -28.30 42.47 54.40
C ASP B 159 -28.89 43.76 54.96
N ARG B 172 -31.61 36.37 53.87
CA ARG B 172 -30.63 36.46 52.79
C ARG B 172 -31.33 36.45 51.43
N GLN B 173 -31.82 37.62 51.03
CA GLN B 173 -32.58 37.74 49.79
C GLN B 173 -31.63 37.75 48.59
N LYS B 174 -32.00 36.99 47.56
CA LYS B 174 -31.27 37.02 46.30
C LYS B 174 -31.80 38.12 45.40
N ILE B 175 -30.90 38.77 44.66
CA ILE B 175 -31.28 39.78 43.68
C ILE B 175 -30.46 39.56 42.41
N GLU B 176 -30.88 40.23 41.34
CA GLU B 176 -30.20 40.12 40.06
C GLU B 176 -29.20 41.25 39.83
N VAL B 177 -29.49 42.44 40.36
CA VAL B 177 -28.63 43.61 40.18
C VAL B 177 -28.63 44.41 41.47
N GLY B 178 -27.54 45.12 41.73
CA GLY B 178 -27.43 45.89 42.96
C GLY B 178 -26.32 46.91 42.89
N LEU B 179 -25.90 47.35 44.07
CA LEU B 179 -24.84 48.34 44.25
C LEU B 179 -23.84 47.80 45.26
N VAL B 180 -22.56 47.80 44.89
CA VAL B 180 -21.52 47.34 45.81
C VAL B 180 -21.19 48.45 46.80
N VAL B 181 -20.96 48.07 48.05
CA VAL B 181 -20.65 49.02 49.12
C VAL B 181 -19.40 48.55 49.85
N GLY B 182 -18.93 49.40 50.77
CA GLY B 182 -17.66 49.14 51.43
C GLY B 182 -17.64 47.84 52.21
N ASN B 183 -18.70 47.55 52.96
CA ASN B 183 -18.75 46.36 53.81
C ASN B 183 -19.29 45.14 53.08
N SER B 184 -19.29 45.15 51.75
CA SER B 184 -19.70 43.97 51.00
C SER B 184 -18.63 42.89 51.09
N GLN B 185 -19.08 41.63 51.12
CA GLN B 185 -18.21 40.48 51.20
C GLN B 185 -18.21 39.73 49.88
N VAL B 186 -17.02 39.35 49.41
CA VAL B 186 -16.84 38.72 48.11
C VAL B 186 -16.11 37.39 48.31
N ALA B 187 -16.62 36.35 47.65
CA ALA B 187 -15.99 35.03 47.66
C ALA B 187 -15.76 34.60 46.23
N PHE B 188 -14.54 34.14 45.94
CA PHE B 188 -14.15 33.74 44.59
C PHE B 188 -14.18 32.22 44.45
N GLU B 189 -14.72 31.75 43.34
CA GLU B 189 -14.67 30.34 42.97
C GLU B 189 -14.16 30.23 41.54
N LYS B 190 -13.14 29.39 41.35
CA LYS B 190 -12.55 29.24 40.03
C LYS B 190 -13.53 28.57 39.08
N ALA B 191 -13.45 28.95 37.81
CA ALA B 191 -14.28 28.33 36.79
C ALA B 191 -13.92 26.85 36.66
N GLU B 192 -14.76 26.11 35.95
CA GLU B 192 -14.51 24.70 35.73
C GLU B 192 -13.22 24.50 34.96
N ASN B 193 -12.38 23.57 35.43
CA ASN B 193 -11.13 23.15 34.79
C ASN B 193 -10.01 24.15 34.97
N SER B 194 -10.25 25.30 35.59
CA SER B 194 -9.21 26.32 35.71
C SER B 194 -8.08 25.83 36.61
N SER B 195 -6.84 26.15 36.22
CA SER B 195 -5.67 25.80 37.00
C SER B 195 -5.37 26.82 38.10
N LEU B 196 -6.12 27.91 38.17
CA LEU B 196 -5.86 28.93 39.17
C LEU B 196 -5.95 28.33 40.57
N ASN B 197 -4.94 28.61 41.39
CA ASN B 197 -4.89 28.15 42.78
C ASN B 197 -5.23 29.32 43.68
N LEU B 198 -6.31 29.18 44.46
CA LEU B 198 -6.79 30.22 45.35
C LEU B 198 -6.63 29.78 46.80
N ILE B 199 -6.21 30.71 47.65
CA ILE B 199 -6.04 30.45 49.07
C ILE B 199 -6.74 31.53 49.87
N GLY B 200 -7.13 31.19 51.10
CA GLY B 200 -7.91 32.10 51.92
C GLY B 200 -9.40 31.83 51.81
N LYS B 201 -10.21 32.88 51.80
CA LYS B 201 -11.64 32.69 51.54
C LYS B 201 -11.85 32.09 50.15
N ALA B 202 -11.11 32.59 49.16
CA ALA B 202 -11.12 32.01 47.82
C ALA B 202 -10.37 30.68 47.87
N LYS B 203 -11.12 29.58 47.86
CA LYS B 203 -10.54 28.26 48.00
C LYS B 203 -11.51 27.22 47.46
N THR B 204 -11.03 26.36 46.56
CA THR B 204 -11.86 25.29 46.02
C THR B 204 -10.96 24.33 45.24
N LYS B 205 -11.16 23.03 45.46
CA LYS B 205 -10.46 22.02 44.69
C LYS B 205 -11.37 20.85 44.34
N GLU B 206 -12.68 21.11 44.23
CA GLU B 206 -13.65 20.10 43.83
C GLU B 206 -13.57 18.87 44.74
N ASN B 207 -14.28 17.81 44.36
CA ASN B 207 -14.39 16.58 45.15
C ASN B 207 -14.48 16.91 46.64
N ARG B 208 -15.60 17.56 46.98
CA ARG B 208 -15.82 17.96 48.37
C ARG B 208 -15.71 16.78 49.32
N GLN B 209 -16.36 15.68 48.98
CA GLN B 209 -16.31 14.46 49.78
C GLN B 209 -15.23 13.54 49.25
N SER B 210 -15.01 12.42 49.93
CA SER B 210 -14.01 11.45 49.50
C SER B 210 -14.43 10.81 48.18
N ILE B 211 -13.43 10.32 47.44
CA ILE B 211 -13.71 9.65 46.19
C ILE B 211 -14.43 8.33 46.42
N ILE B 212 -14.41 7.81 47.66
CA ILE B 212 -15.13 6.59 47.96
C ILE B 212 -16.63 6.85 47.89
N ASN B 213 -17.38 5.80 47.59
CA ASN B 213 -18.83 5.90 47.57
C ASN B 213 -19.33 6.25 48.98
N PRO B 214 -20.34 7.12 49.10
CA PRO B 214 -20.80 7.50 50.44
C PRO B 214 -21.32 6.32 51.26
N ASP B 215 -21.78 5.26 50.60
CA ASP B 215 -22.33 4.09 51.27
C ASP B 215 -21.62 2.85 50.75
N TRP B 216 -20.92 2.14 51.64
CA TRP B 216 -20.28 0.89 51.27
C TRP B 216 -19.85 0.12 52.52
N ASN B 217 -20.25 -1.15 52.62
CA ASN B 217 -19.87 -2.02 53.72
C ASN B 217 -19.19 -3.26 53.18
N PHE B 218 -18.21 -3.76 53.94
CA PHE B 218 -17.43 -4.92 53.50
C PHE B 218 -18.32 -6.13 53.28
N GLU B 219 -19.28 -6.35 54.19
CA GLU B 219 -20.14 -7.53 54.06
C GLU B 219 -20.89 -7.53 52.74
N LYS B 220 -21.24 -6.36 52.22
CA LYS B 220 -22.02 -6.28 50.98
C LYS B 220 -21.21 -6.73 49.77
N MET B 221 -19.86 -6.71 49.86
CA MET B 221 -19.04 -7.09 48.72
C MET B 221 -19.22 -8.56 48.35
N GLY B 222 -19.75 -9.37 49.27
CA GLY B 222 -20.07 -10.78 48.97
C GLY B 222 -18.85 -11.67 48.96
N ILE B 223 -17.65 -11.10 49.11
CA ILE B 223 -16.40 -11.89 49.15
C ILE B 223 -16.26 -12.31 50.62
N GLY B 224 -15.68 -13.48 50.87
CA GLY B 224 -15.51 -13.98 52.25
C GLY B 224 -14.20 -14.69 52.46
N GLY B 225 -13.59 -14.56 53.63
CA GLY B 225 -12.36 -15.31 53.98
C GLY B 225 -11.12 -14.46 53.83
N LEU B 226 -11.09 -13.57 52.83
CA LEU B 226 -9.88 -12.77 52.56
C LEU B 226 -9.94 -11.52 53.43
N ASP B 227 -9.52 -11.63 54.68
CA ASP B 227 -9.56 -10.50 55.62
C ASP B 227 -8.21 -9.82 55.76
N LYS B 228 -7.16 -10.57 56.11
CA LYS B 228 -5.86 -9.97 56.32
C LYS B 228 -5.32 -9.34 55.04
N GLU B 229 -5.50 -10.03 53.91
CA GLU B 229 -5.02 -9.50 52.65
C GLU B 229 -5.73 -8.20 52.28
N PHE B 230 -7.04 -8.14 52.51
CA PHE B 230 -7.79 -6.91 52.25
C PHE B 230 -7.27 -5.77 53.11
N SER B 231 -7.05 -6.03 54.40
CA SER B 231 -6.52 -4.99 55.29
C SER B 231 -5.16 -4.50 54.81
N ASP B 232 -4.28 -5.44 54.45
CA ASP B 232 -2.94 -5.06 54.01
C ASP B 232 -3.01 -4.24 52.72
N ILE B 233 -3.82 -4.68 51.76
CA ILE B 233 -3.88 -3.98 50.48
C ILE B 233 -4.46 -2.59 50.66
N PHE B 234 -5.49 -2.44 51.50
CA PHE B 234 -6.03 -1.12 51.78
C PHE B 234 -4.96 -0.23 52.44
N ARG B 235 -4.27 -0.77 53.45
CA ARG B 235 -3.21 0.00 54.11
C ARG B 235 -2.18 0.48 53.09
N ARG B 236 -1.79 -0.39 52.17
CA ARG B 236 -0.69 -0.06 51.28
C ARG B 236 -1.11 0.91 50.18
N ALA B 237 -2.31 0.73 49.61
CA ALA B 237 -2.64 1.42 48.37
C ALA B 237 -3.84 2.36 48.49
N PHE B 238 -4.36 2.61 49.69
CA PHE B 238 -5.46 3.55 49.84
C PHE B 238 -5.35 4.44 51.07
N ALA B 239 -4.28 4.33 51.86
CA ALA B 239 -4.16 5.18 53.05
C ALA B 239 -4.02 6.65 52.66
N SER B 240 -3.23 6.94 51.64
CA SER B 240 -2.91 8.32 51.28
C SER B 240 -3.96 8.98 50.38
N ARG B 241 -4.98 8.24 49.96
CA ARG B 241 -5.96 8.75 49.02
C ARG B 241 -7.28 9.16 49.68
N VAL B 242 -7.37 9.14 51.00
CA VAL B 242 -8.65 9.30 51.67
C VAL B 242 -8.66 10.41 52.72
N PHE B 243 -7.55 11.10 52.99
CA PHE B 243 -7.58 12.21 53.93
C PHE B 243 -7.58 13.56 53.21
N PRO B 244 -7.87 14.64 53.94
CA PRO B 244 -7.95 15.94 53.29
C PRO B 244 -6.66 16.30 52.57
N PRO B 245 -6.75 16.98 51.43
CA PRO B 245 -5.53 17.22 50.62
C PRO B 245 -4.45 18.00 51.32
N GLU B 246 -4.76 18.84 52.32
CA GLU B 246 -3.76 19.71 52.90
C GLU B 246 -2.61 18.90 53.52
N ILE B 247 -2.96 17.89 54.31
CA ILE B 247 -1.93 17.13 55.02
C ILE B 247 -1.06 16.37 54.04
N VAL B 248 -1.67 15.77 53.01
CA VAL B 248 -0.88 15.03 52.02
C VAL B 248 0.01 15.97 51.22
N GLU B 249 -0.50 17.16 50.87
CA GLU B 249 0.31 18.13 50.16
C GLU B 249 1.52 18.54 51.00
N GLN B 250 1.31 18.81 52.28
CA GLN B 250 2.44 18.98 53.18
C GLN B 250 3.33 17.75 53.19
N MET B 251 2.73 16.58 52.97
CA MET B 251 3.43 15.31 53.14
C MET B 251 4.55 15.17 52.12
N GLY B 252 4.29 15.55 50.87
CA GLY B 252 5.29 15.45 49.82
C GLY B 252 5.49 14.06 49.26
N CYS B 253 4.54 13.16 49.46
CA CYS B 253 4.65 11.79 49.00
C CYS B 253 4.01 11.64 47.62
N LYS B 254 3.89 10.40 47.15
CA LYS B 254 3.20 10.08 45.91
C LYS B 254 2.47 8.75 46.08
N HIS B 255 1.33 8.63 45.42
CA HIS B 255 0.49 7.45 45.58
C HIS B 255 1.07 6.25 44.86
N VAL B 256 0.73 5.06 45.34
CA VAL B 256 1.14 3.82 44.68
C VAL B 256 0.34 3.65 43.39
N LYS B 257 0.98 3.05 42.39
CA LYS B 257 0.40 2.93 41.06
C LYS B 257 0.59 1.51 40.52
N GLY B 258 0.27 0.51 41.34
CA GLY B 258 0.36 -0.86 40.88
C GLY B 258 0.05 -1.89 41.95
N ILE B 259 -0.72 -2.91 41.58
CA ILE B 259 -1.05 -4.02 42.47
C ILE B 259 -0.97 -5.31 41.65
N LEU B 260 -0.45 -6.38 42.27
CA LEU B 260 -0.35 -7.67 41.62
C LEU B 260 -0.92 -8.76 42.52
N LEU B 261 -1.71 -9.65 41.93
CA LEU B 261 -2.32 -10.76 42.66
C LEU B 261 -2.04 -12.06 41.94
N TYR B 262 -1.72 -13.10 42.70
CA TYR B 262 -1.49 -14.42 42.11
C TYR B 262 -1.98 -15.50 43.05
N GLY B 263 -2.17 -16.69 42.51
CA GLY B 263 -2.61 -17.83 43.27
C GLY B 263 -3.20 -18.92 42.40
N PRO B 264 -3.52 -20.06 43.00
CA PRO B 264 -4.13 -21.14 42.23
C PRO B 264 -5.45 -20.70 41.65
N PRO B 265 -5.88 -21.26 40.50
CA PRO B 265 -7.11 -20.78 39.85
C PRO B 265 -8.41 -20.93 40.63
N GLY B 266 -9.45 -20.19 40.26
CA GLY B 266 -10.79 -20.33 40.86
C GLY B 266 -10.82 -20.07 42.35
N CYS B 267 -10.01 -19.14 42.86
CA CYS B 267 -10.04 -18.73 44.29
C CYS B 267 -10.74 -17.39 44.36
N GLY B 268 -11.35 -16.93 43.26
CA GLY B 268 -12.11 -15.68 43.23
C GLY B 268 -11.24 -14.48 42.92
N LYS B 269 -10.01 -14.68 42.45
CA LYS B 269 -9.10 -13.54 42.23
C LYS B 269 -9.85 -12.49 41.43
N THR B 270 -10.65 -12.91 40.44
CA THR B 270 -11.42 -11.98 39.59
C THR B 270 -12.41 -11.19 40.42
N LEU B 271 -13.23 -11.86 41.21
CA LEU B 271 -14.29 -11.20 42.00
C LEU B 271 -13.71 -10.00 42.74
N LEU B 272 -12.51 -10.10 43.30
CA LEU B 272 -11.89 -9.06 44.10
C LEU B 272 -11.60 -7.83 43.26
N ALA B 273 -11.05 -8.03 42.06
CA ALA B 273 -10.73 -6.90 41.20
C ALA B 273 -11.98 -6.12 40.82
N ARG B 274 -13.04 -6.85 40.42
CA ARG B 274 -14.28 -6.18 40.04
C ARG B 274 -14.85 -5.39 41.21
N GLN B 275 -14.88 -5.99 42.40
CA GLN B 275 -15.48 -5.32 43.55
C GLN B 275 -14.65 -4.12 43.98
N ILE B 276 -13.32 -4.22 43.96
CA ILE B 276 -12.50 -3.07 44.34
C ILE B 276 -12.64 -1.96 43.31
N GLY B 277 -12.74 -2.31 42.03
CA GLY B 277 -12.95 -1.30 41.01
C GLY B 277 -14.27 -0.57 41.18
N LYS B 278 -15.35 -1.32 41.40
CA LYS B 278 -16.66 -0.71 41.54
C LYS B 278 -16.84 -0.01 42.88
N MET B 279 -16.04 -0.38 43.88
CA MET B 279 -16.20 0.21 45.20
C MET B 279 -15.96 1.72 45.18
N LEU B 280 -14.90 2.15 44.50
CA LEU B 280 -14.61 3.57 44.39
C LEU B 280 -15.60 4.24 43.43
N ASN B 281 -15.75 5.55 43.59
CA ASN B 281 -16.62 6.33 42.71
C ASN B 281 -15.98 6.62 41.37
N ALA B 282 -14.74 6.16 41.15
CA ALA B 282 -14.04 6.45 39.91
C ALA B 282 -14.84 5.99 38.70
N ARG B 283 -14.41 6.43 37.53
CA ARG B 283 -15.12 6.13 36.30
C ARG B 283 -15.12 4.63 36.04
N GLU B 284 -15.90 4.22 35.04
CA GLU B 284 -16.04 2.80 34.74
C GLU B 284 -14.68 2.24 34.31
N PRO B 285 -14.22 1.14 34.91
CA PRO B 285 -12.90 0.62 34.56
C PRO B 285 -12.87 0.07 33.15
N LYS B 286 -11.70 0.18 32.52
CA LYS B 286 -11.45 -0.43 31.23
C LYS B 286 -10.99 -1.86 31.40
N VAL B 287 -11.03 -2.62 30.32
CA VAL B 287 -10.66 -4.04 30.33
C VAL B 287 -9.79 -4.33 29.12
N VAL B 288 -8.67 -5.02 29.35
CA VAL B 288 -7.78 -5.47 28.29
C VAL B 288 -7.77 -7.00 28.38
N ASN B 289 -8.64 -7.65 27.59
CA ASN B 289 -8.86 -9.08 27.69
C ASN B 289 -7.69 -9.82 27.04
N GLY B 290 -6.58 -9.87 27.78
CA GLY B 290 -5.43 -10.65 27.39
C GLY B 290 -4.93 -10.34 25.99
N PRO B 291 -4.90 -11.36 25.10
CA PRO B 291 -4.33 -11.18 23.76
C PRO B 291 -5.27 -10.49 22.77
N GLU B 292 -5.86 -9.37 23.20
CA GLU B 292 -6.73 -8.57 22.35
C GLU B 292 -5.97 -7.53 21.53
N ILE B 293 -4.68 -7.34 21.79
CA ILE B 293 -3.94 -6.23 21.19
C ILE B 293 -2.99 -6.68 20.08
N LEU B 294 -2.68 -7.96 19.98
CA LEU B 294 -1.80 -8.43 18.92
C LEU B 294 -2.44 -8.20 17.56
N ASN B 295 -1.61 -7.85 16.58
CA ASN B 295 -2.09 -7.57 15.23
C ASN B 295 -1.00 -7.94 14.23
N LYS B 296 -1.43 -8.25 13.01
CA LYS B 296 -0.49 -8.66 11.97
C LYS B 296 0.27 -7.46 11.40
N TYR B 297 -0.41 -6.33 11.22
CA TYR B 297 0.24 -5.17 10.63
C TYR B 297 1.31 -4.61 11.56
N VAL B 298 2.41 -4.14 10.96
CA VAL B 298 3.52 -3.63 11.74
C VAL B 298 3.11 -2.36 12.46
N GLY B 299 3.58 -2.21 13.70
CA GLY B 299 3.39 -0.99 14.45
C GLY B 299 1.93 -0.67 14.75
N GLU B 300 1.17 -1.65 15.20
CA GLU B 300 -0.23 -1.44 15.60
C GLU B 300 -0.51 -1.86 17.03
N SER B 301 0.10 -2.94 17.51
CA SER B 301 -0.06 -3.29 18.91
C SER B 301 0.34 -2.13 19.81
N GLU B 302 1.36 -1.37 19.40
CA GLU B 302 1.78 -0.21 20.18
C GLU B 302 0.68 0.84 20.22
N ALA B 303 -0.02 1.05 19.11
CA ALA B 303 -1.15 1.97 19.10
C ALA B 303 -2.24 1.48 20.05
N ASN B 304 -2.52 0.17 20.03
CA ASN B 304 -3.52 -0.38 20.94
C ASN B 304 -3.13 -0.11 22.39
N ILE B 305 -1.86 -0.32 22.73
CA ILE B 305 -1.41 -0.06 24.09
C ILE B 305 -1.56 1.42 24.43
N ARG B 306 -1.11 2.30 23.54
CA ARG B 306 -1.12 3.73 23.82
C ARG B 306 -2.55 4.26 23.96
N LYS B 307 -3.52 3.66 23.27
CA LYS B 307 -4.88 4.16 23.33
C LYS B 307 -5.41 4.18 24.77
N LEU B 308 -4.89 3.30 25.62
CA LEU B 308 -5.47 3.16 26.96
C LEU B 308 -5.31 4.44 27.79
N PHE B 309 -4.15 5.08 27.71
CA PHE B 309 -3.81 6.17 28.62
C PHE B 309 -4.21 7.54 28.08
N ALA B 310 -4.92 7.61 26.97
CA ALA B 310 -5.25 8.89 26.36
C ALA B 310 -6.10 9.74 27.30
N ASP B 311 -7.19 9.18 27.81
CA ASP B 311 -8.12 9.96 28.61
C ASP B 311 -7.47 10.45 29.90
N ALA B 312 -6.69 9.59 30.56
CA ALA B 312 -6.03 10.00 31.80
C ALA B 312 -5.05 11.13 31.53
N GLU B 313 -4.28 11.04 30.44
CA GLU B 313 -3.35 12.11 30.10
C GLU B 313 -4.10 13.41 29.83
N GLU B 314 -5.21 13.32 29.10
CA GLU B 314 -5.98 14.54 28.82
C GLU B 314 -6.51 15.16 30.09
N GLU B 315 -7.02 14.34 31.01
CA GLU B 315 -7.54 14.88 32.27
C GLU B 315 -6.43 15.51 33.09
N GLN B 316 -5.26 14.87 33.15
CA GLN B 316 -4.14 15.47 33.88
C GLN B 316 -3.69 16.77 33.22
N ARG B 317 -3.81 16.86 31.90
CA ARG B 317 -3.43 18.09 31.22
C ARG B 317 -4.41 19.21 31.52
N ARG B 318 -5.71 18.92 31.46
CA ARG B 318 -6.73 19.94 31.66
C ARG B 318 -6.78 20.37 33.13
N LEU B 319 -7.08 19.44 34.02
CA LEU B 319 -7.08 19.70 35.45
C LEU B 319 -5.71 19.36 36.04
N GLY B 320 -5.57 19.54 37.35
CA GLY B 320 -4.32 19.22 38.02
C GLY B 320 -4.50 18.94 39.49
N ALA B 321 -4.00 17.79 39.95
CA ALA B 321 -4.12 17.37 41.33
C ALA B 321 -5.57 17.28 41.79
N ASN B 322 -6.51 17.23 40.85
CA ASN B 322 -7.92 17.16 41.18
C ASN B 322 -8.69 16.17 40.32
N SER B 323 -8.06 15.52 39.35
CA SER B 323 -8.76 14.60 38.47
C SER B 323 -9.17 13.35 39.22
N GLY B 324 -10.23 12.70 38.73
CA GLY B 324 -10.67 11.46 39.31
C GLY B 324 -9.75 10.31 38.97
N LEU B 325 -9.97 9.18 39.64
CA LEU B 325 -9.12 8.01 39.44
C LEU B 325 -9.53 7.26 38.19
N HIS B 326 -8.55 6.61 37.57
CA HIS B 326 -8.76 5.75 36.42
C HIS B 326 -8.28 4.35 36.75
N ILE B 327 -9.10 3.35 36.43
CA ILE B 327 -8.83 1.96 36.78
C ILE B 327 -8.76 1.14 35.51
N ILE B 328 -7.73 0.30 35.41
CA ILE B 328 -7.55 -0.62 34.30
C ILE B 328 -7.41 -2.03 34.86
N ILE B 329 -8.15 -2.97 34.29
CA ILE B 329 -8.14 -4.36 34.72
C ILE B 329 -7.49 -5.19 33.62
N PHE B 330 -6.51 -6.01 34.00
N PHE B 330 -6.50 -6.00 34.00
CA PHE B 330 -5.75 -6.84 33.09
CA PHE B 330 -5.77 -6.84 33.07
C PHE B 330 -6.07 -8.31 33.32
C PHE B 330 -6.09 -8.31 33.31
N ASP B 331 -5.78 -9.13 32.32
CA ASP B 331 -5.99 -10.57 32.40
C ASP B 331 -4.79 -11.28 31.81
N GLU B 332 -4.27 -12.27 32.53
CA GLU B 332 -3.16 -13.11 32.07
C GLU B 332 -2.01 -12.24 31.56
N ILE B 333 -1.42 -11.50 32.51
CA ILE B 333 -0.28 -10.64 32.20
C ILE B 333 0.84 -11.43 31.55
N ASP B 334 0.92 -12.74 31.80
CA ASP B 334 1.95 -13.56 31.21
C ASP B 334 1.81 -13.66 29.69
N ALA B 335 0.64 -13.36 29.14
CA ALA B 335 0.40 -13.59 27.72
C ALA B 335 1.35 -12.78 26.85
N ILE B 336 1.56 -11.50 27.20
CA ILE B 336 2.36 -10.60 26.39
C ILE B 336 3.61 -10.14 27.11
N CYS B 337 3.50 -9.76 28.38
CA CYS B 337 4.63 -9.17 29.11
C CYS B 337 5.61 -10.28 29.52
N LYS B 338 6.25 -10.85 28.52
CA LYS B 338 7.21 -11.92 28.72
C LYS B 338 8.60 -11.34 28.97
N GLN B 339 9.38 -12.05 29.77
CA GLN B 339 10.74 -11.61 30.11
C GLN B 339 11.57 -11.48 28.84
N ARG B 340 11.99 -10.25 28.51
CA ARG B 340 12.76 -10.03 27.30
C ARG B 340 13.94 -10.97 27.22
N GLY B 341 14.62 -11.20 28.34
CA GLY B 341 15.63 -12.24 28.39
C GLY B 341 16.86 -11.91 27.57
N SER B 342 17.58 -12.98 27.22
CA SER B 342 18.82 -12.83 26.46
C SER B 342 18.56 -12.16 25.12
N MET B 343 17.42 -12.42 24.51
CA MET B 343 17.06 -11.83 23.22
C MET B 343 18.07 -12.18 22.14
N ALA B 344 18.72 -13.34 22.28
CA ALA B 344 19.73 -13.79 21.32
C ALA B 344 19.02 -14.28 20.06
N GLY B 345 18.65 -13.32 19.21
CA GLY B 345 17.95 -13.62 17.98
C GLY B 345 16.76 -12.70 17.78
N SER B 346 15.71 -13.22 17.15
CA SER B 346 14.48 -12.46 16.92
C SER B 346 13.40 -12.99 17.85
N THR B 347 12.87 -12.11 18.70
CA THR B 347 11.82 -12.46 19.64
C THR B 347 10.43 -12.25 19.06
N GLY B 348 10.31 -11.62 17.90
CA GLY B 348 9.02 -11.39 17.30
C GLY B 348 8.37 -10.11 17.79
N VAL B 349 7.08 -10.19 18.14
CA VAL B 349 6.36 -9.00 18.59
C VAL B 349 6.48 -8.78 20.09
N HIS B 350 6.80 -9.81 20.87
CA HIS B 350 6.86 -9.65 22.31
C HIS B 350 7.88 -8.61 22.75
N ASP B 351 8.99 -8.48 22.01
CA ASP B 351 10.02 -7.52 22.39
C ASP B 351 9.51 -6.08 22.34
N THR B 352 8.75 -5.74 21.30
CA THR B 352 8.35 -4.36 21.08
C THR B 352 7.22 -3.93 22.01
N VAL B 353 6.32 -4.83 22.39
CA VAL B 353 5.20 -4.46 23.25
C VAL B 353 5.68 -4.16 24.67
N VAL B 354 6.64 -4.94 25.17
CA VAL B 354 7.10 -4.75 26.54
C VAL B 354 7.73 -3.37 26.70
N ASN B 355 8.56 -2.97 25.74
CA ASN B 355 9.19 -1.66 25.82
C ASN B 355 8.15 -0.54 25.82
N GLN B 356 7.15 -0.65 24.94
CA GLN B 356 6.11 0.36 24.89
C GLN B 356 5.35 0.44 26.20
N LEU B 357 5.01 -0.72 26.78
CA LEU B 357 4.28 -0.71 28.05
C LEU B 357 5.12 -0.12 29.16
N LEU B 358 6.42 -0.44 29.20
CA LEU B 358 7.25 0.01 30.31
C LEU B 358 7.59 1.50 30.18
N SER B 359 7.62 2.03 28.96
CA SER B 359 7.97 3.43 28.78
C SER B 359 6.81 4.37 29.09
N LYS B 360 5.59 3.85 29.23
CA LYS B 360 4.43 4.69 29.54
C LYS B 360 4.19 4.84 31.03
N ILE B 361 4.43 3.78 31.81
CA ILE B 361 4.07 3.80 33.22
C ILE B 361 4.86 4.88 33.96
N ASP B 362 6.17 4.96 33.69
CA ASP B 362 7.03 5.97 34.32
C ASP B 362 8.02 6.44 33.25
N GLY B 363 7.69 7.53 32.56
CA GLY B 363 8.55 8.06 31.53
C GLY B 363 9.01 9.48 31.82
N VAL B 364 9.33 10.24 30.78
CA VAL B 364 9.76 11.62 30.97
C VAL B 364 8.62 12.44 31.56
N GLU B 365 7.41 12.24 31.07
CA GLU B 365 6.23 12.91 31.59
C GLU B 365 5.69 12.13 32.78
N GLN B 366 5.13 12.85 33.75
CA GLN B 366 4.70 12.28 35.02
C GLN B 366 3.18 12.15 35.05
N LEU B 367 2.71 10.98 35.49
CA LEU B 367 1.30 10.71 35.72
C LEU B 367 1.06 10.50 37.20
N ASN B 368 -0.08 10.98 37.70
CA ASN B 368 -0.36 10.89 39.13
C ASN B 368 -1.82 10.54 39.41
N ASN B 369 -2.56 10.05 38.42
CA ASN B 369 -3.98 9.75 38.59
C ASN B 369 -4.33 8.43 37.92
N ILE B 370 -3.51 7.40 38.10
CA ILE B 370 -3.70 6.11 37.46
C ILE B 370 -3.49 5.00 38.49
N LEU B 371 -4.06 3.84 38.20
CA LEU B 371 -3.90 2.66 39.05
C LEU B 371 -4.04 1.42 38.19
N VAL B 372 -3.08 0.51 38.29
CA VAL B 372 -3.02 -0.69 37.46
C VAL B 372 -3.11 -1.91 38.37
N ILE B 373 -3.99 -2.84 38.01
CA ILE B 373 -4.18 -4.09 38.73
C ILE B 373 -3.83 -5.24 37.79
N GLY B 374 -2.99 -6.15 38.24
CA GLY B 374 -2.56 -7.30 37.45
C GLY B 374 -2.88 -8.60 38.14
N MET B 375 -3.36 -9.57 37.37
CA MET B 375 -3.68 -10.89 37.88
C MET B 375 -3.08 -11.94 36.95
N THR B 376 -2.40 -12.93 37.52
CA THR B 376 -1.77 -13.96 36.74
C THR B 376 -1.73 -15.25 37.55
N ASN B 377 -1.52 -16.36 36.85
CA ASN B 377 -1.44 -17.67 37.50
C ASN B 377 0.01 -18.06 37.79
N ARG B 378 0.95 -17.70 36.92
CA ARG B 378 2.35 -18.01 37.12
C ARG B 378 3.11 -16.73 37.45
N PRO B 379 3.64 -16.57 38.67
CA PRO B 379 4.28 -15.31 39.03
C PRO B 379 5.77 -15.21 38.69
N ASP B 380 6.38 -16.27 38.17
CA ASP B 380 7.82 -16.30 37.96
C ASP B 380 8.21 -16.09 36.51
N LEU B 381 7.27 -15.78 35.62
CA LEU B 381 7.56 -15.61 34.21
C LEU B 381 7.48 -14.15 33.77
N ILE B 382 6.92 -13.27 34.59
CA ILE B 382 6.86 -11.85 34.24
C ILE B 382 8.26 -11.25 34.29
N ASP B 383 8.48 -10.23 33.48
CA ASP B 383 9.79 -9.60 33.42
C ASP B 383 10.16 -8.98 34.76
N GLU B 384 11.44 -9.08 35.13
CA GLU B 384 11.88 -8.57 36.42
C GLU B 384 11.71 -7.06 36.51
N ALA B 385 12.10 -6.34 35.45
CA ALA B 385 12.07 -4.88 35.49
C ALA B 385 10.66 -4.33 35.70
N LEU B 386 9.64 -5.13 35.42
CA LEU B 386 8.25 -4.69 35.56
C LEU B 386 7.72 -4.84 36.98
N LEU B 387 8.52 -5.36 37.91
CA LEU B 387 8.08 -5.62 39.27
C LEU B 387 8.77 -4.72 40.30
N ARG B 388 9.70 -3.88 39.88
CA ARG B 388 10.44 -3.03 40.80
C ARG B 388 9.49 -2.03 41.47
N PRO B 389 9.81 -1.57 42.68
CA PRO B 389 9.02 -0.50 43.28
C PRO B 389 8.96 0.72 42.37
N GLY B 390 7.80 1.37 42.35
CA GLY B 390 7.51 2.42 41.40
C GLY B 390 6.60 1.99 40.26
N ARG B 391 6.43 0.68 40.08
CA ARG B 391 5.50 0.17 39.07
C ARG B 391 5.18 -1.28 39.44
N LEU B 392 3.93 -1.55 39.76
CA LEU B 392 3.52 -2.86 40.27
C LEU B 392 4.37 -3.26 41.47
N GLU B 393 4.26 -2.46 42.52
CA GLU B 393 5.08 -2.65 43.72
C GLU B 393 4.52 -3.76 44.60
N VAL B 394 3.30 -3.59 45.08
CA VAL B 394 2.71 -4.52 46.04
C VAL B 394 2.24 -5.76 45.30
N LYS B 395 2.67 -6.93 45.80
CA LYS B 395 2.26 -8.22 45.27
C LYS B 395 1.67 -9.05 46.39
N MET B 396 0.65 -9.84 46.07
CA MET B 396 -0.03 -10.64 47.08
C MET B 396 -0.46 -11.98 46.50
N GLU B 397 -0.65 -12.94 47.40
CA GLU B 397 -1.04 -14.30 47.07
C GLU B 397 -2.39 -14.61 47.70
N ILE B 398 -3.21 -15.35 46.95
CA ILE B 398 -4.52 -15.80 47.43
C ILE B 398 -4.49 -17.33 47.45
N GLY B 399 -4.59 -17.91 48.65
CA GLY B 399 -4.49 -19.34 48.82
C GLY B 399 -5.85 -20.00 49.06
N LEU B 400 -5.80 -21.31 49.24
CA LEU B 400 -7.02 -22.06 49.49
C LEU B 400 -7.62 -21.68 50.84
N PRO B 401 -8.94 -21.67 50.95
CA PRO B 401 -9.57 -21.27 52.21
C PRO B 401 -9.55 -22.38 53.25
N ASP B 402 -9.77 -21.98 54.50
CA ASP B 402 -9.85 -22.88 55.63
C ASP B 402 -11.32 -23.10 56.01
N GLU B 403 -11.54 -23.75 57.15
CA GLU B 403 -12.90 -24.07 57.58
C GLU B 403 -13.77 -22.83 57.64
N LYS B 404 -13.28 -21.76 58.27
CA LYS B 404 -14.09 -20.54 58.40
C LYS B 404 -14.41 -19.96 57.04
N GLY B 405 -13.46 -20.01 56.10
CA GLY B 405 -13.74 -19.53 54.76
C GLY B 405 -14.85 -20.30 54.08
N ARG B 406 -14.83 -21.63 54.22
CA ARG B 406 -15.91 -22.44 53.65
C ARG B 406 -17.24 -22.10 54.30
N LEU B 407 -17.25 -21.92 55.61
CA LEU B 407 -18.49 -21.54 56.29
C LEU B 407 -19.03 -20.22 55.75
N GLN B 408 -18.16 -19.22 55.63
CA GLN B 408 -18.59 -17.92 55.11
C GLN B 408 -19.11 -18.04 53.68
N ILE B 409 -18.41 -18.81 52.86
CA ILE B 409 -18.82 -19.00 51.45
C ILE B 409 -20.23 -19.56 51.49
N LEU B 410 -20.43 -20.67 52.15
CA LEU B 410 -21.72 -21.34 52.16
C LEU B 410 -22.82 -20.41 52.63
N HIS B 411 -22.56 -19.67 53.72
CA HIS B 411 -23.58 -18.75 54.22
C HIS B 411 -23.93 -17.69 53.19
N ILE B 412 -22.91 -17.15 52.54
CA ILE B 412 -23.12 -16.08 51.52
C ILE B 412 -24.01 -16.63 50.43
N HIS B 413 -23.64 -17.76 49.85
CA HIS B 413 -24.37 -18.30 48.69
C HIS B 413 -25.77 -18.76 49.10
N THR B 414 -25.99 -19.23 50.32
CA THR B 414 -27.29 -19.77 50.70
C THR B 414 -28.20 -18.73 51.36
N ALA B 415 -27.72 -17.51 51.59
CA ALA B 415 -28.57 -16.48 52.18
C ALA B 415 -29.82 -16.25 51.34
N ARG B 416 -29.66 -16.14 50.02
CA ARG B 416 -30.81 -15.85 49.17
C ARG B 416 -31.87 -16.94 49.28
N MET B 417 -31.45 -18.21 49.23
CA MET B 417 -32.40 -19.30 49.37
C MET B 417 -33.06 -19.27 50.74
N ARG B 418 -32.28 -19.00 51.80
CA ARG B 418 -32.87 -18.93 53.13
C ARG B 418 -33.85 -17.77 53.24
N GLY B 419 -33.75 -16.77 52.38
CA GLY B 419 -34.65 -15.63 52.47
C GLY B 419 -36.10 -16.00 52.27
N HIS B 420 -36.37 -16.88 51.30
CA HIS B 420 -37.73 -17.23 50.92
C HIS B 420 -38.23 -18.52 51.59
N GLN B 421 -37.60 -18.92 52.69
CA GLN B 421 -38.04 -20.08 53.47
C GLN B 421 -38.12 -21.34 52.62
N LEU B 422 -37.30 -21.42 51.57
CA LEU B 422 -37.24 -22.60 50.72
C LEU B 422 -36.19 -23.60 51.17
N LEU B 423 -35.42 -23.29 52.21
CA LEU B 423 -34.37 -24.15 52.71
C LEU B 423 -34.89 -24.89 53.95
N SER B 424 -34.85 -26.21 53.91
CA SER B 424 -35.33 -27.00 55.03
C SER B 424 -34.51 -26.72 56.28
N ALA B 425 -35.19 -26.69 57.43
CA ALA B 425 -34.50 -26.47 58.69
C ALA B 425 -33.59 -27.64 59.06
N ASP B 426 -33.72 -28.79 58.39
CA ASP B 426 -32.89 -29.95 58.73
C ASP B 426 -31.43 -29.69 58.44
N VAL B 427 -31.12 -29.01 57.33
CA VAL B 427 -29.74 -28.87 56.90
C VAL B 427 -28.95 -28.03 57.89
N ASP B 428 -27.67 -28.38 58.07
CA ASP B 428 -26.75 -27.62 58.88
C ASP B 428 -25.52 -27.27 58.05
N ILE B 429 -25.14 -26.00 58.07
CA ILE B 429 -23.99 -25.56 57.30
C ILE B 429 -22.68 -26.05 57.92
N LYS B 430 -22.64 -26.22 59.23
CA LYS B 430 -21.40 -26.60 59.90
C LYS B 430 -20.93 -27.97 59.43
N GLU B 431 -21.86 -28.92 59.28
CA GLU B 431 -21.48 -30.24 58.81
C GLU B 431 -20.89 -30.17 57.41
N LEU B 432 -21.50 -29.39 56.53
CA LEU B 432 -20.97 -29.23 55.18
C LEU B 432 -19.57 -28.62 55.23
N ALA B 433 -19.39 -27.58 56.05
CA ALA B 433 -18.09 -26.92 56.11
C ALA B 433 -17.01 -27.88 56.60
N VAL B 434 -17.30 -28.65 57.64
CA VAL B 434 -16.28 -29.56 58.17
C VAL B 434 -16.02 -30.70 57.19
N GLU B 435 -17.06 -31.18 56.52
CA GLU B 435 -16.89 -32.32 55.62
C GLU B 435 -16.01 -31.97 54.43
N THR B 436 -16.33 -30.87 53.74
CA THR B 436 -15.58 -30.50 52.55
C THR B 436 -14.17 -30.06 52.92
N LYS B 437 -13.17 -30.56 52.18
CA LYS B 437 -11.78 -30.25 52.43
C LYS B 437 -11.09 -29.87 51.12
N ASN B 438 -10.25 -28.84 51.19
CA ASN B 438 -9.44 -28.39 50.06
C ASN B 438 -10.29 -27.98 48.86
N PHE B 439 -11.59 -27.78 49.06
CA PHE B 439 -12.48 -27.32 47.97
C PHE B 439 -12.23 -25.83 47.74
N SER B 440 -12.42 -25.38 46.48
CA SER B 440 -12.28 -23.99 46.12
C SER B 440 -13.65 -23.38 45.85
N GLY B 441 -13.71 -22.06 45.80
CA GLY B 441 -14.99 -21.39 45.72
C GLY B 441 -15.84 -21.92 44.58
N ALA B 442 -15.23 -22.05 43.40
CA ALA B 442 -15.99 -22.53 42.27
C ALA B 442 -16.63 -23.86 42.57
N GLU B 443 -15.86 -24.77 43.17
CA GLU B 443 -16.42 -26.08 43.45
C GLU B 443 -17.55 -25.98 44.45
N LEU B 444 -17.45 -25.07 45.41
CA LEU B 444 -18.50 -24.95 46.41
C LEU B 444 -19.80 -24.47 45.79
N GLU B 445 -19.74 -23.41 44.99
CA GLU B 445 -20.97 -22.94 44.36
C GLU B 445 -21.50 -23.99 43.39
N GLY B 446 -20.60 -24.74 42.76
CA GLY B 446 -21.03 -25.84 41.93
C GLY B 446 -21.80 -26.88 42.71
N LEU B 447 -21.32 -27.20 43.90
CA LEU B 447 -22.02 -28.15 44.76
C LEU B 447 -23.39 -27.63 45.14
N VAL B 448 -23.51 -26.35 45.47
CA VAL B 448 -24.81 -25.77 45.81
C VAL B 448 -25.75 -25.89 44.62
N ARG B 449 -25.27 -25.58 43.42
N ARG B 449 -25.26 -25.59 43.42
CA ARG B 449 -26.10 -25.71 42.23
CA ARG B 449 -26.10 -25.71 42.23
C ARG B 449 -26.53 -27.15 42.01
C ARG B 449 -26.53 -27.15 42.00
N ALA B 450 -25.63 -28.11 42.23
CA ALA B 450 -25.97 -29.51 42.06
C ALA B 450 -27.07 -29.93 43.04
N ALA B 451 -26.97 -29.49 44.29
CA ALA B 451 -28.02 -29.80 45.26
C ALA B 451 -29.34 -29.18 44.83
N GLN B 452 -29.31 -27.93 44.38
CA GLN B 452 -30.54 -27.29 43.92
C GLN B 452 -31.16 -28.06 42.76
N SER B 453 -30.34 -28.47 41.80
CA SER B 453 -30.86 -29.18 40.63
C SER B 453 -31.37 -30.57 40.99
N THR B 454 -30.73 -31.24 41.96
CA THR B 454 -31.21 -32.56 42.38
C THR B 454 -32.56 -32.46 43.06
N ALA B 455 -32.69 -31.55 44.04
CA ALA B 455 -33.99 -31.34 44.66
C ALA B 455 -35.01 -30.87 43.63
N MET B 456 -34.54 -30.14 42.61
CA MET B 456 -35.40 -29.67 41.54
C MET B 456 -35.98 -30.83 40.76
N ASN B 457 -35.11 -31.74 40.31
CA ASN B 457 -35.55 -32.90 39.54
C ASN B 457 -36.39 -33.84 40.37
N ARG B 458 -36.22 -33.82 41.68
CA ARG B 458 -37.00 -34.74 42.50
C ARG B 458 -38.49 -34.54 42.32
N HIS B 459 -38.93 -33.32 42.03
CA HIS B 459 -40.34 -33.04 41.83
C HIS B 459 -40.78 -33.16 40.37
N ILE B 460 -39.85 -33.34 39.44
CA ILE B 460 -40.22 -33.39 38.03
C ILE B 460 -40.89 -34.70 37.65
N LYS B 461 -40.87 -35.69 38.54
CA LYS B 461 -41.39 -37.02 38.23
C LYS B 461 -42.67 -37.35 39.00
N ALA B 462 -43.14 -36.46 39.87
CA ALA B 462 -44.29 -36.73 40.71
C ALA B 462 -45.40 -35.70 40.58
N SER B 463 -45.05 -34.43 40.35
CA SER B 463 -46.03 -33.36 40.35
C SER B 463 -46.29 -32.82 38.95
N THR B 464 -45.26 -32.28 38.29
CA THR B 464 -45.42 -31.75 36.94
C THR B 464 -45.41 -32.83 35.88
N LYS B 465 -44.98 -34.04 36.23
CA LYS B 465 -45.06 -35.16 35.29
C LYS B 465 -46.51 -35.57 35.05
N VAL B 466 -47.34 -35.57 36.11
CA VAL B 466 -48.72 -36.02 36.02
C VAL B 466 -49.70 -34.85 35.97
N GLU B 467 -49.21 -33.62 35.91
CA GLU B 467 -50.06 -32.44 35.86
C GLU B 467 -51.07 -32.44 37.01
N VAL B 468 -50.57 -32.71 38.21
CA VAL B 468 -51.36 -32.63 39.42
C VAL B 468 -51.09 -31.29 40.07
N ASP B 469 -51.92 -30.93 41.05
CA ASP B 469 -51.79 -29.64 41.71
C ASP B 469 -50.33 -29.35 42.05
N MET B 470 -49.85 -28.20 41.59
CA MET B 470 -48.46 -27.80 41.82
C MET B 470 -48.22 -27.34 43.23
N GLU B 471 -49.24 -27.47 44.09
CA GLU B 471 -49.03 -27.15 45.49
C GLU B 471 -48.06 -28.13 46.14
N LYS B 472 -48.17 -29.40 45.78
CA LYS B 472 -47.15 -30.35 46.19
C LYS B 472 -45.81 -29.98 45.57
N ALA B 473 -45.84 -29.35 44.39
CA ALA B 473 -44.61 -28.81 43.84
C ALA B 473 -44.21 -27.54 44.58
N GLU B 474 -45.20 -26.74 45.01
CA GLU B 474 -44.90 -25.52 45.75
C GLU B 474 -44.27 -25.82 47.10
N SER B 475 -44.45 -27.03 47.63
CA SER B 475 -43.83 -27.41 48.89
C SER B 475 -42.37 -27.84 48.74
N LEU B 476 -41.75 -27.54 47.60
CA LEU B 476 -40.37 -27.96 47.38
C LEU B 476 -39.45 -27.38 48.45
N GLN B 477 -38.52 -28.19 48.93
CA GLN B 477 -37.56 -27.75 49.93
C GLN B 477 -36.33 -28.65 49.82
N VAL B 478 -35.16 -28.04 49.67
CA VAL B 478 -33.92 -28.80 49.63
C VAL B 478 -33.66 -29.43 50.99
N THR B 479 -33.13 -30.65 50.99
CA THR B 479 -32.91 -31.41 52.21
C THR B 479 -31.48 -31.93 52.27
N ARG B 480 -31.04 -32.26 53.48
CA ARG B 480 -29.69 -32.76 53.67
C ARG B 480 -29.42 -33.99 52.81
N GLY B 481 -30.44 -34.83 52.60
CA GLY B 481 -30.26 -35.99 51.74
C GLY B 481 -29.80 -35.61 50.35
N ASP B 482 -30.38 -34.54 49.79
CA ASP B 482 -29.95 -34.07 48.48
C ASP B 482 -28.50 -33.64 48.50
N PHE B 483 -28.09 -32.91 49.55
CA PHE B 483 -26.70 -32.49 49.67
C PHE B 483 -25.76 -33.69 49.70
N LEU B 484 -26.08 -34.69 50.51
CA LEU B 484 -25.19 -35.84 50.65
C LEU B 484 -25.19 -36.71 49.39
N ALA B 485 -26.30 -36.75 48.66
CA ALA B 485 -26.34 -37.52 47.43
C ALA B 485 -25.57 -36.82 46.31
N SER B 486 -25.70 -35.49 46.21
CA SER B 486 -25.01 -34.76 45.17
C SER B 486 -23.50 -34.72 45.39
N LEU B 487 -23.07 -34.57 46.65
CA LEU B 487 -21.65 -34.46 46.94
C LEU B 487 -20.87 -35.69 46.51
N GLU B 488 -21.53 -36.83 46.37
CA GLU B 488 -20.84 -38.09 46.09
C GLU B 488 -20.78 -38.43 44.60
N ASN B 489 -21.63 -37.81 43.76
CA ASN B 489 -21.71 -38.23 42.36
C ASN B 489 -21.85 -37.05 41.40
N ASP B 490 -21.49 -35.84 41.81
CA ASP B 490 -21.66 -34.69 40.92
C ASP B 490 -20.40 -33.86 40.75
N ILE B 491 -19.61 -33.71 41.81
CA ILE B 491 -18.43 -32.83 41.78
C ILE B 491 -17.19 -33.66 42.10
N LYS B 492 -16.12 -33.41 41.34
CA LYS B 492 -14.84 -34.08 41.52
C LYS B 492 -13.79 -33.01 41.80
N PRO B 493 -13.51 -32.71 43.07
CA PRO B 493 -12.60 -31.59 43.37
C PRO B 493 -11.23 -31.80 42.77
N ALA B 494 -10.65 -30.71 42.26
CA ALA B 494 -9.33 -30.79 41.64
C ALA B 494 -8.25 -31.11 42.67
N PHE B 495 -8.32 -30.48 43.84
CA PHE B 495 -7.30 -30.62 44.88
C PHE B 495 -7.80 -31.51 46.01
N GLY B 496 -8.56 -32.55 45.68
CA GLY B 496 -9.12 -33.45 46.67
C GLY B 496 -8.99 -34.89 46.24
N THR B 497 -9.36 -35.79 47.17
CA THR B 497 -9.31 -37.22 46.89
C THR B 497 -10.30 -37.56 45.77
N ASN B 498 -10.02 -38.66 45.09
CA ASN B 498 -10.83 -39.13 43.96
C ASN B 498 -11.01 -40.64 44.11
N GLN B 499 -12.19 -41.06 44.55
CA GLN B 499 -12.45 -42.46 44.89
C GLN B 499 -12.92 -43.24 43.65
N GLU B 500 -12.05 -43.29 42.64
CA GLU B 500 -12.26 -44.19 41.50
C GLU B 500 -10.98 -44.97 41.20
N ASP B 501 -9.83 -44.38 41.54
CA ASP B 501 -8.57 -45.06 41.28
C ASP B 501 -8.42 -46.32 42.12
N TYR B 502 -8.86 -46.28 43.38
CA TYR B 502 -8.74 -47.46 44.24
C TYR B 502 -9.52 -48.63 43.67
N ALA B 503 -10.75 -48.37 43.22
CA ALA B 503 -11.54 -49.41 42.57
C ALA B 503 -10.96 -49.84 41.23
N SER B 504 -10.02 -49.07 40.68
CA SER B 504 -9.41 -49.41 39.41
C SER B 504 -8.10 -50.17 39.57
N TYR B 505 -7.46 -50.08 40.73
CA TYR B 505 -6.20 -50.77 40.98
C TYR B 505 -6.35 -52.05 41.78
N ILE B 506 -7.10 -52.00 42.88
CA ILE B 506 -7.34 -53.18 43.72
C ILE B 506 -8.57 -53.89 43.13
N MET B 507 -8.32 -54.92 42.31
CA MET B 507 -9.40 -55.59 41.61
C MET B 507 -10.07 -56.66 42.48
N ASN B 508 -9.27 -57.48 43.17
CA ASN B 508 -9.78 -58.59 43.96
C ASN B 508 -9.58 -58.35 45.45
N GLY B 509 -9.63 -57.08 45.85
CA GLY B 509 -9.53 -56.77 47.26
C GLY B 509 -8.19 -57.19 47.86
N ILE B 510 -8.20 -57.37 49.17
CA ILE B 510 -7.03 -57.80 49.92
C ILE B 510 -7.44 -59.01 50.76
N ILE B 511 -6.64 -60.06 50.71
CA ILE B 511 -6.90 -61.29 51.45
C ILE B 511 -5.66 -61.66 52.25
N LYS B 512 -5.87 -62.06 53.50
CA LYS B 512 -4.79 -62.37 54.42
C LYS B 512 -4.51 -63.87 54.36
N TRP B 513 -3.37 -64.25 53.78
CA TRP B 513 -2.96 -65.64 53.72
C TRP B 513 -1.82 -65.96 54.68
N GLY B 514 -1.14 -64.96 55.23
CA GLY B 514 -0.01 -65.22 56.10
C GLY B 514 0.34 -64.00 56.91
N ASP B 515 1.25 -64.21 57.86
CA ASP B 515 1.68 -63.12 58.74
C ASP B 515 2.23 -61.91 58.00
N PRO B 516 3.01 -62.05 56.93
CA PRO B 516 3.73 -60.88 56.39
C PRO B 516 2.85 -59.69 56.01
N VAL B 517 1.61 -59.93 55.58
CA VAL B 517 0.75 -58.81 55.22
C VAL B 517 0.53 -57.92 56.44
N THR B 518 0.39 -58.54 57.62
CA THR B 518 0.17 -57.77 58.84
C THR B 518 1.36 -56.88 59.16
N ARG B 519 2.57 -57.42 59.05
CA ARG B 519 3.76 -56.59 59.28
C ARG B 519 3.84 -55.44 58.29
N VAL B 520 3.50 -55.71 57.02
CA VAL B 520 3.55 -54.63 56.03
C VAL B 520 2.59 -53.51 56.40
N LEU B 521 1.34 -53.89 56.73
CA LEU B 521 0.35 -52.87 57.08
C LEU B 521 0.75 -52.12 58.34
N ASP B 522 1.31 -52.83 59.34
CA ASP B 522 1.73 -52.17 60.56
C ASP B 522 2.84 -51.17 60.29
N ASP B 523 3.82 -51.54 59.46
CA ASP B 523 4.91 -50.62 59.13
C ASP B 523 4.37 -49.39 58.42
N GLY B 524 3.45 -49.58 57.48
CA GLY B 524 2.87 -48.44 56.80
C GLY B 524 2.12 -47.52 57.75
N GLU B 525 1.34 -48.10 58.66
CA GLU B 525 0.62 -47.28 59.64
C GLU B 525 1.59 -46.50 60.51
N LEU B 526 2.68 -47.14 60.95
CA LEU B 526 3.66 -46.43 61.75
C LEU B 526 4.28 -45.28 60.98
N LEU B 527 4.60 -45.50 59.71
CA LEU B 527 5.20 -44.42 58.92
C LEU B 527 4.24 -43.25 58.75
N VAL B 528 2.97 -43.53 58.46
CA VAL B 528 2.02 -42.44 58.25
C VAL B 528 1.81 -41.66 59.55
N GLN B 529 1.70 -42.37 60.68
CA GLN B 529 1.57 -41.68 61.95
C GLN B 529 2.80 -40.82 62.24
N GLN B 530 3.99 -41.36 61.98
CA GLN B 530 5.21 -40.60 62.22
C GLN B 530 5.22 -39.31 61.42
N THR B 531 4.91 -39.39 60.12
CA THR B 531 4.89 -38.17 59.32
C THR B 531 3.79 -37.22 59.78
N LYS B 532 2.69 -37.74 60.31
CA LYS B 532 1.61 -36.87 60.78
C LYS B 532 2.04 -36.08 62.02
N ASN B 533 2.70 -36.74 62.98
CA ASN B 533 2.94 -36.16 64.30
C ASN B 533 4.41 -35.83 64.53
N SER B 534 5.07 -35.25 63.53
CA SER B 534 6.46 -34.83 63.64
C SER B 534 6.59 -33.35 63.31
N ASP B 535 7.68 -32.75 63.75
CA ASP B 535 7.97 -31.34 63.51
C ASP B 535 9.31 -31.10 62.85
N ARG B 536 10.33 -31.88 63.19
CA ARG B 536 11.67 -31.71 62.63
C ARG B 536 11.93 -32.64 61.46
N THR B 537 10.94 -33.42 61.03
CA THR B 537 11.08 -34.35 59.91
C THR B 537 9.89 -34.17 58.97
N PRO B 538 9.82 -33.02 58.29
CA PRO B 538 8.65 -32.77 57.42
C PRO B 538 8.56 -33.70 56.22
N LEU B 539 9.64 -34.35 55.83
CA LEU B 539 9.67 -35.18 54.63
C LEU B 539 10.08 -36.60 55.01
N VAL B 540 9.44 -37.58 54.39
CA VAL B 540 9.72 -38.99 54.66
C VAL B 540 9.62 -39.77 53.35
N SER B 541 10.37 -40.87 53.27
CA SER B 541 10.36 -41.72 52.09
C SER B 541 10.36 -43.18 52.52
N VAL B 542 9.75 -44.02 51.69
CA VAL B 542 9.70 -45.46 51.93
C VAL B 542 9.62 -46.16 50.58
N LEU B 543 10.34 -47.26 50.44
CA LEU B 543 10.47 -47.98 49.18
C LEU B 543 10.02 -49.43 49.37
N LEU B 544 9.18 -49.90 48.45
CA LEU B 544 8.72 -51.28 48.43
C LEU B 544 9.38 -52.01 47.27
N GLU B 545 9.89 -53.21 47.54
CA GLU B 545 10.58 -54.01 46.54
C GLU B 545 10.25 -55.47 46.75
N GLY B 546 10.35 -56.26 45.68
CA GLY B 546 10.10 -57.68 45.75
C GLY B 546 10.14 -58.35 44.40
N PRO B 547 9.92 -59.67 44.39
CA PRO B 547 9.93 -60.41 43.13
C PRO B 547 8.73 -60.05 42.27
N PRO B 548 8.78 -60.32 40.97
CA PRO B 548 7.65 -59.97 40.10
C PRO B 548 6.39 -60.74 40.47
N HIS B 549 5.24 -60.13 40.17
CA HIS B 549 3.94 -60.76 40.37
C HIS B 549 3.66 -61.03 41.85
N SER B 550 4.28 -60.25 42.74
CA SER B 550 4.07 -60.41 44.17
C SER B 550 2.93 -59.58 44.72
N GLY B 551 2.45 -58.58 43.97
CA GLY B 551 1.32 -57.78 44.42
C GLY B 551 1.73 -56.55 45.21
N LYS B 552 2.60 -55.72 44.63
CA LYS B 552 3.12 -54.55 45.31
C LYS B 552 2.19 -53.34 45.16
N THR B 553 1.70 -53.10 43.93
CA THR B 553 0.89 -51.91 43.67
C THR B 553 -0.37 -51.90 44.53
N ALA B 554 -1.01 -53.05 44.69
CA ALA B 554 -2.22 -53.10 45.51
C ALA B 554 -1.92 -52.70 46.95
N LEU B 555 -0.83 -53.20 47.51
CA LEU B 555 -0.46 -52.83 48.87
C LEU B 555 -0.16 -51.34 48.99
N ALA B 556 0.55 -50.79 47.99
CA ALA B 556 0.83 -49.37 48.01
C ALA B 556 -0.46 -48.56 47.98
N ALA B 557 -1.40 -48.95 47.13
CA ALA B 557 -2.67 -48.24 47.05
C ALA B 557 -3.42 -48.33 48.37
N LYS B 558 -3.44 -49.51 48.98
CA LYS B 558 -4.16 -49.68 50.24
C LYS B 558 -3.57 -48.80 51.34
N ILE B 559 -2.23 -48.78 51.44
CA ILE B 559 -1.61 -48.01 52.51
C ILE B 559 -1.81 -46.51 52.26
N ALA B 560 -1.78 -46.09 50.99
CA ALA B 560 -2.07 -44.69 50.70
C ALA B 560 -3.51 -44.34 51.07
N GLU B 561 -4.45 -45.24 50.77
CA GLU B 561 -5.86 -44.96 51.05
C GLU B 561 -6.12 -44.88 52.55
N GLU B 562 -5.50 -45.77 53.34
CA GLU B 562 -5.81 -45.84 54.76
C GLU B 562 -5.42 -44.58 55.53
N SER B 563 -4.62 -43.69 54.95
CA SER B 563 -4.11 -42.54 55.68
C SER B 563 -5.21 -41.55 56.05
N ASN B 564 -6.21 -41.37 55.18
CA ASN B 564 -7.28 -40.40 55.35
C ASN B 564 -6.82 -38.97 55.11
N PHE B 565 -5.69 -38.78 54.43
CA PHE B 565 -5.22 -37.44 54.13
C PHE B 565 -6.18 -36.74 53.15
N PRO B 566 -6.21 -35.41 53.16
CA PRO B 566 -7.12 -34.70 52.25
C PRO B 566 -6.68 -34.78 50.79
N PHE B 567 -5.39 -34.95 50.52
CA PHE B 567 -4.86 -34.92 49.16
C PHE B 567 -4.10 -36.21 48.90
N ILE B 568 -4.44 -36.87 47.80
CA ILE B 568 -3.78 -38.11 47.38
C ILE B 568 -3.66 -38.09 45.87
N LYS B 569 -2.57 -38.66 45.36
CA LYS B 569 -2.38 -38.68 43.91
C LYS B 569 -1.50 -39.87 43.52
N ILE B 570 -1.74 -40.38 42.31
CA ILE B 570 -1.03 -41.52 41.76
C ILE B 570 -0.47 -41.11 40.40
N CYS B 571 0.80 -41.42 40.16
CA CYS B 571 1.48 -41.09 38.91
C CYS B 571 1.92 -42.40 38.26
N SER B 572 1.03 -43.01 37.48
CA SER B 572 1.32 -44.27 36.82
C SER B 572 1.93 -44.03 35.45
N PRO B 573 2.75 -44.97 34.94
CA PRO B 573 3.34 -44.77 33.61
C PRO B 573 2.38 -45.05 32.46
N ASP B 574 1.34 -45.87 32.67
CA ASP B 574 0.47 -46.27 31.58
C ASP B 574 -0.33 -45.11 31.00
N LYS B 575 -0.39 -43.96 31.67
CA LYS B 575 -1.12 -42.80 31.18
C LYS B 575 -0.23 -41.86 30.39
N MET B 576 1.01 -42.24 30.11
CA MET B 576 1.94 -41.43 29.33
C MET B 576 2.47 -42.19 28.13
N ILE B 577 1.64 -43.09 27.56
CA ILE B 577 2.07 -43.93 26.46
C ILE B 577 2.61 -43.07 25.33
N GLY B 578 3.80 -43.42 24.85
CA GLY B 578 4.39 -42.74 23.71
C GLY B 578 4.96 -41.37 24.01
N PHE B 579 4.97 -40.95 25.28
CA PHE B 579 5.50 -39.65 25.62
C PHE B 579 7.01 -39.62 25.46
N SER B 580 7.55 -38.41 25.36
CA SER B 580 8.99 -38.19 25.36
C SER B 580 9.44 -37.74 26.74
N GLU B 581 10.74 -37.89 26.99
CA GLU B 581 11.28 -37.64 28.33
C GLU B 581 10.85 -36.27 28.86
N THR B 582 10.86 -35.26 27.99
CA THR B 582 10.45 -33.92 28.42
C THR B 582 9.01 -33.92 28.92
N ALA B 583 8.13 -34.64 28.22
CA ALA B 583 6.73 -34.71 28.67
C ALA B 583 6.64 -35.35 30.05
N LYS B 584 7.38 -36.43 30.28
CA LYS B 584 7.33 -37.10 31.57
C LYS B 584 7.83 -36.18 32.68
N CYS B 585 8.94 -35.49 32.45
CA CYS B 585 9.47 -34.60 33.48
C CYS B 585 8.49 -33.47 33.75
N GLN B 586 7.87 -32.92 32.71
CA GLN B 586 6.88 -31.87 32.91
C GLN B 586 5.69 -32.37 33.72
N ALA B 587 5.21 -33.59 33.43
CA ALA B 587 4.09 -34.14 34.19
C ALA B 587 4.46 -34.31 35.65
N MET B 588 5.66 -34.85 35.92
CA MET B 588 6.09 -35.01 37.31
C MET B 588 6.18 -33.66 38.02
N LYS B 589 6.75 -32.66 37.34
CA LYS B 589 6.85 -31.34 37.96
C LYS B 589 5.48 -30.77 38.26
N LYS B 590 4.53 -30.91 37.33
CA LYS B 590 3.20 -30.37 37.55
C LYS B 590 2.51 -31.05 38.72
N ILE B 591 2.59 -32.38 38.79
CA ILE B 591 1.91 -33.10 39.87
C ILE B 591 2.51 -32.71 41.21
N PHE B 592 3.84 -32.61 41.29
CA PHE B 592 4.44 -32.24 42.58
C PHE B 592 4.14 -30.80 42.94
N ASP B 593 4.09 -29.91 41.96
CA ASP B 593 3.71 -28.52 42.25
C ASP B 593 2.29 -28.46 42.79
N ASP B 594 1.37 -29.21 42.19
CA ASP B 594 0.01 -29.25 42.69
C ASP B 594 -0.03 -29.79 44.12
N ALA B 595 0.77 -30.82 44.41
CA ALA B 595 0.79 -31.37 45.75
C ALA B 595 1.36 -30.38 46.75
N TYR B 596 2.27 -29.50 46.31
CA TYR B 596 2.92 -28.57 47.24
C TYR B 596 1.94 -27.63 47.93
N LYS B 597 0.75 -27.42 47.38
CA LYS B 597 -0.13 -26.36 47.84
C LYS B 597 -1.05 -26.77 48.98
N SER B 598 -0.97 -28.00 49.46
CA SER B 598 -1.82 -28.48 50.53
C SER B 598 -1.09 -28.44 51.88
N GLN B 599 -1.80 -28.88 52.92
CA GLN B 599 -1.21 -29.02 54.24
C GLN B 599 -0.78 -30.44 54.55
N LEU B 600 -1.35 -31.43 53.85
CA LEU B 600 -0.94 -32.82 53.94
C LEU B 600 -1.19 -33.46 52.59
N SER B 601 -0.33 -34.37 52.18
CA SER B 601 -0.44 -34.96 50.85
C SER B 601 0.24 -36.33 50.83
N CYS B 602 -0.13 -37.12 49.83
CA CYS B 602 0.45 -38.43 49.61
C CYS B 602 0.56 -38.68 48.11
N VAL B 603 1.77 -38.93 47.63
CA VAL B 603 2.05 -39.14 46.21
C VAL B 603 2.56 -40.56 46.06
N VAL B 604 1.95 -41.31 45.13
CA VAL B 604 2.37 -42.67 44.81
C VAL B 604 2.97 -42.67 43.42
N VAL B 605 4.15 -43.27 43.30
CA VAL B 605 4.81 -43.47 42.00
C VAL B 605 4.98 -44.98 41.84
N ASP B 606 4.47 -45.51 40.73
CA ASP B 606 4.37 -46.94 40.51
C ASP B 606 5.31 -47.38 39.40
N ASP B 607 5.98 -48.51 39.62
CA ASP B 607 6.85 -49.12 38.62
C ASP B 607 7.96 -48.16 38.22
N ILE B 608 8.80 -47.82 39.21
CA ILE B 608 9.86 -46.85 38.99
C ILE B 608 10.78 -47.31 37.87
N GLU B 609 11.16 -48.58 37.87
CA GLU B 609 12.10 -49.07 36.87
C GLU B 609 11.56 -48.86 35.45
N ARG B 610 10.24 -48.85 35.29
CA ARG B 610 9.67 -48.69 33.96
C ARG B 610 9.72 -47.25 33.49
N LEU B 611 9.62 -46.28 34.40
CA LEU B 611 9.70 -44.88 34.01
C LEU B 611 11.03 -44.56 33.36
N LEU B 612 12.12 -45.08 33.93
CA LEU B 612 13.46 -44.78 33.43
C LEU B 612 13.73 -45.37 32.06
N ASP B 613 12.87 -46.27 31.56
CA ASP B 613 13.13 -46.96 30.30
C ASP B 613 14.40 -47.81 30.40
N TYR B 614 14.38 -48.74 31.36
CA TYR B 614 15.52 -49.62 31.59
C TYR B 614 15.39 -50.88 30.75
N VAL B 615 16.55 -51.48 30.45
CA VAL B 615 16.60 -52.71 29.68
C VAL B 615 17.97 -53.35 29.93
N PRO B 616 18.04 -54.63 30.31
CA PRO B 616 19.34 -55.18 30.70
C PRO B 616 20.41 -55.07 29.62
N ILE B 617 20.05 -55.28 28.36
CA ILE B 617 21.01 -55.07 27.29
C ILE B 617 21.37 -53.59 27.26
N GLY B 618 22.59 -53.29 26.84
CA GLY B 618 23.09 -51.93 26.90
C GLY B 618 24.07 -51.74 28.06
N PRO B 619 23.60 -51.17 29.18
CA PRO B 619 22.22 -50.75 29.50
C PRO B 619 21.82 -49.42 28.87
N ARG B 620 20.53 -49.09 28.92
N ARG B 620 20.53 -49.09 28.92
CA ARG B 620 20.03 -47.83 28.41
CA ARG B 620 20.01 -47.84 28.39
C ARG B 620 19.00 -47.26 29.38
C ARG B 620 19.01 -47.26 29.38
N PHE B 621 18.86 -45.93 29.36
CA PHE B 621 17.86 -45.25 30.16
C PHE B 621 17.94 -43.76 29.82
N SER B 622 16.95 -43.01 30.31
CA SER B 622 16.88 -41.56 30.11
C SER B 622 17.45 -40.88 31.34
N ASN B 623 18.61 -40.23 31.17
CA ASN B 623 19.29 -39.61 32.30
C ASN B 623 18.45 -38.50 32.91
N LEU B 624 17.75 -37.73 32.08
CA LEU B 624 17.05 -36.55 32.55
C LEU B 624 16.00 -36.92 33.60
N VAL B 625 15.22 -37.97 33.34
CA VAL B 625 14.19 -38.38 34.29
C VAL B 625 14.80 -38.76 35.62
N LEU B 626 15.90 -39.52 35.58
CA LEU B 626 16.54 -39.95 36.81
C LEU B 626 17.05 -38.76 37.60
N GLN B 627 17.68 -37.80 36.93
CA GLN B 627 18.16 -36.61 37.64
C GLN B 627 17.00 -35.84 38.26
N ALA B 628 15.91 -35.66 37.50
CA ALA B 628 14.76 -34.95 38.04
C ALA B 628 14.24 -35.64 39.29
N LEU B 629 14.07 -36.96 39.23
CA LEU B 629 13.51 -37.68 40.38
C LEU B 629 14.45 -37.60 41.58
N LEU B 630 15.76 -37.73 41.35
CA LEU B 630 16.69 -37.60 42.47
C LEU B 630 16.58 -36.23 43.10
N VAL B 631 16.48 -35.18 42.30
CA VAL B 631 16.36 -33.83 42.86
C VAL B 631 15.07 -33.71 43.66
N LEU B 632 13.96 -34.24 43.14
CA LEU B 632 12.70 -34.18 43.87
C LEU B 632 12.80 -34.87 45.23
N LEU B 633 13.38 -36.07 45.25
CA LEU B 633 13.24 -36.93 46.42
C LEU B 633 13.93 -36.38 47.67
N LYS B 634 14.57 -35.22 47.58
CA LYS B 634 15.19 -34.60 48.76
C LYS B 634 14.93 -33.10 48.77
N LYS B 635 13.72 -32.69 48.39
CA LYS B 635 13.32 -31.28 48.42
C LYS B 635 12.20 -31.12 49.43
N ALA B 636 12.37 -30.18 50.37
CA ALA B 636 11.34 -29.96 51.38
C ALA B 636 10.32 -28.95 50.87
N PRO B 637 9.07 -29.05 51.30
CA PRO B 637 8.06 -28.07 50.89
C PRO B 637 8.26 -26.75 51.63
N PRO B 638 7.50 -25.72 51.29
CA PRO B 638 7.58 -24.47 52.06
C PRO B 638 7.28 -24.72 53.54
N GLN B 639 7.59 -23.71 54.34
CA GLN B 639 7.51 -23.87 55.80
C GLN B 639 6.10 -24.27 56.21
N GLY B 640 6.01 -25.18 57.17
CA GLY B 640 4.74 -25.55 57.75
C GLY B 640 3.87 -26.46 56.92
N ARG B 641 4.47 -27.30 56.07
CA ARG B 641 3.72 -28.24 55.26
C ARG B 641 4.49 -29.56 55.19
N LYS B 642 3.75 -30.65 55.08
CA LYS B 642 4.30 -32.00 55.15
C LYS B 642 4.23 -32.67 53.79
N LEU B 643 4.62 -33.94 53.76
CA LEU B 643 4.63 -34.73 52.52
C LEU B 643 4.89 -36.18 52.89
N LEU B 644 4.67 -37.06 51.93
CA LEU B 644 4.96 -38.48 52.09
C LEU B 644 5.01 -39.13 50.72
N ILE B 645 6.10 -39.83 50.42
CA ILE B 645 6.33 -40.43 49.11
C ILE B 645 6.48 -41.93 49.28
N ILE B 646 5.84 -42.69 48.40
CA ILE B 646 5.92 -44.14 48.40
C ILE B 646 6.31 -44.60 47.00
N GLY B 647 7.27 -45.52 46.92
CA GLY B 647 7.75 -46.03 45.65
C GLY B 647 7.63 -47.54 45.59
N THR B 648 7.57 -48.06 44.36
CA THR B 648 7.47 -49.49 44.12
C THR B 648 8.51 -49.90 43.08
N THR B 649 9.05 -51.11 43.23
CA THR B 649 10.10 -51.59 42.35
C THR B 649 10.14 -53.10 42.41
N SER B 650 10.89 -53.70 41.48
CA SER B 650 11.11 -55.13 41.50
C SER B 650 12.55 -55.52 41.17
N ARG B 651 13.47 -54.56 41.10
CA ARG B 651 14.85 -54.83 40.71
C ARG B 651 15.81 -54.07 41.63
N LYS B 652 15.61 -54.22 42.95
CA LYS B 652 16.34 -53.43 43.93
C LYS B 652 17.84 -53.33 43.62
N ASP B 653 18.42 -54.37 43.02
CA ASP B 653 19.86 -54.38 42.81
C ASP B 653 20.30 -53.24 41.89
N VAL B 654 19.65 -53.12 40.72
CA VAL B 654 20.05 -52.08 39.78
C VAL B 654 19.82 -50.70 40.40
N LEU B 655 18.76 -50.54 41.18
CA LEU B 655 18.54 -49.27 41.85
C LEU B 655 19.69 -48.96 42.81
N GLN B 656 20.13 -49.96 43.59
CA GLN B 656 21.29 -49.74 44.44
C GLN B 656 22.51 -49.36 43.62
N GLU B 657 22.63 -49.90 42.41
CA GLU B 657 23.77 -49.55 41.57
C GLU B 657 23.75 -48.07 41.19
N MET B 658 22.57 -47.53 40.87
CA MET B 658 22.46 -46.15 40.42
C MET B 658 22.57 -45.14 41.54
N GLU B 659 22.82 -45.58 42.77
CA GLU B 659 23.01 -44.67 43.91
C GLU B 659 21.75 -43.82 44.17
N MET B 660 20.58 -44.45 44.01
CA MET B 660 19.33 -43.81 44.38
C MET B 660 18.77 -44.34 45.69
N LEU B 661 19.19 -45.53 46.13
CA LEU B 661 18.71 -46.08 47.39
C LEU B 661 19.03 -45.15 48.56
N ASN B 662 20.08 -44.36 48.45
CA ASN B 662 20.46 -43.47 49.55
C ASN B 662 19.36 -42.45 49.83
N ALA B 663 18.70 -41.97 48.79
CA ALA B 663 17.65 -40.96 48.98
C ALA B 663 16.53 -41.50 49.85
N PHE B 664 16.08 -42.73 49.57
CA PHE B 664 14.98 -43.32 50.33
C PHE B 664 15.43 -43.59 51.76
N SER B 665 14.53 -43.30 52.71
CA SER B 665 14.87 -43.46 54.12
C SER B 665 14.98 -44.93 54.52
N THR B 666 14.00 -45.74 54.12
CA THR B 666 13.95 -47.13 54.56
C THR B 666 13.23 -47.95 53.51
N THR B 667 13.27 -49.27 53.69
CA THR B 667 12.70 -50.21 52.73
C THR B 667 11.91 -51.28 53.46
N ILE B 668 11.01 -51.92 52.72
CA ILE B 668 10.23 -53.05 53.22
C ILE B 668 10.28 -54.16 52.18
N HIS B 669 10.25 -55.40 52.63
CA HIS B 669 10.29 -56.56 51.76
C HIS B 669 8.92 -57.24 51.76
N VAL B 670 8.41 -57.52 50.56
CA VAL B 670 7.13 -58.20 50.38
C VAL B 670 7.44 -59.59 49.84
N PRO B 671 7.26 -60.66 50.62
CA PRO B 671 7.68 -61.99 50.17
C PRO B 671 6.63 -62.72 49.35
N ASN B 672 6.96 -63.93 48.92
CA ASN B 672 6.04 -64.80 48.19
C ASN B 672 5.55 -65.92 49.11
N ILE B 673 4.64 -66.73 48.59
CA ILE B 673 4.15 -67.89 49.33
C ILE B 673 5.19 -69.00 49.24
N ALA B 674 5.63 -69.48 50.40
CA ALA B 674 6.69 -70.49 50.46
C ALA B 674 6.37 -71.60 51.44
N THR B 675 5.10 -72.00 51.53
CA THR B 675 4.70 -73.08 52.43
C THR B 675 3.39 -73.67 51.94
N GLY B 676 3.31 -75.00 51.96
CA GLY B 676 2.09 -75.65 51.50
C GLY B 676 0.88 -75.23 52.29
N GLU B 677 1.04 -75.06 53.60
CA GLU B 677 -0.09 -74.63 54.44
C GLU B 677 -0.61 -73.27 53.99
N GLN B 678 0.29 -72.35 53.67
CA GLN B 678 -0.14 -71.04 53.17
C GLN B 678 -0.93 -71.18 51.88
N LEU B 679 -0.46 -72.03 50.97
CA LEU B 679 -1.17 -72.23 49.71
C LEU B 679 -2.56 -72.80 49.95
N LEU B 680 -2.66 -73.79 50.85
CA LEU B 680 -3.97 -74.37 51.15
C LEU B 680 -4.91 -73.34 51.76
N GLU B 681 -4.39 -72.52 52.68
CA GLU B 681 -5.23 -71.48 53.28
C GLU B 681 -5.69 -70.48 52.23
N ALA B 682 -4.79 -70.09 51.32
CA ALA B 682 -5.17 -69.16 50.26
C ALA B 682 -6.24 -69.77 49.38
N LEU B 683 -6.09 -71.04 49.01
CA LEU B 683 -7.10 -71.70 48.19
C LEU B 683 -8.45 -71.74 48.91
N GLU B 684 -8.43 -72.05 50.20
CA GLU B 684 -9.69 -72.06 50.96
C GLU B 684 -10.34 -70.68 50.94
N LEU B 685 -9.55 -69.63 51.17
CA LEU B 685 -10.12 -68.29 51.21
C LEU B 685 -10.64 -67.85 49.85
N LEU B 686 -9.97 -68.24 48.76
CA LEU B 686 -10.46 -67.91 47.43
C LEU B 686 -11.79 -68.58 47.12
N GLY B 687 -12.12 -69.67 47.81
CA GLY B 687 -13.40 -70.33 47.62
C GLY B 687 -13.50 -71.10 46.32
N ASN B 688 -12.64 -72.09 46.14
CA ASN B 688 -12.67 -72.95 44.96
C ASN B 688 -12.37 -74.38 45.38
N PHE B 689 -12.79 -75.32 44.52
CA PHE B 689 -12.54 -76.74 44.76
C PHE B 689 -13.26 -77.24 46.00
N LYS B 690 -13.50 -78.54 46.07
CA LYS B 690 -14.27 -79.16 47.13
C LYS B 690 -13.36 -79.90 48.10
N ASP B 691 -13.97 -80.58 49.08
CA ASP B 691 -13.22 -81.18 50.17
C ASP B 691 -12.28 -82.27 49.67
N LYS B 692 -12.78 -83.16 48.80
CA LYS B 692 -11.94 -84.25 48.31
C LYS B 692 -10.78 -83.72 47.48
N GLU B 693 -11.06 -82.78 46.59
CA GLU B 693 -9.98 -82.17 45.82
C GLU B 693 -9.00 -81.44 46.73
N ARG B 694 -9.52 -80.80 47.78
CA ARG B 694 -8.65 -80.14 48.75
C ARG B 694 -7.72 -81.13 49.41
N THR B 695 -8.25 -82.28 49.83
CA THR B 695 -7.43 -83.30 50.47
C THR B 695 -6.38 -83.84 49.50
N THR B 696 -6.76 -84.07 48.25
CA THR B 696 -5.81 -84.58 47.26
C THR B 696 -4.67 -83.59 47.05
N ILE B 697 -4.99 -82.31 46.87
CA ILE B 697 -3.94 -81.31 46.67
C ILE B 697 -3.07 -81.21 47.90
N ALA B 698 -3.67 -81.23 49.10
CA ALA B 698 -2.89 -81.12 50.31
C ALA B 698 -1.91 -82.27 50.45
N GLN B 699 -2.39 -83.51 50.27
CA GLN B 699 -1.50 -84.65 50.40
C GLN B 699 -0.41 -84.64 49.34
N GLN B 700 -0.76 -84.29 48.09
CA GLN B 700 0.22 -84.32 47.03
C GLN B 700 1.30 -83.27 47.22
N VAL B 701 0.91 -82.06 47.65
CA VAL B 701 1.84 -80.94 47.66
C VAL B 701 2.55 -80.77 48.99
N LYS B 702 1.98 -81.26 50.10
CA LYS B 702 2.58 -81.02 51.40
C LYS B 702 4.01 -81.55 51.48
N GLY B 703 4.32 -82.58 50.69
CA GLY B 703 5.66 -83.15 50.74
C GLY B 703 6.74 -82.17 50.33
N LYS B 704 6.52 -81.44 49.24
CA LYS B 704 7.49 -80.51 48.70
C LYS B 704 7.12 -79.08 49.06
N LYS B 705 7.95 -78.14 48.61
CA LYS B 705 7.75 -76.71 48.83
C LYS B 705 7.31 -76.06 47.53
N VAL B 706 6.81 -74.82 47.66
CA VAL B 706 6.28 -74.07 46.52
C VAL B 706 6.86 -72.67 46.53
N TRP B 707 6.86 -72.05 45.34
N TRP B 707 6.87 -72.05 45.34
CA TRP B 707 7.42 -70.71 45.17
CA TRP B 707 7.42 -70.71 45.18
C TRP B 707 6.71 -70.08 43.98
C TRP B 707 6.71 -70.08 43.98
N ILE B 708 5.73 -69.21 44.26
CA ILE B 708 4.93 -68.60 43.22
C ILE B 708 4.33 -67.31 43.76
N GLY B 709 4.04 -66.37 42.84
CA GLY B 709 3.34 -65.16 43.21
C GLY B 709 1.83 -65.31 43.12
N ILE B 710 1.13 -64.40 43.82
CA ILE B 710 -0.32 -64.52 43.93
C ILE B 710 -0.99 -64.37 42.57
N LYS B 711 -0.54 -63.41 41.76
CA LYS B 711 -1.17 -63.18 40.46
C LYS B 711 -1.02 -64.42 39.58
N LYS B 712 0.15 -65.03 39.56
CA LYS B 712 0.34 -66.25 38.80
C LYS B 712 -0.55 -67.36 39.32
N LEU B 713 -0.73 -67.44 40.64
CA LEU B 713 -1.64 -68.43 41.21
C LEU B 713 -3.05 -68.24 40.69
N LEU B 714 -3.52 -66.98 40.67
CA LEU B 714 -4.86 -66.70 40.17
C LEU B 714 -4.97 -67.09 38.70
N MET B 715 -3.96 -66.75 37.89
CA MET B 715 -3.99 -67.10 36.48
C MET B 715 -4.04 -68.62 36.31
N LEU B 716 -3.23 -69.35 37.06
CA LEU B 716 -3.20 -70.80 36.93
C LEU B 716 -4.53 -71.43 37.33
N ILE B 717 -5.12 -70.97 38.44
CA ILE B 717 -6.40 -71.55 38.86
C ILE B 717 -7.47 -71.27 37.80
N GLU B 718 -7.49 -70.04 37.27
CA GLU B 718 -8.48 -69.72 36.24
C GLU B 718 -8.28 -70.60 35.02
N MET B 719 -7.03 -70.78 34.58
CA MET B 719 -6.77 -71.60 33.40
C MET B 719 -7.19 -73.04 33.64
N SER B 720 -6.87 -73.58 34.81
CA SER B 720 -7.22 -74.97 35.11
C SER B 720 -8.73 -75.16 35.21
N LEU B 721 -9.45 -74.12 35.64
CA LEU B 721 -10.89 -74.24 35.82
C LEU B 721 -11.67 -74.43 34.52
N GLN B 722 -10.99 -74.45 33.37
CA GLN B 722 -11.68 -74.56 32.09
C GLN B 722 -11.93 -75.99 31.65
N MET B 723 -11.16 -76.96 32.16
CA MET B 723 -11.27 -78.34 31.72
C MET B 723 -12.43 -79.03 32.43
N ASP B 724 -12.72 -80.26 32.01
CA ASP B 724 -13.83 -81.01 32.55
C ASP B 724 -13.59 -81.35 34.02
N PRO B 725 -14.64 -81.61 34.78
CA PRO B 725 -14.48 -81.84 36.23
C PRO B 725 -13.49 -82.95 36.56
N GLU B 726 -13.42 -84.00 35.73
CA GLU B 726 -12.57 -85.13 36.05
C GLU B 726 -11.10 -84.74 36.06
N TYR B 727 -10.66 -83.95 35.08
CA TYR B 727 -9.24 -83.69 34.87
C TYR B 727 -8.77 -82.36 35.45
N ARG B 728 -9.64 -81.63 36.16
CA ARG B 728 -9.25 -80.30 36.64
C ARG B 728 -8.06 -80.39 37.59
N VAL B 729 -8.14 -81.25 38.60
CA VAL B 729 -7.09 -81.32 39.60
C VAL B 729 -5.78 -81.78 38.97
N ARG B 730 -5.83 -82.77 38.08
CA ARG B 730 -4.61 -83.26 37.47
C ARG B 730 -3.93 -82.17 36.65
N LYS B 731 -4.70 -81.44 35.86
CA LYS B 731 -4.12 -80.37 35.06
C LYS B 731 -3.55 -79.25 35.94
N PHE B 732 -4.27 -78.91 37.02
CA PHE B 732 -3.76 -77.89 37.93
C PHE B 732 -2.44 -78.32 38.54
N LEU B 733 -2.35 -79.58 38.97
CA LEU B 733 -1.10 -80.08 39.54
C LEU B 733 0.02 -80.07 38.51
N ALA B 734 -0.27 -80.48 37.28
CA ALA B 734 0.74 -80.48 36.23
C ALA B 734 1.25 -79.07 35.98
N LEU B 735 0.33 -78.11 35.86
CA LEU B 735 0.75 -76.73 35.62
C LEU B 735 1.57 -76.19 36.78
N LEU B 736 1.15 -76.46 38.01
CA LEU B 736 1.89 -75.98 39.17
C LEU B 736 3.30 -76.57 39.20
N ARG B 737 3.42 -77.88 38.97
CA ARG B 737 4.73 -78.50 38.99
C ARG B 737 5.63 -77.96 37.88
N GLU B 738 5.07 -77.80 36.68
CA GLU B 738 5.86 -77.25 35.58
C GLU B 738 6.33 -75.85 35.90
N GLU B 739 5.43 -75.00 36.40
CA GLU B 739 5.78 -73.62 36.75
C GLU B 739 6.35 -73.56 38.16
N GLY B 740 7.46 -74.28 38.35
CA GLY B 740 8.14 -74.30 39.62
C GLY B 740 9.60 -73.90 39.46
N ALA B 741 10.15 -73.37 40.54
CA ALA B 741 11.54 -72.91 40.56
C ALA B 741 11.93 -72.66 42.00
N SER B 742 13.15 -72.19 42.20
CA SER B 742 13.68 -71.88 43.51
C SER B 742 14.44 -70.57 43.44
N PRO B 743 14.61 -69.86 44.57
CA PRO B 743 15.35 -68.60 44.60
C PRO B 743 16.73 -68.71 43.93
N MET C 4 14.44 84.38 24.51
CA MET C 4 15.21 84.02 25.70
C MET C 4 14.29 83.68 26.86
N ALA C 5 13.41 84.63 27.20
CA ALA C 5 12.51 84.43 28.34
C ALA C 5 11.50 83.33 28.08
N GLY C 6 11.01 83.22 26.86
CA GLY C 6 9.98 82.25 26.51
C GLY C 6 8.67 82.95 26.19
N ARG C 7 7.91 82.34 25.28
CA ARG C 7 6.65 82.92 24.83
C ARG C 7 5.65 81.80 24.56
N SER C 8 4.37 82.17 24.58
CA SER C 8 3.30 81.21 24.35
C SER C 8 3.13 80.96 22.85
N MET C 9 2.96 79.70 22.47
CA MET C 9 2.78 79.32 21.08
C MET C 9 1.70 78.25 20.99
N GLN C 10 1.20 78.04 19.77
CA GLN C 10 0.18 77.04 19.50
C GLN C 10 0.79 75.90 18.68
N ALA C 11 0.51 74.67 19.11
CA ALA C 11 1.01 73.50 18.39
C ALA C 11 0.23 73.31 17.10
N ALA C 12 0.95 73.01 16.02
CA ALA C 12 0.36 72.81 14.70
C ALA C 12 0.90 71.53 14.10
N ARG C 13 0.40 71.19 12.91
CA ARG C 13 0.80 69.98 12.20
C ARG C 13 1.97 70.27 11.27
N CYS C 14 2.80 69.26 11.07
CA CYS C 14 3.94 69.40 10.17
C CYS C 14 3.45 69.68 8.76
N PRO C 15 4.03 70.65 8.03
CA PRO C 15 3.46 71.03 6.74
C PRO C 15 3.81 70.10 5.58
N THR C 16 4.99 69.48 5.59
CA THR C 16 5.44 68.69 4.46
C THR C 16 6.02 67.36 4.93
N ASP C 17 6.01 66.39 4.03
CA ASP C 17 6.58 65.07 4.34
C ASP C 17 8.08 65.18 4.62
N GLU C 18 8.78 65.99 3.82
CA GLU C 18 10.22 66.09 3.97
C GLU C 18 10.60 66.62 5.35
N LEU C 19 9.91 67.66 5.82
CA LEU C 19 10.21 68.21 7.13
C LEU C 19 9.83 67.25 8.25
N SER C 20 8.81 66.41 8.02
CA SER C 20 8.44 65.43 9.03
C SER C 20 9.59 64.46 9.29
N LEU C 21 10.35 64.12 8.25
CA LEU C 21 11.47 63.20 8.39
C LEU C 21 12.71 63.85 8.98
N SER C 22 12.73 65.19 9.07
CA SER C 22 13.89 65.88 9.61
C SER C 22 13.93 65.88 11.14
N ASN C 23 12.83 65.49 11.79
CA ASN C 23 12.73 65.47 13.25
C ASN C 23 12.87 66.86 13.85
N CYS C 24 12.64 67.90 13.05
CA CYS C 24 12.77 69.28 13.49
C CYS C 24 11.40 69.91 13.68
N ALA C 25 11.29 70.73 14.72
CA ALA C 25 10.07 71.51 14.94
C ALA C 25 10.04 72.68 13.97
N VAL C 26 9.02 72.71 13.11
CA VAL C 26 8.93 73.67 12.02
C VAL C 26 8.26 74.93 12.53
N VAL C 27 8.91 76.07 12.28
CA VAL C 27 8.45 77.37 12.78
C VAL C 27 8.43 78.36 11.62
N SER C 28 7.90 79.55 11.91
CA SER C 28 7.88 80.62 10.92
C SER C 28 9.18 81.43 11.00
N GLU C 29 9.62 81.93 9.85
CA GLU C 29 10.81 82.77 9.82
C GLU C 29 10.65 84.03 10.66
N LYS C 30 9.41 84.47 10.89
CA LYS C 30 9.18 85.69 11.66
C LYS C 30 9.42 85.49 13.15
N ASP C 31 9.47 84.25 13.62
CA ASP C 31 9.65 83.95 15.04
C ASP C 31 11.04 83.46 15.39
N TYR C 32 11.63 82.62 14.55
CA TYR C 32 12.92 82.01 14.85
C TYR C 32 13.75 81.91 13.57
N GLN C 33 14.97 81.40 13.72
CA GLN C 33 15.86 81.10 12.61
C GLN C 33 16.19 79.61 12.62
N SER C 34 16.39 79.05 11.43
CA SER C 34 16.69 77.62 11.33
C SER C 34 17.97 77.30 12.07
N GLY C 35 17.96 76.16 12.79
CA GLY C 35 19.10 75.71 13.54
C GLY C 35 19.04 76.00 15.03
N GLN C 36 18.19 76.94 15.45
CA GLN C 36 18.07 77.25 16.87
C GLN C 36 17.42 76.10 17.62
N HIS C 37 17.82 75.93 18.88
CA HIS C 37 17.26 74.92 19.76
C HIS C 37 16.36 75.59 20.79
N VAL C 38 15.22 74.96 21.05
CA VAL C 38 14.23 75.47 21.99
C VAL C 38 13.87 74.38 22.99
N ILE C 39 13.37 74.82 24.14
CA ILE C 39 12.80 73.92 25.15
C ILE C 39 11.30 74.16 25.21
N VAL C 40 10.53 73.12 24.94
CA VAL C 40 9.07 73.21 24.85
C VAL C 40 8.49 72.75 26.18
N ARG C 41 7.70 73.62 26.81
CA ARG C 41 7.12 73.34 28.12
C ARG C 41 5.63 73.10 27.98
N THR C 42 5.17 71.94 28.42
CA THR C 42 3.75 71.63 28.53
C THR C 42 3.26 71.63 29.96
N SER C 43 4.17 71.53 30.94
CA SER C 43 3.82 71.57 32.34
C SER C 43 5.11 71.72 33.13
N PRO C 44 5.02 71.97 34.44
CA PRO C 44 6.26 72.12 35.23
C PRO C 44 7.18 70.92 35.16
N ASN C 45 6.63 69.72 35.04
CA ASN C 45 7.42 68.49 35.06
C ASN C 45 7.68 67.91 33.68
N HIS C 46 7.29 68.60 32.61
CA HIS C 46 7.42 68.08 31.24
C HIS C 46 8.04 69.16 30.36
N LYS C 47 9.32 68.96 30.01
CA LYS C 47 10.03 69.83 29.09
C LYS C 47 10.71 68.99 28.02
N TYR C 48 10.68 69.47 26.79
CA TYR C 48 11.28 68.75 25.66
C TYR C 48 12.08 69.73 24.82
N ILE C 49 13.20 69.27 24.28
CA ILE C 49 14.12 70.10 23.51
C ILE C 49 14.01 69.69 22.04
N PHE C 50 13.84 70.68 21.16
CA PHE C 50 13.70 70.45 19.74
C PHE C 50 14.60 71.39 18.95
N THR C 51 14.96 70.97 17.75
CA THR C 51 15.72 71.79 16.82
C THR C 51 14.77 72.36 15.77
N LEU C 52 14.96 73.64 15.44
CA LEU C 52 14.02 74.37 14.61
C LEU C 52 14.45 74.38 13.14
N ARG C 53 13.45 74.43 12.27
CA ARG C 53 13.65 74.58 10.83
C ARG C 53 12.50 75.41 10.26
N THR C 54 12.83 76.53 9.64
CA THR C 54 11.81 77.45 9.15
C THR C 54 11.19 76.96 7.86
N HIS C 55 9.90 77.23 7.71
CA HIS C 55 9.17 76.94 6.47
C HIS C 55 8.20 78.10 6.25
N PRO C 56 8.03 78.57 5.01
CA PRO C 56 7.18 79.74 4.79
C PRO C 56 5.74 79.55 5.24
N SER C 57 5.19 78.35 5.15
CA SER C 57 3.76 78.13 5.37
C SER C 57 3.35 78.21 6.84
N VAL C 58 4.30 78.17 7.77
CA VAL C 58 3.94 78.18 9.19
C VAL C 58 3.42 79.56 9.57
N VAL C 59 2.26 79.59 10.21
CA VAL C 59 1.68 80.84 10.67
C VAL C 59 2.48 81.35 11.87
N PRO C 60 2.73 82.66 11.98
CA PRO C 60 3.45 83.17 13.15
C PRO C 60 2.72 82.84 14.44
N GLY C 61 3.49 82.59 15.49
CA GLY C 61 2.93 82.26 16.79
C GLY C 61 2.60 80.80 17.00
N SER C 62 2.98 79.93 16.06
CA SER C 62 2.70 78.50 16.16
C SER C 62 3.95 77.71 15.84
N VAL C 63 4.03 76.50 16.42
CA VAL C 63 5.12 75.57 16.18
C VAL C 63 4.51 74.27 15.70
N ALA C 64 5.00 73.77 14.56
CA ALA C 64 4.47 72.57 13.94
C ALA C 64 5.28 71.36 14.33
N PHE C 65 4.59 70.26 14.63
CA PHE C 65 5.22 69.01 15.04
C PHE C 65 4.68 67.86 14.19
N SER C 66 5.53 66.88 13.93
CA SER C 66 5.12 65.67 13.25
C SER C 66 4.48 64.71 14.25
N LEU C 67 3.75 63.74 13.71
CA LEU C 67 3.08 62.78 14.58
C LEU C 67 4.04 62.08 15.52
N PRO C 68 5.21 61.60 15.11
CA PRO C 68 6.15 61.02 16.08
C PRO C 68 6.51 61.98 17.20
N GLN C 69 6.70 63.26 16.88
CA GLN C 69 7.04 64.24 17.92
C GLN C 69 5.88 64.45 18.87
N ARG C 70 4.66 64.53 18.36
CA ARG C 70 3.51 64.74 19.22
C ARG C 70 3.31 63.56 20.17
N LYS C 71 3.51 62.33 19.68
CA LYS C 71 3.35 61.17 20.54
C LYS C 71 4.45 61.08 21.59
N TRP C 72 5.66 61.52 21.26
CA TRP C 72 6.75 61.49 22.23
C TRP C 72 6.58 62.55 23.31
N ALA C 73 6.24 63.78 22.91
CA ALA C 73 6.13 64.89 23.84
C ALA C 73 4.72 65.10 24.37
N GLY C 74 3.76 64.27 23.97
CA GLY C 74 2.40 64.40 24.45
C GLY C 74 1.77 65.73 24.05
N LEU C 75 1.95 66.12 22.80
CA LEU C 75 1.41 67.36 22.28
C LEU C 75 0.17 67.09 21.44
N SER C 76 -0.79 68.01 21.54
CA SER C 76 -2.03 67.93 20.78
C SER C 76 -2.15 69.15 19.88
N ILE C 77 -2.62 68.93 18.65
CA ILE C 77 -2.79 70.03 17.70
C ILE C 77 -3.76 71.04 18.28
N GLY C 78 -3.36 72.31 18.28
CA GLY C 78 -4.16 73.39 18.83
C GLY C 78 -3.91 73.68 20.29
N GLN C 79 -3.10 72.88 20.98
CA GLN C 79 -2.80 73.11 22.38
C GLN C 79 -1.77 74.23 22.52
N GLU C 80 -1.87 74.97 23.63
CA GLU C 80 -0.93 76.03 23.91
C GLU C 80 0.33 75.47 24.56
N ILE C 81 1.48 75.99 24.14
CA ILE C 81 2.77 75.57 24.67
C ILE C 81 3.63 76.81 24.93
N GLU C 82 4.62 76.64 25.79
CA GLU C 82 5.61 77.67 26.08
C GLU C 82 6.94 77.25 25.48
N VAL C 83 7.51 78.11 24.64
CA VAL C 83 8.73 77.82 23.90
C VAL C 83 9.79 78.85 24.27
N ALA C 84 10.96 78.38 24.67
CA ALA C 84 12.08 79.23 25.01
C ALA C 84 13.34 78.72 24.32
N LEU C 85 14.15 79.64 23.81
CA LEU C 85 15.38 79.25 23.15
C LEU C 85 16.33 78.57 24.13
N TYR C 86 16.99 77.52 23.66
CA TYR C 86 17.87 76.70 24.49
C TYR C 86 19.25 76.67 23.85
N SER C 87 20.30 76.77 24.67
CA SER C 87 21.70 76.68 24.20
C SER C 87 22.31 75.37 24.69
N PHE C 88 22.74 74.49 23.79
CA PHE C 88 23.35 73.17 24.16
C PHE C 88 24.78 73.39 24.65
N ASP C 89 25.10 72.91 25.85
CA ASP C 89 26.47 73.00 26.43
C ASP C 89 27.37 72.05 25.64
N LYS C 90 27.55 72.27 24.34
CA LYS C 90 28.32 71.36 23.45
C LYS C 90 29.37 70.58 24.25
N ALA C 91 30.13 71.25 25.13
CA ALA C 91 31.16 70.58 25.97
C ALA C 91 30.53 69.35 26.64
N LYS C 92 29.38 69.54 27.29
CA LYS C 92 28.64 68.43 27.97
C LYS C 92 27.57 67.88 27.04
N GLN C 93 27.37 68.48 25.86
CA GLN C 93 26.32 68.08 24.90
C GLN C 93 26.92 67.92 23.50
N CYS C 94 28.05 67.20 23.36
CA CYS C 94 28.68 66.90 22.05
C CYS C 94 28.58 65.39 21.80
N ILE C 95 28.25 64.97 20.59
CA ILE C 95 28.01 63.50 20.36
C ILE C 95 29.32 62.74 20.27
N GLY C 96 29.43 61.62 20.98
CA GLY C 96 30.60 60.72 20.87
C GLY C 96 30.08 59.35 20.48
N THR C 97 29.00 58.88 21.12
CA THR C 97 28.35 57.63 20.75
C THR C 97 26.92 57.65 21.26
N MET C 98 26.01 57.10 20.46
CA MET C 98 24.60 56.99 20.84
C MET C 98 24.07 55.64 20.38
N THR C 99 23.24 55.02 21.22
CA THR C 99 22.64 53.72 20.92
C THR C 99 21.17 53.94 20.55
N ILE C 100 20.78 53.40 19.40
CA ILE C 100 19.44 53.58 18.86
C ILE C 100 18.79 52.22 18.67
N GLU C 101 17.55 52.08 19.12
CA GLU C 101 16.75 50.90 18.83
C GLU C 101 15.93 51.17 17.56
N ILE C 102 16.01 50.26 16.60
CA ILE C 102 15.42 50.47 15.28
C ILE C 102 14.52 49.29 14.93
N ASP C 103 13.41 49.59 14.27
CA ASP C 103 12.49 48.57 13.79
C ASP C 103 11.70 49.15 12.62
N PHE C 104 11.13 48.26 11.82
CA PHE C 104 10.30 48.68 10.70
C PHE C 104 9.13 49.51 11.21
N LEU C 105 8.92 50.67 10.58
CA LEU C 105 7.85 51.56 11.03
C LEU C 105 6.47 50.95 10.74
N GLN C 106 6.30 50.38 9.56
CA GLN C 106 5.03 49.82 9.13
C GLN C 106 5.16 48.31 9.00
N LYS C 107 4.29 47.58 9.70
CA LYS C 107 4.34 46.12 9.65
C LYS C 107 4.08 45.59 8.25
N LYS C 108 3.33 46.35 7.43
CA LYS C 108 3.01 45.89 6.09
C LYS C 108 4.26 45.76 5.21
N ASN C 109 5.31 46.51 5.54
CA ASN C 109 6.50 46.59 4.70
C ASN C 109 7.71 45.88 5.32
N ILE C 110 7.47 44.95 6.26
CA ILE C 110 8.58 44.21 6.85
C ILE C 110 9.19 43.28 5.81
N ASP C 111 10.50 43.10 5.88
CA ASP C 111 11.21 42.21 4.97
C ASP C 111 12.45 41.67 5.67
N SER C 112 12.98 40.58 5.13
CA SER C 112 14.15 39.92 5.69
C SER C 112 15.45 40.35 5.01
N ASN C 113 15.40 41.35 4.14
CA ASN C 113 16.60 41.78 3.44
C ASN C 113 17.60 42.40 4.40
N PRO C 114 18.89 42.26 4.13
CA PRO C 114 19.90 42.87 5.01
C PRO C 114 19.89 44.38 4.90
N TYR C 115 20.29 45.03 6.00
CA TYR C 115 20.44 46.48 6.06
C TYR C 115 21.80 46.80 6.67
N ASP C 116 22.57 47.65 5.99
CA ASP C 116 23.95 47.91 6.37
C ASP C 116 23.98 49.02 7.41
N THR C 117 24.42 48.70 8.62
CA THR C 117 24.48 49.70 9.69
C THR C 117 25.52 50.78 9.39
N ASP C 118 26.62 50.42 8.73
CA ASP C 118 27.62 51.42 8.38
C ASP C 118 27.02 52.48 7.47
N LYS C 119 26.21 52.07 6.49
CA LYS C 119 25.55 53.04 5.63
C LYS C 119 24.43 53.77 6.36
N MET C 120 23.68 53.05 7.20
CA MET C 120 22.64 53.71 7.99
C MET C 120 23.25 54.76 8.93
N ALA C 121 24.36 54.43 9.56
CA ALA C 121 25.00 55.39 10.46
C ALA C 121 25.43 56.64 9.72
N ALA C 122 26.03 56.47 8.54
CA ALA C 122 26.47 57.64 7.77
C ALA C 122 25.27 58.49 7.35
N GLU C 123 24.19 57.85 6.89
CA GLU C 123 23.00 58.60 6.52
C GLU C 123 22.40 59.30 7.73
N PHE C 124 22.41 58.65 8.89
CA PHE C 124 21.88 59.27 10.10
C PHE C 124 22.62 60.55 10.44
N ILE C 125 23.96 60.51 10.33
CA ILE C 125 24.75 61.71 10.61
C ILE C 125 24.44 62.81 9.62
N GLN C 126 24.37 62.47 8.33
CA GLN C 126 24.11 63.47 7.31
C GLN C 126 22.76 64.16 7.53
N GLN C 127 21.74 63.37 7.86
CA GLN C 127 20.40 63.93 8.03
C GLN C 127 20.27 64.72 9.33
N PHE C 128 20.84 64.21 10.42
CA PHE C 128 20.53 64.70 11.76
C PHE C 128 21.70 65.39 12.44
N ASN C 129 22.76 65.75 11.69
CA ASN C 129 23.86 66.49 12.29
C ASN C 129 23.40 67.86 12.78
N ASN C 130 23.88 68.26 13.95
CA ASN C 130 23.53 69.55 14.54
C ASN C 130 22.06 69.62 14.96
N GLN C 131 21.55 68.55 15.56
CA GLN C 131 20.19 68.50 16.08
C GLN C 131 20.20 67.88 17.46
N ALA C 132 19.19 68.24 18.26
CA ALA C 132 19.11 67.77 19.63
C ALA C 132 18.39 66.42 19.71
N PHE C 133 18.94 65.52 20.50
CA PHE C 133 18.34 64.22 20.76
C PHE C 133 18.37 63.95 22.26
N SER C 134 17.33 63.28 22.75
CA SER C 134 17.19 62.97 24.17
C SER C 134 16.95 61.49 24.36
N VAL C 135 17.36 60.97 25.52
CA VAL C 135 17.15 59.57 25.84
C VAL C 135 15.65 59.30 25.83
N GLY C 136 15.26 58.23 25.13
CA GLY C 136 13.86 57.87 25.00
C GLY C 136 13.11 58.58 23.91
N GLN C 137 13.76 59.49 23.17
CA GLN C 137 13.09 60.19 22.10
C GLN C 137 12.76 59.24 20.96
N GLN C 138 11.58 59.42 20.36
CA GLN C 138 11.11 58.62 19.25
C GLN C 138 10.99 59.47 18.00
N LEU C 139 11.39 58.92 16.86
CA LEU C 139 11.35 59.63 15.59
C LEU C 139 11.29 58.61 14.46
N VAL C 140 11.20 59.12 13.24
CA VAL C 140 11.11 58.30 12.04
C VAL C 140 12.35 58.56 11.19
N PHE C 141 12.95 57.48 10.69
CA PHE C 141 14.19 57.56 9.92
C PHE C 141 13.96 56.89 8.57
N SER C 142 14.23 57.65 7.50
CA SER C 142 14.05 57.16 6.14
C SER C 142 15.42 56.74 5.59
N PHE C 143 15.54 55.47 5.21
CA PHE C 143 16.80 54.92 4.73
C PHE C 143 16.52 54.05 3.51
N ASN C 144 17.09 54.42 2.38
CA ASN C 144 16.84 53.73 1.11
C ASN C 144 15.34 53.60 0.84
N ASP C 145 14.64 54.73 1.01
CA ASP C 145 13.20 54.79 0.74
C ASP C 145 12.43 53.80 1.61
N LYS C 146 12.94 53.55 2.81
CA LYS C 146 12.29 52.68 3.78
C LYS C 146 12.23 53.40 5.12
N LEU C 147 11.04 53.43 5.71
CA LEU C 147 10.80 54.14 6.96
C LEU C 147 11.08 53.23 8.14
N PHE C 148 11.87 53.72 9.09
CA PHE C 148 12.22 52.99 10.29
C PHE C 148 11.86 53.80 11.53
N GLY C 149 11.33 53.13 12.55
CA GLY C 149 11.08 53.76 13.82
C GLY C 149 12.29 53.63 14.72
N LEU C 150 12.72 54.75 15.30
CA LEU C 150 13.90 54.81 16.14
C LEU C 150 13.52 55.18 17.56
N LEU C 151 14.27 54.63 18.51
CA LEU C 151 14.10 54.94 19.93
C LEU C 151 15.49 55.11 20.52
N VAL C 152 15.77 56.31 21.04
CA VAL C 152 17.08 56.58 21.61
C VAL C 152 17.20 55.87 22.95
N LYS C 153 18.21 55.00 23.06
CA LYS C 153 18.40 54.18 24.24
C LYS C 153 19.46 54.75 25.19
N ASP C 154 20.59 55.21 24.66
CA ASP C 154 21.66 55.73 25.49
C ASP C 154 22.44 56.77 24.71
N ILE C 155 22.96 57.77 25.42
CA ILE C 155 23.77 58.83 24.81
C ILE C 155 25.05 58.96 25.62
N GLU C 156 26.18 58.64 24.98
CA GLU C 156 27.51 58.91 25.52
C GLU C 156 28.15 60.00 24.68
N ALA C 157 28.41 61.15 25.31
CA ALA C 157 28.87 62.38 24.63
C ALA C 157 30.26 62.25 24.01
N MET C 158 30.86 63.38 23.64
CA MET C 158 32.16 63.39 22.93
C MET C 158 33.33 63.65 23.88
N ASP C 159 34.52 63.15 23.54
CA ASP C 159 35.76 63.32 24.29
C ASP C 159 36.17 64.79 24.33
N ARG C 172 39.35 59.31 28.13
CA ARG C 172 38.01 59.04 27.66
C ARG C 172 36.98 59.42 28.72
N GLN C 173 36.59 60.69 28.72
CA GLN C 173 35.69 61.21 29.74
C GLN C 173 34.25 60.80 29.45
N LYS C 174 33.56 60.32 30.48
CA LYS C 174 32.14 60.04 30.37
C LYS C 174 31.33 61.30 30.70
N ILE C 175 30.51 61.71 29.72
CA ILE C 175 29.62 62.90 29.82
C ILE C 175 28.20 62.38 29.59
N GLU C 176 27.16 63.14 29.96
CA GLU C 176 25.79 62.63 29.89
C GLU C 176 25.06 62.94 28.59
N VAL C 177 25.18 64.13 28.02
CA VAL C 177 24.43 64.50 26.77
C VAL C 177 25.42 64.79 25.64
N GLY C 178 24.99 64.72 24.37
CA GLY C 178 25.88 64.93 23.22
C GLY C 178 25.22 65.65 22.05
N LEU C 179 26.00 66.21 21.11
CA LEU C 179 25.44 66.83 19.88
C LEU C 179 26.16 66.25 18.65
N VAL C 180 25.42 65.66 17.71
CA VAL C 180 25.97 64.96 16.50
C VAL C 180 27.14 65.74 15.87
N VAL C 181 28.24 65.05 15.54
CA VAL C 181 29.41 65.67 14.83
C VAL C 181 29.81 64.69 13.71
N GLY C 182 30.64 65.10 12.73
CA GLY C 182 30.91 64.25 11.58
C GLY C 182 31.76 63.03 11.89
N ASN C 183 32.82 63.23 12.70
CA ASN C 183 33.78 62.16 12.95
C ASN C 183 33.42 61.32 14.17
N SER C 184 32.21 61.45 14.70
CA SER C 184 31.79 60.63 15.82
C SER C 184 31.64 59.17 15.39
N GLN C 185 31.94 58.27 16.32
CA GLN C 185 31.87 56.84 16.09
C GLN C 185 30.72 56.24 16.88
N VAL C 186 29.94 55.38 16.23
CA VAL C 186 28.73 54.82 16.80
C VAL C 186 28.83 53.30 16.80
N ALA C 187 28.40 52.69 17.90
CA ALA C 187 28.32 51.24 18.04
C ALA C 187 26.89 50.85 18.36
N PHE C 188 26.44 49.76 17.75
CA PHE C 188 25.06 49.31 17.87
C PHE C 188 25.01 47.97 18.59
N GLU C 189 24.14 47.88 19.60
CA GLU C 189 23.95 46.65 20.36
C GLU C 189 22.47 46.30 20.37
N LYS C 190 22.17 45.04 20.06
CA LYS C 190 20.77 44.59 20.04
C LYS C 190 20.23 44.45 21.46
N ALA C 191 18.92 44.59 21.58
CA ALA C 191 18.27 44.51 22.89
C ALA C 191 18.26 43.07 23.38
N GLU C 192 17.92 42.91 24.66
CA GLU C 192 17.84 41.58 25.26
C GLU C 192 16.85 40.72 24.51
N ASN C 193 17.24 39.48 24.22
CA ASN C 193 16.44 38.51 23.49
C ASN C 193 16.12 38.98 22.08
N SER C 194 16.80 40.01 21.58
CA SER C 194 16.50 40.55 20.27
C SER C 194 16.79 39.52 19.18
N SER C 195 15.85 39.36 18.25
CA SER C 195 16.07 38.53 17.08
C SER C 195 16.79 39.27 15.96
N LEU C 196 17.08 40.55 16.16
CA LEU C 196 17.81 41.32 15.16
C LEU C 196 19.18 40.71 14.91
N ASN C 197 19.55 40.58 13.64
CA ASN C 197 20.82 40.02 13.23
C ASN C 197 21.74 41.15 12.80
N LEU C 198 22.73 41.46 13.63
CA LEU C 198 23.66 42.55 13.38
C LEU C 198 25.00 42.01 12.92
N ILE C 199 25.54 42.63 11.81
CA ILE C 199 26.85 42.25 11.30
C ILE C 199 27.94 43.17 11.82
N GLY C 200 27.66 44.48 11.85
CA GLY C 200 28.61 45.43 12.42
C GLY C 200 28.92 45.20 13.88
N LYS C 201 28.10 44.38 14.55
CA LYS C 201 28.30 44.00 15.94
C LYS C 201 28.58 45.23 16.81
N ALA C 202 29.69 45.23 17.55
CA ALA C 202 29.93 46.22 18.60
C ALA C 202 28.80 46.24 19.61
N LYS C 203 28.21 45.06 19.85
CA LYS C 203 26.94 44.93 20.53
C LYS C 203 27.17 44.61 22.01
N THR C 204 26.06 44.37 22.71
CA THR C 204 26.07 43.85 24.06
C THR C 204 24.87 42.91 24.16
N LYS C 205 25.09 41.80 24.86
CA LYS C 205 24.15 40.69 24.95
C LYS C 205 23.97 39.98 23.61
N GLU C 206 24.81 40.30 22.62
CA GLU C 206 24.69 39.67 21.31
C GLU C 206 24.80 38.16 21.42
N ASN C 207 25.78 37.68 22.18
CA ASN C 207 25.97 36.25 22.38
C ASN C 207 26.00 35.91 23.87
N ARG C 208 25.29 36.82 24.65
CA ARG C 208 25.17 36.60 26.11
C ARG C 208 23.90 35.80 26.35
N GLN C 209 23.39 35.12 25.32
CA GLN C 209 22.21 34.24 25.46
C GLN C 209 22.51 33.30 26.62
N SER C 210 23.79 33.14 26.98
CA SER C 210 24.18 32.30 28.14
C SER C 210 23.10 31.24 28.27
N ILE C 211 23.03 30.33 27.30
CA ILE C 211 21.97 29.29 27.27
C ILE C 211 21.73 28.83 28.70
N ILE C 212 22.67 29.00 29.62
CA ILE C 212 22.40 28.60 30.99
C ILE C 212 21.25 29.43 31.55
N ASN C 213 20.36 28.77 32.27
CA ASN C 213 19.25 29.48 32.91
C ASN C 213 19.80 30.48 33.92
N PRO C 214 19.25 31.69 33.99
CA PRO C 214 19.77 32.67 34.96
C PRO C 214 19.76 32.16 36.39
N ASP C 215 18.78 31.37 36.79
CA ASP C 215 18.65 30.88 38.16
C ASP C 215 18.65 29.35 38.15
N TRP C 216 19.80 28.75 38.45
CA TRP C 216 19.90 27.30 38.60
C TRP C 216 21.11 26.99 39.48
N ASN C 217 20.91 26.09 40.44
CA ASN C 217 22.00 25.59 41.27
C ASN C 217 21.89 24.08 41.41
N PHE C 218 23.02 23.44 41.68
CA PHE C 218 23.03 21.99 41.78
C PHE C 218 22.21 21.50 42.98
N GLU C 219 22.09 22.32 44.01
CA GLU C 219 21.37 21.90 45.20
C GLU C 219 19.91 21.60 44.88
N LYS C 220 19.25 22.47 44.10
CA LYS C 220 17.83 22.30 43.84
C LYS C 220 17.54 21.08 42.97
N MET C 221 18.53 20.59 42.21
CA MET C 221 18.26 19.50 41.29
C MET C 221 17.80 18.24 42.01
N GLY C 222 18.18 18.07 43.28
CA GLY C 222 17.77 16.91 44.04
C GLY C 222 18.49 15.63 43.67
N ILE C 223 19.73 15.72 43.19
CA ILE C 223 20.52 14.56 42.80
C ILE C 223 21.71 14.46 43.74
N GLY C 224 21.98 13.25 44.23
CA GLY C 224 23.08 13.04 45.14
C GLY C 224 23.84 11.77 44.79
N GLY C 225 25.13 11.80 45.10
CA GLY C 225 25.99 10.65 44.87
C GLY C 225 26.50 10.50 43.45
N LEU C 226 26.17 11.42 42.56
CA LEU C 226 26.60 11.36 41.16
C LEU C 226 27.40 12.61 40.79
N ASP C 227 28.21 13.10 41.74
CA ASP C 227 28.98 14.31 41.51
C ASP C 227 29.94 14.15 40.35
N LYS C 228 30.67 13.03 40.31
CA LYS C 228 31.71 12.84 39.31
C LYS C 228 31.12 12.77 37.90
N GLU C 229 30.06 11.98 37.73
CA GLU C 229 29.46 11.82 36.42
C GLU C 229 28.95 13.16 35.88
N PHE C 230 28.23 13.90 36.73
CA PHE C 230 27.70 15.19 36.29
C PHE C 230 28.83 16.17 36.00
N SER C 231 29.88 16.17 36.82
CA SER C 231 31.01 17.05 36.57
C SER C 231 31.63 16.76 35.21
N ASP C 232 31.90 15.48 34.92
CA ASP C 232 32.53 15.13 33.65
C ASP C 232 31.63 15.46 32.47
N ILE C 233 30.34 15.12 32.56
CA ILE C 233 29.44 15.37 31.44
C ILE C 233 29.30 16.87 31.19
N PHE C 234 29.21 17.66 32.26
CA PHE C 234 29.16 19.11 32.10
C PHE C 234 30.44 19.64 31.46
N ARG C 235 31.59 19.11 31.90
CA ARG C 235 32.86 19.55 31.32
C ARG C 235 32.92 19.28 29.83
N ARG C 236 32.48 18.08 29.41
CA ARG C 236 32.68 17.67 28.03
C ARG C 236 31.57 18.12 27.08
N ALA C 237 30.36 18.41 27.58
CA ALA C 237 29.25 18.75 26.72
C ALA C 237 28.63 20.11 26.98
N PHE C 238 29.14 20.87 27.95
CA PHE C 238 28.60 22.21 28.20
C PHE C 238 29.70 23.23 28.51
N ALA C 239 30.95 22.91 28.21
CA ALA C 239 32.04 23.86 28.45
C ALA C 239 32.19 24.83 27.28
N SER C 240 32.19 24.31 26.06
CA SER C 240 32.43 25.12 24.87
C SER C 240 31.23 25.95 24.45
N ARG C 241 30.18 26.04 25.27
CA ARG C 241 29.01 26.85 24.96
C ARG C 241 28.77 27.97 25.97
N VAL C 242 29.75 28.27 26.82
CA VAL C 242 29.57 29.21 27.92
C VAL C 242 30.65 30.28 27.96
N PHE C 243 31.37 30.48 26.88
CA PHE C 243 32.60 31.26 26.85
C PHE C 243 32.58 32.28 25.72
N PRO C 244 33.47 33.27 25.75
CA PRO C 244 33.46 34.32 24.72
C PRO C 244 33.45 33.72 23.33
N PRO C 245 32.52 34.14 22.46
CA PRO C 245 32.48 33.55 21.12
C PRO C 245 33.76 33.76 20.32
N GLU C 246 34.49 34.86 20.57
CA GLU C 246 35.66 35.15 19.74
C GLU C 246 36.74 34.08 19.90
N ILE C 247 37.01 33.65 21.13
CA ILE C 247 38.09 32.70 21.35
C ILE C 247 37.73 31.35 20.74
N VAL C 248 36.48 30.90 20.89
CA VAL C 248 36.07 29.64 20.30
C VAL C 248 36.11 29.72 18.77
N GLU C 249 35.68 30.85 18.21
CA GLU C 249 35.73 31.02 16.76
C GLU C 249 37.17 30.93 16.27
N GLN C 250 38.08 31.60 16.96
CA GLN C 250 39.50 31.47 16.62
C GLN C 250 39.97 30.03 16.79
N MET C 251 39.38 29.30 17.74
CA MET C 251 39.81 27.93 18.03
C MET C 251 39.43 26.98 16.90
N GLY C 252 38.20 27.07 16.40
CA GLY C 252 37.74 26.22 15.32
C GLY C 252 37.45 24.79 15.76
N CYS C 253 36.42 24.62 16.61
CA CYS C 253 36.04 23.30 17.09
C CYS C 253 34.53 23.14 16.96
N LYS C 254 34.09 21.89 16.90
CA LYS C 254 32.68 21.54 16.78
C LYS C 254 32.18 20.94 18.08
N HIS C 255 31.03 21.41 18.53
CA HIS C 255 30.46 20.95 19.79
C HIS C 255 30.11 19.46 19.72
N VAL C 256 30.24 18.79 20.86
CA VAL C 256 29.83 17.38 20.93
C VAL C 256 28.34 17.27 20.66
N LYS C 257 27.93 16.12 20.10
CA LYS C 257 26.56 15.91 19.67
C LYS C 257 26.07 14.52 20.07
N GLY C 258 26.35 14.10 21.30
CA GLY C 258 25.87 12.80 21.73
C GLY C 258 26.16 12.45 23.17
N ILE C 259 25.16 11.90 23.86
CA ILE C 259 25.28 11.46 25.25
C ILE C 259 24.57 10.12 25.39
N LEU C 260 25.23 9.15 25.99
CA LEU C 260 24.66 7.84 26.24
C LEU C 260 24.81 7.49 27.71
N LEU C 261 23.75 6.93 28.30
CA LEU C 261 23.76 6.52 29.70
C LEU C 261 23.38 5.04 29.77
N TYR C 262 24.17 4.25 30.47
CA TYR C 262 23.88 2.85 30.67
C TYR C 262 24.21 2.45 32.10
N GLY C 263 23.69 1.31 32.52
CA GLY C 263 23.97 0.80 33.84
C GLY C 263 22.89 -0.12 34.35
N PRO C 264 23.11 -0.72 35.53
CA PRO C 264 22.12 -1.63 36.10
C PRO C 264 20.79 -0.92 36.31
N PRO C 265 19.67 -1.63 36.14
CA PRO C 265 18.37 -0.96 36.22
C PRO C 265 18.13 -0.32 37.58
N GLY C 266 17.47 0.84 37.56
CA GLY C 266 17.01 1.48 38.77
C GLY C 266 18.10 2.23 39.53
N CYS C 267 18.68 3.26 38.91
CA CYS C 267 19.70 4.04 39.59
C CYS C 267 19.61 5.54 39.29
N GLY C 268 18.59 6.00 38.58
CA GLY C 268 18.41 7.41 38.35
C GLY C 268 18.79 7.92 36.97
N LYS C 269 18.40 7.19 35.93
CA LYS C 269 18.65 7.65 34.57
C LYS C 269 17.60 8.66 34.11
N THR C 270 16.35 8.24 34.17
CA THR C 270 15.25 9.12 33.75
C THR C 270 15.44 10.44 34.47
N LEU C 271 15.43 10.46 35.78
CA LEU C 271 15.45 11.70 36.54
C LEU C 271 16.60 12.60 36.07
N LEU C 272 17.78 12.02 35.88
CA LEU C 272 18.92 12.82 35.45
C LEU C 272 18.66 13.46 34.10
N ALA C 273 18.10 12.70 33.16
CA ALA C 273 17.83 13.27 31.84
C ALA C 273 16.79 14.37 31.92
N ARG C 274 15.72 14.15 32.71
CA ARG C 274 14.70 15.18 32.81
C ARG C 274 15.28 16.46 33.40
N GLN C 275 16.11 16.33 34.44
CA GLN C 275 16.68 17.52 35.06
C GLN C 275 17.66 18.23 34.14
N ILE C 276 18.52 17.49 33.44
CA ILE C 276 19.46 18.14 32.54
C ILE C 276 18.71 18.84 31.42
N GLY C 277 17.64 18.22 30.92
CA GLY C 277 16.83 18.88 29.91
C GLY C 277 16.21 20.16 30.42
N LYS C 278 15.67 20.13 31.64
CA LYS C 278 15.11 21.35 32.22
C LYS C 278 16.17 22.41 32.45
N MET C 279 17.44 21.99 32.63
CA MET C 279 18.49 22.92 33.03
C MET C 279 18.60 24.09 32.06
N LEU C 280 18.65 23.80 30.76
CA LEU C 280 18.98 24.81 29.76
C LEU C 280 17.74 25.59 29.37
N ASN C 281 17.89 26.92 29.33
CA ASN C 281 16.79 27.82 28.97
C ASN C 281 16.74 27.95 27.45
N ALA C 282 16.17 26.94 26.81
CA ALA C 282 16.04 26.94 25.35
C ALA C 282 14.83 26.07 25.00
N ARG C 283 13.71 26.72 24.73
CA ARG C 283 12.46 26.06 24.31
C ARG C 283 12.21 24.88 25.24
N GLU C 284 11.51 23.85 24.75
CA GLU C 284 11.19 22.68 25.54
C GLU C 284 11.61 21.42 24.80
N PRO C 285 11.90 20.34 25.52
CA PRO C 285 12.38 19.12 24.86
C PRO C 285 11.29 18.44 24.05
N LYS C 286 11.73 17.67 23.06
CA LYS C 286 10.85 16.86 22.23
C LYS C 286 11.05 15.39 22.63
N VAL C 287 9.97 14.72 23.01
CA VAL C 287 10.03 13.37 23.54
C VAL C 287 9.75 12.37 22.43
N VAL C 288 10.44 11.23 22.49
CA VAL C 288 10.35 10.19 21.48
C VAL C 288 9.90 8.92 22.21
N ASN C 289 9.03 9.10 23.20
CA ASN C 289 8.64 8.05 24.13
C ASN C 289 8.46 6.71 23.43
N GLY C 290 9.20 5.71 23.89
CA GLY C 290 9.09 4.36 23.37
C GLY C 290 9.35 4.30 21.89
N PRO C 291 8.92 3.19 21.23
CA PRO C 291 9.01 3.07 19.77
C PRO C 291 7.81 3.68 19.07
N GLU C 292 7.54 4.95 19.36
CA GLU C 292 6.34 5.60 18.82
C GLU C 292 6.39 5.69 17.30
N ILE C 293 7.58 5.80 16.72
CA ILE C 293 7.71 6.06 15.28
C ILE C 293 7.69 4.71 14.58
N LEU C 294 6.48 4.20 14.33
CA LEU C 294 6.29 2.97 13.57
C LEU C 294 4.92 3.02 12.93
N ASN C 295 4.87 2.97 11.60
CA ASN C 295 3.63 3.05 10.83
C ASN C 295 3.55 1.88 9.88
N LYS C 296 2.33 1.53 9.48
CA LYS C 296 2.11 0.36 8.65
C LYS C 296 2.39 0.64 7.18
N TYR C 297 1.98 1.81 6.67
CA TYR C 297 2.28 2.16 5.30
C TYR C 297 3.78 2.18 5.06
N VAL C 298 4.21 1.63 3.93
CA VAL C 298 5.63 1.59 3.61
C VAL C 298 6.18 3.01 3.54
N GLY C 299 7.38 3.19 4.06
CA GLY C 299 8.06 4.47 3.95
C GLY C 299 7.36 5.62 4.64
N GLU C 300 6.85 5.40 5.84
CA GLU C 300 6.23 6.45 6.64
C GLU C 300 6.97 6.74 7.93
N SER C 301 7.47 5.72 8.64
CA SER C 301 8.26 5.96 9.83
C SER C 301 9.46 6.85 9.52
N GLU C 302 9.99 6.76 8.30
CA GLU C 302 11.11 7.61 7.92
C GLU C 302 10.70 9.07 7.89
N ALA C 303 9.50 9.37 7.41
CA ALA C 303 9.01 10.74 7.48
C ALA C 303 8.87 11.19 8.93
N ASN C 304 8.37 10.30 9.79
CA ASN C 304 8.20 10.66 11.19
C ASN C 304 9.54 11.02 11.83
N ILE C 305 10.59 10.23 11.57
CA ILE C 305 11.88 10.54 12.15
C ILE C 305 12.46 11.80 11.52
N ARG C 306 12.26 11.99 10.21
CA ARG C 306 12.84 13.15 9.53
C ARG C 306 12.23 14.45 10.03
N LYS C 307 10.92 14.48 10.28
CA LYS C 307 10.28 15.73 10.65
C LYS C 307 10.80 16.28 11.97
N LEU C 308 11.51 15.48 12.76
CA LEU C 308 12.06 15.97 14.03
C LEU C 308 13.08 17.07 13.81
N PHE C 309 13.95 16.92 12.81
CA PHE C 309 15.09 17.80 12.62
C PHE C 309 14.77 19.04 11.78
N ALA C 310 13.56 19.16 11.25
CA ALA C 310 13.26 20.25 10.33
C ALA C 310 13.53 21.61 10.97
N ASP C 311 13.06 21.79 12.21
CA ASP C 311 13.25 23.07 12.89
C ASP C 311 14.72 23.39 13.07
N ALA C 312 15.52 22.37 13.44
CA ALA C 312 16.94 22.61 13.62
C ALA C 312 17.60 23.05 12.32
N GLU C 313 17.25 22.39 11.21
CA GLU C 313 17.83 22.77 9.92
C GLU C 313 17.43 24.19 9.54
N GLU C 314 16.16 24.54 9.74
CA GLU C 314 15.71 25.89 9.39
C GLU C 314 16.43 26.94 10.23
N GLU C 315 16.56 26.69 11.54
CA GLU C 315 17.25 27.64 12.40
C GLU C 315 18.72 27.75 12.03
N GLN C 316 19.36 26.62 11.70
CA GLN C 316 20.76 26.67 11.27
C GLN C 316 20.90 27.49 10.00
N ARG C 317 19.98 27.32 9.05
N ARG C 317 19.98 27.32 9.05
CA ARG C 317 20.05 28.08 7.82
CA ARG C 317 20.07 28.08 7.81
C ARG C 317 19.90 29.57 8.07
C ARG C 317 19.89 29.58 8.06
N ARG C 318 18.84 29.95 8.79
CA ARG C 318 18.54 31.37 8.97
C ARG C 318 19.58 32.06 9.85
N LEU C 319 19.92 31.47 10.99
CA LEU C 319 20.78 32.11 11.97
C LEU C 319 22.07 31.32 12.14
N GLY C 320 22.67 30.90 11.03
CA GLY C 320 23.88 30.11 11.05
C GLY C 320 24.89 30.56 12.08
N ALA C 321 25.30 29.64 12.95
CA ALA C 321 26.26 29.87 14.03
C ALA C 321 25.73 30.84 15.09
N ASN C 322 24.42 31.13 15.08
CA ASN C 322 23.83 32.04 16.06
C ASN C 322 22.46 31.54 16.51
N SER C 323 22.22 30.23 16.42
CA SER C 323 20.93 29.66 16.81
C SER C 323 21.00 29.13 18.24
N GLY C 324 19.85 28.66 18.73
CA GLY C 324 19.75 28.09 20.05
C GLY C 324 19.93 26.58 20.05
N LEU C 325 19.80 26.00 21.24
CA LEU C 325 19.97 24.57 21.42
C LEU C 325 18.64 23.85 21.20
N HIS C 326 18.69 22.75 20.45
CA HIS C 326 17.55 21.89 20.23
C HIS C 326 17.88 20.51 20.79
N ILE C 327 16.98 19.97 21.61
CA ILE C 327 17.24 18.75 22.37
C ILE C 327 16.18 17.71 22.02
N ILE C 328 16.62 16.47 21.82
CA ILE C 328 15.74 15.34 21.54
C ILE C 328 16.15 14.19 22.45
N ILE C 329 15.16 13.53 23.04
CA ILE C 329 15.39 12.48 24.04
C ILE C 329 14.85 11.16 23.50
N PHE C 330 15.68 10.12 23.56
CA PHE C 330 15.29 8.77 23.21
C PHE C 330 15.14 7.94 24.48
N ASP C 331 14.06 7.17 24.56
CA ASP C 331 13.81 6.27 25.68
C ASP C 331 13.78 4.84 25.15
N GLU C 332 14.55 3.96 25.80
CA GLU C 332 14.66 2.57 25.37
C GLU C 332 15.12 2.49 23.92
N ILE C 333 16.32 3.02 23.68
CA ILE C 333 16.82 3.14 22.31
C ILE C 333 16.94 1.78 21.66
N ASP C 334 17.22 0.74 22.45
CA ASP C 334 17.43 -0.60 21.89
C ASP C 334 16.19 -1.15 21.22
N ALA C 335 15.01 -0.58 21.47
CA ALA C 335 13.79 -1.10 20.86
C ALA C 335 13.82 -0.98 19.34
N ILE C 336 14.38 0.11 18.83
CA ILE C 336 14.34 0.43 17.41
C ILE C 336 15.72 0.29 16.76
N CYS C 337 16.78 0.65 17.48
CA CYS C 337 18.13 0.64 16.93
C CYS C 337 18.85 -0.63 17.38
N LYS C 338 19.34 -1.41 16.42
CA LYS C 338 20.07 -2.63 16.71
C LYS C 338 21.08 -2.87 15.59
N GLN C 339 21.93 -3.87 15.80
CA GLN C 339 22.96 -4.19 14.82
C GLN C 339 22.31 -4.51 13.47
N ARG C 340 22.83 -3.88 12.41
CA ARG C 340 22.25 -4.05 11.09
C ARG C 340 22.58 -5.43 10.54
N GLY C 341 21.59 -6.06 9.91
CA GLY C 341 21.76 -7.36 9.29
C GLY C 341 21.72 -8.54 10.25
N SER C 342 21.66 -8.30 11.56
CA SER C 342 21.63 -9.37 12.54
C SER C 342 20.20 -9.81 12.84
N MET C 343 19.37 -8.88 13.31
CA MET C 343 17.98 -9.20 13.60
C MET C 343 17.24 -9.54 12.32
N ALA C 344 16.29 -10.48 12.41
CA ALA C 344 15.55 -10.93 11.24
C ALA C 344 14.53 -9.89 10.81
N GLY C 345 14.97 -8.94 9.99
CA GLY C 345 14.07 -7.92 9.46
C GLY C 345 13.31 -8.39 8.26
N SER C 346 12.28 -9.23 8.49
CA SER C 346 11.50 -9.75 7.38
C SER C 346 10.95 -8.61 6.52
N THR C 347 10.36 -7.60 7.16
CA THR C 347 9.95 -6.40 6.43
C THR C 347 11.14 -5.50 6.12
N GLY C 348 12.21 -5.59 6.91
CA GLY C 348 13.39 -4.79 6.69
C GLY C 348 13.29 -3.37 7.18
N VAL C 349 12.18 -2.99 7.82
CA VAL C 349 12.00 -1.60 8.25
C VAL C 349 13.09 -1.19 9.24
N HIS C 350 13.58 -2.14 10.05
CA HIS C 350 14.61 -1.81 11.02
C HIS C 350 15.85 -1.23 10.33
N ASP C 351 16.31 -1.90 9.26
CA ASP C 351 17.50 -1.44 8.57
C ASP C 351 17.29 -0.06 7.97
N THR C 352 16.14 0.17 7.34
CA THR C 352 15.87 1.47 6.75
C THR C 352 15.84 2.56 7.82
N VAL C 353 15.22 2.27 8.97
CA VAL C 353 15.13 3.27 10.03
C VAL C 353 16.51 3.62 10.55
N VAL C 354 17.34 2.59 10.82
CA VAL C 354 18.67 2.86 11.36
C VAL C 354 19.48 3.64 10.35
N ASN C 355 19.38 3.28 9.05
CA ASN C 355 20.13 3.99 8.03
C ASN C 355 19.69 5.43 7.92
N GLN C 356 18.38 5.69 7.99
CA GLN C 356 17.89 7.06 7.91
C GLN C 356 18.40 7.90 9.08
N LEU C 357 18.37 7.31 10.27
CA LEU C 357 18.82 8.02 11.49
C LEU C 357 20.32 8.24 11.38
N LEU C 358 21.08 7.25 10.96
CA LEU C 358 22.55 7.36 10.93
C LEU C 358 22.92 8.47 9.96
N SER C 359 22.29 8.52 8.80
CA SER C 359 22.58 9.52 7.76
C SER C 359 22.21 10.90 8.29
N LYS C 360 21.02 11.04 8.86
CA LYS C 360 20.55 12.35 9.31
C LYS C 360 21.50 12.97 10.33
N ILE C 361 21.97 12.17 11.30
CA ILE C 361 22.78 12.75 12.37
C ILE C 361 24.05 13.38 11.81
N ASP C 362 24.77 12.61 10.98
CA ASP C 362 26.04 13.07 10.37
C ASP C 362 26.08 12.65 8.91
N GLY C 363 25.63 13.50 7.99
CA GLY C 363 25.59 13.21 6.57
C GLY C 363 26.36 14.26 5.79
N VAL C 364 25.88 14.50 4.57
CA VAL C 364 26.53 15.47 3.70
C VAL C 364 26.45 16.86 4.31
N GLU C 365 25.31 17.21 4.90
CA GLU C 365 25.12 18.52 5.49
C GLU C 365 25.51 18.52 6.96
N GLN C 366 26.09 19.64 7.41
CA GLN C 366 26.51 19.80 8.78
C GLN C 366 25.41 20.44 9.61
N LEU C 367 25.22 19.94 10.84
CA LEU C 367 24.41 20.58 11.85
C LEU C 367 25.28 20.86 13.06
N ASN C 368 25.00 21.98 13.74
CA ASN C 368 25.81 22.39 14.88
C ASN C 368 24.97 22.87 16.06
N ASN C 369 23.68 22.56 16.09
CA ASN C 369 22.79 23.01 17.15
C ASN C 369 21.86 21.89 17.59
N ILE C 370 22.39 20.68 17.75
CA ILE C 370 21.61 19.52 18.19
C ILE C 370 22.38 18.77 19.26
N LEU C 371 21.66 17.94 20.01
CA LEU C 371 22.23 17.15 21.07
C LEU C 371 21.28 16.00 21.39
N VAL C 372 21.78 14.77 21.34
CA VAL C 372 20.96 13.58 21.51
C VAL C 372 21.35 12.90 22.82
N ILE C 373 20.34 12.42 23.55
CA ILE C 373 20.55 11.72 24.81
C ILE C 373 19.85 10.37 24.73
N GLY C 374 20.57 9.31 25.10
CA GLY C 374 20.05 7.96 25.00
C GLY C 374 20.21 7.19 26.29
N MET C 375 19.25 6.29 26.53
CA MET C 375 19.24 5.43 27.70
C MET C 375 19.07 3.98 27.28
N THR C 376 19.61 3.07 28.09
CA THR C 376 19.54 1.65 27.80
C THR C 376 20.12 0.87 28.96
N ASN C 377 19.56 -0.31 29.21
CA ASN C 377 20.11 -1.24 30.21
C ASN C 377 20.75 -2.47 29.60
N ARG C 378 20.79 -2.57 28.28
CA ARG C 378 21.54 -3.60 27.54
C ARG C 378 22.44 -2.89 26.55
N PRO C 379 23.61 -2.39 27.00
CA PRO C 379 24.52 -1.66 26.10
C PRO C 379 25.37 -2.56 25.21
N ASP C 380 24.73 -3.55 24.60
CA ASP C 380 25.41 -4.48 23.70
C ASP C 380 24.68 -4.57 22.37
N LEU C 381 23.36 -4.37 22.38
CA LEU C 381 22.56 -4.50 21.17
C LEU C 381 22.66 -3.28 20.26
N ILE C 382 23.31 -2.21 20.70
CA ILE C 382 23.41 -1.01 19.88
C ILE C 382 24.38 -1.25 18.74
N ASP C 383 24.00 -0.80 17.54
CA ASP C 383 24.87 -0.96 16.38
C ASP C 383 26.18 -0.22 16.58
N GLU C 384 27.28 -0.75 16.12
CA GLU C 384 28.59 -0.11 16.28
C GLU C 384 28.60 1.29 15.71
N ALA C 385 27.95 1.50 14.57
CA ALA C 385 28.02 2.80 13.90
C ALA C 385 27.47 3.90 14.80
N LEU C 386 26.28 3.69 15.35
CA LEU C 386 25.64 4.72 16.16
C LEU C 386 26.59 5.22 17.23
N LEU C 387 27.39 4.32 17.81
CA LEU C 387 28.38 4.70 18.82
C LEU C 387 29.76 4.71 18.18
N ARG C 388 30.16 5.89 17.72
CA ARG C 388 31.50 6.13 17.20
C ARG C 388 31.87 7.56 17.53
N PRO C 389 33.16 7.88 17.49
CA PRO C 389 33.55 9.27 17.71
C PRO C 389 32.80 10.19 16.77
N GLY C 390 32.30 11.29 17.31
CA GLY C 390 31.50 12.24 16.58
C GLY C 390 30.01 12.10 16.79
N ARG C 391 29.49 10.89 16.66
CA ARG C 391 28.05 10.75 16.75
C ARG C 391 27.60 10.70 18.20
N LEU C 392 28.03 9.68 18.92
CA LEU C 392 27.79 9.59 20.35
C LEU C 392 29.11 9.37 21.08
N GLU C 393 29.65 10.43 21.67
CA GLU C 393 30.97 10.38 22.27
C GLU C 393 30.92 10.18 23.78
N VAL C 394 30.21 11.03 24.50
CA VAL C 394 30.15 10.92 25.95
C VAL C 394 29.27 9.75 26.33
N LYS C 395 29.85 8.71 26.90
CA LYS C 395 29.12 7.51 27.34
C LYS C 395 29.40 7.34 28.83
N MET C 396 28.38 7.16 29.66
CA MET C 396 28.56 7.08 31.10
C MET C 396 27.82 5.88 31.67
N GLU C 397 28.34 5.38 32.79
CA GLU C 397 27.80 4.26 33.51
C GLU C 397 27.26 4.74 34.86
N ILE C 398 26.08 4.25 35.22
CA ILE C 398 25.41 4.64 36.46
C ILE C 398 25.32 3.40 37.35
N GLY C 399 26.24 3.30 38.30
CA GLY C 399 26.31 2.16 39.20
C GLY C 399 25.68 2.45 40.55
N LEU C 400 25.67 1.42 41.39
CA LEU C 400 25.03 1.51 42.68
C LEU C 400 25.75 2.54 43.55
N PRO C 401 25.03 3.30 44.36
CA PRO C 401 25.68 4.33 45.19
C PRO C 401 26.36 3.74 46.41
N ASP C 402 27.19 4.57 47.03
CA ASP C 402 27.91 4.21 48.25
C ASP C 402 27.24 4.85 49.46
N GLU C 403 27.89 4.73 50.63
CA GLU C 403 27.28 5.20 51.86
C GLU C 403 26.95 6.69 51.81
N LYS C 404 27.92 7.51 51.37
CA LYS C 404 27.67 8.94 51.29
C LYS C 404 26.51 9.25 50.36
N GLY C 405 26.43 8.51 49.24
CA GLY C 405 25.31 8.70 48.34
C GLY C 405 23.98 8.39 49.00
N ARG C 406 23.92 7.29 49.76
CA ARG C 406 22.69 6.94 50.45
C ARG C 406 22.31 8.02 51.47
N LEU C 407 23.30 8.53 52.19
CA LEU C 407 23.01 9.61 53.16
C LEU C 407 22.45 10.82 52.45
N GLN C 408 23.07 11.22 51.33
CA GLN C 408 22.56 12.38 50.59
C GLN C 408 21.15 12.13 50.08
N ILE C 409 20.88 10.92 49.60
CA ILE C 409 19.56 10.61 49.05
C ILE C 409 18.51 10.71 50.15
N LEU C 410 18.78 10.10 51.30
CA LEU C 410 17.83 10.14 52.40
C LEU C 410 17.62 11.57 52.87
N HIS C 411 18.69 12.36 52.93
CA HIS C 411 18.54 13.77 53.29
C HIS C 411 17.64 14.50 52.30
N ILE C 412 17.83 14.25 51.01
CA ILE C 412 17.07 14.99 49.99
C ILE C 412 15.59 14.62 50.08
N HIS C 413 15.27 13.33 50.11
CA HIS C 413 13.86 12.94 50.13
C HIS C 413 13.19 13.33 51.44
N THR C 414 13.92 13.30 52.55
CA THR C 414 13.38 13.70 53.84
C THR C 414 13.72 15.16 54.10
N ALA C 415 13.13 16.03 53.28
CA ALA C 415 13.29 17.48 53.41
C ALA C 415 12.00 18.17 53.79
N ARG C 416 10.92 17.94 53.04
CA ARG C 416 9.64 18.58 53.38
C ARG C 416 9.14 18.12 54.75
N MET C 417 9.50 16.91 55.17
CA MET C 417 9.20 16.47 56.53
C MET C 417 9.70 17.47 57.56
N ARG C 418 10.99 17.81 57.49
N ARG C 418 10.99 17.81 57.47
CA ARG C 418 11.60 18.61 58.53
CA ARG C 418 11.61 18.62 58.51
C ARG C 418 11.03 20.03 58.56
C ARG C 418 11.03 20.03 58.56
N GLY C 419 10.57 20.53 57.42
CA GLY C 419 10.03 21.89 57.38
C GLY C 419 8.83 22.07 58.28
N HIS C 420 7.98 21.06 58.38
CA HIS C 420 6.71 21.16 59.10
C HIS C 420 6.72 20.42 60.43
N GLN C 421 7.90 20.01 60.92
CA GLN C 421 8.02 19.36 62.22
C GLN C 421 7.11 18.15 62.32
N LEU C 422 7.30 17.21 61.39
CA LEU C 422 6.53 15.97 61.37
C LEU C 422 7.36 14.75 61.79
N LEU C 423 8.63 14.93 62.11
CA LEU C 423 9.52 13.83 62.44
C LEU C 423 9.91 13.93 63.92
N SER C 424 9.72 12.84 64.65
CA SER C 424 10.18 12.77 66.02
C SER C 424 11.69 12.62 66.07
N ALA C 425 12.29 13.16 67.14
CA ALA C 425 13.74 13.13 67.28
C ALA C 425 14.29 11.72 67.49
N ASP C 426 13.43 10.73 67.76
CA ASP C 426 13.92 9.38 68.02
C ASP C 426 14.66 8.82 66.81
N VAL C 427 14.15 9.03 65.61
CA VAL C 427 14.75 8.47 64.41
C VAL C 427 16.02 9.23 64.07
N ASP C 428 17.07 8.49 63.69
CA ASP C 428 18.34 9.06 63.29
C ASP C 428 18.65 8.63 61.86
N ILE C 429 19.08 9.59 61.04
CA ILE C 429 19.40 9.29 59.65
C ILE C 429 20.61 8.36 59.57
N LYS C 430 21.59 8.55 60.45
CA LYS C 430 22.82 7.78 60.36
C LYS C 430 22.57 6.29 60.55
N GLU C 431 21.71 5.93 61.50
CA GLU C 431 21.41 4.51 61.72
C GLU C 431 20.78 3.89 60.47
N LEU C 432 19.83 4.61 59.85
CA LEU C 432 19.22 4.11 58.63
C LEU C 432 20.26 3.94 57.52
N ALA C 433 21.13 4.94 57.36
CA ALA C 433 22.14 4.87 56.31
C ALA C 433 23.07 3.70 56.52
N VAL C 434 23.50 3.46 57.76
CA VAL C 434 24.44 2.38 58.04
C VAL C 434 23.76 1.03 57.87
N GLU C 435 22.53 0.90 58.35
CA GLU C 435 21.86 -0.40 58.30
C GLU C 435 21.63 -0.88 56.88
N THR C 436 21.18 0.01 55.99
CA THR C 436 20.85 -0.37 54.63
C THR C 436 22.12 -0.48 53.79
N LYS C 437 22.25 -1.58 53.05
CA LYS C 437 23.41 -1.85 52.23
C LYS C 437 22.97 -2.32 50.85
N ASN C 438 23.73 -1.93 49.83
CA ASN C 438 23.48 -2.34 48.45
C ASN C 438 22.04 -2.05 48.02
N PHE C 439 21.47 -0.99 48.58
CA PHE C 439 20.15 -0.52 48.15
C PHE C 439 20.33 0.46 47.00
N SER C 440 19.71 0.17 45.87
CA SER C 440 19.72 1.10 44.76
C SER C 440 18.87 2.31 45.10
N GLY C 441 19.10 3.41 44.36
CA GLY C 441 18.39 4.64 44.64
C GLY C 441 16.88 4.50 44.61
N ALA C 442 16.38 3.49 43.92
CA ALA C 442 14.94 3.29 43.77
C ALA C 442 14.28 2.69 45.00
N GLU C 443 15.10 2.17 45.91
CA GLU C 443 14.59 1.48 47.12
C GLU C 443 14.33 2.49 48.21
N LEU C 444 15.26 3.40 48.43
CA LEU C 444 15.15 4.33 49.56
C LEU C 444 13.82 5.06 49.55
N GLU C 445 13.39 5.52 48.37
CA GLU C 445 12.08 6.16 48.25
C GLU C 445 10.98 5.19 48.67
N GLY C 446 11.08 3.94 48.25
CA GLY C 446 10.06 2.96 48.62
C GLY C 446 10.01 2.73 50.12
N LEU C 447 11.17 2.63 50.76
CA LEU C 447 11.21 2.44 52.21
C LEU C 447 10.57 3.63 52.91
N VAL C 448 10.92 4.85 52.47
CA VAL C 448 10.34 6.04 53.09
C VAL C 448 8.83 6.03 52.89
N ARG C 449 8.37 5.69 51.69
CA ARG C 449 6.94 5.68 51.43
C ARG C 449 6.22 4.65 52.29
N ALA C 450 6.81 3.47 52.46
CA ALA C 450 6.18 2.43 53.27
C ALA C 450 6.09 2.86 54.74
N ALA C 451 7.17 3.41 55.28
CA ALA C 451 7.13 3.88 56.66
C ALA C 451 6.10 4.98 56.81
N GLN C 452 6.08 5.94 55.88
CA GLN C 452 5.08 6.99 55.91
C GLN C 452 3.68 6.38 55.93
N SER C 453 3.42 5.43 55.04
CA SER C 453 2.07 4.89 54.90
C SER C 453 1.63 4.12 56.13
N THR C 454 2.53 3.36 56.75
CA THR C 454 2.14 2.63 57.95
C THR C 454 1.85 3.60 59.10
N ALA C 455 2.75 4.55 59.35
CA ALA C 455 2.44 5.57 60.34
C ALA C 455 1.20 6.36 59.98
N MET C 456 0.85 6.37 58.69
CA MET C 456 -0.26 7.17 58.20
C MET C 456 -1.58 6.48 58.50
N ASN C 457 -1.60 5.15 58.29
CA ASN C 457 -2.77 4.35 58.62
C ASN C 457 -2.96 4.22 60.13
N ARG C 458 -1.87 4.30 60.90
CA ARG C 458 -1.98 4.12 62.35
C ARG C 458 -3.21 4.83 62.93
N HIS C 459 -3.57 5.98 62.35
CA HIS C 459 -4.68 6.76 62.89
C HIS C 459 -6.04 6.17 62.52
N ILE C 460 -6.18 5.59 61.32
CA ILE C 460 -7.48 5.11 60.88
C ILE C 460 -7.99 4.02 61.81
N LYS C 461 -9.30 4.05 62.07
CA LYS C 461 -10.02 2.98 62.76
C LYS C 461 -11.28 2.73 61.96
N ALA C 462 -11.18 1.86 60.95
CA ALA C 462 -12.30 1.56 60.08
C ALA C 462 -12.21 0.09 59.65
N SER C 463 -13.31 -0.64 59.83
CA SER C 463 -13.38 -2.04 59.44
C SER C 463 -14.37 -2.27 58.30
N THR C 464 -15.62 -1.85 58.47
CA THR C 464 -16.62 -1.91 57.41
C THR C 464 -17.10 -0.55 56.96
N LYS C 465 -17.04 0.46 57.83
CA LYS C 465 -17.42 1.82 57.51
C LYS C 465 -16.15 2.67 57.46
N VAL C 466 -15.92 3.34 56.32
CA VAL C 466 -14.77 4.22 56.19
C VAL C 466 -15.00 5.47 57.02
N GLU C 467 -14.02 5.79 57.87
CA GLU C 467 -14.15 6.91 58.80
C GLU C 467 -12.77 7.45 59.11
N VAL C 468 -12.70 8.76 59.31
CA VAL C 468 -11.45 9.45 59.64
C VAL C 468 -11.57 9.98 61.06
N ASP C 469 -10.60 9.64 61.90
CA ASP C 469 -10.58 10.10 63.29
C ASP C 469 -9.78 11.39 63.36
N MET C 470 -10.45 12.49 63.01
CA MET C 470 -9.79 13.79 62.99
C MET C 470 -9.31 14.20 64.38
N GLU C 471 -9.97 13.71 65.43
CA GLU C 471 -9.56 14.06 66.79
C GLU C 471 -8.15 13.58 67.09
N LYS C 472 -7.71 12.49 66.45
CA LYS C 472 -6.33 12.02 66.55
C LYS C 472 -5.46 12.55 65.42
N ALA C 473 -6.03 13.29 64.47
CA ALA C 473 -5.28 13.77 63.32
C ALA C 473 -4.51 15.06 63.61
N GLU C 474 -4.72 15.68 64.76
CA GLU C 474 -4.02 16.93 65.07
C GLU C 474 -2.52 16.69 65.19
N SER C 475 -2.12 15.58 65.80
CA SER C 475 -0.72 15.29 66.09
C SER C 475 -0.30 14.04 65.31
N LEU C 476 0.49 14.24 64.26
CA LEU C 476 1.00 13.16 63.43
C LEU C 476 2.52 13.16 63.47
N GLN C 477 3.11 12.00 63.78
CA GLN C 477 4.55 11.85 63.75
C GLN C 477 4.88 10.38 63.46
N VAL C 478 6.09 10.15 62.96
CA VAL C 478 6.57 8.83 62.59
C VAL C 478 7.70 8.44 63.54
N THR C 479 7.67 7.22 64.03
CA THR C 479 8.64 6.72 65.00
C THR C 479 9.49 5.63 64.37
N ARG C 480 10.60 5.32 65.04
CA ARG C 480 11.55 4.33 64.52
C ARG C 480 10.86 2.99 64.29
N GLY C 481 9.82 2.67 65.05
CA GLY C 481 9.10 1.43 64.81
C GLY C 481 8.57 1.34 63.39
N ASP C 482 8.13 2.48 62.85
CA ASP C 482 7.64 2.50 61.48
C ASP C 482 8.73 2.07 60.51
N PHE C 483 9.91 2.68 60.61
CA PHE C 483 11.01 2.34 59.73
C PHE C 483 11.41 0.87 59.89
N LEU C 484 11.47 0.39 61.14
CA LEU C 484 11.89 -0.99 61.36
C LEU C 484 10.88 -1.97 60.76
N ALA C 485 9.59 -1.72 60.96
CA ALA C 485 8.57 -2.59 60.38
C ALA C 485 8.65 -2.56 58.85
N SER C 486 8.83 -1.38 58.27
CA SER C 486 8.94 -1.28 56.83
C SER C 486 10.15 -2.07 56.32
N LEU C 487 11.29 -1.95 57.00
CA LEU C 487 12.47 -2.68 56.58
C LEU C 487 12.25 -4.19 56.67
N GLU C 488 11.64 -4.65 57.76
CA GLU C 488 11.54 -6.08 57.99
C GLU C 488 10.50 -6.74 57.09
N ASN C 489 9.36 -6.09 56.86
CA ASN C 489 8.21 -6.74 56.26
C ASN C 489 7.91 -6.29 54.83
N ASP C 490 8.21 -5.05 54.46
CA ASP C 490 7.69 -4.49 53.22
C ASP C 490 8.66 -4.64 52.05
N ILE C 491 9.84 -4.06 52.16
CA ILE C 491 10.75 -3.92 51.03
C ILE C 491 11.70 -5.11 50.97
N LYS C 492 12.01 -5.56 49.76
CA LYS C 492 12.94 -6.65 49.53
C LYS C 492 13.90 -6.25 48.42
N PRO C 493 15.14 -5.89 48.74
CA PRO C 493 16.07 -5.44 47.70
C PRO C 493 16.46 -6.58 46.77
N ALA C 494 16.97 -6.20 45.60
CA ALA C 494 17.40 -7.16 44.59
C ALA C 494 18.88 -7.48 44.64
N PHE C 495 19.72 -6.50 44.97
CA PHE C 495 21.17 -6.68 45.02
C PHE C 495 21.68 -6.80 46.45
N GLY C 496 20.84 -7.25 47.38
CA GLY C 496 21.23 -7.39 48.77
C GLY C 496 21.06 -8.80 49.29
N THR C 497 21.18 -8.97 50.60
CA THR C 497 21.08 -10.28 51.23
C THR C 497 19.63 -10.59 51.57
N ASN C 498 19.21 -11.81 51.28
CA ASN C 498 17.88 -12.30 51.59
C ASN C 498 17.93 -13.17 52.85
N GLN C 499 16.81 -13.22 53.56
CA GLN C 499 16.76 -13.93 54.84
C GLN C 499 16.02 -15.26 54.78
N GLU C 500 15.21 -15.50 53.74
CA GLU C 500 14.40 -16.71 53.72
C GLU C 500 15.26 -17.95 53.47
N ASP C 501 16.26 -17.85 52.59
CA ASP C 501 17.05 -19.03 52.26
C ASP C 501 17.79 -19.58 53.47
N TYR C 502 18.33 -18.68 54.30
CA TYR C 502 18.96 -19.11 55.54
C TYR C 502 17.97 -19.77 56.49
N ALA C 503 16.69 -19.43 56.40
CA ALA C 503 15.66 -20.08 57.19
C ALA C 503 15.16 -21.37 56.55
N SER C 504 15.68 -21.73 55.38
CA SER C 504 15.27 -22.95 54.68
C SER C 504 16.40 -23.96 54.53
N TYR C 505 17.66 -23.54 54.66
CA TYR C 505 18.79 -24.46 54.55
C TYR C 505 19.29 -24.93 55.92
N ILE C 506 19.71 -24.00 56.78
CA ILE C 506 20.05 -24.35 58.15
C ILE C 506 18.76 -24.41 58.96
N MET C 507 18.23 -25.62 59.13
CA MET C 507 16.90 -25.79 59.71
C MET C 507 16.96 -25.89 61.23
N ASN C 508 17.69 -26.87 61.74
CA ASN C 508 17.70 -27.19 63.17
C ASN C 508 18.98 -26.68 63.84
N GLY C 509 19.52 -25.57 63.38
CA GLY C 509 20.66 -24.95 64.02
C GLY C 509 21.90 -25.83 64.00
N ILE C 510 22.96 -25.30 64.61
CA ILE C 510 24.25 -25.98 64.68
C ILE C 510 24.59 -26.19 66.14
N ILE C 511 24.96 -27.43 66.49
CA ILE C 511 25.27 -27.81 67.86
C ILE C 511 26.68 -28.37 67.89
N LYS C 512 27.47 -27.92 68.85
CA LYS C 512 28.88 -28.32 68.96
C LYS C 512 28.96 -29.67 69.64
N TRP C 513 29.03 -30.73 68.83
CA TRP C 513 29.17 -32.09 69.34
C TRP C 513 30.63 -32.54 69.40
N GLY C 514 31.57 -31.67 69.07
CA GLY C 514 32.97 -32.06 69.06
C GLY C 514 33.85 -30.93 68.61
N ASP C 515 35.10 -31.27 68.33
CA ASP C 515 36.13 -30.31 67.94
C ASP C 515 36.03 -29.89 66.47
N PRO C 516 35.73 -30.80 65.54
CA PRO C 516 35.83 -30.45 64.12
C PRO C 516 35.06 -29.19 63.73
N VAL C 517 33.90 -28.95 64.35
CA VAL C 517 33.11 -27.76 64.00
C VAL C 517 33.94 -26.50 64.22
N THR C 518 34.64 -26.42 65.36
CA THR C 518 35.45 -25.25 65.64
C THR C 518 36.54 -25.07 64.59
N ARG C 519 37.21 -26.17 64.21
CA ARG C 519 38.26 -26.08 63.21
C ARG C 519 37.73 -25.55 61.89
N VAL C 520 36.61 -26.11 61.41
CA VAL C 520 36.09 -25.70 60.12
C VAL C 520 35.64 -24.24 60.17
N LEU C 521 34.99 -23.83 61.25
CA LEU C 521 34.55 -22.45 61.35
C LEU C 521 35.73 -21.48 61.39
N ASP C 522 36.79 -21.84 62.12
CA ASP C 522 37.97 -20.98 62.16
C ASP C 522 38.61 -20.88 60.78
N ASP C 523 38.69 -21.99 60.06
CA ASP C 523 39.26 -21.95 58.71
C ASP C 523 38.42 -21.07 57.80
N GLY C 524 37.09 -21.17 57.90
CA GLY C 524 36.24 -20.30 57.11
C GLY C 524 36.45 -18.83 57.43
N GLU C 525 36.57 -18.51 58.73
CA GLU C 525 36.83 -17.12 59.10
C GLU C 525 38.15 -16.65 58.53
N LEU C 526 39.19 -17.50 58.57
CA LEU C 526 40.48 -17.12 58.01
C LEU C 526 40.36 -16.85 56.51
N LEU C 527 39.62 -17.70 55.79
CA LEU C 527 39.46 -17.50 54.36
C LEU C 527 38.70 -16.20 54.06
N VAL C 528 37.65 -15.91 54.84
CA VAL C 528 36.92 -14.66 54.65
C VAL C 528 37.84 -13.47 54.88
N GLN C 529 38.63 -13.52 55.96
CA GLN C 529 39.56 -12.44 56.23
C GLN C 529 40.54 -12.26 55.08
N GLN C 530 41.04 -13.36 54.52
CA GLN C 530 42.00 -13.27 53.43
C GLN C 530 41.37 -12.64 52.20
N THR C 531 40.14 -13.03 51.86
CA THR C 531 39.51 -12.45 50.68
C THR C 531 39.19 -10.97 50.90
N LYS C 532 38.98 -10.54 52.15
CA LYS C 532 38.56 -9.16 52.36
C LYS C 532 39.73 -8.17 52.39
N ASN C 533 40.88 -8.56 52.94
CA ASN C 533 41.93 -7.62 53.30
C ASN C 533 43.26 -7.98 52.66
N SER C 534 43.26 -8.19 51.35
CA SER C 534 44.53 -8.42 50.66
C SER C 534 44.38 -8.12 49.17
N ASP C 535 45.51 -7.87 48.53
CA ASP C 535 45.60 -7.71 47.09
C ASP C 535 46.52 -8.78 46.52
N ARG C 536 46.76 -8.71 45.21
CA ARG C 536 47.56 -9.70 44.51
C ARG C 536 46.88 -11.07 44.53
N THR C 537 45.66 -11.13 45.05
CA THR C 537 44.89 -12.36 45.14
C THR C 537 43.41 -12.01 45.23
N PRO C 538 42.87 -11.32 44.22
CA PRO C 538 41.47 -10.88 44.31
C PRO C 538 40.45 -11.99 44.11
N LEU C 539 40.88 -13.24 43.98
CA LEU C 539 39.96 -14.36 43.79
C LEU C 539 40.51 -15.57 44.52
N VAL C 540 39.74 -16.07 45.49
CA VAL C 540 40.12 -17.27 46.24
C VAL C 540 38.91 -18.20 46.29
N SER C 541 39.14 -19.48 46.08
CA SER C 541 38.09 -20.49 46.09
C SER C 541 38.47 -21.62 47.02
N VAL C 542 37.46 -22.22 47.63
CA VAL C 542 37.64 -23.33 48.56
C VAL C 542 36.64 -24.42 48.21
N LEU C 543 37.01 -25.66 48.53
CA LEU C 543 36.18 -26.83 48.25
C LEU C 543 35.87 -27.55 49.56
N LEU C 544 34.61 -27.94 49.73
CA LEU C 544 34.16 -28.72 50.87
C LEU C 544 33.77 -30.11 50.38
N GLU C 545 34.19 -31.14 51.12
CA GLU C 545 33.96 -32.51 50.73
C GLU C 545 33.82 -33.38 51.96
N GLY C 546 33.23 -34.55 51.77
CA GLY C 546 33.07 -35.52 52.83
C GLY C 546 32.11 -36.62 52.47
N PRO C 547 31.98 -37.62 53.34
CA PRO C 547 31.07 -38.73 53.08
C PRO C 547 29.63 -38.27 53.12
N PRO C 548 28.71 -38.99 52.48
CA PRO C 548 27.32 -38.53 52.41
C PRO C 548 26.67 -38.51 53.79
N HIS C 549 25.70 -37.60 53.93
CA HIS C 549 24.90 -37.42 55.14
C HIS C 549 25.72 -36.83 56.30
N SER C 550 26.94 -36.37 56.04
CA SER C 550 27.73 -35.73 57.09
C SER C 550 27.20 -34.36 57.48
N GLY C 551 26.25 -33.81 56.72
CA GLY C 551 25.70 -32.51 57.02
C GLY C 551 26.68 -31.39 56.76
N LYS C 552 27.03 -31.17 55.49
CA LYS C 552 28.01 -30.18 55.11
C LYS C 552 27.43 -28.98 54.38
N THR C 553 26.29 -29.13 53.71
CA THR C 553 25.68 -28.00 53.03
C THR C 553 25.41 -26.86 54.01
N ALA C 554 24.89 -27.19 55.20
CA ALA C 554 24.58 -26.16 56.17
C ALA C 554 25.83 -25.41 56.64
N LEU C 555 26.97 -26.11 56.71
CA LEU C 555 28.19 -25.46 57.15
C LEU C 555 28.61 -24.35 56.20
N ALA C 556 28.39 -24.54 54.90
CA ALA C 556 28.71 -23.50 53.94
C ALA C 556 27.89 -22.24 54.21
N ALA C 557 26.59 -22.41 54.43
CA ALA C 557 25.74 -21.26 54.75
C ALA C 557 26.19 -20.60 56.04
N LYS C 558 26.52 -21.40 57.06
CA LYS C 558 26.94 -20.82 58.33
C LYS C 558 28.21 -20.00 58.16
N ILE C 559 29.17 -20.50 57.38
CA ILE C 559 30.36 -19.72 57.08
C ILE C 559 29.99 -18.43 56.37
N ALA C 560 29.08 -18.53 55.39
CA ALA C 560 28.67 -17.34 54.65
C ALA C 560 28.05 -16.30 55.57
N GLU C 561 27.38 -16.72 56.63
CA GLU C 561 26.72 -15.77 57.52
C GLU C 561 27.70 -14.78 58.13
N GLU C 562 28.83 -15.27 58.65
CA GLU C 562 29.74 -14.43 59.41
C GLU C 562 30.52 -13.45 58.54
N SER C 563 30.48 -13.59 57.22
CA SER C 563 31.22 -12.69 56.35
C SER C 563 30.68 -11.27 56.44
N ASN C 564 29.36 -11.11 56.54
CA ASN C 564 28.71 -9.81 56.51
C ASN C 564 28.90 -9.09 55.18
N PHE C 565 29.19 -9.84 54.13
CA PHE C 565 29.35 -9.23 52.81
C PHE C 565 28.00 -8.71 52.31
N PRO C 566 28.01 -7.59 51.57
CA PRO C 566 26.73 -7.05 51.09
C PRO C 566 25.95 -7.99 50.19
N PHE C 567 26.63 -8.82 49.40
CA PHE C 567 25.98 -9.67 48.40
C PHE C 567 26.34 -11.12 48.67
N ILE C 568 25.32 -11.96 48.86
CA ILE C 568 25.50 -13.39 49.08
C ILE C 568 24.46 -14.12 48.24
N LYS C 569 24.88 -15.22 47.60
CA LYS C 569 23.96 -15.95 46.74
C LYS C 569 24.28 -17.44 46.80
N ILE C 570 23.24 -18.25 46.71
CA ILE C 570 23.34 -19.70 46.70
C ILE C 570 22.74 -20.22 45.40
N CYS C 571 23.57 -20.85 44.57
CA CYS C 571 23.11 -21.45 43.33
C CYS C 571 22.92 -22.94 43.57
N SER C 572 21.70 -23.42 43.37
CA SER C 572 21.33 -24.80 43.66
C SER C 572 20.62 -25.42 42.46
N PRO C 573 20.72 -26.75 42.31
CA PRO C 573 19.97 -27.40 41.23
C PRO C 573 18.46 -27.40 41.45
N ASP C 574 17.99 -27.03 42.64
CA ASP C 574 16.56 -27.10 42.93
C ASP C 574 15.75 -26.27 41.95
N LYS C 575 16.31 -25.17 41.45
CA LYS C 575 15.58 -24.23 40.61
C LYS C 575 15.95 -24.36 39.13
N MET C 576 16.45 -25.52 38.71
CA MET C 576 16.81 -25.76 37.32
C MET C 576 16.28 -27.10 36.84
N ILE C 577 15.28 -27.65 37.54
CA ILE C 577 14.78 -28.97 37.20
C ILE C 577 14.29 -28.99 35.77
N GLY C 578 14.57 -30.11 35.08
CA GLY C 578 14.12 -30.29 33.72
C GLY C 578 14.80 -29.40 32.70
N PHE C 579 15.77 -28.60 33.12
CA PHE C 579 16.44 -27.70 32.20
C PHE C 579 17.34 -28.46 31.24
N SER C 580 17.65 -27.84 30.12
CA SER C 580 18.68 -28.32 29.22
C SER C 580 20.02 -27.71 29.59
N GLU C 581 21.09 -28.24 29.00
CA GLU C 581 22.43 -27.78 29.34
C GLU C 581 22.57 -26.27 29.11
N THR C 582 22.05 -25.79 27.98
CA THR C 582 22.16 -24.36 27.68
C THR C 582 21.49 -23.52 28.77
N ALA C 583 20.33 -23.96 29.26
CA ALA C 583 19.65 -23.20 30.30
C ALA C 583 20.49 -23.11 31.56
N LYS C 584 21.10 -24.23 31.97
CA LYS C 584 21.95 -24.21 33.15
C LYS C 584 23.14 -23.28 32.96
N CYS C 585 23.77 -23.35 31.79
CA CYS C 585 24.91 -22.48 31.53
C CYS C 585 24.51 -21.01 31.59
N GLN C 586 23.36 -20.67 30.99
N GLN C 586 23.35 -20.67 31.00
CA GLN C 586 22.88 -19.29 31.03
CA GLN C 586 22.90 -19.28 31.03
C GLN C 586 22.59 -18.85 32.45
C GLN C 586 22.58 -18.85 32.45
N ALA C 587 21.98 -19.72 33.26
CA ALA C 587 21.68 -19.37 34.65
C ALA C 587 22.97 -19.08 35.42
N MET C 588 23.97 -19.94 35.25
CA MET C 588 25.24 -19.71 35.94
C MET C 588 25.88 -18.41 35.47
N LYS C 589 25.87 -18.16 34.17
CA LYS C 589 26.46 -16.93 33.65
C LYS C 589 25.76 -15.71 34.22
N LYS C 590 24.42 -15.74 34.28
CA LYS C 590 23.69 -14.60 34.82
C LYS C 590 24.02 -14.38 36.29
N ILE C 591 24.07 -15.46 37.07
CA ILE C 591 24.38 -15.31 38.49
C ILE C 591 25.75 -14.67 38.67
N PHE C 592 26.75 -15.16 37.94
CA PHE C 592 28.10 -14.61 38.10
C PHE C 592 28.17 -13.18 37.58
N ASP C 593 27.47 -12.87 36.49
CA ASP C 593 27.46 -11.51 35.98
C ASP C 593 26.87 -10.54 37.00
N ASP C 594 25.77 -10.94 37.65
CA ASP C 594 25.21 -10.10 38.70
C ASP C 594 26.19 -9.97 39.86
N ALA C 595 26.87 -11.05 40.23
CA ALA C 595 27.84 -10.97 41.32
C ALA C 595 28.99 -10.04 40.98
N TYR C 596 29.31 -9.89 39.70
CA TYR C 596 30.45 -9.07 39.30
C TYR C 596 30.25 -7.58 39.56
N LYS C 597 29.04 -7.14 39.91
CA LYS C 597 28.73 -5.72 39.95
C LYS C 597 28.75 -5.14 41.36
N SER C 598 29.44 -5.80 42.30
CA SER C 598 29.53 -5.33 43.66
C SER C 598 30.98 -5.35 44.13
N GLN C 599 31.24 -4.64 45.23
CA GLN C 599 32.59 -4.61 45.78
C GLN C 599 32.99 -5.95 46.38
N LEU C 600 32.08 -6.57 47.13
CA LEU C 600 32.31 -7.87 47.73
C LEU C 600 31.17 -8.80 47.34
N SER C 601 31.39 -10.10 47.53
CA SER C 601 30.36 -11.08 47.17
C SER C 601 30.79 -12.45 47.67
N CYS C 602 29.81 -13.35 47.72
CA CYS C 602 30.03 -14.74 48.09
C CYS C 602 29.00 -15.60 47.36
N VAL C 603 29.47 -16.64 46.69
CA VAL C 603 28.60 -17.52 45.90
C VAL C 603 28.82 -18.95 46.35
N VAL C 604 27.73 -19.65 46.63
CA VAL C 604 27.78 -21.02 47.16
C VAL C 604 27.18 -21.97 46.12
N VAL C 605 28.00 -22.92 45.66
CA VAL C 605 27.57 -23.96 44.73
C VAL C 605 27.43 -25.25 45.51
N ASP C 606 26.22 -25.83 45.49
CA ASP C 606 25.89 -27.00 46.28
C ASP C 606 25.73 -28.22 45.38
N ASP C 607 26.30 -29.34 45.82
CA ASP C 607 26.15 -30.63 45.13
C ASP C 607 26.62 -30.53 43.68
N ILE C 608 27.93 -30.33 43.55
CA ILE C 608 28.52 -30.18 42.21
C ILE C 608 28.22 -31.41 41.37
N GLU C 609 28.23 -32.60 41.98
CA GLU C 609 27.95 -33.81 41.21
C GLU C 609 26.56 -33.78 40.62
N ARG C 610 25.56 -33.32 41.39
CA ARG C 610 24.21 -33.22 40.86
C ARG C 610 24.13 -32.20 39.74
N LEU C 611 24.97 -31.17 39.77
CA LEU C 611 24.97 -30.18 38.70
C LEU C 611 25.60 -30.74 37.44
N LEU C 612 26.65 -31.55 37.59
CA LEU C 612 27.37 -32.09 36.44
C LEU C 612 26.62 -33.19 35.72
N ASP C 613 25.52 -33.69 36.27
CA ASP C 613 24.77 -34.79 35.65
C ASP C 613 25.57 -36.09 35.64
N TYR C 614 26.10 -36.46 36.80
CA TYR C 614 26.90 -37.67 36.91
C TYR C 614 26.04 -38.88 37.26
N VAL C 615 26.49 -40.05 36.82
CA VAL C 615 25.87 -41.32 37.18
C VAL C 615 26.95 -42.39 37.04
N PRO C 616 27.11 -43.29 38.01
CA PRO C 616 28.27 -44.19 37.96
C PRO C 616 28.38 -45.00 36.69
N ILE C 617 27.26 -45.47 36.15
CA ILE C 617 27.31 -46.29 34.94
C ILE C 617 27.75 -45.44 33.76
N GLY C 618 28.41 -46.08 32.80
CA GLY C 618 29.00 -45.42 31.65
C GLY C 618 30.48 -45.10 31.79
N PRO C 619 30.85 -44.05 32.55
CA PRO C 619 30.04 -43.00 33.17
C PRO C 619 29.44 -42.06 32.14
N ARG C 620 28.44 -41.26 32.52
N ARG C 620 28.42 -41.29 32.53
CA ARG C 620 27.80 -40.31 31.61
CA ARG C 620 27.80 -40.31 31.65
C ARG C 620 27.57 -38.99 32.33
C ARG C 620 27.69 -38.98 32.38
N PHE C 621 27.78 -37.89 31.61
CA PHE C 621 27.66 -36.56 32.19
C PHE C 621 27.62 -35.53 31.07
N SER C 622 27.18 -34.33 31.42
CA SER C 622 27.19 -33.20 30.51
C SER C 622 28.59 -32.59 30.46
N ASN C 623 29.02 -32.18 29.28
CA ASN C 623 30.39 -31.64 29.12
C ASN C 623 30.31 -30.13 29.14
N LEU C 624 29.36 -29.58 28.40
CA LEU C 624 29.23 -28.10 28.29
C LEU C 624 29.30 -27.51 29.69
N VAL C 625 28.46 -28.00 30.61
CA VAL C 625 28.43 -27.47 31.99
C VAL C 625 29.84 -27.56 32.54
N LEU C 626 30.40 -28.76 32.61
CA LEU C 626 31.74 -28.95 33.20
C LEU C 626 32.63 -27.82 32.72
N GLN C 627 32.73 -27.63 31.42
CA GLN C 627 33.61 -26.59 30.86
C GLN C 627 33.28 -25.27 31.53
N ALA C 628 32.04 -24.81 31.45
CA ALA C 628 31.65 -23.50 31.99
C ALA C 628 32.21 -23.33 33.40
N LEU C 629 32.09 -24.38 34.23
CA LEU C 629 32.61 -24.30 35.58
C LEU C 629 34.13 -24.16 35.58
N LEU C 630 34.83 -24.98 34.79
CA LEU C 630 36.29 -24.96 34.81
C LEU C 630 36.85 -23.62 34.36
N VAL C 631 36.28 -23.05 33.29
CA VAL C 631 36.78 -21.78 32.78
C VAL C 631 36.27 -20.60 33.59
N LEU C 632 35.21 -20.79 34.38
CA LEU C 632 34.64 -19.70 35.16
C LEU C 632 35.25 -19.57 36.55
N LEU C 633 36.12 -20.50 36.95
CA LEU C 633 36.74 -20.46 38.27
C LEU C 633 38.10 -19.75 38.25
N LYS C 634 38.45 -19.09 37.15
CA LYS C 634 39.71 -18.37 37.06
C LYS C 634 39.55 -16.95 36.55
N LYS C 635 38.34 -16.50 36.24
CA LYS C 635 38.11 -15.16 35.71
C LYS C 635 37.99 -14.18 36.87
N ALA C 636 39.04 -13.39 37.09
CA ALA C 636 39.03 -12.42 38.16
C ALA C 636 38.06 -11.28 37.83
N PRO C 637 37.38 -10.73 38.83
CA PRO C 637 36.49 -9.59 38.57
C PRO C 637 37.29 -8.40 38.08
N PRO C 638 36.68 -7.54 37.26
CA PRO C 638 37.43 -6.41 36.70
C PRO C 638 37.71 -5.34 37.75
N GLN C 639 38.86 -4.70 37.62
CA GLN C 639 39.23 -3.52 38.40
C GLN C 639 39.11 -3.80 39.91
N GLY C 640 39.97 -4.70 40.35
CA GLY C 640 40.17 -4.94 41.77
C GLY C 640 38.90 -5.02 42.60
N ARG C 641 38.05 -5.99 42.33
CA ARG C 641 36.88 -6.28 43.14
C ARG C 641 36.97 -7.70 43.65
N LYS C 642 36.69 -7.89 44.93
CA LYS C 642 36.86 -9.19 45.56
C LYS C 642 35.70 -10.11 45.20
N LEU C 643 35.90 -11.40 45.45
CA LEU C 643 34.88 -12.40 45.17
C LEU C 643 35.29 -13.70 45.86
N LEU C 644 34.31 -14.42 46.38
CA LEU C 644 34.54 -15.69 47.07
C LEU C 644 33.57 -16.73 46.59
N ILE C 645 34.08 -17.95 46.36
CA ILE C 645 33.29 -19.07 45.88
C ILE C 645 33.48 -20.23 46.83
N ILE C 646 32.39 -20.81 47.30
CA ILE C 646 32.41 -21.97 48.19
C ILE C 646 31.60 -23.07 47.53
N GLY C 647 32.18 -24.25 47.40
CA GLY C 647 31.54 -25.37 46.73
C GLY C 647 31.45 -26.59 47.62
N THR C 648 30.50 -27.47 47.29
CA THR C 648 30.35 -28.72 48.02
C THR C 648 30.36 -29.89 47.05
N THR C 649 30.72 -31.07 47.56
CA THR C 649 30.78 -32.27 46.76
C THR C 649 30.84 -33.48 47.69
N SER C 650 30.30 -34.60 47.21
CA SER C 650 30.22 -35.81 48.00
C SER C 650 31.07 -36.97 47.48
N ARG C 651 31.66 -36.84 46.29
CA ARG C 651 32.48 -37.90 45.70
C ARG C 651 33.78 -37.25 45.24
N LYS C 652 34.75 -37.18 46.14
CA LYS C 652 36.00 -36.46 45.84
C LYS C 652 36.78 -37.16 44.73
N ASP C 653 36.82 -38.50 44.75
CA ASP C 653 37.66 -39.22 43.81
C ASP C 653 37.28 -38.93 42.37
N VAL C 654 35.99 -38.89 42.07
CA VAL C 654 35.54 -38.61 40.71
C VAL C 654 36.05 -37.24 40.27
N LEU C 655 35.92 -36.24 41.13
CA LEU C 655 36.40 -34.91 40.79
C LEU C 655 37.91 -34.92 40.57
N GLN C 656 38.65 -35.65 41.41
CA GLN C 656 40.10 -35.72 41.24
C GLN C 656 40.45 -36.33 39.89
N GLU C 657 39.70 -37.34 39.46
CA GLU C 657 39.96 -37.95 38.16
C GLU C 657 39.53 -37.05 37.00
N MET C 658 38.68 -36.06 37.26
CA MET C 658 38.21 -35.16 36.23
C MET C 658 39.08 -33.91 36.11
N GLU C 659 40.18 -33.83 36.86
CA GLU C 659 41.11 -32.72 36.77
C GLU C 659 40.41 -31.39 37.07
N MET C 660 39.67 -31.36 38.18
CA MET C 660 39.02 -30.15 38.64
C MET C 660 39.63 -29.62 39.93
N LEU C 661 40.31 -30.46 40.70
CA LEU C 661 40.88 -30.02 41.97
C LEU C 661 41.95 -28.95 41.79
N ASN C 662 42.66 -28.94 40.67
CA ASN C 662 43.70 -27.95 40.45
C ASN C 662 43.12 -26.54 40.52
N ALA C 663 41.91 -26.34 40.00
CA ALA C 663 41.29 -25.02 40.03
C ALA C 663 41.08 -24.55 41.46
N PHE C 664 40.57 -25.42 42.33
CA PHE C 664 40.33 -25.04 43.71
C PHE C 664 41.65 -24.85 44.45
N SER C 665 41.69 -23.85 45.32
CA SER C 665 42.93 -23.45 45.97
C SER C 665 43.23 -24.20 47.26
N THR C 666 42.29 -25.00 47.77
CA THR C 666 42.50 -25.74 49.00
C THR C 666 41.32 -26.68 49.19
N THR C 667 41.38 -27.49 50.24
CA THR C 667 40.35 -28.47 50.55
C THR C 667 40.20 -28.61 52.06
N ILE C 668 38.98 -28.93 52.48
CA ILE C 668 38.65 -29.13 53.89
C ILE C 668 37.96 -30.48 54.03
N HIS C 669 38.04 -31.05 55.23
CA HIS C 669 37.43 -32.33 55.54
C HIS C 669 36.46 -32.18 56.70
N VAL C 670 35.30 -32.81 56.57
CA VAL C 670 34.25 -32.76 57.58
C VAL C 670 33.90 -34.20 57.97
N PRO C 671 34.52 -34.74 59.02
CA PRO C 671 34.36 -36.15 59.33
C PRO C 671 33.00 -36.44 59.97
N ASN C 672 32.72 -37.73 60.12
CA ASN C 672 31.50 -38.21 60.76
C ASN C 672 31.71 -38.31 62.27
N ILE C 673 30.64 -38.67 62.96
CA ILE C 673 30.72 -38.96 64.39
C ILE C 673 31.28 -40.36 64.57
N ALA C 674 32.34 -40.47 65.35
CA ALA C 674 33.12 -41.71 65.42
C ALA C 674 33.07 -42.38 66.79
N THR C 675 33.33 -41.65 67.86
CA THR C 675 33.47 -42.24 69.19
C THR C 675 32.16 -42.15 69.97
N GLY C 676 31.89 -43.23 70.69
CA GLY C 676 30.66 -43.30 71.48
C GLY C 676 30.61 -42.09 72.37
N GLU C 677 31.68 -41.83 73.09
CA GLU C 677 31.74 -40.65 73.96
C GLU C 677 31.01 -39.56 73.19
N GLN C 678 31.38 -39.36 71.93
CA GLN C 678 30.78 -38.28 71.12
C GLN C 678 29.27 -38.53 71.02
N LEU C 679 28.84 -39.72 70.61
CA LEU C 679 27.39 -39.99 70.42
C LEU C 679 26.65 -39.58 71.69
N LEU C 680 27.04 -40.15 72.82
CA LEU C 680 26.41 -39.80 74.11
C LEU C 680 26.29 -38.28 74.14
N GLU C 681 27.42 -37.57 74.17
CA GLU C 681 27.42 -36.10 74.26
C GLU C 681 26.33 -35.53 73.39
N ALA C 682 26.24 -36.00 72.16
CA ALA C 682 25.28 -35.47 71.19
C ALA C 682 23.86 -35.60 71.73
N LEU C 683 23.40 -36.83 71.93
CA LEU C 683 22.01 -37.04 72.35
C LEU C 683 21.74 -36.02 73.46
N GLU C 684 22.64 -35.96 74.44
CA GLU C 684 22.47 -35.04 75.58
C GLU C 684 22.04 -33.69 75.04
N LEU C 685 22.81 -33.14 74.12
CA LEU C 685 22.53 -31.80 73.61
C LEU C 685 21.20 -31.74 72.86
N LEU C 686 20.84 -32.82 72.15
CA LEU C 686 19.56 -32.84 71.47
C LEU C 686 18.39 -32.85 72.43
N GLY C 687 18.61 -33.24 73.69
CA GLY C 687 17.57 -33.20 74.70
C GLY C 687 16.50 -34.26 74.52
N ASN C 688 16.90 -35.52 74.58
CA ASN C 688 15.97 -36.64 74.48
C ASN C 688 16.40 -37.73 75.45
N PHE C 689 15.39 -38.56 75.81
CA PHE C 689 15.65 -39.67 76.71
C PHE C 689 16.02 -39.18 78.11
N LYS C 690 15.87 -40.05 79.11
CA LYS C 690 16.10 -39.72 80.50
C LYS C 690 17.40 -40.37 80.98
N ASP C 691 17.68 -40.20 82.28
CA ASP C 691 18.98 -40.62 82.81
C ASP C 691 19.17 -42.12 82.67
N LYS C 692 18.19 -42.90 83.14
CA LYS C 692 18.36 -44.35 83.11
C LYS C 692 18.58 -44.83 81.69
N GLU C 693 17.72 -44.39 80.77
CA GLU C 693 17.92 -44.73 79.38
C GLU C 693 19.30 -44.29 78.93
N ARG C 694 19.69 -43.06 79.30
CA ARG C 694 21.01 -42.56 78.94
C ARG C 694 22.09 -43.52 79.41
N THR C 695 21.89 -44.08 80.59
CA THR C 695 22.89 -45.00 81.16
C THR C 695 22.79 -46.31 80.38
N THR C 696 21.61 -46.83 80.10
CA THR C 696 21.46 -48.12 79.43
C THR C 696 22.10 -48.07 78.06
N ILE C 697 21.78 -47.03 77.29
CA ILE C 697 22.38 -46.91 75.97
C ILE C 697 23.90 -46.91 76.11
N ALA C 698 24.39 -46.13 77.07
CA ALA C 698 25.83 -46.11 77.33
C ALA C 698 26.35 -47.53 77.41
N GLN C 699 25.73 -48.36 78.27
CA GLN C 699 26.22 -49.70 78.52
C GLN C 699 26.67 -50.38 77.24
N GLN C 700 25.86 -50.28 76.19
CA GLN C 700 26.21 -50.97 74.95
C GLN C 700 27.21 -50.12 74.17
N VAL C 701 26.84 -48.88 73.87
CA VAL C 701 27.73 -48.01 73.12
C VAL C 701 29.07 -47.83 73.83
N LYS C 702 29.13 -48.13 75.14
CA LYS C 702 30.32 -47.89 75.94
C LYS C 702 31.62 -48.23 75.20
N GLY C 703 31.82 -49.48 74.81
CA GLY C 703 33.04 -49.82 74.10
C GLY C 703 32.82 -50.40 72.71
N LYS C 704 32.98 -49.58 71.68
CA LYS C 704 32.87 -50.06 70.31
C LYS C 704 33.11 -48.93 69.32
N LYS C 705 33.27 -49.27 68.05
CA LYS C 705 33.43 -48.29 67.00
C LYS C 705 32.08 -48.05 66.34
N VAL C 706 31.71 -46.73 66.30
CA VAL C 706 30.40 -46.34 65.71
C VAL C 706 30.69 -45.47 64.50
N TRP C 707 29.87 -45.61 63.46
CA TRP C 707 30.12 -44.89 62.22
C TRP C 707 28.75 -44.53 61.64
N ILE C 708 28.30 -43.30 61.88
CA ILE C 708 26.98 -42.84 61.45
C ILE C 708 27.07 -41.37 61.07
N GLY C 709 26.03 -40.89 60.37
CA GLY C 709 25.90 -39.49 60.04
C GLY C 709 24.90 -38.79 60.95
N ILE C 710 25.08 -37.47 61.09
CA ILE C 710 24.25 -36.70 62.00
C ILE C 710 22.79 -36.70 61.53
N LYS C 711 22.57 -36.49 60.23
CA LYS C 711 21.21 -36.47 59.72
C LYS C 711 20.52 -37.81 59.94
N LYS C 712 21.24 -38.90 59.71
CA LYS C 712 20.67 -40.23 59.97
C LYS C 712 20.36 -40.40 61.44
N LEU C 713 21.20 -39.83 62.32
CA LEU C 713 20.92 -39.89 63.75
C LEU C 713 19.60 -39.20 64.08
N LEU C 714 19.41 -37.99 63.55
CA LEU C 714 18.14 -37.30 63.79
C LEU C 714 16.97 -38.11 63.25
N MET C 715 17.12 -38.66 62.04
CA MET C 715 16.03 -39.43 61.45
C MET C 715 15.68 -40.63 62.33
N LEU C 716 16.69 -41.36 62.79
CA LEU C 716 16.43 -42.52 63.64
C LEU C 716 15.79 -42.12 64.95
N ILE C 717 16.28 -41.04 65.58
CA ILE C 717 15.73 -40.61 66.85
C ILE C 717 14.25 -40.27 66.69
N GLU C 718 13.91 -39.54 65.62
CA GLU C 718 12.51 -39.21 65.40
C GLU C 718 11.67 -40.44 65.11
N MET C 719 12.19 -41.36 64.28
CA MET C 719 11.41 -42.54 63.92
C MET C 719 11.19 -43.46 65.11
N SER C 720 12.08 -43.42 66.10
CA SER C 720 12.01 -44.34 67.23
C SER C 720 11.04 -43.91 68.31
N LEU C 721 10.37 -42.77 68.16
CA LEU C 721 9.53 -42.20 69.21
C LEU C 721 8.05 -42.51 69.03
N GLN C 722 7.69 -43.39 68.09
CA GLN C 722 6.29 -43.63 67.75
C GLN C 722 5.74 -44.90 68.38
N MET C 723 6.39 -45.45 69.39
CA MET C 723 5.96 -46.67 70.05
C MET C 723 5.51 -46.34 71.48
N ASP C 724 5.16 -47.38 72.23
CA ASP C 724 4.87 -47.22 73.64
C ASP C 724 6.15 -46.83 74.38
N PRO C 725 6.03 -46.17 75.56
CA PRO C 725 7.22 -45.73 76.30
C PRO C 725 7.92 -46.87 77.05
N GLU C 726 8.03 -48.04 76.40
CA GLU C 726 8.72 -49.18 76.98
C GLU C 726 9.70 -49.87 76.03
N TYR C 727 9.54 -49.73 74.72
CA TYR C 727 10.38 -50.42 73.74
C TYR C 727 11.30 -49.48 72.97
N ARG C 728 11.22 -48.17 73.23
CA ARG C 728 11.90 -47.20 72.38
C ARG C 728 13.40 -47.47 72.33
N VAL C 729 14.02 -47.70 73.48
CA VAL C 729 15.47 -47.89 73.54
C VAL C 729 15.87 -49.12 72.75
N ARG C 730 15.11 -50.21 72.90
CA ARG C 730 15.48 -51.46 72.23
C ARG C 730 15.48 -51.29 70.71
N LYS C 731 14.40 -50.70 70.17
CA LYS C 731 14.35 -50.53 68.72
C LYS C 731 15.39 -49.52 68.25
N PHE C 732 15.65 -48.48 69.04
CA PHE C 732 16.70 -47.54 68.66
C PHE C 732 18.04 -48.25 68.55
N LEU C 733 18.37 -49.08 69.53
CA LEU C 733 19.63 -49.82 69.49
C LEU C 733 19.67 -50.78 68.31
N ALA C 734 18.55 -51.46 68.04
CA ALA C 734 18.52 -52.39 66.92
C ALA C 734 18.75 -51.67 65.59
N LEU C 735 18.10 -50.51 65.40
CA LEU C 735 18.30 -49.75 64.19
C LEU C 735 19.73 -49.24 64.09
N LEU C 736 20.30 -48.81 65.21
CA LEU C 736 21.71 -48.39 65.20
C LEU C 736 22.61 -49.53 64.79
N ARG C 737 22.28 -50.73 65.25
CA ARG C 737 23.11 -51.91 64.93
C ARG C 737 23.01 -52.20 63.44
N GLU C 738 21.80 -52.15 62.92
CA GLU C 738 21.60 -52.48 61.51
C GLU C 738 22.22 -51.45 60.58
N GLU C 739 22.07 -50.17 60.89
CA GLU C 739 22.58 -49.11 60.01
C GLU C 739 24.05 -48.81 60.26
N GLY C 740 24.55 -49.04 61.47
CA GLY C 740 25.93 -48.71 61.78
C GLY C 740 26.92 -49.67 61.16
N ALA C 741 26.89 -49.78 59.83
CA ALA C 741 27.80 -50.67 59.13
C ALA C 741 29.15 -50.01 58.91
N SER C 742 30.14 -50.82 58.58
CA SER C 742 31.51 -50.37 58.35
C SER C 742 32.01 -49.52 59.51
N PRO C 743 32.13 -50.09 60.72
CA PRO C 743 32.66 -49.32 61.85
C PRO C 743 34.11 -48.89 61.66
N MET D 4 20.29 65.35 -50.54
CA MET D 4 21.14 65.82 -49.46
C MET D 4 20.29 66.22 -48.26
N ALA D 5 19.31 67.09 -48.49
CA ALA D 5 18.45 67.54 -47.40
C ALA D 5 17.60 66.41 -46.84
N GLY D 6 17.14 65.50 -47.69
CA GLY D 6 16.29 64.40 -47.28
C GLY D 6 14.88 64.59 -47.81
N ARG D 7 14.29 63.49 -48.28
CA ARG D 7 12.97 63.52 -48.89
C ARG D 7 12.15 62.34 -48.39
N SER D 8 10.82 62.50 -48.43
CA SER D 8 9.91 61.46 -48.00
C SER D 8 9.75 60.42 -49.11
N MET D 9 9.68 59.15 -48.72
CA MET D 9 9.49 58.06 -49.67
C MET D 9 8.67 56.96 -49.00
N GLN D 10 8.18 56.04 -49.82
CA GLN D 10 7.32 54.94 -49.39
C GLN D 10 8.11 53.64 -49.43
N ALA D 11 8.05 52.87 -48.34
CA ALA D 11 8.74 51.59 -48.27
C ALA D 11 8.02 50.56 -49.13
N ALA D 12 8.78 49.79 -49.90
CA ALA D 12 8.25 48.77 -50.79
C ALA D 12 8.98 47.45 -50.56
N ARG D 13 8.58 46.43 -51.31
CA ARG D 13 9.16 45.10 -51.20
C ARG D 13 10.28 44.92 -52.21
N CYS D 14 11.26 44.11 -51.85
CA CYS D 14 12.38 43.85 -52.75
C CYS D 14 11.86 43.19 -54.03
N PRO D 15 12.30 43.63 -55.21
CA PRO D 15 11.70 43.11 -56.45
C PRO D 15 12.19 41.75 -56.88
N THR D 16 13.45 41.39 -56.60
CA THR D 16 14.04 40.16 -57.10
C THR D 16 14.78 39.45 -55.98
N ASP D 17 14.90 38.12 -56.13
CA ASP D 17 15.64 37.33 -55.15
C ASP D 17 17.12 37.72 -55.14
N GLU D 18 17.69 37.96 -56.32
CA GLU D 18 19.10 38.32 -56.40
C GLU D 18 19.39 39.60 -55.63
N LEU D 19 18.54 40.62 -55.80
CA LEU D 19 18.74 41.87 -55.08
C LEU D 19 18.50 41.72 -53.60
N SER D 20 17.60 40.81 -53.20
CA SER D 20 17.36 40.58 -51.79
C SER D 20 18.63 40.11 -51.08
N LEU D 21 19.41 39.24 -51.74
CA LEU D 21 20.63 38.72 -51.16
C LEU D 21 21.77 39.74 -51.13
N SER D 22 21.63 40.85 -51.86
CA SER D 22 22.69 41.86 -51.88
C SER D 22 22.69 42.75 -50.65
N ASN D 23 21.62 42.74 -49.86
CA ASN D 23 21.51 43.56 -48.65
C ASN D 23 21.45 45.05 -48.97
N CYS D 24 21.17 45.40 -50.21
CA CYS D 24 21.10 46.79 -50.62
C CYS D 24 19.65 47.25 -50.71
N ALA D 25 19.43 48.54 -50.41
CA ALA D 25 18.12 49.14 -50.59
C ALA D 25 17.92 49.50 -52.06
N VAL D 26 16.91 48.87 -52.67
CA VAL D 26 16.68 48.96 -54.11
C VAL D 26 15.85 50.20 -54.38
N VAL D 27 16.31 51.03 -55.31
CA VAL D 27 15.69 52.32 -55.61
C VAL D 27 15.53 52.46 -57.11
N SER D 28 14.86 53.54 -57.52
CA SER D 28 14.67 53.83 -58.93
C SER D 28 15.81 54.72 -59.44
N GLU D 29 16.17 54.50 -60.70
CA GLU D 29 17.26 55.29 -61.30
C GLU D 29 16.91 56.77 -61.36
N LYS D 30 15.62 57.13 -61.39
CA LYS D 30 15.23 58.53 -61.43
C LYS D 30 15.52 59.26 -60.13
N ASP D 31 15.70 58.52 -59.03
CA ASP D 31 15.89 59.13 -57.71
C ASP D 31 17.33 59.11 -57.25
N TYR D 32 18.06 58.01 -57.47
CA TYR D 32 19.41 57.84 -56.95
C TYR D 32 20.25 57.08 -57.96
N GLN D 33 21.53 56.93 -57.65
CA GLN D 33 22.47 56.15 -58.44
C GLN D 33 23.02 55.01 -57.60
N SER D 34 23.26 53.88 -58.24
CA SER D 34 23.76 52.71 -57.51
C SER D 34 25.08 53.03 -56.83
N GLY D 35 25.23 52.53 -55.60
CA GLY D 35 26.42 52.76 -54.82
C GLY D 35 26.32 53.87 -53.80
N GLN D 36 25.36 54.78 -53.95
CA GLN D 36 25.18 55.84 -52.97
C GLN D 36 24.70 55.27 -51.65
N HIS D 37 25.03 55.96 -50.57
CA HIS D 37 24.64 55.58 -49.22
C HIS D 37 23.66 56.59 -48.65
N VAL D 38 22.63 56.09 -47.98
CA VAL D 38 21.57 56.92 -47.43
C VAL D 38 21.36 56.58 -45.97
N ILE D 39 20.75 57.51 -45.25
CA ILE D 39 20.33 57.31 -43.87
C ILE D 39 18.81 57.33 -43.84
N VAL D 40 18.20 56.22 -43.42
CA VAL D 40 16.75 56.07 -43.42
C VAL D 40 16.24 56.42 -42.03
N ARG D 41 15.34 57.39 -41.96
CA ARG D 41 14.79 57.86 -40.69
C ARG D 41 13.36 57.37 -40.55
N THR D 42 13.08 56.68 -39.45
CA THR D 42 11.71 56.31 -39.09
C THR D 42 11.20 57.08 -37.88
N SER D 43 12.08 57.69 -37.10
CA SER D 43 11.69 58.50 -35.96
C SER D 43 12.93 59.25 -35.48
N PRO D 44 12.79 60.19 -34.55
CA PRO D 44 13.97 60.94 -34.08
C PRO D 44 15.05 60.05 -33.50
N ASN D 45 14.69 58.89 -32.93
CA ASN D 45 15.64 58.00 -32.29
C ASN D 45 15.95 56.75 -33.09
N HIS D 46 15.50 56.67 -34.34
CA HIS D 46 15.69 55.48 -35.17
C HIS D 46 16.19 55.89 -36.54
N LYS D 47 17.49 55.68 -36.78
CA LYS D 47 18.10 55.94 -38.08
C LYS D 47 18.89 54.71 -38.51
N TYR D 48 18.82 54.39 -39.80
CA TYR D 48 19.50 53.23 -40.35
C TYR D 48 20.16 53.62 -41.67
N ILE D 49 21.35 53.07 -41.91
CA ILE D 49 22.14 53.40 -43.10
C ILE D 49 22.12 52.21 -44.05
N PHE D 50 21.84 52.48 -45.32
CA PHE D 50 21.77 51.46 -46.35
C PHE D 50 22.56 51.88 -47.58
N THR D 51 22.96 50.89 -48.37
CA THR D 51 23.61 51.12 -49.66
C THR D 51 22.60 50.86 -50.77
N LEU D 52 22.61 51.72 -51.78
CA LEU D 52 21.59 51.72 -52.82
C LEU D 52 22.03 50.93 -54.04
N ARG D 53 21.06 50.26 -54.66
CA ARG D 53 21.24 49.59 -55.95
C ARG D 53 19.99 49.80 -56.78
N THR D 54 20.16 50.36 -57.97
CA THR D 54 19.04 50.70 -58.82
C THR D 54 18.49 49.47 -59.55
N HIS D 55 17.18 49.48 -59.78
CA HIS D 55 16.54 48.44 -60.57
C HIS D 55 15.39 49.10 -61.32
N PRO D 56 15.16 48.75 -62.60
CA PRO D 56 14.13 49.46 -63.37
C PRO D 56 12.73 49.37 -62.79
N SER D 57 12.41 48.30 -62.06
CA SER D 57 11.04 48.04 -61.62
C SER D 57 10.59 48.90 -60.44
N VAL D 58 11.52 49.58 -59.77
CA VAL D 58 11.15 50.37 -58.59
C VAL D 58 10.42 51.63 -59.05
N VAL D 59 9.25 51.87 -58.47
CA VAL D 59 8.48 53.07 -58.78
C VAL D 59 9.18 54.28 -58.15
N PRO D 60 9.32 55.40 -58.86
CA PRO D 60 9.95 56.58 -58.26
C PRO D 60 9.22 57.01 -56.99
N GLY D 61 10.00 57.45 -56.01
CA GLY D 61 9.44 57.88 -54.74
C GLY D 61 9.31 56.79 -53.70
N SER D 62 9.89 55.61 -53.95
CA SER D 62 9.80 54.49 -53.03
C SER D 62 11.16 53.81 -52.92
N VAL D 63 11.38 53.16 -51.78
CA VAL D 63 12.55 52.34 -51.54
C VAL D 63 12.10 50.92 -51.22
N ALA D 64 12.67 49.95 -51.91
CA ALA D 64 12.34 48.55 -51.73
C ALA D 64 13.34 47.89 -50.79
N PHE D 65 12.83 47.15 -49.81
CA PHE D 65 13.65 46.47 -48.82
C PHE D 65 13.31 44.99 -48.79
N SER D 66 14.29 44.17 -48.44
CA SER D 66 14.06 42.75 -48.25
C SER D 66 13.53 42.50 -46.84
N LEU D 67 12.94 41.31 -46.65
CA LEU D 67 12.39 40.97 -45.34
C LEU D 67 13.42 41.09 -44.23
N PRO D 68 14.65 40.61 -44.36
CA PRO D 68 15.64 40.83 -43.29
C PRO D 68 15.84 42.29 -42.96
N GLN D 69 15.87 43.16 -43.98
CA GLN D 69 16.05 44.59 -43.73
C GLN D 69 14.85 45.17 -42.98
N ARG D 70 13.63 44.78 -43.38
CA ARG D 70 12.44 45.32 -42.72
C ARG D 70 12.40 44.90 -41.26
N LYS D 71 12.76 43.65 -40.96
CA LYS D 71 12.77 43.19 -39.57
C LYS D 71 13.86 43.87 -38.76
N TRP D 72 15.03 44.13 -39.35
CA TRP D 72 16.09 44.81 -38.62
C TRP D 72 15.74 46.26 -38.34
N ALA D 73 15.28 46.98 -39.36
CA ALA D 73 14.99 48.40 -39.24
C ALA D 73 13.56 48.69 -38.80
N GLY D 74 12.75 47.66 -38.57
CA GLY D 74 11.38 47.86 -38.13
C GLY D 74 10.54 48.59 -39.16
N LEU D 75 10.70 48.23 -40.43
CA LEU D 75 9.98 48.86 -41.52
C LEU D 75 8.79 48.02 -41.94
N SER D 76 7.75 48.71 -42.41
CA SER D 76 6.53 48.06 -42.90
C SER D 76 6.26 48.53 -44.32
N ILE D 77 5.79 47.60 -45.17
CA ILE D 77 5.50 47.94 -46.54
C ILE D 77 4.37 48.97 -46.58
N GLY D 78 4.58 50.04 -47.35
CA GLY D 78 3.62 51.13 -47.46
C GLY D 78 3.83 52.24 -46.45
N GLN D 79 4.77 52.09 -45.53
CA GLN D 79 5.04 53.13 -44.54
C GLN D 79 5.89 54.25 -45.15
N GLU D 80 5.68 55.47 -44.65
CA GLU D 80 6.44 56.61 -45.11
C GLU D 80 7.75 56.71 -44.33
N ILE D 81 8.83 57.01 -45.06
CA ILE D 81 10.16 57.12 -44.46
C ILE D 81 10.83 58.37 -45.01
N GLU D 82 11.84 58.84 -44.26
CA GLU D 82 12.66 59.98 -44.66
C GLU D 82 14.05 59.47 -44.99
N VAL D 83 14.51 59.74 -46.22
CA VAL D 83 15.78 59.22 -46.73
C VAL D 83 16.65 60.40 -47.14
N ALA D 84 17.87 60.44 -46.63
CA ALA D 84 18.84 61.48 -46.97
C ALA D 84 20.17 60.83 -47.32
N LEU D 85 20.85 61.40 -48.32
CA LEU D 85 22.14 60.85 -48.73
C LEU D 85 23.14 60.93 -47.58
N TYR D 86 23.97 59.90 -47.47
CA TYR D 86 24.95 59.78 -46.40
C TYR D 86 26.32 59.56 -47.01
N SER D 87 27.32 60.29 -46.52
CA SER D 87 28.70 60.19 -47.01
C SER D 87 29.58 59.67 -45.88
N PHE D 88 30.36 58.65 -46.18
CA PHE D 88 31.29 58.10 -45.19
C PHE D 88 32.57 58.91 -45.14
N ASP D 89 33.15 59.00 -43.94
CA ASP D 89 34.48 59.56 -43.76
C ASP D 89 35.46 58.39 -43.86
N LYS D 90 35.94 58.13 -45.08
CA LYS D 90 36.74 56.94 -45.33
C LYS D 90 38.04 56.93 -44.54
N ALA D 91 38.49 58.09 -44.05
CA ALA D 91 39.70 58.13 -43.23
C ALA D 91 39.47 57.46 -41.88
N LYS D 92 38.27 57.58 -41.32
CA LYS D 92 37.96 57.04 -40.01
C LYS D 92 37.02 55.84 -40.04
N GLN D 93 36.35 55.59 -41.17
CA GLN D 93 35.33 54.51 -41.29
C GLN D 93 35.81 53.43 -42.27
N CYS D 94 36.62 52.48 -41.82
CA CYS D 94 37.09 51.33 -42.65
C CYS D 94 37.16 50.09 -41.75
N ILE D 95 36.37 49.06 -42.07
CA ILE D 95 36.32 47.86 -41.19
C ILE D 95 37.57 47.02 -41.41
N GLY D 96 38.69 47.36 -40.76
CA GLY D 96 39.92 46.57 -40.84
C GLY D 96 39.64 45.14 -40.41
N THR D 97 38.67 44.95 -39.50
CA THR D 97 38.26 43.61 -39.01
C THR D 97 36.81 43.68 -38.52
N MET D 98 35.98 42.70 -38.85
CA MET D 98 34.57 42.63 -38.38
C MET D 98 34.27 41.23 -37.86
N THR D 99 33.35 41.10 -36.90
CA THR D 99 32.95 39.81 -36.34
C THR D 99 31.48 39.58 -36.65
N ILE D 100 31.18 38.45 -37.29
CA ILE D 100 29.83 38.14 -37.75
C ILE D 100 29.39 36.83 -37.12
N GLU D 101 28.24 36.84 -36.46
CA GLU D 101 27.61 35.62 -35.97
C GLU D 101 26.80 34.99 -37.10
N ILE D 102 26.99 33.70 -37.31
CA ILE D 102 26.42 33.01 -38.47
C ILE D 102 25.71 31.75 -38.01
N ASP D 103 24.58 31.47 -38.66
CA ASP D 103 23.83 30.24 -38.42
C ASP D 103 22.97 29.96 -39.64
N PHE D 104 22.51 28.72 -39.74
CA PHE D 104 21.63 28.33 -40.84
C PHE D 104 20.35 29.16 -40.80
N LEU D 105 19.98 29.73 -41.95
CA LEU D 105 18.77 30.54 -42.01
C LEU D 105 17.52 29.71 -41.78
N GLN D 106 17.44 28.54 -42.42
CA GLN D 106 16.26 27.69 -42.37
C GLN D 106 16.60 26.42 -41.60
N LYS D 107 15.80 26.11 -40.57
CA LYS D 107 16.05 24.91 -39.79
C LYS D 107 15.82 23.65 -40.61
N LYS D 108 15.09 23.76 -41.73
CA LYS D 108 14.80 22.58 -42.53
C LYS D 108 16.01 22.14 -43.34
N ASN D 109 17.03 22.99 -43.45
CA ASN D 109 18.20 22.71 -44.28
C ASN D 109 19.48 22.59 -43.47
N ILE D 110 19.37 22.37 -42.16
CA ILE D 110 20.56 22.25 -41.32
C ILE D 110 21.30 20.97 -41.65
N ASP D 111 22.64 21.02 -41.59
CA ASP D 111 23.47 19.85 -41.84
C ASP D 111 24.77 20.01 -41.08
N SER D 112 25.50 18.90 -40.95
CA SER D 112 26.76 18.86 -40.21
C SER D 112 27.97 18.94 -41.13
N ASN D 113 27.79 19.25 -42.40
CA ASN D 113 28.90 19.29 -43.33
C ASN D 113 29.83 20.47 -42.98
N PRO D 114 31.12 20.35 -43.29
CA PRO D 114 32.04 21.46 -43.00
C PRO D 114 31.84 22.61 -43.97
N TYR D 115 32.00 23.83 -43.44
CA TYR D 115 31.93 25.05 -44.23
C TYR D 115 33.22 25.84 -44.00
N ASP D 116 33.92 26.15 -45.07
CA ASP D 116 35.23 26.80 -44.98
C ASP D 116 35.02 28.29 -44.76
N THR D 117 35.56 28.81 -43.65
CA THR D 117 35.42 30.23 -43.36
C THR D 117 36.28 31.08 -44.31
N ASP D 118 37.44 30.57 -44.70
CA ASP D 118 38.30 31.33 -45.61
C ASP D 118 37.58 31.58 -46.94
N LYS D 119 36.92 30.56 -47.48
CA LYS D 119 36.14 30.76 -48.70
C LYS D 119 34.91 31.63 -48.42
N MET D 120 34.30 31.46 -47.24
CA MET D 120 33.18 32.33 -46.87
C MET D 120 33.63 33.78 -46.80
N ALA D 121 34.79 34.04 -46.20
CA ALA D 121 35.27 35.42 -46.08
C ALA D 121 35.51 36.04 -47.45
N ALA D 122 36.15 35.30 -48.36
CA ALA D 122 36.40 35.84 -49.69
C ALA D 122 35.09 36.11 -50.42
N GLU D 123 34.13 35.19 -50.33
CA GLU D 123 32.83 35.40 -50.96
C GLU D 123 32.12 36.60 -50.34
N PHE D 124 32.22 36.76 -49.02
CA PHE D 124 31.58 37.88 -48.35
C PHE D 124 32.12 39.21 -48.87
N ILE D 125 33.44 39.31 -49.02
CA ILE D 125 34.02 40.54 -49.56
C ILE D 125 33.57 40.76 -51.00
N GLN D 126 33.59 39.70 -51.81
CA GLN D 126 33.19 39.83 -53.21
C GLN D 126 31.75 40.30 -53.32
N GLN D 127 30.90 39.89 -52.38
CA GLN D 127 29.48 40.20 -52.45
C GLN D 127 29.17 41.58 -51.86
N PHE D 128 29.80 41.92 -50.74
CA PHE D 128 29.41 43.09 -49.95
C PHE D 128 30.47 44.18 -49.92
N ASN D 129 31.43 44.16 -50.84
CA ASN D 129 32.40 45.25 -50.88
C ASN D 129 31.73 46.56 -51.25
N ASN D 130 32.19 47.64 -50.62
CA ASN D 130 31.63 48.97 -50.83
C ASN D 130 30.15 49.02 -50.46
N GLN D 131 29.81 48.54 -49.26
CA GLN D 131 28.46 48.59 -48.73
C GLN D 131 28.51 48.89 -47.24
N ALA D 132 27.46 49.54 -46.74
CA ALA D 132 27.42 49.96 -45.35
C ALA D 132 26.94 48.81 -44.46
N PHE D 133 27.62 48.64 -43.32
CA PHE D 133 27.25 47.61 -42.31
C PHE D 133 27.29 48.27 -40.93
N SER D 134 26.37 47.90 -40.03
CA SER D 134 26.25 48.46 -38.70
C SER D 134 26.22 47.35 -37.66
N VAL D 135 26.66 47.68 -36.44
CA VAL D 135 26.64 46.70 -35.36
C VAL D 135 25.20 46.31 -35.06
N GLY D 136 24.96 44.99 -34.98
CA GLY D 136 23.63 44.48 -34.76
C GLY D 136 22.81 44.29 -36.02
N GLN D 137 23.35 44.60 -37.19
CA GLN D 137 22.60 44.45 -38.43
C GLN D 137 22.38 42.97 -38.74
N GLN D 138 21.22 42.67 -39.30
CA GLN D 138 20.87 41.32 -39.73
C GLN D 138 20.72 41.28 -41.25
N LEU D 139 21.21 40.20 -41.84
CA LEU D 139 21.14 40.03 -43.30
C LEU D 139 21.27 38.55 -43.62
N VAL D 140 20.98 38.22 -44.87
CA VAL D 140 21.02 36.85 -45.37
C VAL D 140 22.20 36.72 -46.32
N PHE D 141 23.01 35.68 -46.12
CA PHE D 141 24.21 35.44 -46.90
C PHE D 141 24.11 34.08 -47.58
N SER D 142 24.30 34.07 -48.90
CA SER D 142 24.23 32.86 -49.70
C SER D 142 25.65 32.39 -50.01
N PHE D 143 25.93 31.13 -49.69
CA PHE D 143 27.27 30.57 -49.85
C PHE D 143 27.13 29.11 -50.29
N ASN D 144 27.59 28.80 -51.49
CA ASN D 144 27.39 27.49 -52.11
C ASN D 144 25.91 27.09 -52.09
N ASP D 145 25.08 28.01 -52.57
CA ASP D 145 23.64 27.76 -52.69
C ASP D 145 23.03 27.35 -51.35
N LYS D 146 23.55 27.93 -50.27
CA LYS D 146 23.02 27.74 -48.93
C LYS D 146 22.84 29.09 -48.26
N LEU D 147 21.70 29.29 -47.62
CA LEU D 147 21.35 30.56 -47.01
C LEU D 147 21.74 30.54 -45.53
N PHE D 148 22.47 31.57 -45.11
CA PHE D 148 22.92 31.71 -43.73
C PHE D 148 22.42 33.03 -43.16
N GLY D 149 22.04 33.00 -41.88
CA GLY D 149 21.66 34.22 -41.18
C GLY D 149 22.85 34.81 -40.47
N LEU D 150 23.10 36.09 -40.75
CA LEU D 150 24.27 36.78 -40.21
C LEU D 150 23.84 37.88 -39.24
N LEU D 151 24.66 38.10 -38.23
CA LEU D 151 24.44 39.18 -37.25
C LEU D 151 25.78 39.84 -36.98
N VAL D 152 25.86 41.15 -37.22
CA VAL D 152 27.11 41.88 -37.01
C VAL D 152 27.31 42.08 -35.52
N LYS D 153 28.49 41.71 -35.02
CA LYS D 153 28.79 41.75 -33.60
C LYS D 153 29.77 42.86 -33.22
N ASP D 154 30.81 43.07 -34.01
CA ASP D 154 31.84 44.05 -33.67
C ASP D 154 32.48 44.56 -34.95
N ILE D 155 33.04 45.77 -34.91
CA ILE D 155 33.77 46.35 -36.09
C ILE D 155 35.08 46.96 -35.59
N GLU D 156 36.12 46.94 -36.42
CA GLU D 156 37.46 47.51 -36.08
C GLU D 156 37.88 48.46 -37.21
N ALA D 157 38.50 49.57 -36.86
CA ALA D 157 38.93 50.56 -37.89
C ALA D 157 40.07 49.98 -38.71
N MET D 158 40.40 50.59 -39.85
CA MET D 158 41.52 50.14 -40.71
C MET D 158 42.78 50.88 -40.27
N ASP D 159 43.97 50.38 -40.58
CA ASP D 159 45.24 50.98 -40.18
C ASP D 159 45.62 52.11 -41.12
N ARG D 172 46.46 49.37 -31.86
CA ARG D 172 45.27 48.60 -32.20
C ARG D 172 44.03 49.24 -31.59
N GLN D 173 43.54 50.30 -32.23
CA GLN D 173 42.44 51.08 -31.69
C GLN D 173 41.12 50.35 -31.88
N LYS D 174 40.27 50.35 -30.84
CA LYS D 174 38.93 49.78 -30.93
C LYS D 174 37.94 50.86 -31.33
N ILE D 175 37.07 50.53 -32.28
CA ILE D 175 36.04 51.47 -32.78
C ILE D 175 34.68 50.79 -32.73
N GLU D 176 33.69 51.36 -33.40
CA GLU D 176 32.34 50.82 -33.46
C GLU D 176 31.84 50.57 -34.89
N VAL D 177 32.42 51.17 -35.94
CA VAL D 177 31.98 50.84 -37.33
C VAL D 177 32.89 51.47 -38.40
N GLY D 178 32.96 50.87 -39.59
CA GLY D 178 33.76 51.39 -40.73
C GLY D 178 33.30 50.77 -42.03
N LEU D 179 34.21 50.63 -43.02
CA LEU D 179 33.88 49.94 -44.29
C LEU D 179 34.99 48.94 -44.63
N VAL D 180 34.68 47.64 -44.67
CA VAL D 180 35.70 46.57 -44.90
C VAL D 180 36.47 46.87 -46.20
N VAL D 181 37.76 46.54 -46.25
CA VAL D 181 38.62 46.75 -47.46
C VAL D 181 39.21 45.38 -47.84
N GLY D 182 40.05 45.29 -48.87
CA GLY D 182 40.64 44.02 -49.26
C GLY D 182 41.54 43.41 -48.20
N ASN D 183 42.45 44.20 -47.63
CA ASN D 183 43.48 43.66 -46.74
C ASN D 183 43.01 43.52 -45.31
N SER D 184 41.68 43.54 -45.10
CA SER D 184 41.06 43.36 -43.76
C SER D 184 41.19 41.91 -43.32
N GLN D 185 41.54 41.64 -42.06
CA GLN D 185 41.66 40.29 -41.52
C GLN D 185 40.46 39.99 -40.63
N VAL D 186 39.86 38.83 -40.84
CA VAL D 186 38.63 38.43 -40.15
C VAL D 186 38.91 37.14 -39.39
N ALA D 187 38.48 37.11 -38.12
CA ALA D 187 38.57 35.93 -37.27
C ALA D 187 37.17 35.53 -36.86
N PHE D 188 36.88 34.23 -36.95
CA PHE D 188 35.54 33.70 -36.74
C PHE D 188 35.45 32.95 -35.42
N GLU D 189 34.34 33.16 -34.70
CA GLU D 189 34.05 32.47 -33.47
C GLU D 189 32.66 31.86 -33.57
N LYS D 190 32.54 30.58 -33.20
CA LYS D 190 31.26 29.91 -33.25
C LYS D 190 30.42 30.28 -32.03
N ALA D 191 29.11 30.39 -32.24
CA ALA D 191 28.21 30.81 -31.17
C ALA D 191 28.24 29.82 -30.01
N GLU D 192 27.74 30.27 -28.87
CA GLU D 192 27.72 29.43 -27.68
C GLU D 192 26.94 28.15 -27.95
N ASN D 193 27.50 27.02 -27.50
CA ASN D 193 26.90 25.70 -27.65
C ASN D 193 26.72 25.29 -29.10
N SER D 194 27.36 25.99 -30.04
CA SER D 194 27.19 25.69 -31.44
C SER D 194 27.94 24.42 -31.82
N SER D 195 27.28 23.54 -32.54
CA SER D 195 27.89 22.32 -33.06
C SER D 195 28.62 22.55 -34.38
N LEU D 196 28.58 23.76 -34.92
CA LEU D 196 29.33 24.07 -36.12
C LEU D 196 30.80 23.78 -35.91
N ASN D 197 31.38 22.99 -36.82
CA ASN D 197 32.77 22.57 -36.73
C ASN D 197 33.61 23.42 -37.67
N LEU D 198 34.50 24.23 -37.10
CA LEU D 198 35.35 25.14 -37.86
C LEU D 198 36.78 24.60 -37.95
N ILE D 199 37.49 25.06 -38.96
CA ILE D 199 38.89 24.69 -39.19
C ILE D 199 39.60 25.88 -39.81
N GLY D 200 40.92 25.77 -39.96
CA GLY D 200 41.73 26.80 -40.57
C GLY D 200 42.35 27.74 -39.54
N LYS D 201 43.32 28.52 -40.02
CA LYS D 201 44.06 29.44 -39.18
C LYS D 201 43.32 30.77 -38.96
N ALA D 202 42.28 31.05 -39.73
CA ALA D 202 41.48 32.26 -39.54
C ALA D 202 40.40 32.02 -38.48
N LYS D 203 40.86 31.61 -37.30
CA LYS D 203 39.98 31.25 -36.18
C LYS D 203 40.44 31.97 -34.93
N THR D 204 39.61 32.87 -34.42
CA THR D 204 39.69 33.36 -33.05
C THR D 204 38.34 33.05 -32.42
N LYS D 205 38.19 31.82 -31.95
CA LYS D 205 36.95 31.33 -31.37
C LYS D 205 37.11 31.20 -29.86
N GLU D 206 36.12 31.70 -29.12
CA GLU D 206 36.24 31.93 -27.70
C GLU D 206 35.14 31.22 -26.93
N ASN D 207 34.82 29.99 -27.31
CA ASN D 207 33.99 29.11 -26.48
C ASN D 207 34.89 28.22 -25.63
N ARG D 208 35.75 28.88 -24.86
CA ARG D 208 36.76 28.22 -24.05
C ARG D 208 36.36 28.29 -22.59
N GLN D 209 36.29 27.12 -21.95
CA GLN D 209 35.99 27.05 -20.52
C GLN D 209 36.57 25.76 -19.97
N SER D 210 36.99 25.80 -18.71
CA SER D 210 37.59 24.67 -18.03
C SER D 210 36.61 24.10 -17.02
N ILE D 211 36.52 22.76 -16.99
CA ILE D 211 35.60 22.11 -16.06
C ILE D 211 35.98 22.42 -14.62
N ILE D 212 37.28 22.40 -14.31
CA ILE D 212 37.73 22.66 -12.95
C ILE D 212 37.55 24.14 -12.63
N ASN D 213 37.26 24.43 -11.37
CA ASN D 213 37.14 25.81 -10.94
C ASN D 213 38.47 26.53 -11.15
N PRO D 214 38.46 27.79 -11.56
CA PRO D 214 39.74 28.47 -11.83
C PRO D 214 40.67 28.50 -10.63
N ASP D 215 40.12 28.64 -9.43
CA ASP D 215 40.92 28.64 -8.21
C ASP D 215 40.74 27.32 -7.47
N TRP D 216 41.86 26.70 -7.11
CA TRP D 216 41.82 25.43 -6.38
C TRP D 216 43.23 25.04 -5.97
N ASN D 217 43.31 24.27 -4.90
CA ASN D 217 44.59 23.72 -4.43
C ASN D 217 44.30 22.45 -3.65
N PHE D 218 45.21 21.47 -3.75
CA PHE D 218 44.99 20.20 -3.08
C PHE D 218 45.02 20.35 -1.55
N GLU D 219 45.82 21.30 -1.05
CA GLU D 219 45.87 21.52 0.39
C GLU D 219 44.54 22.05 0.93
N LYS D 220 43.81 22.82 0.12
CA LYS D 220 42.63 23.52 0.62
C LYS D 220 41.57 22.55 1.13
N MET D 221 41.31 21.47 0.36
CA MET D 221 40.26 20.54 0.77
C MET D 221 40.55 19.94 2.14
N GLY D 222 41.83 19.75 2.46
CA GLY D 222 42.20 19.27 3.79
C GLY D 222 41.94 17.80 4.02
N ILE D 223 42.62 16.95 3.26
CA ILE D 223 42.56 15.49 3.45
C ILE D 223 43.97 14.96 3.37
N GLY D 224 44.31 14.05 4.29
CA GLY D 224 45.65 13.52 4.37
C GLY D 224 45.65 12.01 4.45
N GLY D 225 46.73 11.42 3.95
CA GLY D 225 46.94 9.99 4.00
C GLY D 225 46.23 9.18 2.93
N LEU D 226 45.48 9.84 2.05
CA LEU D 226 44.74 9.15 1.00
C LEU D 226 45.16 9.66 -0.38
N ASP D 227 46.43 10.02 -0.53
CA ASP D 227 46.89 10.59 -1.79
C ASP D 227 46.73 9.63 -2.95
N LYS D 228 47.05 8.35 -2.73
CA LYS D 228 47.00 7.38 -3.82
C LYS D 228 45.58 7.20 -4.34
N GLU D 229 44.61 7.10 -3.43
CA GLU D 229 43.22 6.91 -3.86
C GLU D 229 42.71 8.10 -4.65
N PHE D 230 43.00 9.32 -4.17
CA PHE D 230 42.58 10.50 -4.90
C PHE D 230 43.24 10.58 -6.27
N SER D 231 44.53 10.24 -6.33
CA SER D 231 45.23 10.24 -7.61
C SER D 231 44.61 9.25 -8.57
N ASP D 232 44.29 8.04 -8.10
CA ASP D 232 43.68 7.05 -8.98
C ASP D 232 42.30 7.51 -9.45
N ILE D 233 41.51 8.09 -8.56
CA ILE D 233 40.18 8.58 -8.94
C ILE D 233 40.32 9.66 -9.99
N PHE D 234 41.24 10.60 -9.78
CA PHE D 234 41.45 11.67 -10.75
C PHE D 234 41.88 11.09 -12.10
N ARG D 235 42.79 10.11 -12.09
CA ARG D 235 43.27 9.54 -13.33
C ARG D 235 42.16 8.85 -14.10
N ARG D 236 41.31 8.09 -13.40
CA ARG D 236 40.32 7.26 -14.07
C ARG D 236 38.97 7.94 -14.26
N ALA D 237 38.77 9.15 -13.74
CA ALA D 237 37.47 9.80 -13.80
C ALA D 237 37.48 11.06 -14.65
N PHE D 238 38.34 12.02 -14.36
CA PHE D 238 38.28 13.34 -14.97
C PHE D 238 39.30 13.54 -16.07
N ALA D 239 40.04 12.49 -16.45
CA ALA D 239 41.04 12.65 -17.50
C ALA D 239 40.41 13.05 -18.82
N SER D 240 39.26 12.47 -19.16
CA SER D 240 38.61 12.71 -20.44
C SER D 240 37.88 14.05 -20.50
N ARG D 241 37.77 14.76 -19.39
CA ARG D 241 37.02 16.01 -19.33
C ARG D 241 37.91 17.24 -19.32
N VAL D 242 39.21 17.08 -19.52
CA VAL D 242 40.15 18.20 -19.43
C VAL D 242 40.86 18.50 -20.73
N PHE D 243 40.88 17.59 -21.70
CA PHE D 243 41.61 17.79 -22.94
C PHE D 243 40.73 18.51 -23.97
N PRO D 244 41.33 19.21 -24.93
CA PRO D 244 40.53 19.84 -25.99
C PRO D 244 39.59 18.84 -26.64
N PRO D 245 38.35 19.24 -26.91
CA PRO D 245 37.36 18.27 -27.41
C PRO D 245 37.74 17.60 -28.72
N GLU D 246 38.67 18.15 -29.49
CA GLU D 246 38.91 17.65 -30.84
C GLU D 246 39.36 16.20 -30.81
N ILE D 247 40.41 15.90 -30.05
CA ILE D 247 40.97 14.55 -30.06
C ILE D 247 39.98 13.56 -29.44
N VAL D 248 39.37 13.93 -28.32
CA VAL D 248 38.45 13.02 -27.65
C VAL D 248 37.24 12.75 -28.53
N GLU D 249 36.83 13.72 -29.36
CA GLU D 249 35.79 13.44 -30.33
C GLU D 249 36.30 12.53 -31.43
N GLN D 250 37.56 12.70 -31.83
CA GLN D 250 38.21 11.73 -32.71
C GLN D 250 38.48 10.41 -32.01
N MET D 251 38.33 10.36 -30.68
CA MET D 251 38.74 9.21 -29.89
C MET D 251 37.65 8.13 -29.86
N GLY D 252 36.38 8.53 -29.86
CA GLY D 252 35.27 7.61 -29.83
C GLY D 252 35.16 6.80 -28.54
N CYS D 253 35.25 7.47 -27.41
CA CYS D 253 35.15 6.82 -26.10
C CYS D 253 34.02 7.45 -25.29
N LYS D 254 33.38 6.63 -24.46
CA LYS D 254 32.31 7.08 -23.58
C LYS D 254 32.85 7.31 -22.18
N HIS D 255 32.49 8.44 -21.59
CA HIS D 255 32.97 8.79 -20.25
C HIS D 255 32.39 7.84 -19.20
N VAL D 256 33.19 7.57 -18.17
CA VAL D 256 32.73 6.73 -17.08
C VAL D 256 31.69 7.49 -16.26
N LYS D 257 30.73 6.75 -15.69
CA LYS D 257 29.61 7.36 -14.98
C LYS D 257 29.31 6.60 -13.69
N GLY D 258 30.34 6.23 -12.94
CA GLY D 258 30.11 5.50 -11.71
C GLY D 258 31.32 5.39 -10.79
N ILE D 259 31.12 5.69 -9.51
CA ILE D 259 32.15 5.52 -8.49
C ILE D 259 31.48 5.00 -7.22
N LEU D 260 32.11 4.01 -6.59
CA LEU D 260 31.60 3.40 -5.38
C LEU D 260 32.72 3.35 -4.34
N LEU D 261 32.40 3.75 -3.12
CA LEU D 261 33.36 3.74 -2.03
C LEU D 261 32.80 2.92 -0.87
N TYR D 262 33.67 2.11 -0.27
CA TYR D 262 33.29 1.27 0.85
C TYR D 262 34.52 1.02 1.70
N GLY D 263 34.30 0.89 3.00
CA GLY D 263 35.35 0.62 3.94
C GLY D 263 34.87 0.76 5.37
N PRO D 264 35.71 0.38 6.32
CA PRO D 264 35.31 0.42 7.73
C PRO D 264 34.91 1.83 8.13
N PRO D 265 33.89 1.98 8.98
CA PRO D 265 33.41 3.33 9.33
C PRO D 265 34.49 4.14 10.02
N GLY D 266 34.71 5.36 9.51
CA GLY D 266 35.59 6.29 10.18
C GLY D 266 36.87 6.60 9.44
N CYS D 267 36.99 6.14 8.20
CA CYS D 267 38.20 6.36 7.42
C CYS D 267 38.12 7.60 6.54
N GLY D 268 37.04 8.37 6.63
CA GLY D 268 36.91 9.54 5.79
C GLY D 268 36.30 9.23 4.44
N LYS D 269 35.06 8.73 4.45
CA LYS D 269 34.36 8.45 3.20
C LYS D 269 33.50 9.63 2.77
N THR D 270 32.60 10.08 3.64
CA THR D 270 31.75 11.21 3.31
C THR D 270 32.59 12.40 2.89
N LEU D 271 33.76 12.54 3.49
CA LEU D 271 34.59 13.72 3.24
C LEU D 271 35.00 13.78 1.78
N LEU D 272 35.38 12.64 1.21
CA LEU D 272 35.83 12.63 -0.16
C LEU D 272 34.71 13.03 -1.11
N ALA D 273 33.53 12.53 -0.94
CA ALA D 273 32.39 12.85 -1.82
C ALA D 273 32.04 14.32 -1.73
N ARG D 274 32.07 14.87 -0.51
CA ARG D 274 31.73 16.29 -0.27
C ARG D 274 32.73 17.16 -1.02
N GLN D 275 34.02 16.85 -0.92
CA GLN D 275 35.05 17.65 -1.56
C GLN D 275 34.96 17.56 -3.07
N ILE D 276 34.68 16.36 -3.61
CA ILE D 276 34.49 16.24 -5.05
C ILE D 276 33.30 17.08 -5.50
N GLY D 277 32.20 17.04 -4.75
CA GLY D 277 31.06 17.86 -5.10
C GLY D 277 31.39 19.34 -5.11
N LYS D 278 32.17 19.80 -4.14
CA LYS D 278 32.57 21.21 -4.11
C LYS D 278 33.55 21.54 -5.24
N MET D 279 34.31 20.55 -5.71
CA MET D 279 35.33 20.81 -6.72
C MET D 279 34.74 21.35 -8.01
N LEU D 280 33.75 20.65 -8.55
CA LEU D 280 33.38 20.82 -9.94
C LEU D 280 32.69 22.16 -10.18
N ASN D 281 32.92 22.72 -11.36
CA ASN D 281 32.31 23.99 -11.77
C ASN D 281 30.99 23.73 -12.48
N ALA D 282 30.09 23.07 -11.76
CA ALA D 282 28.77 22.73 -12.26
C ALA D 282 27.72 23.24 -11.27
N ARG D 283 26.47 22.87 -11.51
CA ARG D 283 25.38 23.29 -10.63
C ARG D 283 25.48 22.55 -9.29
N GLU D 284 24.66 22.97 -8.35
CA GLU D 284 24.68 22.38 -7.02
C GLU D 284 24.32 20.90 -7.12
N PRO D 285 25.07 20.01 -6.48
CA PRO D 285 24.74 18.59 -6.55
C PRO D 285 23.42 18.29 -5.86
N LYS D 286 22.72 17.28 -6.37
CA LYS D 286 21.48 16.80 -5.77
C LYS D 286 21.81 15.60 -4.89
N VAL D 287 21.49 15.70 -3.61
CA VAL D 287 21.90 14.73 -2.60
C VAL D 287 20.69 13.94 -2.14
N VAL D 288 20.87 12.63 -2.02
CA VAL D 288 19.85 11.73 -1.48
C VAL D 288 20.37 11.22 -0.15
N ASN D 289 19.75 11.66 0.94
CA ASN D 289 20.16 11.24 2.29
C ASN D 289 19.46 9.94 2.63
N GLY D 290 20.06 8.84 2.19
CA GLY D 290 19.54 7.52 2.48
C GLY D 290 18.23 7.25 1.78
N PRO D 291 17.44 6.32 2.31
CA PRO D 291 16.17 5.95 1.66
C PRO D 291 15.10 7.02 1.81
N GLU D 292 15.18 8.07 1.00
CA GLU D 292 14.22 9.16 1.02
C GLU D 292 13.24 9.08 -0.15
N ILE D 293 13.29 8.01 -0.95
CA ILE D 293 12.54 7.94 -2.19
C ILE D 293 11.50 6.83 -2.07
N LEU D 294 10.99 6.61 -0.86
CA LEU D 294 9.94 5.64 -0.61
C LEU D 294 8.67 6.36 -0.20
N ASN D 295 7.56 6.03 -0.87
CA ASN D 295 6.27 6.64 -0.60
C ASN D 295 5.21 5.55 -0.52
N LYS D 296 4.12 5.87 0.18
CA LYS D 296 3.05 4.90 0.41
C LYS D 296 2.18 4.71 -0.83
N TYR D 297 1.95 5.76 -1.61
CA TYR D 297 1.15 5.62 -2.82
C TYR D 297 1.82 4.66 -3.79
N VAL D 298 1.02 3.79 -4.40
CA VAL D 298 1.55 2.76 -5.28
C VAL D 298 2.16 3.40 -6.50
N GLY D 299 3.39 2.99 -6.84
CA GLY D 299 4.01 3.42 -8.07
C GLY D 299 4.58 4.82 -8.07
N GLU D 300 4.65 5.48 -6.92
CA GLU D 300 5.22 6.83 -6.86
C GLU D 300 6.70 6.83 -6.58
N SER D 301 7.23 5.76 -5.97
CA SER D 301 8.67 5.68 -5.73
C SER D 301 9.44 5.69 -7.04
N GLU D 302 8.95 4.94 -8.04
CA GLU D 302 9.61 4.94 -9.34
C GLU D 302 9.60 6.33 -9.96
N ALA D 303 8.50 7.07 -9.79
CA ALA D 303 8.46 8.44 -10.29
C ALA D 303 9.48 9.31 -9.57
N ASN D 304 9.58 9.18 -8.25
CA ASN D 304 10.52 10.00 -7.49
C ASN D 304 11.96 9.72 -7.92
N ILE D 305 12.32 8.44 -8.06
CA ILE D 305 13.68 8.11 -8.48
C ILE D 305 13.94 8.54 -9.92
N ARG D 306 12.92 8.50 -10.78
CA ARG D 306 13.10 8.84 -12.18
C ARG D 306 13.23 10.33 -12.44
N LYS D 307 12.86 11.17 -11.46
CA LYS D 307 12.91 12.61 -11.64
C LYS D 307 14.33 13.16 -11.62
N LEU D 308 15.27 12.46 -10.97
CA LEU D 308 16.61 12.99 -10.79
C LEU D 308 17.35 13.25 -12.10
N PHE D 309 17.06 12.50 -13.16
CA PHE D 309 17.79 12.63 -14.42
C PHE D 309 17.06 13.49 -15.46
N ALA D 310 15.91 14.05 -15.12
CA ALA D 310 15.13 14.79 -16.13
C ALA D 310 15.91 15.99 -16.66
N ASP D 311 16.52 16.77 -15.77
CA ASP D 311 17.24 17.96 -16.21
C ASP D 311 18.40 17.59 -17.12
N ALA D 312 19.13 16.53 -16.78
CA ALA D 312 20.25 16.11 -17.62
C ALA D 312 19.76 15.71 -19.01
N GLU D 313 18.67 14.94 -19.07
CA GLU D 313 18.13 14.54 -20.36
C GLU D 313 17.71 15.75 -21.18
N GLU D 314 17.01 16.71 -20.54
CA GLU D 314 16.58 17.90 -21.25
C GLU D 314 17.77 18.69 -21.78
N GLU D 315 18.80 18.86 -20.95
CA GLU D 315 19.97 19.63 -21.39
C GLU D 315 20.69 18.94 -22.53
N GLN D 316 20.85 17.61 -22.45
CA GLN D 316 21.49 16.90 -23.55
C GLN D 316 20.70 17.01 -24.83
N ARG D 317 19.36 16.87 -24.74
CA ARG D 317 18.53 16.97 -25.93
C ARG D 317 18.59 18.36 -26.54
N ARG D 318 18.61 19.40 -25.70
CA ARG D 318 18.60 20.77 -26.21
C ARG D 318 19.92 21.11 -26.91
N LEU D 319 21.03 21.04 -26.18
CA LEU D 319 22.32 21.44 -26.73
C LEU D 319 23.08 20.26 -27.31
N GLY D 320 23.44 19.29 -26.48
CA GLY D 320 24.11 18.10 -26.96
C GLY D 320 25.62 18.25 -27.08
N ALA D 321 26.36 17.33 -26.49
CA ALA D 321 27.81 17.21 -26.59
C ALA D 321 28.55 18.41 -26.00
N ASN D 322 27.85 19.40 -25.46
CA ASN D 322 28.51 20.58 -24.88
C ASN D 322 27.85 21.02 -23.58
N SER D 323 27.08 20.17 -22.94
CA SER D 323 26.38 20.52 -21.71
C SER D 323 27.29 20.34 -20.50
N GLY D 324 26.89 20.95 -19.39
CA GLY D 324 27.59 20.82 -18.14
C GLY D 324 27.31 19.49 -17.47
N LEU D 325 27.96 19.29 -16.34
CA LEU D 325 27.80 18.04 -15.59
C LEU D 325 26.59 18.12 -14.67
N HIS D 326 26.10 16.95 -14.28
CA HIS D 326 24.98 16.79 -13.36
C HIS D 326 25.42 15.79 -12.31
N ILE D 327 26.03 16.29 -11.23
CA ILE D 327 26.63 15.43 -10.22
C ILE D 327 25.55 14.96 -9.26
N ILE D 328 25.42 13.64 -9.12
CA ILE D 328 24.50 13.01 -8.18
C ILE D 328 25.33 12.29 -7.13
N ILE D 329 25.05 12.57 -5.86
CA ILE D 329 25.80 12.00 -4.74
C ILE D 329 24.85 11.09 -3.96
N PHE D 330 25.21 9.81 -3.87
CA PHE D 330 24.43 8.82 -3.14
C PHE D 330 25.17 8.44 -1.87
N ASP D 331 24.47 8.26 -0.75
CA ASP D 331 25.10 7.76 0.50
C ASP D 331 24.15 6.73 1.08
N GLU D 332 24.65 5.76 1.85
CA GLU D 332 23.82 4.66 2.35
C GLU D 332 23.13 4.09 1.12
N ILE D 333 23.93 3.70 0.12
CA ILE D 333 23.40 3.16 -1.16
C ILE D 333 22.75 1.81 -0.87
N ASP D 334 23.27 1.05 0.09
CA ASP D 334 22.73 -0.25 0.43
C ASP D 334 21.32 -0.18 0.99
N ALA D 335 20.85 1.01 1.37
CA ALA D 335 19.50 1.13 1.94
C ALA D 335 18.43 0.77 0.93
N ILE D 336 18.58 1.22 -0.32
CA ILE D 336 17.54 1.07 -1.33
C ILE D 336 17.82 -0.10 -2.27
N CYS D 337 19.06 -0.25 -2.72
CA CYS D 337 19.43 -1.30 -3.65
C CYS D 337 20.08 -2.45 -2.88
N LYS D 338 19.52 -3.65 -3.04
CA LYS D 338 20.04 -4.85 -2.38
C LYS D 338 19.90 -6.01 -3.35
N GLN D 339 20.22 -7.21 -2.87
CA GLN D 339 20.10 -8.41 -3.69
C GLN D 339 18.66 -8.59 -4.16
N ARG D 340 18.46 -8.49 -5.48
CA ARG D 340 17.11 -8.68 -6.07
C ARG D 340 16.67 -10.11 -5.78
N GLY D 341 15.42 -10.31 -5.38
CA GLY D 341 14.88 -11.61 -5.09
C GLY D 341 15.00 -12.02 -3.64
N SER D 342 15.89 -11.40 -2.88
CA SER D 342 15.95 -11.61 -1.44
C SER D 342 14.86 -10.77 -0.76
N MET D 343 14.77 -10.88 0.55
CA MET D 343 13.76 -10.15 1.33
C MET D 343 12.38 -10.46 0.76
N ALA D 344 11.96 -11.70 1.02
CA ALA D 344 10.68 -12.18 0.51
C ALA D 344 9.54 -11.59 1.34
N GLY D 345 9.36 -10.27 1.24
CA GLY D 345 8.35 -9.58 2.01
C GLY D 345 7.05 -9.40 1.24
N SER D 346 6.67 -8.16 1.01
CA SER D 346 5.42 -7.86 0.33
C SER D 346 5.57 -6.60 -0.50
N THR D 347 4.87 -6.57 -1.63
CA THR D 347 4.77 -5.40 -2.51
C THR D 347 6.06 -5.19 -3.31
N GLY D 348 7.12 -5.94 -2.99
CA GLY D 348 8.34 -5.93 -3.76
C GLY D 348 8.78 -4.57 -4.26
N VAL D 349 8.58 -3.53 -3.45
CA VAL D 349 8.93 -2.17 -3.90
C VAL D 349 10.42 -2.08 -4.20
N HIS D 350 11.24 -2.72 -3.38
CA HIS D 350 12.69 -2.67 -3.61
C HIS D 350 13.06 -3.33 -4.94
N ASP D 351 12.41 -4.46 -5.26
CA ASP D 351 12.70 -5.13 -6.51
C ASP D 351 12.31 -4.27 -7.71
N THR D 352 11.34 -3.38 -7.54
CA THR D 352 10.96 -2.47 -8.62
C THR D 352 11.92 -1.27 -8.70
N VAL D 353 12.33 -0.76 -7.54
CA VAL D 353 13.23 0.39 -7.54
C VAL D 353 14.58 0.01 -8.13
N VAL D 354 15.10 -1.18 -7.79
CA VAL D 354 16.38 -1.60 -8.35
C VAL D 354 16.28 -1.72 -9.87
N ASN D 355 15.19 -2.33 -10.35
CA ASN D 355 15.03 -2.47 -11.78
C ASN D 355 14.93 -1.11 -12.47
N GLN D 356 14.19 -0.18 -11.88
CA GLN D 356 14.08 1.16 -12.46
C GLN D 356 15.44 1.83 -12.52
N LEU D 357 16.22 1.73 -11.45
CA LEU D 357 17.55 2.34 -11.44
C LEU D 357 18.44 1.73 -12.50
N LEU D 358 18.44 0.40 -12.61
CA LEU D 358 19.27 -0.26 -13.62
C LEU D 358 18.86 0.15 -15.02
N SER D 359 17.54 0.22 -15.28
CA SER D 359 17.08 0.61 -16.61
C SER D 359 17.46 2.06 -16.92
N LYS D 360 17.36 2.95 -15.93
CA LYS D 360 17.62 4.36 -16.18
C LYS D 360 19.10 4.65 -16.34
N ILE D 361 19.96 3.99 -15.56
CA ILE D 361 21.38 4.31 -15.59
C ILE D 361 21.95 4.08 -16.99
N ASP D 362 21.50 3.02 -17.66
CA ASP D 362 21.91 2.76 -19.03
C ASP D 362 20.86 1.86 -19.67
N GLY D 363 20.14 2.40 -20.63
CA GLY D 363 19.07 1.67 -21.31
C GLY D 363 18.97 2.07 -22.75
N VAL D 364 17.75 2.06 -23.28
CA VAL D 364 17.53 2.39 -24.68
C VAL D 364 17.97 3.81 -25.00
N GLU D 365 18.04 4.68 -24.00
CA GLU D 365 18.48 6.06 -24.19
C GLU D 365 19.98 6.17 -23.91
N GLN D 366 20.57 7.27 -24.38
CA GLN D 366 22.02 7.51 -24.20
C GLN D 366 22.21 8.84 -23.48
N LEU D 367 23.13 8.89 -22.53
CA LEU D 367 23.44 10.08 -21.74
C LEU D 367 24.89 10.02 -21.30
N ASN D 368 25.58 11.15 -21.41
CA ASN D 368 27.02 11.20 -21.14
C ASN D 368 27.40 12.46 -20.35
N ASN D 369 26.51 12.92 -19.48
CA ASN D 369 26.76 14.14 -18.70
C ASN D 369 26.35 13.94 -17.26
N ILE D 370 26.62 12.75 -16.71
CA ILE D 370 26.27 12.43 -15.33
C ILE D 370 27.47 11.78 -14.66
N LEU D 371 27.40 11.71 -13.33
CA LEU D 371 28.44 11.06 -12.54
C LEU D 371 27.84 10.74 -11.18
N VAL D 372 27.74 9.45 -10.84
CA VAL D 372 27.09 9.00 -9.62
C VAL D 372 28.15 8.44 -8.69
N ILE D 373 28.11 8.87 -7.43
CA ILE D 373 29.04 8.42 -6.40
C ILE D 373 28.22 7.82 -5.26
N GLY D 374 28.56 6.60 -4.87
CA GLY D 374 27.88 5.91 -3.79
C GLY D 374 28.85 5.61 -2.66
N MET D 375 28.33 5.63 -1.43
CA MET D 375 29.10 5.32 -0.23
C MET D 375 28.36 4.22 0.53
N THR D 376 29.10 3.23 1.02
CA THR D 376 28.46 2.13 1.75
C THR D 376 29.44 1.54 2.76
N ASN D 377 28.87 0.75 3.67
CA ASN D 377 29.65 -0.02 4.64
C ASN D 377 29.74 -1.50 4.27
N ARG D 378 28.66 -2.07 3.73
CA ARG D 378 28.61 -3.49 3.38
C ARG D 378 28.68 -3.62 1.86
N PRO D 379 29.81 -4.06 1.29
CA PRO D 379 29.88 -4.20 -0.18
C PRO D 379 29.28 -5.49 -0.70
N ASP D 380 28.94 -6.44 0.16
CA ASP D 380 28.49 -7.75 -0.28
C ASP D 380 27.01 -7.76 -0.66
N LEU D 381 26.22 -6.80 -0.21
CA LEU D 381 24.79 -6.80 -0.44
C LEU D 381 24.36 -6.07 -1.71
N ILE D 382 25.26 -5.33 -2.35
CA ILE D 382 24.91 -4.67 -3.59
C ILE D 382 24.69 -5.70 -4.69
N ASP D 383 23.74 -5.42 -5.57
CA ASP D 383 23.46 -6.32 -6.68
C ASP D 383 24.69 -6.47 -7.58
N GLU D 384 24.97 -7.69 -8.01
CA GLU D 384 26.14 -7.94 -8.84
C GLU D 384 26.01 -7.25 -10.19
N ALA D 385 24.82 -7.29 -10.79
CA ALA D 385 24.64 -6.72 -12.12
C ALA D 385 24.87 -5.21 -12.15
N LEU D 386 24.84 -4.56 -10.99
CA LEU D 386 25.02 -3.12 -10.90
C LEU D 386 26.49 -2.71 -10.84
N LEU D 387 27.42 -3.68 -10.86
CA LEU D 387 28.84 -3.40 -10.73
C LEU D 387 29.64 -3.72 -11.97
N ARG D 388 29.01 -4.21 -13.04
CA ARG D 388 29.75 -4.47 -14.25
C ARG D 388 30.27 -3.15 -14.83
N PRO D 389 31.38 -3.19 -15.57
CA PRO D 389 31.87 -1.95 -16.18
C PRO D 389 30.81 -1.31 -17.05
N GLY D 390 30.69 0.02 -16.95
CA GLY D 390 29.69 0.75 -17.68
C GLY D 390 28.71 1.48 -16.78
N ARG D 391 28.31 0.84 -15.69
CA ARG D 391 27.41 1.45 -14.71
C ARG D 391 28.17 1.99 -13.51
N LEU D 392 28.91 1.12 -12.81
CA LEU D 392 29.76 1.49 -11.69
C LEU D 392 31.09 0.76 -11.90
N GLU D 393 32.01 1.42 -12.61
CA GLU D 393 33.23 0.77 -13.06
C GLU D 393 34.35 0.87 -12.03
N VAL D 394 34.71 2.09 -11.64
CA VAL D 394 35.79 2.29 -10.66
C VAL D 394 35.26 1.95 -9.28
N LYS D 395 35.94 1.04 -8.59
CA LYS D 395 35.56 0.60 -7.25
C LYS D 395 36.79 0.72 -6.36
N MET D 396 36.96 1.87 -5.72
CA MET D 396 38.14 2.12 -4.89
C MET D 396 37.88 1.60 -3.47
N GLU D 397 38.96 1.53 -2.68
CA GLU D 397 38.88 1.08 -1.30
C GLU D 397 39.56 2.11 -0.41
N ILE D 398 38.93 2.40 0.74
CA ILE D 398 39.46 3.34 1.72
C ILE D 398 39.79 2.56 2.98
N GLY D 399 41.07 2.52 3.33
CA GLY D 399 41.55 1.75 4.47
C GLY D 399 42.08 2.65 5.58
N LEU D 400 42.55 1.99 6.64
CA LEU D 400 43.08 2.71 7.79
C LEU D 400 44.39 3.41 7.41
N PRO D 401 44.65 4.59 7.99
CA PRO D 401 45.88 5.31 7.67
C PRO D 401 47.09 4.69 8.36
N ASP D 402 48.26 5.09 7.87
CA ASP D 402 49.54 4.67 8.44
C ASP D 402 50.05 5.75 9.38
N GLU D 403 51.28 5.56 9.88
CA GLU D 403 51.85 6.54 10.80
C GLU D 403 51.99 7.90 10.13
N LYS D 404 52.45 7.94 8.89
CA LYS D 404 52.58 9.21 8.18
C LYS D 404 51.22 9.86 7.99
N GLY D 405 50.20 9.06 7.65
CA GLY D 405 48.86 9.60 7.53
C GLY D 405 48.37 10.20 8.84
N ARG D 406 48.63 9.51 9.95
CA ARG D 406 48.23 10.04 11.26
C ARG D 406 48.94 11.36 11.55
N LEU D 407 50.24 11.43 11.26
CA LEU D 407 50.96 12.67 11.48
C LEU D 407 50.39 13.81 10.65
N GLN D 408 50.10 13.54 9.37
CA GLN D 408 49.53 14.57 8.52
C GLN D 408 48.16 15.00 9.02
N ILE D 409 47.34 14.05 9.48
CA ILE D 409 46.01 14.39 10.00
C ILE D 409 46.15 15.30 11.21
N LEU D 410 47.04 14.94 12.14
CA LEU D 410 47.23 15.76 13.32
C LEU D 410 47.73 17.16 12.95
N HIS D 411 48.62 17.24 11.96
CA HIS D 411 49.08 18.54 11.49
C HIS D 411 47.92 19.36 10.94
N ILE D 412 47.04 18.72 10.15
CA ILE D 412 45.94 19.44 9.53
C ILE D 412 44.98 19.97 10.59
N HIS D 413 44.62 19.13 11.56
CA HIS D 413 43.64 19.54 12.57
C HIS D 413 44.23 20.45 13.63
N THR D 414 45.53 20.70 13.62
CA THR D 414 46.18 21.58 14.59
C THR D 414 46.80 22.79 13.90
N ALA D 415 46.15 23.26 12.83
CA ALA D 415 46.64 24.43 12.09
C ALA D 415 46.13 25.75 12.65
N ARG D 416 44.84 25.85 12.94
CA ARG D 416 44.27 27.10 13.45
C ARG D 416 44.70 27.42 14.87
N MET D 417 45.29 26.45 15.58
CA MET D 417 45.84 26.73 16.91
C MET D 417 47.15 27.51 16.81
N ARG D 418 48.15 26.93 16.13
CA ARG D 418 49.48 27.51 16.12
C ARG D 418 49.54 28.87 15.44
N GLY D 419 48.50 29.26 14.70
CA GLY D 419 48.45 30.57 14.10
C GLY D 419 48.05 31.68 15.05
N HIS D 420 47.80 31.38 16.32
CA HIS D 420 47.42 32.40 17.28
C HIS D 420 48.11 32.22 18.63
N GLN D 421 49.22 31.49 18.68
CA GLN D 421 50.02 31.37 19.90
C GLN D 421 49.17 30.86 21.07
N LEU D 422 48.28 29.92 20.78
CA LEU D 422 47.44 29.30 21.80
C LEU D 422 47.98 27.97 22.28
N LEU D 423 49.17 27.57 21.83
CA LEU D 423 49.73 26.27 22.14
C LEU D 423 51.09 26.45 22.79
N SER D 424 51.36 25.67 23.83
CA SER D 424 52.68 25.64 24.42
C SER D 424 53.62 24.79 23.57
N ALA D 425 54.85 25.30 23.38
CA ALA D 425 55.82 24.60 22.55
C ALA D 425 56.26 23.26 23.14
N ASP D 426 55.92 22.99 24.41
CA ASP D 426 56.35 21.74 25.03
C ASP D 426 55.78 20.53 24.29
N VAL D 427 54.53 20.62 23.85
CA VAL D 427 53.91 19.48 23.18
C VAL D 427 54.71 19.11 21.94
N ASP D 428 54.75 17.81 21.64
CA ASP D 428 55.42 17.30 20.45
C ASP D 428 54.43 16.48 19.64
N ILE D 429 54.44 16.67 18.32
CA ILE D 429 53.53 15.91 17.46
C ILE D 429 54.09 14.53 17.16
N LYS D 430 55.41 14.37 17.19
CA LYS D 430 56.01 13.08 16.87
C LYS D 430 55.54 12.01 17.86
N GLU D 431 55.54 12.34 19.15
CA GLU D 431 55.03 11.39 20.15
C GLU D 431 53.58 11.06 19.85
N LEU D 432 52.74 12.07 19.70
CA LEU D 432 51.33 11.85 19.45
C LEU D 432 51.14 10.89 18.27
N ALA D 433 51.95 11.04 17.23
CA ALA D 433 51.88 10.11 16.10
C ALA D 433 52.38 8.72 16.49
N VAL D 434 53.34 8.64 17.42
CA VAL D 434 53.93 7.34 17.75
C VAL D 434 52.96 6.53 18.61
N GLU D 435 52.54 7.06 19.75
CA GLU D 435 51.72 6.28 20.67
C GLU D 435 50.40 5.86 20.02
N THR D 436 49.77 6.76 19.28
CA THR D 436 48.49 6.45 18.66
C THR D 436 48.64 5.24 17.73
N LYS D 437 47.86 4.20 17.99
CA LYS D 437 47.87 2.98 17.19
C LYS D 437 46.45 2.50 16.97
N ASN D 438 46.18 1.99 15.76
CA ASN D 438 44.84 1.56 15.39
C ASN D 438 43.84 2.71 15.53
N PHE D 439 44.28 3.91 15.22
CA PHE D 439 43.48 5.12 15.34
C PHE D 439 43.03 5.59 13.98
N SER D 440 41.80 6.12 13.92
CA SER D 440 41.25 6.72 12.72
C SER D 440 41.25 8.24 12.84
N GLY D 441 41.00 8.90 11.72
CA GLY D 441 40.93 10.36 11.75
C GLY D 441 39.91 10.87 12.73
N ALA D 442 38.75 10.21 12.80
CA ALA D 442 37.73 10.61 13.75
C ALA D 442 38.25 10.51 15.18
N GLU D 443 38.94 9.42 15.45
CA GLU D 443 39.54 9.24 16.78
C GLU D 443 40.41 10.46 17.02
N LEU D 444 41.38 10.70 16.17
CA LEU D 444 42.36 11.76 16.38
C LEU D 444 41.67 13.09 16.64
N GLU D 445 40.64 13.42 15.85
CA GLU D 445 39.91 14.65 16.09
C GLU D 445 39.25 14.64 17.46
N GLY D 446 38.70 13.49 17.87
CA GLY D 446 38.11 13.40 19.20
C GLY D 446 39.13 13.62 20.29
N LEU D 447 40.32 13.05 20.14
CA LEU D 447 41.38 13.27 21.12
C LEU D 447 41.75 14.73 21.22
N VAL D 448 41.90 15.40 20.06
CA VAL D 448 42.24 16.82 20.08
C VAL D 448 41.14 17.62 20.76
N ARG D 449 39.88 17.30 20.45
CA ARG D 449 38.76 18.00 21.08
C ARG D 449 38.75 17.80 22.58
N ALA D 450 38.96 16.56 23.04
CA ALA D 450 38.96 16.28 24.47
C ALA D 450 40.09 17.01 25.16
N ALA D 451 41.27 17.05 24.54
CA ALA D 451 42.39 17.79 25.13
C ALA D 451 42.04 19.27 25.25
N GLN D 452 41.47 19.86 24.20
CA GLN D 452 41.05 21.25 24.29
C GLN D 452 40.10 21.45 25.46
N SER D 453 39.06 20.61 25.53
CA SER D 453 38.03 20.80 26.54
C SER D 453 38.60 20.67 27.95
N THR D 454 39.40 19.64 28.20
CA THR D 454 39.93 19.44 29.54
C THR D 454 40.92 20.54 29.91
N ALA D 455 41.79 20.94 28.98
CA ALA D 455 42.75 22.00 29.29
C ALA D 455 42.02 23.31 29.59
N MET D 456 40.96 23.58 28.84
CA MET D 456 40.29 24.87 28.79
C MET D 456 39.10 24.96 29.73
N ASN D 457 38.74 23.87 30.40
CA ASN D 457 37.79 23.87 31.50
C ASN D 457 38.36 24.41 32.80
N ARG D 458 39.69 24.58 32.90
CA ARG D 458 40.30 24.91 34.18
C ARG D 458 39.79 26.24 34.76
N HIS D 459 39.18 27.07 33.94
CA HIS D 459 38.76 28.42 34.36
C HIS D 459 37.26 28.50 34.62
N ILE D 460 36.68 27.45 35.22
CA ILE D 460 35.26 27.44 35.58
C ILE D 460 35.08 26.97 37.01
N LYS D 461 34.17 27.62 37.72
CA LYS D 461 33.78 27.26 39.07
C LYS D 461 32.29 26.94 39.05
N ALA D 462 31.92 25.76 39.55
CA ALA D 462 30.55 25.28 39.55
C ALA D 462 30.06 25.10 40.98
N SER D 463 28.81 24.65 41.10
CA SER D 463 28.17 24.37 42.39
C SER D 463 27.79 25.65 43.12
N THR D 464 28.17 26.80 42.58
CA THR D 464 27.85 28.10 43.17
C THR D 464 27.47 29.07 42.07
N LYS D 465 26.59 28.61 41.16
CA LYS D 465 26.28 29.30 39.91
C LYS D 465 27.37 29.00 38.89
N VAL D 466 27.25 29.55 37.69
CA VAL D 466 28.27 29.41 36.66
C VAL D 466 29.15 30.64 36.71
N GLU D 467 30.44 30.45 36.94
CA GLU D 467 31.39 31.53 37.11
C GLU D 467 32.59 31.33 36.19
N VAL D 468 33.02 32.42 35.56
CA VAL D 468 34.17 32.40 34.67
C VAL D 468 34.95 33.70 34.85
N ASP D 469 36.27 33.59 34.85
CA ASP D 469 37.16 34.70 35.19
C ASP D 469 37.67 35.36 33.92
N MET D 470 37.23 36.59 33.67
CA MET D 470 37.77 37.37 32.56
C MET D 470 39.24 37.69 32.71
N GLU D 471 39.76 37.74 33.94
CA GLU D 471 41.14 38.17 34.14
C GLU D 471 42.13 37.15 33.57
N LYS D 472 41.97 35.87 33.92
CA LYS D 472 42.89 34.83 33.49
C LYS D 472 42.45 34.14 32.20
N ALA D 473 41.29 34.52 31.66
CA ALA D 473 40.79 33.88 30.44
C ALA D 473 41.63 34.21 29.22
N GLU D 474 42.53 35.18 29.31
CA GLU D 474 43.35 35.59 28.18
C GLU D 474 44.70 34.87 28.12
N SER D 475 44.96 33.94 29.03
CA SER D 475 46.21 33.21 29.09
C SER D 475 46.01 31.71 28.91
N LEU D 476 44.99 31.35 28.13
CA LEU D 476 44.67 29.94 27.94
C LEU D 476 45.80 29.23 27.21
N GLN D 477 46.16 28.04 27.71
CA GLN D 477 47.22 27.25 27.11
C GLN D 477 46.88 25.77 27.27
N VAL D 478 47.47 24.96 26.40
CA VAL D 478 47.27 23.51 26.40
C VAL D 478 48.62 22.85 26.69
N THR D 479 48.63 21.93 27.64
CA THR D 479 49.85 21.27 28.08
C THR D 479 49.80 19.79 27.74
N ARG D 480 51.00 19.20 27.61
CA ARG D 480 51.10 17.77 27.31
C ARG D 480 50.34 16.93 28.33
N GLY D 481 50.28 17.38 29.58
CA GLY D 481 49.54 16.64 30.58
C GLY D 481 48.09 16.47 30.20
N ASP D 482 47.48 17.49 29.60
CA ASP D 482 46.09 17.39 29.16
C ASP D 482 45.94 16.32 28.08
N PHE D 483 46.85 16.31 27.11
CA PHE D 483 46.81 15.28 26.07
C PHE D 483 46.93 13.90 26.69
N LEU D 484 47.88 13.71 27.61
CA LEU D 484 48.07 12.40 28.23
C LEU D 484 46.83 11.97 28.99
N ALA D 485 46.25 12.89 29.77
CA ALA D 485 45.06 12.55 30.55
C ALA D 485 43.90 12.18 29.63
N SER D 486 43.68 12.97 28.58
CA SER D 486 42.58 12.68 27.66
C SER D 486 42.78 11.33 26.98
N LEU D 487 44.01 11.05 26.54
CA LEU D 487 44.27 9.77 25.89
C LEU D 487 44.06 8.61 26.86
N GLU D 488 44.47 8.77 28.11
CA GLU D 488 44.38 7.69 29.08
C GLU D 488 42.99 7.54 29.69
N ASN D 489 42.10 8.52 29.54
CA ASN D 489 40.81 8.49 30.22
C ASN D 489 39.63 8.36 29.26
N ASP D 490 39.49 9.28 28.30
CA ASP D 490 38.26 9.41 27.53
C ASP D 490 38.28 8.62 26.23
N ILE D 491 39.19 8.94 25.33
CA ILE D 491 39.20 8.34 24.00
C ILE D 491 39.75 6.92 24.09
N LYS D 492 39.12 6.00 23.36
CA LYS D 492 39.55 4.60 23.35
C LYS D 492 39.27 3.98 21.98
N PRO D 493 40.29 3.50 21.27
CA PRO D 493 40.06 2.94 19.94
C PRO D 493 39.25 1.65 20.00
N ALA D 494 38.58 1.36 18.89
CA ALA D 494 37.71 0.19 18.75
C ALA D 494 38.21 -0.73 17.65
N PHE D 495 39.52 -0.95 17.59
CA PHE D 495 40.11 -1.87 16.61
C PHE D 495 41.46 -2.30 17.14
N GLY D 496 41.62 -3.59 17.38
CA GLY D 496 42.82 -4.12 18.01
C GLY D 496 42.70 -4.21 19.51
N THR D 497 43.83 -4.41 20.16
CA THR D 497 43.90 -4.56 21.60
C THR D 497 44.48 -3.31 22.24
N ASN D 498 44.12 -3.09 23.50
CA ASN D 498 44.54 -1.92 24.26
C ASN D 498 45.42 -2.35 25.43
N GLN D 499 46.12 -1.38 26.00
CA GLN D 499 47.01 -1.66 27.14
C GLN D 499 46.25 -2.29 28.30
N GLU D 500 44.95 -2.05 28.41
CA GLU D 500 44.19 -2.58 29.54
C GLU D 500 44.23 -4.09 29.57
N ASP D 501 44.16 -4.73 28.40
CA ASP D 501 44.25 -6.18 28.35
C ASP D 501 45.59 -6.67 28.90
N TYR D 502 46.67 -6.00 28.51
CA TYR D 502 47.98 -6.38 29.03
C TYR D 502 48.05 -6.19 30.54
N ALA D 503 47.49 -5.09 31.04
CA ALA D 503 47.44 -4.91 32.50
C ALA D 503 46.63 -6.00 33.16
N SER D 504 45.60 -6.51 32.48
CA SER D 504 44.77 -7.56 33.04
C SER D 504 45.46 -8.91 33.07
N TYR D 505 46.27 -9.21 32.04
CA TYR D 505 46.94 -10.50 31.97
C TYR D 505 48.22 -10.55 32.79
N ILE D 506 49.00 -9.46 32.79
CA ILE D 506 50.22 -9.37 33.60
C ILE D 506 49.83 -8.60 34.86
N MET D 507 49.45 -9.35 35.91
CA MET D 507 48.94 -8.72 37.12
C MET D 507 50.07 -8.25 38.02
N ASN D 508 50.99 -9.15 38.37
CA ASN D 508 52.08 -8.85 39.29
C ASN D 508 53.43 -8.77 38.59
N GLY D 509 53.44 -8.54 37.28
CA GLY D 509 54.69 -8.37 36.57
C GLY D 509 55.51 -9.65 36.48
N ILE D 510 56.78 -9.46 36.14
CA ILE D 510 57.74 -10.54 35.99
C ILE D 510 58.94 -10.27 36.88
N ILE D 511 59.47 -11.33 37.49
CA ILE D 511 60.65 -11.25 38.35
C ILE D 511 61.66 -12.28 37.88
N LYS D 512 62.91 -11.86 37.73
CA LYS D 512 63.97 -12.73 37.22
C LYS D 512 64.54 -13.53 38.38
N TRP D 513 64.06 -14.76 38.54
CA TRP D 513 64.53 -15.65 39.60
C TRP D 513 65.51 -16.70 39.09
N GLY D 514 65.88 -16.65 37.82
CA GLY D 514 66.80 -17.64 37.28
C GLY D 514 67.05 -17.39 35.82
N ASP D 515 67.87 -18.26 35.23
CA ASP D 515 68.24 -18.18 33.82
C ASP D 515 67.10 -18.53 32.86
N PRO D 516 66.15 -19.41 33.24
CA PRO D 516 65.13 -19.81 32.25
C PRO D 516 64.37 -18.64 31.67
N VAL D 517 64.07 -17.62 32.46
CA VAL D 517 63.33 -16.47 31.93
C VAL D 517 64.16 -15.76 30.87
N THR D 518 65.45 -15.58 31.13
CA THR D 518 66.32 -14.94 30.15
C THR D 518 66.38 -15.77 28.87
N ARG D 519 66.51 -17.08 29.00
CA ARG D 519 66.56 -17.94 27.81
C ARG D 519 65.28 -17.80 27.00
N VAL D 520 64.13 -17.83 27.67
CA VAL D 520 62.85 -17.74 26.97
C VAL D 520 62.73 -16.40 26.26
N LEU D 521 63.11 -15.32 26.94
CA LEU D 521 63.01 -13.99 26.32
C LEU D 521 63.92 -13.89 25.10
N ASP D 522 65.14 -14.42 25.20
CA ASP D 522 66.05 -14.37 24.07
C ASP D 522 65.50 -15.18 22.89
N ASP D 523 64.93 -16.36 23.17
CA ASP D 523 64.35 -17.16 22.10
C ASP D 523 63.20 -16.43 21.43
N GLY D 524 62.35 -15.77 22.23
CA GLY D 524 61.26 -15.00 21.65
C GLY D 524 61.77 -13.87 20.78
N GLU D 525 62.82 -13.17 21.23
CA GLU D 525 63.41 -12.12 20.41
C GLU D 525 63.91 -12.67 19.09
N LEU D 526 64.57 -13.84 19.13
CA LEU D 526 65.06 -14.44 17.90
C LEU D 526 63.90 -14.79 16.97
N LEU D 527 62.82 -15.35 17.51
CA LEU D 527 61.69 -15.71 16.65
C LEU D 527 61.06 -14.47 16.02
N VAL D 528 60.89 -13.40 16.78
CA VAL D 528 60.29 -12.19 16.21
C VAL D 528 61.21 -11.62 15.14
N GLN D 529 62.53 -11.66 15.36
CA GLN D 529 63.45 -11.22 14.33
C GLN D 529 63.28 -12.05 13.05
N GLN D 530 63.20 -13.38 13.22
CA GLN D 530 63.00 -14.26 12.07
C GLN D 530 61.76 -13.86 11.29
N THR D 531 60.62 -13.73 11.97
CA THR D 531 59.38 -13.44 11.26
C THR D 531 59.40 -12.06 10.63
N LYS D 532 60.04 -11.08 11.28
CA LYS D 532 60.05 -9.72 10.76
C LYS D 532 60.99 -9.54 9.58
N ASN D 533 62.06 -10.34 9.50
CA ASN D 533 63.09 -10.11 8.49
C ASN D 533 63.36 -11.34 7.64
N SER D 534 62.30 -11.95 7.10
CA SER D 534 62.44 -13.11 6.23
C SER D 534 61.43 -13.02 5.10
N ASP D 535 61.72 -13.76 4.02
CA ASP D 535 60.85 -13.79 2.85
C ASP D 535 60.47 -15.21 2.47
N ARG D 536 61.41 -16.15 2.64
CA ARG D 536 61.15 -17.54 2.23
C ARG D 536 60.05 -18.18 3.06
N THR D 537 59.94 -17.81 4.35
CA THR D 537 59.01 -18.43 5.28
C THR D 537 58.11 -17.33 5.84
N PRO D 538 57.07 -16.93 5.12
CA PRO D 538 56.19 -15.87 5.62
C PRO D 538 55.34 -16.27 6.82
N LEU D 539 55.38 -17.54 7.22
CA LEU D 539 54.61 -18.02 8.36
C LEU D 539 55.51 -18.78 9.33
N VAL D 540 55.31 -18.56 10.62
CA VAL D 540 56.06 -19.23 11.67
C VAL D 540 55.14 -19.48 12.85
N SER D 541 55.45 -20.53 13.62
CA SER D 541 54.65 -20.90 14.77
C SER D 541 55.57 -21.31 15.91
N VAL D 542 55.05 -21.19 17.13
CA VAL D 542 55.81 -21.54 18.34
C VAL D 542 54.83 -22.07 19.38
N LEU D 543 55.26 -23.09 20.12
CA LEU D 543 54.46 -23.71 21.16
C LEU D 543 55.24 -23.73 22.45
N LEU D 544 54.59 -23.29 23.54
CA LEU D 544 55.19 -23.28 24.87
C LEU D 544 54.56 -24.41 25.69
N GLU D 545 55.40 -25.18 26.39
CA GLU D 545 54.90 -26.30 27.18
C GLU D 545 55.61 -26.35 28.52
N GLY D 546 54.90 -26.89 29.51
CA GLY D 546 55.43 -27.07 30.84
C GLY D 546 54.35 -27.56 31.78
N PRO D 547 54.73 -27.93 33.00
CA PRO D 547 53.74 -28.40 33.98
C PRO D 547 52.75 -27.30 34.31
N PRO D 548 51.65 -27.63 34.98
CA PRO D 548 50.65 -26.61 35.30
C PRO D 548 51.15 -25.63 36.33
N HIS D 549 50.52 -24.45 36.33
CA HIS D 549 50.89 -23.37 37.25
C HIS D 549 52.34 -22.95 37.06
N SER D 550 52.78 -22.75 35.83
CA SER D 550 54.20 -22.43 35.58
C SER D 550 54.33 -21.04 35.02
N GLY D 551 53.27 -20.46 34.51
CA GLY D 551 53.34 -19.08 34.06
C GLY D 551 53.53 -18.94 32.56
N LYS D 552 52.81 -19.75 31.79
CA LYS D 552 52.95 -19.71 30.34
C LYS D 552 52.28 -18.46 29.77
N THR D 553 51.07 -18.16 30.24
CA THR D 553 50.30 -17.07 29.65
C THR D 553 51.02 -15.74 29.80
N ALA D 554 51.55 -15.46 30.98
CA ALA D 554 52.23 -14.18 31.21
C ALA D 554 53.44 -14.03 30.32
N LEU D 555 54.25 -15.08 30.20
CA LEU D 555 55.43 -15.01 29.34
C LEU D 555 55.03 -14.81 27.89
N ALA D 556 54.00 -15.52 27.43
CA ALA D 556 53.55 -15.34 26.05
C ALA D 556 53.09 -13.91 25.81
N ALA D 557 52.31 -13.35 26.75
CA ALA D 557 51.84 -11.99 26.59
C ALA D 557 53.00 -11.01 26.55
N LYS D 558 53.98 -11.20 27.42
CA LYS D 558 55.13 -10.28 27.45
C LYS D 558 55.92 -10.38 26.14
N ILE D 559 56.13 -11.60 25.63
CA ILE D 559 56.83 -11.76 24.37
C ILE D 559 56.08 -11.05 23.25
N ALA D 560 54.76 -11.20 23.22
CA ALA D 560 53.97 -10.53 22.20
C ALA D 560 54.09 -9.01 22.32
N GLU D 561 54.05 -8.49 23.55
CA GLU D 561 54.13 -7.05 23.73
C GLU D 561 55.47 -6.51 23.28
N GLU D 562 56.56 -7.21 23.57
CA GLU D 562 57.89 -6.70 23.29
C GLU D 562 58.26 -6.76 21.81
N SER D 563 57.31 -7.04 20.92
CA SER D 563 57.58 -7.09 19.49
C SER D 563 57.43 -5.75 18.80
N ASN D 564 56.63 -4.84 19.35
CA ASN D 564 56.37 -3.54 18.74
C ASN D 564 55.76 -3.71 17.35
N PHE D 565 54.91 -4.70 17.19
CA PHE D 565 54.20 -4.90 15.93
C PHE D 565 52.99 -3.96 15.84
N PRO D 566 52.51 -3.68 14.63
CA PRO D 566 51.35 -2.80 14.48
C PRO D 566 50.06 -3.39 15.04
N PHE D 567 49.75 -4.63 14.67
CA PHE D 567 48.49 -5.27 15.04
C PHE D 567 48.78 -6.46 15.95
N ILE D 568 48.13 -6.47 17.11
CA ILE D 568 48.25 -7.56 18.08
C ILE D 568 46.85 -7.89 18.59
N LYS D 569 46.64 -9.16 18.94
CA LYS D 569 45.35 -9.62 19.40
C LYS D 569 45.53 -10.90 20.20
N ILE D 570 44.66 -11.10 21.19
CA ILE D 570 44.65 -12.30 22.00
C ILE D 570 43.23 -12.84 22.04
N CYS D 571 43.08 -14.12 21.73
CA CYS D 571 41.77 -14.78 21.67
C CYS D 571 41.69 -15.78 22.83
N SER D 572 41.25 -15.28 23.98
CA SER D 572 41.10 -16.12 25.15
C SER D 572 39.79 -16.92 25.07
N PRO D 573 39.72 -18.08 25.74
CA PRO D 573 38.45 -18.82 25.78
C PRO D 573 37.43 -18.23 26.73
N ASP D 574 37.83 -17.36 27.66
CA ASP D 574 36.93 -16.84 28.67
C ASP D 574 35.93 -15.83 28.13
N LYS D 575 36.14 -15.29 26.94
CA LYS D 575 35.23 -14.33 26.35
C LYS D 575 34.06 -14.99 25.62
N MET D 576 34.02 -16.32 25.58
CA MET D 576 33.09 -17.03 24.71
C MET D 576 32.52 -18.27 25.41
N ILE D 577 32.34 -18.22 26.72
CA ILE D 577 31.83 -19.35 27.47
C ILE D 577 30.38 -19.61 27.07
N GLY D 578 30.00 -20.88 26.99
CA GLY D 578 28.65 -21.28 26.70
C GLY D 578 28.33 -21.39 25.22
N PHE D 579 29.20 -20.91 24.34
CA PHE D 579 28.94 -21.00 22.92
C PHE D 579 28.92 -22.46 22.46
N SER D 580 28.40 -22.67 21.26
CA SER D 580 28.40 -23.97 20.62
C SER D 580 29.58 -24.07 19.65
N GLU D 581 29.73 -25.24 19.04
CA GLU D 581 30.89 -25.49 18.19
C GLU D 581 30.94 -24.51 17.02
N THR D 582 29.79 -24.33 16.34
CA THR D 582 29.77 -23.45 15.18
C THR D 582 30.13 -22.03 15.57
N ALA D 583 29.63 -21.55 16.71
CA ALA D 583 29.97 -20.21 17.16
C ALA D 583 31.47 -20.07 17.42
N LYS D 584 32.04 -21.12 18.00
CA LYS D 584 33.49 -21.09 18.28
C LYS D 584 34.17 -20.91 16.93
N CYS D 585 33.89 -21.79 15.98
CA CYS D 585 34.58 -21.75 14.70
C CYS D 585 34.42 -20.39 14.03
N GLN D 586 33.22 -19.83 14.08
CA GLN D 586 33.00 -18.52 13.46
C GLN D 586 33.83 -17.44 14.13
N ALA D 587 33.91 -17.48 15.46
CA ALA D 587 34.71 -16.49 16.17
C ALA D 587 36.18 -16.60 15.80
N MET D 588 36.70 -17.82 15.74
CA MET D 588 38.10 -17.99 15.34
C MET D 588 38.34 -17.48 13.92
N LYS D 589 37.42 -17.81 13.00
CA LYS D 589 37.57 -17.33 11.63
C LYS D 589 37.59 -15.81 11.58
N LYS D 590 36.67 -15.16 12.32
CA LYS D 590 36.62 -13.71 12.31
C LYS D 590 37.89 -13.12 12.90
N ILE D 591 38.41 -13.71 13.97
CA ILE D 591 39.63 -13.18 14.58
C ILE D 591 40.78 -13.26 13.60
N PHE D 592 40.95 -14.40 12.93
CA PHE D 592 42.06 -14.51 11.98
C PHE D 592 41.86 -13.60 10.77
N ASP D 593 40.62 -13.41 10.31
CA ASP D 593 40.40 -12.62 9.11
C ASP D 593 41.04 -11.24 9.20
N ASP D 594 41.00 -10.64 10.39
CA ASP D 594 41.57 -9.30 10.55
C ASP D 594 43.06 -9.28 10.26
N ALA D 595 43.78 -10.30 10.72
CA ALA D 595 45.24 -10.31 10.56
C ALA D 595 45.65 -10.23 9.10
N TYR D 596 44.88 -10.86 8.21
CA TYR D 596 45.23 -10.87 6.79
C TYR D 596 45.17 -9.49 6.16
N LYS D 597 44.52 -8.52 6.80
CA LYS D 597 44.38 -7.18 6.24
C LYS D 597 45.44 -6.22 6.77
N SER D 598 46.58 -6.72 7.21
CA SER D 598 47.69 -5.87 7.64
C SER D 598 48.98 -6.29 6.95
N GLN D 599 50.09 -5.70 7.36
CA GLN D 599 51.38 -6.03 6.77
C GLN D 599 52.09 -7.15 7.53
N LEU D 600 52.23 -6.99 8.86
CA LEU D 600 52.80 -8.02 9.70
C LEU D 600 52.06 -8.02 11.03
N SER D 601 51.70 -9.20 11.51
CA SER D 601 50.88 -9.31 12.71
C SER D 601 51.25 -10.54 13.51
N CYS D 602 50.88 -10.52 14.79
CA CYS D 602 51.09 -11.63 15.71
C CYS D 602 49.81 -11.90 16.49
N VAL D 603 49.52 -13.18 16.71
CA VAL D 603 48.31 -13.61 17.39
C VAL D 603 48.69 -14.61 18.48
N VAL D 604 47.84 -14.68 19.51
CA VAL D 604 48.08 -15.54 20.68
C VAL D 604 46.83 -16.37 20.93
N VAL D 605 47.03 -17.68 21.10
CA VAL D 605 45.97 -18.60 21.50
C VAL D 605 46.43 -19.28 22.78
N ASP D 606 45.79 -18.95 23.89
CA ASP D 606 46.18 -19.48 25.19
C ASP D 606 45.22 -20.57 25.63
N ASP D 607 45.78 -21.57 26.32
CA ASP D 607 45.02 -22.73 26.79
C ASP D 607 44.34 -23.43 25.61
N ILE D 608 45.18 -23.96 24.71
CA ILE D 608 44.65 -24.67 23.54
C ILE D 608 43.77 -25.82 23.97
N GLU D 609 44.25 -26.57 24.97
CA GLU D 609 43.51 -27.73 25.49
C GLU D 609 42.09 -27.28 25.78
N ARG D 610 41.93 -26.16 26.48
CA ARG D 610 40.58 -25.73 26.89
C ARG D 610 39.76 -25.56 25.63
N LEU D 611 40.25 -24.75 24.71
CA LEU D 611 39.48 -24.44 23.47
C LEU D 611 38.82 -25.73 23.02
N LEU D 612 39.63 -26.69 22.60
CA LEU D 612 39.10 -28.00 22.15
C LEU D 612 38.89 -28.81 23.42
N ASP D 613 37.75 -28.59 24.09
CA ASP D 613 37.44 -29.27 25.38
C ASP D 613 37.97 -30.70 25.36
N TYR D 614 38.80 -31.06 26.34
CA TYR D 614 39.29 -32.45 26.50
C TYR D 614 39.04 -32.84 27.95
N VAL D 615 38.58 -34.05 28.18
CA VAL D 615 38.34 -34.58 29.55
C VAL D 615 38.90 -35.98 29.56
N PRO D 616 39.94 -36.28 30.33
CA PRO D 616 40.59 -37.61 30.26
C PRO D 616 39.60 -38.77 30.26
N ILE D 617 38.51 -38.68 31.04
CA ILE D 617 37.48 -39.71 30.96
C ILE D 617 36.97 -39.77 29.53
N GLY D 618 36.69 -40.99 29.05
CA GLY D 618 36.34 -41.18 27.67
C GLY D 618 37.46 -41.85 26.89
N PRO D 619 38.24 -41.07 26.14
CA PRO D 619 38.27 -39.60 26.05
C PRO D 619 37.16 -39.02 25.19
N ARG D 620 36.86 -37.73 25.38
CA ARG D 620 35.81 -37.03 24.62
C ARG D 620 36.33 -35.65 24.18
N PHE D 621 36.65 -35.49 22.90
CA PHE D 621 37.05 -34.12 22.46
C PHE D 621 36.34 -33.74 21.17
N SER D 622 35.60 -32.64 21.16
CA SER D 622 34.87 -32.14 19.96
C SER D 622 35.77 -32.25 18.72
N ASN D 623 35.22 -32.21 17.50
CA ASN D 623 36.06 -32.48 16.35
C ASN D 623 36.18 -31.29 15.41
N LEU D 624 35.12 -30.49 15.27
CA LEU D 624 35.15 -29.37 14.33
C LEU D 624 36.23 -28.37 14.72
N VAL D 625 36.35 -28.08 16.01
CA VAL D 625 37.37 -27.14 16.47
C VAL D 625 38.75 -27.66 16.12
N LEU D 626 38.99 -28.95 16.36
CA LEU D 626 40.30 -29.52 16.05
C LEU D 626 40.61 -29.44 14.57
N GLN D 627 39.63 -29.76 13.72
CA GLN D 627 39.86 -29.68 12.28
C GLN D 627 40.17 -28.25 11.86
N ALA D 628 39.39 -27.29 12.35
CA ALA D 628 39.61 -25.89 11.98
C ALA D 628 40.99 -25.43 12.41
N LEU D 629 41.37 -25.73 13.66
CA LEU D 629 42.68 -25.32 14.14
C LEU D 629 43.78 -25.96 13.31
N LEU D 630 43.65 -27.26 13.02
CA LEU D 630 44.70 -27.95 12.27
C LEU D 630 44.87 -27.34 10.89
N VAL D 631 43.77 -27.07 10.20
CA VAL D 631 43.89 -26.53 8.84
C VAL D 631 44.43 -25.10 8.87
N LEU D 632 44.04 -24.32 9.87
CA LEU D 632 44.36 -22.89 9.85
C LEU D 632 45.86 -22.62 10.04
N LEU D 633 46.59 -23.48 10.74
CA LEU D 633 48.01 -23.24 10.98
C LEU D 633 48.87 -23.40 9.73
N LYS D 634 48.34 -23.98 8.65
CA LYS D 634 49.12 -24.22 7.44
C LYS D 634 48.61 -23.38 6.26
N LYS D 635 47.82 -22.34 6.53
CA LYS D 635 47.30 -21.46 5.48
C LYS D 635 48.11 -20.18 5.48
N ALA D 636 48.87 -19.97 4.40
CA ALA D 636 49.66 -18.75 4.30
C ALA D 636 48.76 -17.55 3.97
N PRO D 637 49.13 -16.36 4.41
CA PRO D 637 48.32 -15.18 4.12
C PRO D 637 48.50 -14.72 2.69
N PRO D 638 47.82 -13.65 2.27
CA PRO D 638 48.03 -13.13 0.92
C PRO D 638 49.48 -12.75 0.69
N GLN D 639 49.79 -12.44 -0.57
CA GLN D 639 51.16 -12.16 -0.95
C GLN D 639 51.71 -10.98 -0.16
N GLY D 640 52.98 -11.10 0.25
CA GLY D 640 53.68 -10.01 0.90
C GLY D 640 53.12 -9.60 2.25
N ARG D 641 52.77 -10.58 3.09
CA ARG D 641 52.30 -10.31 4.44
C ARG D 641 52.80 -11.40 5.36
N LYS D 642 53.01 -11.05 6.63
CA LYS D 642 53.68 -11.93 7.58
C LYS D 642 52.82 -12.10 8.83
N LEU D 643 52.76 -13.33 9.32
CA LEU D 643 51.96 -13.67 10.48
C LEU D 643 52.76 -14.53 11.43
N LEU D 644 52.57 -14.28 12.73
CA LEU D 644 53.17 -15.08 13.79
C LEU D 644 52.05 -15.59 14.71
N ILE D 645 52.19 -16.84 15.15
CA ILE D 645 51.21 -17.46 16.03
C ILE D 645 51.92 -18.01 17.24
N ILE D 646 51.43 -17.66 18.43
CA ILE D 646 51.98 -18.16 19.69
C ILE D 646 50.85 -18.87 20.42
N GLY D 647 51.04 -20.16 20.67
CA GLY D 647 50.05 -20.97 21.36
C GLY D 647 50.60 -21.52 22.66
N THR D 648 49.73 -21.62 23.66
CA THR D 648 50.11 -22.17 24.95
C THR D 648 49.29 -23.42 25.26
N THR D 649 49.91 -24.37 25.94
CA THR D 649 49.29 -25.66 26.22
C THR D 649 49.91 -26.23 27.48
N SER D 650 49.16 -27.12 28.13
CA SER D 650 49.59 -27.69 29.41
C SER D 650 49.71 -29.21 29.39
N ARG D 651 49.32 -29.88 28.31
CA ARG D 651 49.40 -31.34 28.20
C ARG D 651 50.01 -31.68 26.84
N LYS D 652 51.34 -31.79 26.80
CA LYS D 652 52.01 -32.01 25.53
C LYS D 652 51.67 -33.37 24.93
N ASP D 653 51.60 -34.41 25.76
CA ASP D 653 51.39 -35.76 25.23
C ASP D 653 50.07 -35.87 24.48
N VAL D 654 49.01 -35.31 25.05
CA VAL D 654 47.70 -35.37 24.39
C VAL D 654 47.78 -34.72 23.01
N LEU D 655 48.43 -33.56 22.92
CA LEU D 655 48.58 -32.91 21.62
C LEU D 655 49.39 -33.78 20.67
N GLN D 656 50.44 -34.44 21.18
CA GLN D 656 51.23 -35.32 20.32
C GLN D 656 50.37 -36.43 19.74
N GLU D 657 49.46 -36.99 20.56
CA GLU D 657 48.65 -38.10 20.09
C GLU D 657 47.77 -37.69 18.90
N MET D 658 47.37 -36.43 18.82
CA MET D 658 46.46 -35.96 17.78
C MET D 658 47.19 -35.47 16.53
N GLU D 659 48.48 -35.78 16.39
CA GLU D 659 49.26 -35.38 15.22
C GLU D 659 49.18 -33.88 14.98
N MET D 660 49.21 -33.11 16.07
CA MET D 660 49.31 -31.65 15.97
C MET D 660 50.70 -31.14 16.32
N LEU D 661 51.47 -31.87 17.11
CA LEU D 661 52.80 -31.41 17.49
C LEU D 661 53.73 -31.25 16.29
N ASN D 662 53.43 -31.91 15.17
CA ASN D 662 54.24 -31.76 13.97
C ASN D 662 53.84 -30.54 13.15
N ALA D 663 52.65 -29.98 13.38
CA ALA D 663 52.24 -28.78 12.66
C ALA D 663 52.99 -27.56 13.15
N PHE D 664 53.35 -27.52 14.43
CA PHE D 664 54.06 -26.38 14.98
C PHE D 664 55.53 -26.43 14.59
N SER D 665 56.08 -25.27 14.22
CA SER D 665 57.44 -25.23 13.69
C SER D 665 58.46 -25.69 14.72
N THR D 666 58.31 -25.26 15.97
CA THR D 666 59.30 -25.55 17.00
C THR D 666 58.57 -25.72 18.34
N THR D 667 59.35 -25.72 19.42
CA THR D 667 58.79 -25.91 20.75
C THR D 667 59.74 -25.30 21.77
N ILE D 668 59.16 -24.86 22.89
CA ILE D 668 59.92 -24.27 23.99
C ILE D 668 59.38 -24.84 25.30
N HIS D 669 60.29 -25.09 26.24
CA HIS D 669 59.96 -25.70 27.52
C HIS D 669 60.18 -24.69 28.63
N VAL D 670 59.14 -24.44 29.43
CA VAL D 670 59.19 -23.52 30.56
C VAL D 670 59.25 -24.36 31.84
N PRO D 671 60.35 -24.34 32.60
CA PRO D 671 60.45 -25.22 33.76
C PRO D 671 59.85 -24.63 35.03
N ASN D 672 59.95 -25.37 36.12
CA ASN D 672 59.52 -24.92 37.44
C ASN D 672 60.75 -24.69 38.32
N ILE D 673 60.51 -24.08 39.48
CA ILE D 673 61.59 -23.87 40.43
C ILE D 673 61.94 -25.20 41.08
N ALA D 674 63.22 -25.56 41.04
CA ALA D 674 63.65 -26.87 41.52
C ALA D 674 64.95 -26.78 42.31
N THR D 675 65.18 -25.69 43.02
CA THR D 675 66.40 -25.54 43.80
C THR D 675 66.15 -24.56 44.93
N GLY D 676 66.68 -24.88 46.11
CA GLY D 676 66.47 -24.01 47.27
C GLY D 676 67.01 -22.61 47.04
N GLU D 677 68.15 -22.51 46.35
CA GLU D 677 68.72 -21.19 46.07
C GLU D 677 67.73 -20.34 45.28
N GLN D 678 67.08 -20.93 44.28
CA GLN D 678 66.10 -20.17 43.49
C GLN D 678 64.92 -19.73 44.35
N LEU D 679 64.45 -20.60 45.24
CA LEU D 679 63.35 -20.22 46.11
C LEU D 679 63.75 -19.07 47.03
N LEU D 680 64.96 -19.13 47.60
CA LEU D 680 65.43 -18.03 48.43
C LEU D 680 65.53 -16.74 47.64
N GLU D 681 66.04 -16.81 46.41
CA GLU D 681 66.14 -15.62 45.58
C GLU D 681 64.76 -15.03 45.30
N ALA D 682 63.79 -15.89 44.98
CA ALA D 682 62.44 -15.39 44.72
C ALA D 682 61.85 -14.73 45.96
N LEU D 683 62.02 -15.37 47.13
CA LEU D 683 61.53 -14.77 48.36
C LEU D 683 62.18 -13.42 48.62
N GLU D 684 63.48 -13.31 48.37
CA GLU D 684 64.17 -12.05 48.55
C GLU D 684 63.60 -10.98 47.62
N LEU D 685 63.38 -11.33 46.35
CA LEU D 685 62.86 -10.36 45.40
C LEU D 685 61.45 -9.91 45.77
N LEU D 686 60.59 -10.84 46.20
CA LEU D 686 59.23 -10.46 46.57
C LEU D 686 59.22 -9.47 47.73
N GLY D 687 60.06 -9.71 48.74
CA GLY D 687 60.16 -8.80 49.86
C GLY D 687 59.33 -9.21 51.07
N ASN D 688 59.44 -10.48 51.47
CA ASN D 688 58.76 -10.98 52.66
C ASN D 688 59.70 -11.92 53.41
N PHE D 689 59.54 -11.96 54.73
CA PHE D 689 60.38 -12.79 55.59
C PHE D 689 61.87 -12.44 55.39
N LYS D 690 62.21 -11.20 55.75
CA LYS D 690 63.57 -10.71 55.61
C LYS D 690 64.32 -10.89 56.92
N ASP D 691 65.52 -10.30 57.00
CA ASP D 691 66.38 -10.37 58.18
C ASP D 691 66.39 -11.79 58.77
N LYS D 692 66.38 -11.89 60.11
CA LYS D 692 66.55 -13.19 60.75
C LYS D 692 65.55 -14.21 60.22
N GLU D 693 64.32 -13.79 59.95
CA GLU D 693 63.30 -14.72 59.49
C GLU D 693 63.77 -15.52 58.28
N ARG D 694 64.53 -14.88 57.40
CA ARG D 694 65.04 -15.57 56.22
C ARG D 694 65.91 -16.76 56.61
N THR D 695 66.85 -16.53 57.53
CA THR D 695 67.82 -17.56 57.87
C THR D 695 67.13 -18.84 58.30
N THR D 696 66.11 -18.73 59.15
CA THR D 696 65.36 -19.90 59.59
C THR D 696 64.91 -20.73 58.40
N ILE D 697 64.30 -20.07 57.39
CA ILE D 697 63.85 -20.79 56.22
C ILE D 697 65.01 -21.48 55.53
N ALA D 698 66.15 -20.77 55.42
CA ALA D 698 67.33 -21.37 54.80
C ALA D 698 67.79 -22.60 55.57
N GLN D 699 67.56 -22.63 56.89
CA GLN D 699 68.11 -23.71 57.71
C GLN D 699 67.51 -25.06 57.31
N GLN D 700 66.20 -25.12 57.12
CA GLN D 700 65.50 -26.38 56.90
C GLN D 700 65.16 -26.65 55.44
N VAL D 701 65.71 -25.88 54.50
CA VAL D 701 65.38 -26.00 53.09
C VAL D 701 66.57 -26.47 52.27
N LYS D 702 67.77 -25.96 52.55
CA LYS D 702 68.94 -26.31 51.75
C LYS D 702 69.26 -27.79 51.81
N GLY D 703 68.75 -28.51 52.81
CA GLY D 703 69.06 -29.92 52.96
C GLY D 703 68.08 -30.84 52.28
N LYS D 704 67.53 -30.41 51.15
CA LYS D 704 66.62 -31.24 50.36
C LYS D 704 66.29 -30.48 49.07
N LYS D 705 65.52 -31.12 48.21
CA LYS D 705 65.08 -30.55 46.95
C LYS D 705 63.66 -30.02 47.07
N VAL D 706 63.31 -29.12 46.16
CA VAL D 706 62.01 -28.46 46.18
C VAL D 706 61.40 -28.56 44.78
N TRP D 707 60.07 -28.47 44.73
N TRP D 707 60.06 -28.51 44.73
CA TRP D 707 59.32 -28.59 43.48
CA TRP D 707 59.35 -28.57 43.45
C TRP D 707 57.99 -27.88 43.65
C TRP D 707 58.00 -27.88 43.64
N ILE D 708 57.83 -26.74 42.98
CA ILE D 708 56.59 -25.98 43.06
C ILE D 708 56.58 -24.96 41.94
N GLY D 709 55.40 -24.66 41.42
CA GLY D 709 55.25 -23.59 40.46
C GLY D 709 55.46 -22.24 41.11
N ILE D 710 55.09 -21.20 40.37
CA ILE D 710 55.25 -19.83 40.86
C ILE D 710 53.96 -19.32 41.48
N LYS D 711 52.81 -19.61 40.85
CA LYS D 711 51.53 -19.13 41.38
C LYS D 711 51.28 -19.68 42.78
N LYS D 712 51.51 -20.98 42.97
CA LYS D 712 51.30 -21.58 44.28
C LYS D 712 52.21 -20.96 45.32
N LEU D 713 53.40 -20.52 44.93
CA LEU D 713 54.28 -19.85 45.88
C LEU D 713 53.65 -18.56 46.38
N LEU D 714 53.12 -17.75 45.46
CA LEU D 714 52.45 -16.51 45.87
C LEU D 714 51.24 -16.81 46.74
N MET D 715 50.46 -17.82 46.37
N MET D 715 50.45 -17.82 46.37
CA MET D 715 49.28 -18.16 47.15
CA MET D 715 49.27 -18.13 47.18
C MET D 715 49.67 -18.61 48.56
C MET D 715 49.66 -18.61 48.57
N LEU D 716 50.72 -19.42 48.68
CA LEU D 716 51.16 -19.90 49.98
C LEU D 716 51.66 -18.75 50.84
N ILE D 717 52.44 -17.83 50.27
CA ILE D 717 52.91 -16.69 51.06
C ILE D 717 51.73 -15.86 51.54
N GLU D 718 50.74 -15.65 50.66
CA GLU D 718 49.56 -14.89 51.06
C GLU D 718 48.82 -15.57 52.20
N MET D 719 48.64 -16.89 52.12
CA MET D 719 48.01 -17.60 53.23
C MET D 719 48.82 -17.45 54.52
N SER D 720 50.14 -17.64 54.41
CA SER D 720 50.97 -17.66 55.62
C SER D 720 50.96 -16.32 56.32
N LEU D 721 50.93 -15.22 55.57
CA LEU D 721 50.99 -13.90 56.19
C LEU D 721 49.87 -13.64 57.19
N GLN D 722 48.81 -14.44 57.20
CA GLN D 722 47.59 -14.05 57.89
C GLN D 722 47.45 -14.62 59.30
N MET D 723 48.39 -15.44 59.75
CA MET D 723 48.43 -15.79 61.16
C MET D 723 49.07 -14.66 61.95
N ASP D 724 48.87 -14.68 63.27
CA ASP D 724 49.46 -13.64 64.10
C ASP D 724 50.98 -13.69 63.96
N PRO D 725 51.67 -12.55 64.04
CA PRO D 725 53.10 -12.56 63.77
C PRO D 725 53.89 -13.25 64.87
N GLU D 726 54.28 -14.49 64.59
CA GLU D 726 54.94 -15.38 65.54
C GLU D 726 55.03 -16.78 64.91
N TYR D 727 53.91 -17.26 64.40
CA TYR D 727 53.81 -18.60 63.83
C TYR D 727 53.89 -18.60 62.31
N ARG D 728 54.06 -17.43 61.68
CA ARG D 728 53.96 -17.35 60.23
C ARG D 728 54.96 -18.28 59.55
N VAL D 729 56.21 -18.28 60.02
CA VAL D 729 57.22 -19.15 59.44
C VAL D 729 56.81 -20.61 59.59
N ARG D 730 56.28 -20.97 60.76
CA ARG D 730 55.87 -22.35 60.99
C ARG D 730 54.77 -22.77 60.03
N LYS D 731 53.76 -21.93 59.87
CA LYS D 731 52.67 -22.24 58.94
C LYS D 731 53.20 -22.36 57.52
N PHE D 732 54.08 -21.44 57.11
CA PHE D 732 54.62 -21.49 55.76
C PHE D 732 55.39 -22.78 55.52
N LEU D 733 56.25 -23.16 56.47
CA LEU D 733 57.03 -24.38 56.31
C LEU D 733 56.13 -25.61 56.28
N ALA D 734 55.13 -25.66 57.16
CA ALA D 734 54.22 -26.81 57.17
C ALA D 734 53.47 -26.91 55.86
N LEU D 735 52.94 -25.79 55.36
CA LEU D 735 52.20 -25.83 54.10
C LEU D 735 53.10 -26.24 52.94
N LEU D 736 54.33 -25.73 52.91
CA LEU D 736 55.26 -26.10 51.84
C LEU D 736 55.58 -27.59 51.89
N ARG D 737 55.81 -28.12 53.09
CA ARG D 737 56.09 -29.55 53.20
C ARG D 737 54.87 -30.38 52.78
N GLU D 738 53.67 -29.92 53.11
CA GLU D 738 52.47 -30.68 52.74
C GLU D 738 52.39 -30.86 51.23
N GLU D 739 52.69 -29.82 50.47
CA GLU D 739 52.77 -29.92 49.01
C GLU D 739 54.15 -30.48 48.67
N GLY D 740 54.24 -31.81 48.71
CA GLY D 740 55.48 -32.50 48.42
C GLY D 740 55.30 -33.56 47.34
N ALA D 741 55.96 -33.36 46.20
CA ALA D 741 55.87 -34.30 45.09
C ALA D 741 57.07 -34.06 44.17
N SER D 742 57.17 -34.90 43.14
CA SER D 742 58.25 -34.80 42.17
C SER D 742 57.80 -35.49 40.89
N PRO D 743 58.45 -35.19 39.75
CA PRO D 743 58.12 -35.84 38.48
C PRO D 743 58.14 -37.37 38.58
N MET E 4 -26.53 10.99 -85.78
CA MET E 4 -25.18 11.53 -85.82
C MET E 4 -25.11 12.85 -85.09
N ALA E 5 -25.98 13.79 -85.46
CA ALA E 5 -25.98 15.10 -84.82
C ALA E 5 -26.39 15.02 -83.36
N GLY E 6 -27.29 14.11 -83.03
CA GLY E 6 -27.78 13.96 -81.66
C GLY E 6 -29.24 14.38 -81.55
N ARG E 7 -30.00 13.64 -80.76
CA ARG E 7 -31.42 13.90 -80.58
C ARG E 7 -31.79 13.72 -79.12
N SER E 8 -32.88 14.38 -78.72
CA SER E 8 -33.35 14.30 -77.35
C SER E 8 -34.11 12.99 -77.13
N MET E 9 -33.87 12.36 -75.98
CA MET E 9 -34.50 11.10 -75.64
C MET E 9 -34.89 11.11 -74.17
N GLN E 10 -35.81 10.21 -73.81
CA GLN E 10 -36.29 10.07 -72.45
C GLN E 10 -35.74 8.78 -71.85
N ALA E 11 -35.16 8.88 -70.65
CA ALA E 11 -34.62 7.72 -69.97
C ALA E 11 -35.75 6.84 -69.47
N ALA E 12 -35.59 5.52 -69.61
CA ALA E 12 -36.59 4.55 -69.19
C ALA E 12 -35.91 3.43 -68.43
N ARG E 13 -36.72 2.50 -67.92
CA ARG E 13 -36.22 1.38 -67.14
C ARG E 13 -35.93 0.19 -68.06
N CYS E 14 -34.95 -0.61 -67.66
CA CYS E 14 -34.59 -1.78 -68.46
C CYS E 14 -35.78 -2.74 -68.50
N PRO E 15 -36.12 -3.31 -69.68
CA PRO E 15 -37.36 -4.08 -69.78
C PRO E 15 -37.26 -5.50 -69.23
N THR E 16 -36.10 -6.14 -69.30
CA THR E 16 -35.97 -7.54 -68.92
C THR E 16 -34.71 -7.74 -68.09
N ASP E 17 -34.73 -8.80 -67.28
CA ASP E 17 -33.57 -9.13 -66.47
C ASP E 17 -32.38 -9.49 -67.34
N GLU E 18 -32.62 -10.21 -68.44
CA GLU E 18 -31.53 -10.64 -69.31
C GLU E 18 -30.80 -9.43 -69.89
N LEU E 19 -31.55 -8.42 -70.34
CA LEU E 19 -30.91 -7.23 -70.89
C LEU E 19 -30.23 -6.41 -69.80
N SER E 20 -30.71 -6.51 -68.56
CA SER E 20 -30.05 -5.81 -67.46
C SER E 20 -28.63 -6.30 -67.26
N LEU E 21 -28.41 -7.60 -67.41
CA LEU E 21 -27.09 -8.19 -67.23
C LEU E 21 -26.17 -7.95 -68.42
N SER E 22 -26.69 -7.47 -69.55
CA SER E 22 -25.86 -7.23 -70.72
C SER E 22 -25.08 -5.92 -70.64
N ASN E 23 -25.45 -5.04 -69.72
CA ASN E 23 -24.81 -3.73 -69.57
C ASN E 23 -25.00 -2.86 -70.80
N CYS E 24 -25.98 -3.18 -71.64
CA CYS E 24 -26.25 -2.42 -72.84
C CYS E 24 -27.48 -1.54 -72.66
N ALA E 25 -27.41 -0.33 -73.21
CA ALA E 25 -28.57 0.55 -73.24
C ALA E 25 -29.57 0.02 -74.26
N VAL E 26 -30.80 -0.21 -73.80
CA VAL E 26 -31.83 -0.85 -74.61
C VAL E 26 -32.64 0.24 -75.30
N VAL E 27 -32.82 0.09 -76.61
CA VAL E 27 -33.48 1.09 -77.45
C VAL E 27 -34.50 0.38 -78.34
N SER E 28 -35.24 1.18 -79.09
CA SER E 28 -36.24 0.66 -80.02
C SER E 28 -35.62 0.47 -81.40
N GLU E 29 -36.11 -0.54 -82.12
CA GLU E 29 -35.61 -0.79 -83.47
C GLU E 29 -35.89 0.37 -84.41
N LYS E 30 -36.94 1.14 -84.15
CA LYS E 30 -37.27 2.27 -85.01
C LYS E 30 -36.25 3.40 -84.92
N ASP E 31 -35.44 3.43 -83.86
CA ASP E 31 -34.50 4.52 -83.63
C ASP E 31 -33.06 4.15 -83.93
N TYR E 32 -32.62 2.95 -83.54
CA TYR E 32 -31.23 2.55 -83.68
C TYR E 32 -31.17 1.09 -84.12
N GLN E 33 -29.94 0.60 -84.30
CA GLN E 33 -29.67 -0.80 -84.59
C GLN E 33 -28.74 -1.35 -83.52
N SER E 34 -28.91 -2.63 -83.19
CA SER E 34 -28.10 -3.24 -82.15
C SER E 34 -26.63 -3.21 -82.54
N GLY E 35 -25.77 -2.99 -81.54
CA GLY E 35 -24.34 -2.92 -81.74
C GLY E 35 -23.77 -1.52 -81.89
N GLN E 36 -24.61 -0.54 -82.18
CA GLN E 36 -24.14 0.83 -82.31
C GLN E 36 -23.75 1.39 -80.94
N HIS E 37 -22.81 2.33 -80.95
CA HIS E 37 -22.36 3.01 -79.75
C HIS E 37 -22.79 4.47 -79.78
N VAL E 38 -23.28 4.96 -78.64
CA VAL E 38 -23.79 6.31 -78.51
C VAL E 38 -23.11 6.99 -77.34
N ILE E 39 -23.11 8.32 -77.37
CA ILE E 39 -22.63 9.15 -76.28
C ILE E 39 -23.84 9.87 -75.68
N VAL E 40 -24.10 9.61 -74.40
CA VAL E 40 -25.26 10.14 -73.71
C VAL E 40 -24.83 11.39 -72.96
N ARG E 41 -25.53 12.49 -73.18
CA ARG E 41 -25.20 13.78 -72.59
C ARG E 41 -26.28 14.15 -71.57
N THR E 42 -25.86 14.39 -70.33
CA THR E 42 -26.74 14.94 -69.30
C THR E 42 -26.40 16.38 -68.96
N SER E 43 -25.23 16.86 -69.32
CA SER E 43 -24.82 18.23 -69.08
C SER E 43 -23.53 18.47 -69.87
N PRO E 44 -23.07 19.72 -69.94
CA PRO E 44 -21.83 19.98 -70.69
C PRO E 44 -20.63 19.21 -70.17
N ASN E 45 -20.61 18.87 -68.89
CA ASN E 45 -19.46 18.20 -68.27
C ASN E 45 -19.69 16.71 -68.01
N HIS E 46 -20.79 16.14 -68.50
CA HIS E 46 -21.11 14.74 -68.25
C HIS E 46 -21.53 14.07 -69.56
N LYS E 47 -20.60 13.33 -70.17
CA LYS E 47 -20.86 12.57 -71.38
C LYS E 47 -20.43 11.13 -71.17
N TYR E 48 -21.36 10.20 -71.40
CA TYR E 48 -21.15 8.79 -71.09
C TYR E 48 -21.48 7.96 -72.30
N ILE E 49 -20.68 6.93 -72.55
CA ILE E 49 -20.77 6.11 -73.76
C ILE E 49 -21.41 4.77 -73.42
N PHE E 50 -22.38 4.35 -74.23
CA PHE E 50 -23.10 3.10 -74.04
C PHE E 50 -23.20 2.35 -75.35
N THR E 51 -23.35 1.02 -75.25
CA THR E 51 -23.61 0.16 -76.40
C THR E 51 -25.08 -0.19 -76.44
N LEU E 52 -25.64 -0.23 -77.64
CA LEU E 52 -27.08 -0.37 -77.82
C LEU E 52 -27.47 -1.82 -78.12
N ARG E 53 -28.66 -2.18 -77.64
CA ARG E 53 -29.28 -3.47 -77.95
C ARG E 53 -30.79 -3.27 -78.03
N THR E 54 -31.35 -3.54 -79.20
CA THR E 54 -32.76 -3.28 -79.44
C THR E 54 -33.64 -4.31 -78.72
N HIS E 55 -34.85 -3.88 -78.38
CA HIS E 55 -35.86 -4.76 -77.82
C HIS E 55 -37.22 -4.25 -78.27
N PRO E 56 -38.16 -5.13 -78.64
CA PRO E 56 -39.44 -4.65 -79.18
C PRO E 56 -40.24 -3.79 -78.21
N SER E 57 -40.04 -3.96 -76.90
CA SER E 57 -40.89 -3.31 -75.91
C SER E 57 -40.51 -1.86 -75.64
N VAL E 58 -39.39 -1.38 -76.18
CA VAL E 58 -38.97 -0.01 -75.93
C VAL E 58 -39.79 0.94 -76.78
N VAL E 59 -40.37 1.94 -76.14
CA VAL E 59 -41.16 2.95 -76.86
C VAL E 59 -40.20 3.83 -77.66
N PRO E 60 -40.52 4.18 -78.91
CA PRO E 60 -39.63 5.07 -79.66
C PRO E 60 -39.47 6.41 -78.96
N GLY E 61 -38.28 6.98 -79.07
CA GLY E 61 -37.96 8.23 -78.42
C GLY E 61 -37.47 8.09 -77.00
N SER E 62 -37.18 6.87 -76.53
CA SER E 62 -36.72 6.64 -75.18
C SER E 62 -35.57 5.64 -75.21
N VAL E 63 -34.70 5.75 -74.20
CA VAL E 63 -33.58 4.83 -74.01
C VAL E 63 -33.70 4.25 -72.60
N ALA E 64 -33.64 2.92 -72.50
CA ALA E 64 -33.82 2.22 -71.24
C ALA E 64 -32.45 1.88 -70.63
N PHE E 65 -32.33 2.08 -69.33
CA PHE E 65 -31.10 1.83 -68.61
C PHE E 65 -31.38 0.97 -67.38
N SER E 66 -30.43 0.09 -67.06
CA SER E 66 -30.52 -0.72 -65.86
C SER E 66 -30.13 0.10 -64.63
N LEU E 67 -30.47 -0.41 -63.46
CA LEU E 67 -30.16 0.30 -62.23
C LEU E 67 -28.67 0.57 -62.08
N PRO E 68 -27.75 -0.38 -62.28
CA PRO E 68 -26.33 -0.04 -62.20
C PRO E 68 -25.93 1.07 -63.16
N GLN E 69 -26.48 1.07 -64.37
CA GLN E 69 -26.16 2.14 -65.32
C GLN E 69 -26.66 3.48 -64.82
N ARG E 70 -27.88 3.53 -64.29
CA ARG E 70 -28.42 4.78 -63.78
C ARG E 70 -27.59 5.30 -62.62
N LYS E 71 -27.13 4.40 -61.74
CA LYS E 71 -26.29 4.83 -60.63
C LYS E 71 -24.94 5.34 -61.11
N TRP E 72 -24.26 4.61 -61.99
CA TRP E 72 -23.02 5.11 -62.56
C TRP E 72 -23.26 6.37 -63.37
N ALA E 73 -24.34 6.41 -64.15
CA ALA E 73 -24.59 7.50 -65.07
C ALA E 73 -25.33 8.67 -64.44
N GLY E 74 -25.79 8.53 -63.20
CA GLY E 74 -26.54 9.60 -62.56
C GLY E 74 -27.79 9.95 -63.35
N LEU E 75 -28.50 8.93 -63.82
CA LEU E 75 -29.69 9.10 -64.63
C LEU E 75 -30.94 8.76 -63.81
N SER E 76 -32.02 9.49 -64.07
CA SER E 76 -33.29 9.29 -63.41
C SER E 76 -34.34 8.92 -64.46
N ILE E 77 -35.25 8.00 -64.08
CA ILE E 77 -36.29 7.58 -65.00
C ILE E 77 -37.18 8.78 -65.33
N GLY E 78 -37.42 9.01 -66.62
CA GLY E 78 -38.21 10.12 -67.08
C GLY E 78 -37.43 11.38 -67.38
N GLN E 79 -36.13 11.41 -67.11
CA GLN E 79 -35.32 12.57 -67.38
C GLN E 79 -34.94 12.64 -68.85
N GLU E 80 -34.89 13.86 -69.39
CA GLU E 80 -34.53 14.08 -70.78
C GLU E 80 -33.02 14.00 -70.95
N ILE E 81 -32.59 13.32 -72.01
CA ILE E 81 -31.17 13.15 -72.32
C ILE E 81 -30.95 13.41 -73.80
N GLU E 82 -29.70 13.71 -74.14
CA GLU E 82 -29.27 13.88 -75.53
C GLU E 82 -28.38 12.70 -75.91
N VAL E 83 -28.75 12.02 -76.99
CA VAL E 83 -28.06 10.80 -77.43
C VAL E 83 -27.57 11.02 -78.85
N ALA E 84 -26.27 10.77 -79.07
CA ALA E 84 -25.66 10.90 -80.39
C ALA E 84 -24.81 9.66 -80.66
N LEU E 85 -24.79 9.23 -81.92
CA LEU E 85 -24.01 8.07 -82.29
C LEU E 85 -22.53 8.33 -82.06
N TYR E 86 -21.82 7.30 -81.60
CA TYR E 86 -20.39 7.37 -81.31
C TYR E 86 -19.67 6.27 -82.08
N SER E 87 -18.58 6.62 -82.74
CA SER E 87 -17.80 5.70 -83.54
C SER E 87 -16.40 5.56 -82.93
N PHE E 88 -15.99 4.33 -82.67
CA PHE E 88 -14.67 4.08 -82.10
C PHE E 88 -13.59 4.10 -83.17
N ASP E 89 -12.41 4.59 -82.79
CA ASP E 89 -11.21 4.48 -83.62
C ASP E 89 -10.52 3.19 -83.20
N LYS E 90 -10.89 2.08 -83.84
CA LYS E 90 -10.44 0.76 -83.40
C LYS E 90 -8.92 0.63 -83.41
N ALA E 91 -8.22 1.44 -84.21
CA ALA E 91 -6.77 1.38 -84.22
C ALA E 91 -6.19 1.80 -82.87
N LYS E 92 -6.88 2.68 -82.15
CA LYS E 92 -6.38 3.22 -80.89
C LYS E 92 -7.22 2.84 -79.69
N GLN E 93 -8.49 2.46 -79.88
CA GLN E 93 -9.40 2.23 -78.77
C GLN E 93 -9.79 0.78 -78.56
N CYS E 94 -9.01 -0.17 -79.07
CA CYS E 94 -9.21 -1.57 -78.71
C CYS E 94 -8.42 -1.90 -77.46
N ILE E 95 -9.04 -2.67 -76.56
CA ILE E 95 -8.44 -2.92 -75.25
C ILE E 95 -7.57 -4.17 -75.32
N GLY E 96 -6.35 -4.05 -74.82
CA GLY E 96 -5.47 -5.19 -74.66
C GLY E 96 -5.60 -5.79 -73.27
N THR E 97 -5.79 -4.93 -72.27
CA THR E 97 -5.93 -5.38 -70.89
C THR E 97 -6.78 -4.39 -70.10
N MET E 98 -7.68 -4.93 -69.28
CA MET E 98 -8.48 -4.14 -68.35
C MET E 98 -8.31 -4.74 -66.96
N THR E 99 -8.35 -3.89 -65.95
CA THR E 99 -8.35 -4.31 -64.56
C THR E 99 -9.72 -4.00 -63.95
N ILE E 100 -10.38 -5.04 -63.43
CA ILE E 100 -11.73 -4.94 -62.92
C ILE E 100 -11.74 -5.32 -61.45
N GLU E 101 -12.29 -4.45 -60.62
CA GLU E 101 -12.49 -4.76 -59.21
C GLU E 101 -13.84 -5.44 -59.05
N ILE E 102 -13.83 -6.62 -58.40
CA ILE E 102 -14.99 -7.48 -58.33
C ILE E 102 -15.31 -7.79 -56.88
N ASP E 103 -16.61 -7.84 -56.57
CA ASP E 103 -17.09 -8.19 -55.25
C ASP E 103 -18.53 -8.69 -55.37
N PHE E 104 -18.97 -9.43 -54.36
CA PHE E 104 -20.34 -9.93 -54.36
C PHE E 104 -21.33 -8.77 -54.41
N LEU E 105 -22.34 -8.91 -55.29
CA LEU E 105 -23.33 -7.84 -55.43
C LEU E 105 -24.23 -7.77 -54.21
N GLN E 106 -24.72 -8.91 -53.73
CA GLN E 106 -25.65 -8.97 -52.61
C GLN E 106 -24.94 -9.61 -51.43
N LYS E 107 -24.91 -8.90 -50.30
CA LYS E 107 -24.18 -9.38 -49.13
C LYS E 107 -24.81 -10.64 -48.54
N LYS E 108 -26.12 -10.83 -48.74
CA LYS E 108 -26.78 -12.03 -48.24
C LYS E 108 -26.21 -13.29 -48.86
N ASN E 109 -25.65 -13.20 -50.06
CA ASN E 109 -25.20 -14.35 -50.82
C ASN E 109 -23.69 -14.49 -50.82
N ILE E 110 -23.01 -13.91 -49.83
CA ILE E 110 -21.56 -14.04 -49.75
C ILE E 110 -21.19 -15.45 -49.30
N ASP E 111 -20.13 -15.99 -49.90
CA ASP E 111 -19.64 -17.31 -49.55
C ASP E 111 -18.13 -17.36 -49.76
N SER E 112 -17.51 -18.38 -49.18
CA SER E 112 -16.06 -18.54 -49.24
C SER E 112 -15.62 -19.53 -50.31
N ASN E 113 -16.52 -19.94 -51.20
CA ASN E 113 -16.16 -20.89 -52.23
C ASN E 113 -15.22 -20.23 -53.25
N PRO E 114 -14.31 -21.01 -53.85
CA PRO E 114 -13.39 -20.44 -54.84
C PRO E 114 -14.11 -20.09 -56.13
N TYR E 115 -13.56 -19.11 -56.84
CA TYR E 115 -14.07 -18.68 -58.15
C TYR E 115 -12.88 -18.58 -59.09
N ASP E 116 -12.94 -19.33 -60.19
CA ASP E 116 -11.80 -19.47 -61.10
C ASP E 116 -11.78 -18.27 -62.04
N THR E 117 -10.76 -17.41 -61.88
CA THR E 117 -10.67 -16.19 -62.68
C THR E 117 -10.51 -16.51 -64.16
N ASP E 118 -9.82 -17.60 -64.50
CA ASP E 118 -9.68 -17.96 -65.91
C ASP E 118 -11.05 -18.21 -66.54
N LYS E 119 -11.94 -18.90 -65.83
CA LYS E 119 -13.31 -19.07 -66.32
C LYS E 119 -14.08 -17.76 -66.24
N MET E 120 -13.77 -16.91 -65.25
CA MET E 120 -14.36 -15.58 -65.21
C MET E 120 -14.06 -14.80 -66.48
N ALA E 121 -12.79 -14.74 -66.87
CA ALA E 121 -12.41 -13.90 -68.00
C ALA E 121 -13.06 -14.37 -69.30
N ALA E 122 -13.09 -15.68 -69.54
CA ALA E 122 -13.68 -16.19 -70.77
C ALA E 122 -15.17 -15.86 -70.83
N GLU E 123 -15.89 -16.03 -69.72
CA GLU E 123 -17.31 -15.68 -69.69
C GLU E 123 -17.50 -14.19 -69.89
N PHE E 124 -16.64 -13.37 -69.28
CA PHE E 124 -16.74 -11.91 -69.44
C PHE E 124 -16.61 -11.53 -70.90
N ILE E 125 -15.63 -12.09 -71.60
CA ILE E 125 -15.44 -11.77 -73.02
C ILE E 125 -16.65 -12.25 -73.83
N GLN E 126 -17.13 -13.46 -73.55
CA GLN E 126 -18.28 -13.98 -74.27
C GLN E 126 -19.49 -13.08 -74.10
N GLN E 127 -19.63 -12.45 -72.93
CA GLN E 127 -20.81 -11.66 -72.65
C GLN E 127 -20.68 -10.23 -73.16
N PHE E 128 -19.50 -9.62 -73.02
CA PHE E 128 -19.33 -8.19 -73.22
C PHE E 128 -18.45 -7.84 -74.41
N ASN E 129 -18.19 -8.79 -75.32
CA ASN E 129 -17.37 -8.48 -76.48
C ASN E 129 -18.05 -7.43 -77.35
N ASN E 130 -17.24 -6.58 -77.98
CA ASN E 130 -17.70 -5.52 -78.87
C ASN E 130 -18.57 -4.50 -78.15
N GLN E 131 -18.42 -4.39 -76.83
CA GLN E 131 -19.18 -3.43 -76.03
C GLN E 131 -18.22 -2.43 -75.40
N ALA E 132 -18.70 -1.20 -75.23
CA ALA E 132 -17.87 -0.12 -74.72
C ALA E 132 -17.77 -0.16 -73.20
N PHE E 133 -16.59 0.18 -72.69
CA PHE E 133 -16.34 0.28 -71.26
C PHE E 133 -15.49 1.51 -70.98
N SER E 134 -15.62 2.07 -69.78
CA SER E 134 -14.90 3.25 -69.37
C SER E 134 -14.33 3.06 -67.98
N VAL E 135 -13.25 3.80 -67.69
CA VAL E 135 -12.65 3.74 -66.36
C VAL E 135 -13.64 4.26 -65.33
N GLY E 136 -13.82 3.50 -64.26
CA GLY E 136 -14.76 3.86 -63.22
C GLY E 136 -16.19 3.42 -63.47
N GLN E 137 -16.46 2.75 -64.59
CA GLN E 137 -17.81 2.29 -64.88
C GLN E 137 -18.22 1.17 -63.93
N GLN E 138 -19.51 1.16 -63.59
CA GLN E 138 -20.09 0.14 -62.72
C GLN E 138 -21.11 -0.68 -63.49
N LEU E 139 -21.11 -1.99 -63.25
CA LEU E 139 -22.05 -2.89 -63.91
C LEU E 139 -22.18 -4.15 -63.06
N VAL E 140 -23.20 -4.94 -63.38
CA VAL E 140 -23.47 -6.20 -62.71
C VAL E 140 -23.15 -7.34 -63.67
N PHE E 141 -22.45 -8.35 -63.16
CA PHE E 141 -21.93 -9.45 -63.98
C PHE E 141 -22.34 -10.77 -63.34
N SER E 142 -22.96 -11.64 -64.13
CA SER E 142 -23.49 -12.91 -63.65
C SER E 142 -22.55 -14.04 -64.05
N PHE E 143 -22.24 -14.91 -63.10
CA PHE E 143 -21.31 -16.02 -63.34
C PHE E 143 -21.78 -17.22 -62.52
N ASN E 144 -22.00 -18.35 -63.19
CA ASN E 144 -22.61 -19.54 -62.58
C ASN E 144 -23.77 -19.13 -61.67
N ASP E 145 -24.67 -18.31 -62.21
CA ASP E 145 -25.89 -17.91 -61.50
C ASP E 145 -25.55 -17.20 -60.19
N LYS E 146 -24.45 -16.46 -60.20
CA LYS E 146 -24.06 -15.62 -59.07
C LYS E 146 -23.77 -14.22 -59.56
N LEU E 147 -24.35 -13.23 -58.88
CA LEU E 147 -24.25 -11.83 -59.28
C LEU E 147 -23.07 -11.17 -58.59
N PHE E 148 -22.24 -10.47 -59.37
CA PHE E 148 -21.07 -9.78 -58.87
C PHE E 148 -21.10 -8.33 -59.29
N GLY E 149 -20.62 -7.45 -58.42
CA GLY E 149 -20.48 -6.04 -58.74
C GLY E 149 -19.08 -5.77 -59.26
N LEU E 150 -19.00 -5.12 -60.43
CA LEU E 150 -17.74 -4.85 -61.09
C LEU E 150 -17.49 -3.35 -61.16
N LEU E 151 -16.21 -2.99 -61.12
CA LEU E 151 -15.78 -1.60 -61.23
C LEU E 151 -14.51 -1.56 -62.08
N VAL E 152 -14.57 -0.87 -63.21
CA VAL E 152 -13.42 -0.80 -64.11
C VAL E 152 -12.36 0.11 -63.49
N LYS E 153 -11.15 -0.42 -63.34
CA LYS E 153 -10.06 0.29 -62.69
C LYS E 153 -9.02 0.84 -63.66
N ASP E 154 -8.66 0.06 -64.68
CA ASP E 154 -7.64 0.48 -65.63
C ASP E 154 -7.94 -0.14 -66.99
N ILE E 155 -7.50 0.54 -68.05
CA ILE E 155 -7.70 0.09 -69.42
C ILE E 155 -6.41 0.34 -70.19
N GLU E 156 -6.02 -0.62 -71.01
CA GLU E 156 -4.81 -0.52 -71.83
C GLU E 156 -5.12 -0.90 -73.27
N ALA E 157 -4.34 -0.36 -74.20
CA ALA E 157 -4.64 -0.50 -75.61
C ALA E 157 -4.19 -1.85 -76.15
N MET E 158 -4.76 -2.24 -77.29
CA MET E 158 -4.34 -3.44 -77.99
C MET E 158 -3.07 -3.16 -78.79
N ASP E 159 -2.25 -4.20 -78.94
CA ASP E 159 -1.01 -4.07 -79.71
C ASP E 159 -1.31 -3.88 -81.20
N ARG E 172 3.60 -1.05 -76.54
CA ARG E 172 2.53 -1.22 -75.56
C ARG E 172 2.01 0.14 -75.10
N GLN E 173 1.21 0.77 -75.95
CA GLN E 173 0.71 2.11 -75.68
C GLN E 173 -0.37 2.07 -74.59
N LYS E 174 -0.24 2.98 -73.62
CA LYS E 174 -1.28 3.17 -72.62
C LYS E 174 -2.38 4.07 -73.17
N ILE E 175 -3.63 3.74 -72.84
CA ILE E 175 -4.78 4.55 -73.21
C ILE E 175 -5.69 4.70 -72.01
N GLU E 176 -6.56 5.71 -72.07
CA GLU E 176 -7.49 5.99 -70.98
C GLU E 176 -8.84 5.32 -71.18
N VAL E 177 -9.23 5.05 -72.42
CA VAL E 177 -10.51 4.42 -72.74
C VAL E 177 -10.33 3.57 -73.98
N GLY E 178 -11.04 2.43 -74.03
CA GLY E 178 -10.91 1.51 -75.14
C GLY E 178 -12.15 0.66 -75.31
N LEU E 179 -12.05 -0.29 -76.24
CA LEU E 179 -13.11 -1.23 -76.54
C LEU E 179 -12.61 -2.64 -76.26
N VAL E 180 -13.37 -3.40 -75.46
CA VAL E 180 -13.01 -4.78 -75.17
C VAL E 180 -13.32 -5.64 -76.38
N VAL E 181 -12.39 -6.53 -76.72
CA VAL E 181 -12.52 -7.42 -77.88
C VAL E 181 -12.26 -8.85 -77.42
N GLY E 182 -12.45 -9.78 -78.38
CA GLY E 182 -12.37 -11.19 -78.04
C GLY E 182 -11.02 -11.63 -77.52
N ASN E 183 -9.94 -11.11 -78.11
CA ASN E 183 -8.59 -11.55 -77.77
C ASN E 183 -7.93 -10.70 -76.70
N SER E 184 -8.68 -9.82 -76.04
CA SER E 184 -8.12 -9.04 -74.95
C SER E 184 -7.76 -9.94 -73.77
N GLN E 185 -6.64 -9.63 -73.13
CA GLN E 185 -6.16 -10.38 -71.97
C GLN E 185 -6.34 -9.55 -70.71
N VAL E 186 -7.03 -10.13 -69.73
CA VAL E 186 -7.41 -9.41 -68.50
C VAL E 186 -6.59 -9.96 -67.34
N ALA E 187 -6.10 -9.04 -66.52
CA ALA E 187 -5.37 -9.37 -65.29
C ALA E 187 -6.09 -8.76 -64.10
N PHE E 188 -6.35 -9.59 -63.09
CA PHE E 188 -7.04 -9.15 -61.88
C PHE E 188 -6.04 -9.05 -60.73
N GLU E 189 -6.13 -7.96 -59.96
CA GLU E 189 -5.34 -7.77 -58.76
C GLU E 189 -6.27 -7.42 -57.61
N LYS E 190 -6.13 -8.11 -56.49
CA LYS E 190 -7.00 -7.87 -55.36
C LYS E 190 -6.79 -6.46 -54.81
N ALA E 191 -7.89 -5.80 -54.44
CA ALA E 191 -7.80 -4.47 -53.87
C ALA E 191 -7.11 -4.51 -52.52
N GLU E 192 -6.48 -3.39 -52.17
CA GLU E 192 -5.83 -3.29 -50.87
C GLU E 192 -6.86 -3.52 -49.76
N ASN E 193 -6.45 -4.25 -48.73
CA ASN E 193 -7.33 -4.63 -47.62
C ASN E 193 -8.40 -5.63 -48.06
N SER E 194 -8.06 -6.52 -48.97
CA SER E 194 -8.96 -7.57 -49.44
C SER E 194 -8.41 -8.93 -49.05
N SER E 195 -9.24 -9.72 -48.38
CA SER E 195 -8.88 -11.10 -48.03
C SER E 195 -9.09 -12.07 -49.18
N LEU E 196 -9.44 -11.57 -50.37
CA LEU E 196 -9.70 -12.44 -51.50
C LEU E 196 -8.49 -13.32 -51.80
N ASN E 197 -8.74 -14.60 -52.03
CA ASN E 197 -7.71 -15.57 -52.37
C ASN E 197 -7.84 -15.91 -53.85
N LEU E 198 -6.88 -15.46 -54.65
CA LEU E 198 -6.90 -15.62 -56.09
C LEU E 198 -5.86 -16.65 -56.53
N ILE E 199 -6.23 -17.49 -57.48
CA ILE E 199 -5.37 -18.54 -57.99
C ILE E 199 -5.37 -18.53 -59.50
N GLY E 200 -4.31 -19.09 -60.09
CA GLY E 200 -4.21 -19.21 -61.52
C GLY E 200 -3.65 -17.97 -62.19
N LYS E 201 -3.59 -18.03 -63.51
CA LYS E 201 -3.11 -16.91 -64.32
C LYS E 201 -4.22 -15.88 -64.48
N ALA E 202 -4.03 -14.92 -65.38
CA ALA E 202 -4.97 -13.81 -65.56
C ALA E 202 -4.90 -12.85 -64.37
N LYS E 203 -3.69 -12.63 -63.87
CA LYS E 203 -3.45 -11.73 -62.75
C LYS E 203 -2.12 -11.03 -62.97
N THR E 204 -1.74 -10.19 -62.00
CA THR E 204 -0.47 -9.48 -62.04
C THR E 204 0.56 -10.08 -61.08
N LYS E 205 0.19 -10.38 -59.85
CA LYS E 205 1.06 -11.05 -58.89
C LYS E 205 2.38 -10.28 -58.74
N GLU E 206 2.25 -9.07 -58.21
CA GLU E 206 3.35 -8.12 -58.12
C GLU E 206 4.50 -8.65 -57.28
N ASN E 207 5.59 -7.91 -57.22
CA ASN E 207 6.74 -8.28 -56.40
C ASN E 207 6.36 -8.19 -54.92
N ARG E 208 7.31 -8.56 -54.05
CA ARG E 208 7.05 -8.68 -52.62
C ARG E 208 8.16 -7.96 -51.88
N GLN E 209 7.81 -6.89 -51.16
CA GLN E 209 8.78 -6.08 -50.43
C GLN E 209 9.03 -6.73 -49.08
N SER E 210 10.15 -7.45 -48.98
CA SER E 210 10.47 -8.16 -47.75
C SER E 210 10.80 -7.18 -46.63
N ILE E 211 10.67 -7.67 -45.39
CA ILE E 211 10.98 -6.86 -44.22
C ILE E 211 12.47 -6.62 -44.06
N ILE E 212 13.31 -7.35 -44.78
CA ILE E 212 14.76 -7.24 -44.64
C ILE E 212 15.23 -5.94 -45.26
N ASN E 213 16.23 -5.32 -44.63
CA ASN E 213 16.81 -4.07 -45.08
C ASN E 213 18.12 -4.32 -45.82
N PRO E 214 18.53 -3.41 -46.70
CA PRO E 214 19.72 -3.66 -47.52
C PRO E 214 20.99 -3.87 -46.70
N ASP E 215 21.15 -3.14 -45.59
CA ASP E 215 22.39 -3.17 -44.83
C ASP E 215 22.47 -4.48 -44.06
N TRP E 216 23.20 -5.46 -44.62
CA TRP E 216 23.34 -6.78 -44.03
C TRP E 216 24.77 -7.02 -43.56
N ASN E 217 25.50 -5.94 -43.26
CA ASN E 217 26.91 -6.06 -42.91
C ASN E 217 27.10 -6.90 -41.66
N PHE E 218 26.29 -6.67 -40.63
CA PHE E 218 26.32 -7.34 -39.33
C PHE E 218 27.56 -7.00 -38.52
N GLU E 219 28.47 -6.17 -39.02
CA GLU E 219 29.62 -5.71 -38.25
C GLU E 219 29.59 -4.21 -37.99
N LYS E 220 29.11 -3.42 -38.95
CA LYS E 220 29.00 -1.97 -38.73
C LYS E 220 28.02 -1.67 -37.60
N MET E 221 26.98 -2.51 -37.45
CA MET E 221 26.03 -2.31 -36.37
C MET E 221 26.73 -2.38 -35.01
N GLY E 222 27.81 -3.15 -34.92
CA GLY E 222 28.64 -3.20 -33.72
C GLY E 222 28.64 -4.53 -32.99
N ILE E 223 27.80 -5.49 -33.37
CA ILE E 223 27.81 -6.78 -32.68
C ILE E 223 29.13 -7.50 -32.95
N GLY E 224 29.50 -8.38 -32.01
CA GLY E 224 30.75 -9.09 -32.10
C GLY E 224 30.65 -10.43 -32.79
N GLY E 225 31.15 -11.47 -32.14
CA GLY E 225 31.18 -12.81 -32.71
C GLY E 225 29.89 -13.57 -32.63
N LEU E 226 28.85 -13.00 -32.06
CA LEU E 226 27.56 -13.68 -31.95
C LEU E 226 26.95 -13.79 -33.34
N ASP E 227 27.03 -14.98 -33.93
CA ASP E 227 26.51 -15.24 -35.26
C ASP E 227 25.61 -16.46 -35.33
N LYS E 228 25.91 -17.51 -34.56
CA LYS E 228 25.15 -18.75 -34.66
C LYS E 228 23.69 -18.54 -34.23
N GLU E 229 23.48 -17.77 -33.16
CA GLU E 229 22.12 -17.60 -32.66
C GLU E 229 21.25 -16.88 -33.69
N PHE E 230 21.82 -16.00 -34.51
CA PHE E 230 21.05 -15.42 -35.60
C PHE E 230 20.58 -16.51 -36.56
N SER E 231 21.47 -17.45 -36.90
CA SER E 231 21.07 -18.55 -37.77
C SER E 231 19.97 -19.37 -37.14
N ASP E 232 20.08 -19.66 -35.84
CA ASP E 232 19.05 -20.44 -35.16
C ASP E 232 17.71 -19.71 -35.19
N ILE E 233 17.72 -18.40 -34.92
CA ILE E 233 16.49 -17.62 -34.91
C ILE E 233 15.86 -17.61 -36.30
N PHE E 234 16.68 -17.39 -37.33
CA PHE E 234 16.16 -17.37 -38.69
C PHE E 234 15.62 -18.73 -39.10
N ARG E 235 16.21 -19.81 -38.58
CA ARG E 235 15.68 -21.14 -38.84
C ARG E 235 14.32 -21.32 -38.19
N ARG E 236 14.22 -21.00 -36.90
CA ARG E 236 12.97 -21.23 -36.19
C ARG E 236 11.91 -20.21 -36.58
N ALA E 237 12.29 -18.95 -36.73
CA ALA E 237 11.37 -17.88 -37.07
C ALA E 237 11.99 -17.03 -38.17
N PHE E 238 11.23 -16.04 -38.64
CA PHE E 238 11.62 -15.14 -39.73
C PHE E 238 11.79 -15.86 -41.05
N ALA E 239 11.42 -17.14 -41.14
CA ALA E 239 11.48 -17.90 -42.38
C ALA E 239 10.13 -17.99 -43.07
N SER E 240 9.07 -18.31 -42.32
CA SER E 240 7.74 -18.39 -42.91
C SER E 240 7.23 -17.03 -43.36
N ARG E 241 7.84 -15.94 -42.91
CA ARG E 241 7.37 -14.60 -43.23
C ARG E 241 7.90 -14.08 -44.55
N VAL E 242 8.78 -14.82 -45.23
CA VAL E 242 9.40 -14.34 -46.47
C VAL E 242 9.09 -15.29 -47.61
N PHE E 243 7.93 -15.94 -47.56
CA PHE E 243 7.50 -16.85 -48.61
C PHE E 243 6.17 -16.40 -49.22
N PRO E 244 5.82 -16.89 -50.40
CA PRO E 244 4.49 -16.65 -50.94
C PRO E 244 3.43 -17.18 -49.96
N PRO E 245 2.37 -16.43 -49.70
CA PRO E 245 1.34 -16.95 -48.80
C PRO E 245 0.74 -18.26 -49.28
N GLU E 246 0.63 -18.45 -50.60
CA GLU E 246 -0.06 -19.62 -51.13
C GLU E 246 0.46 -20.91 -50.52
N ILE E 247 1.79 -21.04 -50.43
CA ILE E 247 2.36 -22.24 -49.83
C ILE E 247 1.92 -22.35 -48.38
N VAL E 248 1.81 -21.21 -47.68
CA VAL E 248 1.43 -21.24 -46.27
C VAL E 248 0.00 -21.73 -46.11
N GLU E 249 -0.93 -21.17 -46.91
CA GLU E 249 -2.31 -21.64 -46.82
C GLU E 249 -2.43 -23.10 -47.23
N GLN E 250 -1.70 -23.51 -48.27
CA GLN E 250 -1.72 -24.91 -48.66
C GLN E 250 -1.28 -25.80 -47.51
N MET E 251 -0.20 -25.41 -46.82
CA MET E 251 0.24 -26.16 -45.65
C MET E 251 -0.63 -25.85 -44.43
N GLY E 252 -1.16 -24.63 -44.35
CA GLY E 252 -2.00 -24.25 -43.23
C GLY E 252 -1.28 -24.23 -41.89
N CYS E 253 -0.09 -23.63 -41.86
CA CYS E 253 0.71 -23.54 -40.66
C CYS E 253 0.68 -22.11 -40.12
N LYS E 254 0.37 -21.96 -38.84
CA LYS E 254 0.42 -20.66 -38.19
C LYS E 254 1.86 -20.27 -37.87
N HIS E 255 2.04 -19.02 -37.48
CA HIS E 255 3.36 -18.49 -37.20
C HIS E 255 3.68 -18.67 -35.71
N VAL E 256 4.78 -18.06 -35.26
CA VAL E 256 5.19 -18.07 -33.86
C VAL E 256 5.38 -16.63 -33.41
N LYS E 257 4.87 -16.30 -32.24
CA LYS E 257 4.81 -14.93 -31.74
C LYS E 257 5.38 -14.85 -30.33
N GLY E 258 6.55 -15.45 -30.11
CA GLY E 258 7.20 -15.34 -28.82
C GLY E 258 8.68 -15.67 -28.88
N ILE E 259 9.50 -14.79 -28.31
CA ILE E 259 10.95 -15.01 -28.23
C ILE E 259 11.42 -14.50 -26.87
N LEU E 260 12.30 -15.26 -26.23
CA LEU E 260 12.89 -14.84 -24.96
C LEU E 260 14.40 -15.04 -25.01
N LEU E 261 15.13 -14.01 -24.57
CA LEU E 261 16.58 -13.99 -24.56
C LEU E 261 17.05 -13.93 -23.11
N TYR E 262 17.99 -14.79 -22.73
CA TYR E 262 18.53 -14.72 -21.38
C TYR E 262 20.02 -15.04 -21.41
N GLY E 263 20.71 -14.63 -20.35
CA GLY E 263 22.13 -14.86 -20.23
C GLY E 263 22.75 -14.06 -19.11
N PRO E 264 24.05 -14.23 -18.89
CA PRO E 264 24.74 -13.50 -17.83
C PRO E 264 24.86 -12.02 -18.19
N PRO E 265 25.19 -11.16 -17.23
CA PRO E 265 25.26 -9.73 -17.52
C PRO E 265 26.34 -9.41 -18.55
N GLY E 266 26.09 -8.36 -19.32
CA GLY E 266 27.07 -7.84 -20.25
C GLY E 266 27.38 -8.73 -21.42
N CYS E 267 26.41 -8.89 -22.33
CA CYS E 267 26.63 -9.69 -23.53
C CYS E 267 26.22 -8.92 -24.78
N GLY E 268 25.28 -8.00 -24.67
CA GLY E 268 24.87 -7.19 -25.80
C GLY E 268 23.38 -7.24 -26.10
N LYS E 269 22.57 -7.65 -25.12
CA LYS E 269 21.14 -7.77 -25.35
C LYS E 269 20.53 -6.43 -25.74
N THR E 270 20.81 -5.39 -24.96
CA THR E 270 20.22 -4.08 -25.24
C THR E 270 20.71 -3.54 -26.58
N LEU E 271 21.98 -3.78 -26.91
CA LEU E 271 22.49 -3.36 -28.21
C LEU E 271 21.77 -4.08 -29.34
N LEU E 272 21.52 -5.38 -29.18
CA LEU E 272 20.78 -6.12 -30.19
C LEU E 272 19.37 -5.55 -30.36
N ALA E 273 18.70 -5.25 -29.25
CA ALA E 273 17.37 -4.68 -29.33
C ALA E 273 17.40 -3.32 -30.03
N ARG E 274 18.44 -2.54 -29.74
CA ARG E 274 18.57 -1.19 -30.33
C ARG E 274 18.76 -1.32 -31.83
N GLN E 275 19.60 -2.25 -32.28
CA GLN E 275 19.91 -2.37 -33.71
C GLN E 275 18.78 -3.01 -34.50
N ILE E 276 18.08 -3.99 -33.90
CA ILE E 276 16.97 -4.62 -34.60
C ILE E 276 15.93 -3.59 -35.01
N GLY E 277 15.88 -2.45 -34.31
CA GLY E 277 14.98 -1.38 -34.70
C GLY E 277 15.27 -0.81 -36.08
N LYS E 278 16.47 -1.06 -36.61
CA LYS E 278 16.85 -0.61 -37.94
C LYS E 278 16.69 -1.68 -39.01
N MET E 279 16.94 -2.94 -38.66
CA MET E 279 16.90 -4.02 -39.65
C MET E 279 15.48 -4.50 -39.90
N LEU E 280 14.58 -3.58 -40.20
CA LEU E 280 13.20 -3.92 -40.51
C LEU E 280 12.60 -2.83 -41.39
N ASN E 281 11.67 -3.23 -42.26
CA ASN E 281 10.98 -2.30 -43.14
C ASN E 281 9.57 -1.95 -42.67
N ALA E 282 9.23 -2.33 -41.44
CA ALA E 282 7.92 -2.04 -40.86
C ALA E 282 8.03 -0.82 -39.96
N ARG E 283 6.94 -0.52 -39.27
CA ARG E 283 6.92 0.60 -38.34
C ARG E 283 7.88 0.33 -37.18
N GLU E 284 8.39 1.41 -36.61
CA GLU E 284 9.36 1.29 -35.53
C GLU E 284 8.73 0.56 -34.34
N PRO E 285 9.36 -0.48 -33.82
CA PRO E 285 8.75 -1.23 -32.71
C PRO E 285 8.61 -0.38 -31.46
N LYS E 286 7.57 -0.67 -30.69
CA LYS E 286 7.34 0.03 -29.42
C LYS E 286 8.23 -0.56 -28.35
N VAL E 287 9.01 0.28 -27.68
CA VAL E 287 9.96 -0.15 -26.66
C VAL E 287 9.46 0.34 -25.31
N VAL E 288 9.39 -0.57 -24.34
CA VAL E 288 8.99 -0.25 -22.98
C VAL E 288 10.23 -0.33 -22.10
N ASN E 289 10.62 0.81 -21.52
CA ASN E 289 11.87 0.93 -20.80
C ASN E 289 11.60 0.82 -19.30
N GLY E 290 11.50 -0.42 -18.83
CA GLY E 290 11.33 -0.69 -17.42
C GLY E 290 9.88 -0.66 -16.97
N PRO E 291 9.67 -0.64 -15.66
CA PRO E 291 8.30 -0.64 -15.11
C PRO E 291 7.70 0.75 -14.93
N GLU E 292 7.37 1.39 -16.05
CA GLU E 292 6.62 2.64 -16.04
C GLU E 292 5.13 2.41 -16.26
N ILE E 293 4.69 1.16 -16.36
CA ILE E 293 3.29 0.87 -16.62
C ILE E 293 2.42 1.21 -15.42
N LEU E 294 2.89 0.92 -14.21
CA LEU E 294 2.10 1.14 -13.02
C LEU E 294 1.82 2.63 -12.83
N ASN E 295 0.59 2.96 -12.45
CA ASN E 295 0.17 4.32 -12.22
C ASN E 295 -0.48 4.43 -10.84
N LYS E 296 -0.40 5.63 -10.26
CA LYS E 296 -0.95 5.84 -8.93
C LYS E 296 -2.46 5.62 -8.87
N TYR E 297 -3.17 5.91 -9.95
CA TYR E 297 -4.62 5.83 -9.95
C TYR E 297 -5.09 4.40 -10.20
N VAL E 298 -6.34 4.14 -9.87
CA VAL E 298 -6.93 2.81 -9.97
C VAL E 298 -7.41 2.60 -11.40
N GLY E 299 -7.06 1.44 -11.97
CA GLY E 299 -7.51 1.06 -13.29
C GLY E 299 -6.74 1.68 -14.43
N GLU E 300 -5.73 2.51 -14.16
CA GLU E 300 -4.95 3.12 -15.23
C GLU E 300 -3.96 2.13 -15.85
N SER E 301 -3.43 1.21 -15.05
CA SER E 301 -2.45 0.26 -15.58
C SER E 301 -3.05 -0.61 -16.66
N GLU E 302 -4.29 -1.09 -16.45
CA GLU E 302 -4.93 -1.93 -17.45
C GLU E 302 -5.18 -1.14 -18.74
N ALA E 303 -5.60 0.11 -18.62
CA ALA E 303 -5.77 0.94 -19.81
C ALA E 303 -4.45 1.15 -20.54
N ASN E 304 -3.37 1.37 -19.79
CA ASN E 304 -2.06 1.53 -20.41
C ASN E 304 -1.66 0.26 -21.15
N ILE E 305 -1.92 -0.90 -20.55
CA ILE E 305 -1.63 -2.16 -21.22
C ILE E 305 -2.45 -2.28 -22.50
N ARG E 306 -3.74 -1.94 -22.42
CA ARG E 306 -4.60 -2.01 -23.61
C ARG E 306 -4.07 -1.10 -24.71
N LYS E 307 -3.52 0.05 -24.34
CA LYS E 307 -3.05 1.01 -25.34
C LYS E 307 -2.02 0.39 -26.28
N LEU E 308 -1.21 -0.55 -25.79
CA LEU E 308 -0.11 -1.08 -26.61
C LEU E 308 -0.64 -1.81 -27.84
N PHE E 309 -1.67 -2.63 -27.68
CA PHE E 309 -2.12 -3.52 -28.73
C PHE E 309 -3.18 -2.91 -29.64
N ALA E 310 -3.52 -1.64 -29.44
CA ALA E 310 -4.59 -1.03 -30.24
C ALA E 310 -4.21 -1.05 -31.73
N ASP E 311 -2.97 -0.72 -32.05
CA ASP E 311 -2.55 -0.69 -33.45
C ASP E 311 -2.70 -2.06 -34.10
N ALA E 312 -2.27 -3.12 -33.39
CA ALA E 312 -2.40 -4.46 -33.95
C ALA E 312 -3.86 -4.84 -34.16
N GLU E 313 -4.72 -4.52 -33.19
CA GLU E 313 -6.13 -4.85 -33.33
C GLU E 313 -6.75 -4.14 -34.52
N GLU E 314 -6.54 -2.83 -34.63
CA GLU E 314 -7.14 -2.10 -35.74
C GLU E 314 -6.56 -2.56 -37.07
N GLU E 315 -5.27 -2.87 -37.11
CA GLU E 315 -4.65 -3.34 -38.35
C GLU E 315 -5.24 -4.67 -38.79
N GLN E 316 -5.43 -5.60 -37.84
CA GLN E 316 -6.02 -6.88 -38.20
C GLN E 316 -7.48 -6.72 -38.60
N ARG E 317 -8.18 -5.75 -38.01
CA ARG E 317 -9.57 -5.51 -38.40
C ARG E 317 -9.66 -4.97 -39.82
N ARG E 318 -8.87 -3.94 -40.13
CA ARG E 318 -8.97 -3.32 -41.46
C ARG E 318 -8.54 -4.28 -42.55
N LEU E 319 -7.50 -5.08 -42.31
CA LEU E 319 -6.97 -5.99 -43.30
C LEU E 319 -6.72 -7.34 -42.65
N GLY E 320 -6.88 -8.40 -43.43
CA GLY E 320 -6.74 -9.77 -42.95
C GLY E 320 -5.70 -10.55 -43.75
N ALA E 321 -4.85 -11.28 -43.03
CA ALA E 321 -3.93 -12.25 -43.63
C ALA E 321 -2.74 -11.59 -44.32
N ASN E 322 -2.72 -10.25 -44.39
CA ASN E 322 -1.60 -9.55 -45.00
C ASN E 322 -1.24 -8.29 -44.22
N SER E 323 -1.60 -8.23 -42.94
CA SER E 323 -1.43 -7.01 -42.17
C SER E 323 0.04 -6.59 -42.11
N GLY E 324 0.92 -7.54 -41.83
CA GLY E 324 2.33 -7.28 -41.63
C GLY E 324 2.78 -7.80 -40.29
N LEU E 325 3.85 -7.21 -39.76
CA LEU E 325 4.43 -7.61 -38.49
C LEU E 325 4.51 -6.40 -37.57
N HIS E 326 4.05 -6.58 -36.33
CA HIS E 326 4.17 -5.57 -35.27
C HIS E 326 5.00 -6.15 -34.15
N ILE E 327 6.01 -5.40 -33.72
CA ILE E 327 6.99 -5.90 -32.75
C ILE E 327 6.93 -5.01 -31.52
N ILE E 328 6.78 -5.63 -30.35
CA ILE E 328 6.76 -4.94 -29.07
C ILE E 328 7.88 -5.51 -28.21
N ILE E 329 8.67 -4.63 -27.61
CA ILE E 329 9.83 -5.01 -26.81
C ILE E 329 9.54 -4.65 -25.36
N PHE E 330 9.57 -5.67 -24.49
CA PHE E 330 9.44 -5.48 -23.04
C PHE E 330 10.81 -5.68 -22.42
N ASP E 331 11.31 -4.65 -21.74
CA ASP E 331 12.63 -4.68 -21.14
C ASP E 331 12.52 -5.05 -19.66
N GLU E 332 13.35 -5.99 -19.23
CA GLU E 332 13.32 -6.50 -17.86
C GLU E 332 11.91 -6.99 -17.52
N ILE E 333 11.48 -8.03 -18.24
CA ILE E 333 10.14 -8.56 -18.04
C ILE E 333 9.95 -9.04 -16.60
N ASP E 334 11.04 -9.42 -15.94
CA ASP E 334 10.94 -9.87 -14.55
C ASP E 334 10.42 -8.76 -13.64
N ALA E 335 10.49 -7.50 -14.07
CA ALA E 335 10.00 -6.41 -13.24
C ALA E 335 8.50 -6.55 -12.97
N ILE E 336 7.73 -6.93 -14.00
CA ILE E 336 6.28 -6.99 -13.89
C ILE E 336 5.74 -8.42 -13.97
N CYS E 337 6.58 -9.41 -14.25
CA CYS E 337 6.15 -10.79 -14.39
C CYS E 337 6.76 -11.61 -13.25
N LYS E 338 5.98 -11.85 -12.21
CA LYS E 338 6.37 -12.68 -11.08
C LYS E 338 5.27 -13.71 -10.82
N GLN E 339 5.49 -14.54 -9.80
CA GLN E 339 4.48 -15.52 -9.43
C GLN E 339 3.18 -14.81 -9.05
N ARG E 340 2.07 -15.28 -9.63
CA ARG E 340 0.78 -14.63 -9.39
C ARG E 340 0.35 -14.78 -7.94
N GLY E 341 0.57 -15.96 -7.34
CA GLY E 341 0.11 -16.23 -5.99
C GLY E 341 1.14 -16.00 -4.90
N SER E 342 2.41 -15.83 -5.25
CA SER E 342 3.44 -15.64 -4.23
C SER E 342 3.22 -14.33 -3.46
N MET E 343 2.86 -13.26 -4.17
CA MET E 343 2.67 -11.98 -3.52
C MET E 343 1.54 -12.05 -2.50
N ALA E 344 1.71 -11.35 -1.38
CA ALA E 344 0.74 -11.35 -0.30
C ALA E 344 0.18 -9.98 0.01
N GLY E 345 0.57 -8.94 -0.73
CA GLY E 345 0.01 -7.63 -0.51
C GLY E 345 -1.47 -7.58 -0.83
N SER E 346 -2.18 -6.68 -0.16
CA SER E 346 -3.63 -6.60 -0.34
C SER E 346 -3.98 -6.30 -1.79
N THR E 347 -3.30 -5.32 -2.39
CA THR E 347 -3.59 -4.94 -3.76
C THR E 347 -3.07 -6.01 -4.72
N GLY E 348 -3.84 -6.26 -5.78
CA GLY E 348 -3.48 -7.27 -6.76
C GLY E 348 -3.21 -6.68 -8.14
N VAL E 349 -2.54 -5.53 -8.18
CA VAL E 349 -2.24 -4.89 -9.47
C VAL E 349 -1.36 -5.80 -10.31
N HIS E 350 -0.34 -6.41 -9.69
CA HIS E 350 0.56 -7.29 -10.43
C HIS E 350 -0.21 -8.47 -11.03
N ASP E 351 -1.08 -9.09 -10.22
CA ASP E 351 -1.87 -10.21 -10.73
C ASP E 351 -2.78 -9.77 -11.86
N THR E 352 -3.41 -8.61 -11.71
CA THR E 352 -4.33 -8.13 -12.75
C THR E 352 -3.59 -7.88 -14.06
N VAL E 353 -2.43 -7.23 -13.99
CA VAL E 353 -1.70 -6.95 -15.22
C VAL E 353 -1.16 -8.23 -15.84
N VAL E 354 -0.72 -9.18 -15.01
CA VAL E 354 -0.26 -10.46 -15.56
C VAL E 354 -1.39 -11.15 -16.29
N ASN E 355 -2.57 -11.20 -15.67
CA ASN E 355 -3.71 -11.84 -16.31
C ASN E 355 -4.10 -11.13 -17.60
N GLN E 356 -4.07 -9.79 -17.59
CA GLN E 356 -4.39 -9.04 -18.79
C GLN E 356 -3.42 -9.36 -19.92
N LEU E 357 -2.12 -9.41 -19.60
CA LEU E 357 -1.14 -9.75 -20.63
C LEU E 357 -1.36 -11.16 -21.17
N LEU E 358 -1.64 -12.11 -20.28
CA LEU E 358 -1.88 -13.48 -20.73
C LEU E 358 -3.10 -13.54 -21.64
N SER E 359 -4.18 -12.86 -21.26
CA SER E 359 -5.38 -12.86 -22.09
C SER E 359 -5.12 -12.23 -23.45
N LYS E 360 -4.36 -11.12 -23.47
CA LYS E 360 -4.11 -10.42 -24.72
C LYS E 360 -3.24 -11.27 -25.65
N ILE E 361 -2.14 -11.80 -25.13
CA ILE E 361 -1.25 -12.61 -25.96
C ILE E 361 -1.95 -13.88 -26.42
N ASP E 362 -2.64 -14.55 -25.50
CA ASP E 362 -3.32 -15.80 -25.79
C ASP E 362 -4.75 -15.74 -25.27
N GLY E 363 -5.67 -16.28 -26.06
CA GLY E 363 -7.07 -16.29 -25.67
C GLY E 363 -7.96 -16.65 -26.85
N VAL E 364 -9.26 -16.44 -26.65
CA VAL E 364 -10.22 -16.71 -27.71
C VAL E 364 -9.94 -15.81 -28.91
N GLU E 365 -9.65 -14.54 -28.65
CA GLU E 365 -9.25 -13.63 -29.73
C GLU E 365 -7.98 -14.14 -30.38
N GLN E 366 -7.90 -13.99 -31.70
CA GLN E 366 -6.79 -14.51 -32.48
C GLN E 366 -5.93 -13.37 -33.00
N LEU E 367 -4.62 -13.53 -32.88
CA LEU E 367 -3.65 -12.56 -33.36
C LEU E 367 -2.56 -13.28 -34.14
N ASN E 368 -2.20 -12.72 -35.30
CA ASN E 368 -1.18 -13.33 -36.14
C ASN E 368 -0.21 -12.30 -36.73
N ASN E 369 -0.29 -11.04 -36.31
CA ASN E 369 0.57 -9.98 -36.82
C ASN E 369 1.34 -9.31 -35.69
N ILE E 370 1.72 -10.06 -34.67
CA ILE E 370 2.41 -9.54 -33.50
C ILE E 370 3.58 -10.45 -33.17
N LEU E 371 4.70 -9.84 -32.78
CA LEU E 371 5.88 -10.56 -32.30
C LEU E 371 6.36 -9.90 -31.02
N VAL E 372 6.61 -10.72 -30.00
CA VAL E 372 7.03 -10.22 -28.68
C VAL E 372 8.40 -10.80 -28.36
N ILE E 373 9.32 -9.91 -27.98
CA ILE E 373 10.67 -10.29 -27.60
C ILE E 373 10.87 -9.85 -26.16
N GLY E 374 11.28 -10.78 -25.30
CA GLY E 374 11.53 -10.50 -23.90
C GLY E 374 12.99 -10.67 -23.57
N MET E 375 13.48 -9.84 -22.65
CA MET E 375 14.87 -9.88 -22.21
C MET E 375 14.92 -9.73 -20.70
N THR E 376 15.74 -10.55 -20.05
CA THR E 376 15.88 -10.51 -18.60
C THR E 376 17.30 -10.89 -18.21
N ASN E 377 17.71 -10.43 -17.03
CA ASN E 377 19.00 -10.81 -16.48
C ASN E 377 18.95 -12.13 -15.73
N ARG E 378 17.75 -12.67 -15.48
CA ARG E 378 17.59 -13.96 -14.83
C ARG E 378 16.21 -14.50 -15.16
N PRO E 379 16.07 -15.78 -15.49
CA PRO E 379 14.74 -16.34 -15.76
C PRO E 379 14.04 -16.95 -14.55
N ASP E 380 14.69 -17.01 -13.39
CA ASP E 380 14.11 -17.68 -12.24
C ASP E 380 12.80 -17.02 -11.81
N LEU E 381 12.77 -15.69 -11.78
CA LEU E 381 11.58 -14.97 -11.35
C LEU E 381 10.66 -14.69 -12.54
N ILE E 382 10.27 -15.78 -13.20
CA ILE E 382 9.35 -15.72 -14.33
C ILE E 382 8.28 -16.77 -14.12
N ASP E 383 7.02 -16.35 -14.14
CA ASP E 383 5.92 -17.29 -13.95
C ASP E 383 5.89 -18.32 -15.07
N GLU E 384 5.66 -19.57 -14.71
CA GLU E 384 5.65 -20.64 -15.70
C GLU E 384 4.55 -20.43 -16.73
N ALA E 385 3.49 -19.70 -16.37
CA ALA E 385 2.39 -19.50 -17.30
C ALA E 385 2.86 -18.84 -18.59
N LEU E 386 3.75 -17.86 -18.48
CA LEU E 386 4.26 -17.19 -19.67
C LEU E 386 5.03 -18.13 -20.57
N LEU E 387 5.60 -19.20 -20.03
CA LEU E 387 6.43 -20.12 -20.80
C LEU E 387 5.64 -21.32 -21.32
N ARG E 388 4.32 -21.32 -21.16
CA ARG E 388 3.52 -22.38 -21.74
C ARG E 388 3.67 -22.36 -23.26
N PRO E 389 3.72 -23.52 -23.92
CA PRO E 389 3.89 -23.51 -25.38
C PRO E 389 2.76 -22.74 -26.05
N GLY E 390 3.12 -22.01 -27.10
CA GLY E 390 2.20 -21.17 -27.82
C GLY E 390 2.31 -19.69 -27.49
N ARG E 391 2.98 -19.33 -26.40
CA ARG E 391 3.14 -17.95 -25.99
C ARG E 391 4.58 -17.47 -26.08
N LEU E 392 5.49 -18.13 -25.38
CA LEU E 392 6.90 -17.77 -25.38
C LEU E 392 7.78 -19.02 -25.44
N GLU E 393 7.41 -19.94 -26.33
CA GLU E 393 8.13 -21.21 -26.42
C GLU E 393 9.59 -20.99 -26.79
N VAL E 394 9.87 -20.03 -27.67
CA VAL E 394 11.22 -19.85 -28.17
C VAL E 394 12.09 -19.26 -27.06
N LYS E 395 13.06 -20.06 -26.61
CA LYS E 395 14.01 -19.69 -25.56
C LYS E 395 15.40 -19.64 -26.18
N MET E 396 16.24 -18.72 -25.72
CA MET E 396 17.62 -18.78 -26.14
C MET E 396 18.51 -18.17 -25.07
N GLU E 397 19.76 -18.63 -25.03
CA GLU E 397 20.78 -18.15 -24.12
C GLU E 397 21.88 -17.46 -24.90
N ILE E 398 22.48 -16.44 -24.30
CA ILE E 398 23.63 -15.75 -24.87
C ILE E 398 24.83 -16.10 -24.00
N GLY E 399 25.64 -17.04 -24.46
CA GLY E 399 26.84 -17.42 -23.76
C GLY E 399 27.97 -16.44 -23.98
N LEU E 400 29.07 -16.67 -23.28
CA LEU E 400 30.22 -15.80 -23.38
C LEU E 400 30.86 -15.93 -24.77
N PRO E 401 31.49 -14.87 -25.26
CA PRO E 401 32.14 -14.95 -26.57
C PRO E 401 33.39 -15.83 -26.52
N ASP E 402 33.76 -16.34 -27.69
CA ASP E 402 34.87 -17.26 -27.81
C ASP E 402 36.09 -16.46 -28.31
N GLU E 403 37.24 -17.13 -28.50
CA GLU E 403 38.45 -16.36 -28.77
C GLU E 403 38.32 -15.58 -30.07
N LYS E 404 37.75 -16.21 -31.10
CA LYS E 404 37.53 -15.51 -32.37
C LYS E 404 36.56 -14.36 -32.19
N GLY E 405 35.48 -14.58 -31.43
CA GLY E 405 34.57 -13.48 -31.12
C GLY E 405 35.27 -12.38 -30.35
N ARG E 406 36.18 -12.74 -29.45
CA ARG E 406 36.94 -11.74 -28.72
C ARG E 406 37.82 -10.93 -29.68
N LEU E 407 38.45 -11.59 -30.64
CA LEU E 407 39.24 -10.88 -31.64
C LEU E 407 38.38 -9.91 -32.44
N GLN E 408 37.20 -10.36 -32.85
CA GLN E 408 36.29 -9.47 -33.57
C GLN E 408 35.88 -8.29 -32.71
N ILE E 409 35.61 -8.54 -31.42
CA ILE E 409 35.27 -7.44 -30.52
C ILE E 409 36.41 -6.44 -30.43
N LEU E 410 37.63 -6.93 -30.27
CA LEU E 410 38.79 -6.03 -30.18
C LEU E 410 38.93 -5.20 -31.45
N HIS E 411 38.79 -5.85 -32.62
CA HIS E 411 38.90 -5.10 -33.87
C HIS E 411 37.81 -4.05 -33.99
N ILE E 412 36.58 -4.40 -33.63
CA ILE E 412 35.46 -3.48 -33.80
C ILE E 412 35.62 -2.25 -32.90
N HIS E 413 36.16 -2.45 -31.71
CA HIS E 413 36.32 -1.36 -30.75
C HIS E 413 37.62 -0.59 -30.94
N THR E 414 38.43 -0.94 -31.95
CA THR E 414 39.70 -0.25 -32.19
C THR E 414 39.89 0.13 -33.65
N ALA E 415 38.86 -0.04 -34.49
CA ALA E 415 39.01 0.34 -35.89
C ALA E 415 39.30 1.82 -36.04
N ARG E 416 38.58 2.66 -35.28
CA ARG E 416 38.86 4.09 -35.30
C ARG E 416 40.30 4.39 -34.88
N MET E 417 40.85 3.58 -33.99
CA MET E 417 42.20 3.85 -33.48
C MET E 417 43.21 3.78 -34.62
N ARG E 418 43.10 2.76 -35.47
N ARG E 418 43.11 2.75 -35.46
CA ARG E 418 43.98 2.66 -36.63
CA ARG E 418 43.96 2.64 -36.64
C ARG E 418 43.51 3.53 -37.78
C ARG E 418 43.53 3.59 -37.74
N GLY E 419 42.27 4.04 -37.73
CA GLY E 419 41.83 4.97 -38.75
C GLY E 419 42.60 6.28 -38.70
N HIS E 420 42.93 6.75 -37.50
CA HIS E 420 43.67 7.99 -37.30
C HIS E 420 45.07 7.73 -36.78
N GLN E 421 45.64 6.57 -37.09
CA GLN E 421 47.02 6.20 -36.77
C GLN E 421 47.43 6.69 -35.39
N LEU E 422 46.64 6.29 -34.38
CA LEU E 422 46.94 6.60 -32.99
C LEU E 422 47.24 5.35 -32.17
N LEU E 423 47.58 4.25 -32.83
CA LEU E 423 47.91 3.00 -32.16
C LEU E 423 49.33 2.61 -32.52
N SER E 424 50.15 2.33 -31.50
CA SER E 424 51.53 1.95 -31.74
C SER E 424 51.60 0.59 -32.44
N ALA E 425 52.48 0.48 -33.43
CA ALA E 425 52.61 -0.75 -34.19
C ALA E 425 53.04 -1.92 -33.32
N ASP E 426 53.65 -1.67 -32.16
CA ASP E 426 54.09 -2.75 -31.29
C ASP E 426 52.92 -3.58 -30.80
N VAL E 427 51.80 -2.93 -30.49
CA VAL E 427 50.64 -3.65 -29.95
C VAL E 427 50.16 -4.67 -30.97
N ASP E 428 49.91 -5.89 -30.48
CA ASP E 428 49.38 -6.98 -31.30
C ASP E 428 47.99 -7.35 -30.78
N ILE E 429 47.00 -7.32 -31.66
CA ILE E 429 45.64 -7.65 -31.25
C ILE E 429 45.52 -9.12 -30.91
N LYS E 430 46.18 -9.99 -31.69
CA LYS E 430 46.06 -11.43 -31.44
C LYS E 430 46.64 -11.81 -30.08
N GLU E 431 47.77 -11.19 -29.70
CA GLU E 431 48.35 -11.48 -28.39
C GLU E 431 47.40 -11.08 -27.27
N LEU E 432 46.77 -9.91 -27.40
CA LEU E 432 45.80 -9.49 -26.39
C LEU E 432 44.63 -10.45 -26.33
N ALA E 433 44.14 -10.90 -27.49
CA ALA E 433 43.02 -11.84 -27.51
C ALA E 433 43.40 -13.14 -26.81
N VAL E 434 44.60 -13.64 -27.07
CA VAL E 434 45.05 -14.87 -26.42
C VAL E 434 45.17 -14.67 -24.92
N GLU E 435 45.76 -13.53 -24.51
CA GLU E 435 45.95 -13.28 -23.08
C GLU E 435 44.63 -13.22 -22.34
N THR E 436 43.63 -12.55 -22.91
CA THR E 436 42.34 -12.42 -22.27
C THR E 436 41.51 -13.68 -22.48
N LYS E 437 40.95 -14.21 -21.39
CA LYS E 437 40.15 -15.43 -21.44
C LYS E 437 39.06 -15.35 -20.38
N ASN E 438 37.89 -15.90 -20.71
CA ASN E 438 36.71 -15.88 -19.86
C ASN E 438 36.12 -14.47 -19.70
N PHE E 439 36.51 -13.54 -20.56
CA PHE E 439 36.01 -12.18 -20.51
C PHE E 439 34.71 -12.04 -21.28
N SER E 440 34.06 -10.89 -21.10
CA SER E 440 32.88 -10.49 -21.86
C SER E 440 33.16 -9.20 -22.61
N GLY E 441 32.30 -8.89 -23.58
CA GLY E 441 32.52 -7.70 -24.38
C GLY E 441 32.60 -6.44 -23.55
N ALA E 442 31.73 -6.33 -22.54
CA ALA E 442 31.80 -5.18 -21.64
C ALA E 442 33.15 -5.08 -20.98
N GLU E 443 33.69 -6.20 -20.50
CA GLU E 443 35.00 -6.18 -19.86
C GLU E 443 36.09 -5.80 -20.86
N LEU E 444 36.00 -6.26 -22.09
CA LEU E 444 36.98 -5.88 -23.10
C LEU E 444 36.95 -4.38 -23.36
N GLU E 445 35.75 -3.82 -23.49
CA GLU E 445 35.64 -2.37 -23.68
C GLU E 445 36.18 -1.62 -22.48
N GLY E 446 35.92 -2.15 -21.28
CA GLY E 446 36.47 -1.52 -20.08
C GLY E 446 37.98 -1.54 -20.06
N LEU E 447 38.59 -2.66 -20.46
CA LEU E 447 40.04 -2.72 -20.54
C LEU E 447 40.58 -1.71 -21.54
N VAL E 448 39.93 -1.62 -22.71
CA VAL E 448 40.38 -0.65 -23.71
C VAL E 448 40.27 0.77 -23.16
N ARG E 449 39.17 1.08 -22.48
CA ARG E 449 38.99 2.40 -21.91
C ARG E 449 40.05 2.70 -20.85
N ALA E 450 40.37 1.71 -20.02
CA ALA E 450 41.38 1.92 -18.99
C ALA E 450 42.75 2.17 -19.61
N ALA E 451 43.10 1.41 -20.64
CA ALA E 451 44.37 1.64 -21.32
C ALA E 451 44.41 3.04 -21.93
N GLN E 452 43.31 3.45 -22.55
CA GLN E 452 43.24 4.81 -23.10
C GLN E 452 43.43 5.84 -22.00
N SER E 453 42.76 5.64 -20.85
CA SER E 453 42.83 6.61 -19.77
C SER E 453 44.24 6.73 -19.21
N THR E 454 44.94 5.61 -19.04
CA THR E 454 46.30 5.69 -18.52
C THR E 454 47.24 6.33 -19.53
N ALA E 455 47.14 5.94 -20.81
CA ALA E 455 47.98 6.58 -21.83
C ALA E 455 47.69 8.07 -21.90
N MET E 456 46.45 8.47 -21.62
CA MET E 456 46.09 9.88 -21.59
C MET E 456 46.73 10.59 -20.41
N ASN E 457 46.48 10.10 -19.19
CA ASN E 457 46.98 10.76 -18.00
C ASN E 457 48.50 10.76 -17.95
N ARG E 458 49.15 9.93 -18.77
CA ARG E 458 50.61 9.93 -18.81
C ARG E 458 51.16 11.33 -19.02
N HIS E 459 50.57 12.10 -19.94
CA HIS E 459 51.12 13.38 -20.35
C HIS E 459 50.53 14.57 -19.61
N ILE E 460 49.52 14.38 -18.78
CA ILE E 460 48.92 15.46 -18.01
C ILE E 460 49.16 15.14 -16.53
N LYS E 461 49.99 15.95 -15.89
CA LYS E 461 50.39 15.72 -14.51
C LYS E 461 50.60 17.04 -13.80
N ALA E 462 49.92 17.24 -12.68
CA ALA E 462 50.08 18.43 -11.87
C ALA E 462 49.31 18.26 -10.58
N SER E 463 49.87 18.77 -9.47
CA SER E 463 49.27 18.62 -8.15
C SER E 463 48.76 19.95 -7.60
N THR E 464 49.61 20.98 -7.53
CA THR E 464 49.17 22.25 -7.00
C THR E 464 48.07 22.85 -7.87
N LYS E 465 48.24 22.78 -9.19
CA LYS E 465 47.26 23.29 -10.14
C LYS E 465 46.98 22.19 -11.17
N VAL E 466 45.94 22.39 -11.96
CA VAL E 466 45.59 21.49 -13.05
C VAL E 466 45.82 22.22 -14.36
N GLU E 467 46.71 21.69 -15.20
CA GLU E 467 47.03 22.31 -16.48
C GLU E 467 47.52 21.23 -17.44
N VAL E 468 47.09 21.32 -18.70
CA VAL E 468 47.57 20.41 -19.72
C VAL E 468 49.05 20.69 -20.00
N ASP E 469 49.71 19.70 -20.60
CA ASP E 469 51.13 19.83 -20.95
C ASP E 469 51.29 20.73 -22.18
N MET E 470 50.82 21.96 -22.04
CA MET E 470 50.94 22.98 -23.08
C MET E 470 50.35 22.51 -24.41
N GLU E 471 49.45 21.52 -24.37
CA GLU E 471 48.89 20.91 -25.57
C GLU E 471 49.95 20.29 -26.45
N LYS E 472 51.14 20.03 -25.89
CA LYS E 472 52.26 19.51 -26.66
C LYS E 472 52.15 18.01 -26.91
N ALA E 473 51.24 17.32 -26.22
CA ALA E 473 51.08 15.87 -26.39
C ALA E 473 50.18 15.55 -27.58
N GLU E 474 50.49 16.12 -28.74
CA GLU E 474 49.76 15.80 -29.96
C GLU E 474 50.20 14.48 -30.58
N SER E 475 51.37 13.98 -30.19
CA SER E 475 51.88 12.69 -30.65
C SER E 475 51.44 11.54 -29.74
N LEU E 476 50.32 11.71 -29.03
CA LEU E 476 49.87 10.70 -28.09
C LEU E 476 49.80 9.33 -28.75
N GLN E 477 50.51 8.37 -28.16
CA GLN E 477 50.53 7.00 -28.64
C GLN E 477 50.32 6.06 -27.47
N VAL E 478 49.66 4.92 -27.75
CA VAL E 478 49.36 3.91 -26.75
C VAL E 478 50.30 2.74 -26.97
N THR E 479 50.95 2.30 -25.90
CA THR E 479 51.93 1.23 -25.95
C THR E 479 51.38 -0.04 -25.29
N ARG E 480 52.02 -1.17 -25.63
CA ARG E 480 51.60 -2.44 -25.07
C ARG E 480 51.76 -2.48 -23.56
N GLY E 481 52.80 -1.83 -23.03
CA GLY E 481 53.01 -1.83 -21.58
C GLY E 481 51.83 -1.24 -20.83
N ASP E 482 51.21 -0.21 -21.40
CA ASP E 482 50.01 0.36 -20.78
C ASP E 482 48.90 -0.67 -20.70
N PHE E 483 48.70 -1.43 -21.78
CA PHE E 483 47.70 -2.49 -21.77
C PHE E 483 48.02 -3.54 -20.71
N LEU E 484 49.30 -3.93 -20.62
CA LEU E 484 49.68 -4.92 -19.62
C LEU E 484 49.40 -4.41 -18.21
N ALA E 485 49.76 -3.16 -17.92
CA ALA E 485 49.53 -2.61 -16.59
C ALA E 485 48.03 -2.54 -16.29
N SER E 486 47.24 -2.07 -17.25
CA SER E 486 45.80 -1.98 -17.03
C SER E 486 45.20 -3.36 -16.77
N LEU E 487 45.60 -4.36 -17.56
CA LEU E 487 45.12 -5.72 -17.32
C LEU E 487 45.55 -6.24 -15.96
N GLU E 488 46.73 -5.83 -15.50
CA GLU E 488 47.25 -6.33 -14.22
C GLU E 488 46.53 -5.72 -13.03
N ASN E 489 46.27 -4.40 -13.05
CA ASN E 489 45.89 -3.69 -11.84
C ASN E 489 44.48 -3.10 -11.85
N ASP E 490 43.85 -2.91 -13.00
CA ASP E 490 42.59 -2.16 -13.07
C ASP E 490 41.37 -3.06 -13.23
N ILE E 491 41.35 -3.88 -14.28
CA ILE E 491 40.17 -4.67 -14.63
C ILE E 491 40.45 -6.13 -14.30
N LYS E 492 39.48 -6.78 -13.65
CA LYS E 492 39.60 -8.18 -13.28
C LYS E 492 38.38 -8.94 -13.78
N PRO E 493 38.55 -10.21 -14.19
CA PRO E 493 37.40 -10.96 -14.71
C PRO E 493 36.30 -11.10 -13.66
N ALA E 494 35.05 -11.07 -14.14
CA ALA E 494 33.91 -11.26 -13.25
C ALA E 494 33.72 -12.73 -12.88
N PHE E 495 33.98 -13.65 -13.81
CA PHE E 495 33.74 -15.06 -13.56
C PHE E 495 34.87 -15.72 -12.77
N GLY E 496 36.04 -15.10 -12.69
CA GLY E 496 37.15 -15.67 -11.96
C GLY E 496 37.90 -16.71 -12.79
N THR E 497 38.95 -17.25 -12.18
CA THR E 497 39.79 -18.24 -12.84
C THR E 497 40.81 -18.75 -11.83
N ASN E 498 41.65 -19.68 -12.28
CA ASN E 498 42.76 -20.21 -11.47
C ASN E 498 44.03 -19.47 -11.89
N GLN E 499 44.20 -18.28 -11.31
CA GLN E 499 45.36 -17.45 -11.60
C GLN E 499 46.12 -17.03 -10.35
N GLU E 500 45.62 -17.35 -9.17
CA GLU E 500 46.28 -17.03 -7.90
C GLU E 500 46.71 -18.27 -7.13
N ASP E 501 45.91 -19.33 -7.17
CA ASP E 501 46.29 -20.56 -6.50
C ASP E 501 47.58 -21.13 -7.06
N TYR E 502 47.85 -20.89 -8.35
CA TYR E 502 49.07 -21.40 -8.95
C TYR E 502 50.30 -20.77 -8.29
N ALA E 503 50.25 -19.46 -8.05
CA ALA E 503 51.35 -18.80 -7.36
C ALA E 503 51.36 -19.12 -5.87
N SER E 504 50.19 -19.35 -5.28
CA SER E 504 50.13 -19.61 -3.85
C SER E 504 50.62 -21.00 -3.48
N TYR E 505 50.42 -21.99 -4.35
CA TYR E 505 50.84 -23.35 -4.06
C TYR E 505 52.33 -23.53 -4.34
N ILE E 506 52.73 -23.35 -5.58
CA ILE E 506 54.15 -23.44 -5.94
C ILE E 506 54.80 -22.11 -5.60
N MET E 507 55.32 -21.99 -4.38
CA MET E 507 55.83 -20.73 -3.88
C MET E 507 57.31 -20.53 -4.20
N ASN E 508 58.14 -21.51 -3.85
CA ASN E 508 59.57 -21.45 -4.13
C ASN E 508 59.95 -22.15 -5.44
N GLY E 509 59.00 -22.31 -6.36
CA GLY E 509 59.31 -22.97 -7.60
C GLY E 509 59.60 -24.46 -7.40
N ILE E 510 60.29 -25.03 -8.37
CA ILE E 510 60.62 -26.45 -8.38
C ILE E 510 62.11 -26.59 -8.69
N ILE E 511 62.80 -27.44 -7.93
CA ILE E 511 64.23 -27.69 -8.09
C ILE E 511 64.45 -29.16 -8.35
N LYS E 512 65.49 -29.46 -9.12
CA LYS E 512 65.86 -30.83 -9.47
C LYS E 512 67.02 -31.26 -8.58
N TRP E 513 66.71 -32.07 -7.56
CA TRP E 513 67.72 -32.56 -6.64
C TRP E 513 67.90 -34.07 -6.72
N GLY E 514 67.37 -34.72 -7.74
CA GLY E 514 67.54 -36.15 -7.89
C GLY E 514 66.61 -36.73 -8.93
N ASP E 515 66.84 -38.01 -9.21
CA ASP E 515 66.02 -38.71 -10.20
C ASP E 515 64.53 -38.72 -9.87
N PRO E 516 64.10 -38.89 -8.61
CA PRO E 516 62.65 -39.04 -8.35
C PRO E 516 61.80 -37.93 -8.94
N VAL E 517 62.28 -36.69 -8.94
CA VAL E 517 61.51 -35.60 -9.54
C VAL E 517 61.27 -35.87 -11.02
N THR E 518 62.34 -36.24 -11.74
CA THR E 518 62.20 -36.51 -13.16
C THR E 518 61.28 -37.69 -13.41
N ARG E 519 61.40 -38.75 -12.60
CA ARG E 519 60.55 -39.91 -12.78
C ARG E 519 59.08 -39.55 -12.58
N VAL E 520 58.79 -38.76 -11.54
CA VAL E 520 57.42 -38.36 -11.25
C VAL E 520 56.86 -37.54 -12.41
N LEU E 521 57.65 -36.58 -12.89
CA LEU E 521 57.18 -35.75 -14.00
C LEU E 521 56.92 -36.60 -15.24
N ASP E 522 57.82 -37.53 -15.54
CA ASP E 522 57.65 -38.38 -16.71
C ASP E 522 56.38 -39.23 -16.60
N ASP E 523 56.15 -39.81 -15.42
CA ASP E 523 54.95 -40.62 -15.22
C ASP E 523 53.69 -39.78 -15.38
N GLY E 524 53.69 -38.57 -14.80
CA GLY E 524 52.53 -37.71 -14.96
C GLY E 524 52.27 -37.33 -16.41
N GLU E 525 53.34 -37.04 -17.16
CA GLU E 525 53.18 -36.73 -18.57
C GLU E 525 52.62 -37.93 -19.33
N LEU E 526 53.10 -39.14 -19.02
CA LEU E 526 52.54 -40.33 -19.64
C LEU E 526 51.05 -40.44 -19.35
N LEU E 527 50.65 -40.21 -18.10
CA LEU E 527 49.25 -40.36 -17.74
C LEU E 527 48.38 -39.34 -18.46
N VAL E 528 48.83 -38.08 -18.53
CA VAL E 528 48.02 -37.06 -19.19
C VAL E 528 47.94 -37.35 -20.68
N GLN E 529 49.04 -37.76 -21.30
CA GLN E 529 48.99 -38.13 -22.71
C GLN E 529 48.01 -39.28 -22.93
N GLN E 530 47.99 -40.25 -22.02
CA GLN E 530 47.07 -41.38 -22.17
C GLN E 530 45.63 -40.91 -22.12
N THR E 531 45.26 -40.17 -21.06
CA THR E 531 43.88 -39.71 -20.96
C THR E 531 43.52 -38.78 -22.10
N LYS E 532 44.51 -38.15 -22.74
CA LYS E 532 44.23 -37.32 -23.90
C LYS E 532 43.68 -38.14 -25.05
N ASN E 533 44.26 -39.32 -25.30
CA ASN E 533 43.88 -40.18 -26.42
C ASN E 533 43.47 -41.54 -25.87
N SER E 534 42.17 -41.79 -25.86
CA SER E 534 41.64 -43.08 -25.42
C SER E 534 40.19 -43.19 -25.86
N ASP E 535 39.73 -44.42 -26.01
CA ASP E 535 38.36 -44.70 -26.42
C ASP E 535 37.63 -45.64 -25.47
N ARG E 536 38.34 -46.61 -24.89
CA ARG E 536 37.73 -47.57 -23.97
C ARG E 536 37.92 -47.21 -22.51
N THR E 537 38.70 -46.17 -22.21
CA THR E 537 38.98 -45.76 -20.83
C THR E 537 38.79 -44.26 -20.71
N PRO E 538 37.53 -43.79 -20.71
CA PRO E 538 37.31 -42.34 -20.59
C PRO E 538 37.68 -41.77 -19.23
N LEU E 539 37.86 -42.61 -18.21
CA LEU E 539 38.17 -42.15 -16.86
C LEU E 539 39.44 -42.84 -16.38
N VAL E 540 40.35 -42.06 -15.80
CA VAL E 540 41.60 -42.58 -15.25
C VAL E 540 41.93 -41.80 -13.99
N SER E 541 42.58 -42.47 -13.03
CA SER E 541 42.90 -41.88 -11.75
C SER E 541 44.28 -42.35 -11.30
N VAL E 542 44.88 -41.57 -10.40
CA VAL E 542 46.16 -41.92 -9.81
C VAL E 542 46.28 -41.21 -8.48
N LEU E 543 47.00 -41.83 -7.54
CA LEU E 543 47.13 -41.34 -6.18
C LEU E 543 48.59 -41.04 -5.87
N LEU E 544 48.84 -39.84 -5.35
CA LEU E 544 50.16 -39.46 -4.88
C LEU E 544 50.30 -39.80 -3.40
N GLU E 545 51.37 -40.49 -3.04
CA GLU E 545 51.58 -40.97 -1.68
C GLU E 545 53.00 -40.68 -1.24
N GLY E 546 53.16 -40.33 0.03
CA GLY E 546 54.46 -40.09 0.62
C GLY E 546 54.35 -39.72 2.09
N PRO E 547 55.48 -39.69 2.78
CA PRO E 547 55.47 -39.31 4.19
C PRO E 547 55.22 -37.82 4.36
N PRO E 548 54.81 -37.37 5.54
CA PRO E 548 54.49 -35.96 5.73
C PRO E 548 55.72 -35.08 5.53
N HIS E 549 55.46 -33.84 5.10
CA HIS E 549 56.51 -32.86 4.82
C HIS E 549 57.45 -33.40 3.72
N SER E 550 56.87 -33.62 2.54
CA SER E 550 57.60 -34.16 1.41
C SER E 550 57.35 -33.43 0.11
N GLY E 551 56.51 -32.39 0.10
CA GLY E 551 56.25 -31.65 -1.12
C GLY E 551 55.44 -32.43 -2.14
N LYS E 552 54.25 -32.87 -1.75
CA LYS E 552 53.37 -33.59 -2.67
C LYS E 552 52.39 -32.65 -3.37
N THR E 553 51.86 -31.66 -2.65
CA THR E 553 50.90 -30.74 -3.25
C THR E 553 51.52 -29.98 -4.42
N ALA E 554 52.76 -29.50 -4.24
CA ALA E 554 53.41 -28.74 -5.29
C ALA E 554 53.60 -29.58 -6.54
N LEU E 555 53.98 -30.85 -6.38
CA LEU E 555 54.14 -31.72 -7.53
C LEU E 555 52.83 -31.91 -8.27
N ALA E 556 51.72 -32.10 -7.53
CA ALA E 556 50.42 -32.23 -8.18
C ALA E 556 50.05 -30.96 -8.93
N ALA E 557 50.30 -29.80 -8.32
CA ALA E 557 50.00 -28.55 -9.01
C ALA E 557 50.81 -28.41 -10.29
N LYS E 558 52.09 -28.76 -10.24
CA LYS E 558 52.92 -28.68 -11.44
C LYS E 558 52.43 -29.65 -12.51
N ILE E 559 52.06 -30.86 -12.11
CA ILE E 559 51.57 -31.83 -13.08
C ILE E 559 50.30 -31.32 -13.74
N ALA E 560 49.39 -30.74 -12.95
CA ALA E 560 48.19 -30.16 -13.53
C ALA E 560 48.53 -29.01 -14.49
N GLU E 561 49.50 -28.18 -14.11
CA GLU E 561 49.90 -27.06 -14.96
C GLU E 561 50.42 -27.56 -16.31
N GLU E 562 51.25 -28.60 -16.29
CA GLU E 562 51.87 -29.06 -17.54
C GLU E 562 50.82 -29.38 -18.59
N SER E 563 49.67 -29.90 -18.18
CA SER E 563 48.57 -30.10 -19.11
C SER E 563 47.98 -28.76 -19.54
N ASN E 564 47.40 -28.73 -20.74
CA ASN E 564 46.81 -27.52 -21.30
C ASN E 564 45.31 -27.68 -21.51
N PHE E 565 44.65 -28.48 -20.68
CA PHE E 565 43.23 -28.71 -20.85
C PHE E 565 42.47 -27.41 -20.62
N PRO E 566 41.36 -27.18 -21.33
CA PRO E 566 40.64 -25.91 -21.18
C PRO E 566 40.10 -25.68 -19.79
N PHE E 567 39.82 -26.73 -19.02
CA PHE E 567 39.24 -26.60 -17.69
C PHE E 567 40.11 -27.33 -16.68
N ILE E 568 40.55 -26.62 -15.65
CA ILE E 568 41.29 -27.21 -14.54
C ILE E 568 40.99 -26.42 -13.27
N LYS E 569 40.48 -27.10 -12.25
CA LYS E 569 40.17 -26.46 -10.98
C LYS E 569 40.66 -27.35 -9.85
N ILE E 570 41.08 -26.71 -8.75
CA ILE E 570 41.65 -27.40 -7.60
C ILE E 570 40.72 -27.19 -6.42
N CYS E 571 40.35 -28.28 -5.75
CA CYS E 571 39.52 -28.26 -4.55
C CYS E 571 40.38 -28.63 -3.35
N SER E 572 40.46 -27.74 -2.38
CA SER E 572 41.27 -27.91 -1.20
C SER E 572 40.46 -27.58 0.04
N PRO E 573 40.84 -28.13 1.20
CA PRO E 573 40.06 -27.86 2.42
C PRO E 573 40.07 -26.40 2.84
N ASP E 574 41.01 -25.60 2.35
CA ASP E 574 41.16 -24.23 2.83
C ASP E 574 39.88 -23.43 2.65
N LYS E 575 39.12 -23.67 1.59
CA LYS E 575 37.95 -22.88 1.26
C LYS E 575 36.69 -23.38 1.98
N MET E 576 36.81 -24.35 2.86
CA MET E 576 35.68 -25.05 3.45
C MET E 576 35.77 -25.06 4.96
N ILE E 577 36.43 -24.03 5.52
CA ILE E 577 36.66 -23.97 6.96
C ILE E 577 35.34 -23.81 7.68
N GLY E 578 35.13 -24.63 8.72
CA GLY E 578 33.95 -24.52 9.56
C GLY E 578 32.69 -25.08 8.97
N PHE E 579 32.72 -25.54 7.72
CA PHE E 579 31.51 -26.06 7.09
C PHE E 579 31.10 -27.37 7.73
N SER E 580 29.79 -27.64 7.71
CA SER E 580 29.29 -28.95 8.07
C SER E 580 29.43 -29.91 6.89
N GLU E 581 29.26 -31.20 7.19
CA GLU E 581 29.48 -32.21 6.16
C GLU E 581 28.57 -32.01 4.95
N THR E 582 27.33 -31.55 5.18
CA THR E 582 26.41 -31.34 4.07
C THR E 582 26.94 -30.27 3.13
N ALA E 583 27.48 -29.19 3.68
CA ALA E 583 28.08 -28.16 2.83
C ALA E 583 29.26 -28.71 2.05
N LYS E 584 30.05 -29.59 2.67
CA LYS E 584 31.17 -30.20 1.97
C LYS E 584 30.67 -30.99 0.76
N CYS E 585 29.64 -31.81 0.97
CA CYS E 585 29.08 -32.57 -0.13
C CYS E 585 28.54 -31.64 -1.22
N GLN E 586 27.86 -30.57 -0.82
CA GLN E 586 27.31 -29.63 -1.79
C GLN E 586 28.42 -29.03 -2.65
N ALA E 587 29.50 -28.56 -2.01
CA ALA E 587 30.57 -27.90 -2.74
C ALA E 587 31.25 -28.88 -3.70
N MET E 588 31.56 -30.09 -3.22
CA MET E 588 32.19 -31.06 -4.09
C MET E 588 31.27 -31.43 -5.26
N LYS E 589 29.98 -31.56 -4.98
CA LYS E 589 29.01 -31.84 -6.03
C LYS E 589 29.04 -30.76 -7.10
N LYS E 590 29.01 -29.49 -6.68
CA LYS E 590 29.00 -28.40 -7.65
C LYS E 590 30.28 -28.40 -8.46
N ILE E 591 31.42 -28.62 -7.81
CA ILE E 591 32.69 -28.61 -8.54
C ILE E 591 32.70 -29.69 -9.60
N PHE E 592 32.29 -30.91 -9.24
CA PHE E 592 32.29 -32.00 -10.22
C PHE E 592 31.28 -31.74 -11.33
N ASP E 593 30.10 -31.21 -10.99
CA ASP E 593 29.09 -30.92 -12.00
C ASP E 593 29.61 -29.90 -13.01
N ASP E 594 30.27 -28.84 -12.52
CA ASP E 594 30.87 -27.88 -13.45
C ASP E 594 31.95 -28.53 -14.29
N ALA E 595 32.77 -29.40 -13.69
CA ALA E 595 33.80 -30.09 -14.45
C ALA E 595 33.21 -31.02 -15.50
N TYR E 596 31.95 -31.42 -15.36
CA TYR E 596 31.30 -32.30 -16.31
C TYR E 596 30.86 -31.59 -17.60
N LYS E 597 31.28 -30.35 -17.82
CA LYS E 597 30.78 -29.57 -18.95
C LYS E 597 31.90 -29.15 -19.89
N SER E 598 32.79 -30.06 -20.24
CA SER E 598 33.85 -29.75 -21.18
C SER E 598 34.39 -31.04 -21.78
N GLN E 599 35.13 -30.90 -22.88
CA GLN E 599 35.71 -32.06 -23.55
C GLN E 599 36.94 -32.60 -22.83
N LEU E 600 37.53 -31.81 -21.94
CA LEU E 600 38.70 -32.25 -21.18
C LEU E 600 38.68 -31.54 -19.83
N SER E 601 39.21 -32.22 -18.82
CA SER E 601 39.24 -31.66 -17.47
C SER E 601 40.31 -32.34 -16.66
N CYS E 602 40.73 -31.66 -15.59
CA CYS E 602 41.69 -32.20 -14.63
C CYS E 602 41.41 -31.57 -13.28
N VAL E 603 41.10 -32.41 -12.30
CA VAL E 603 40.71 -31.96 -10.96
C VAL E 603 41.74 -32.45 -9.96
N VAL E 604 42.10 -31.58 -9.03
CA VAL E 604 43.10 -31.88 -8.00
C VAL E 604 42.40 -31.89 -6.65
N VAL E 605 42.47 -33.03 -5.96
CA VAL E 605 41.98 -33.16 -4.59
C VAL E 605 43.19 -33.42 -3.72
N ASP E 606 43.46 -32.52 -2.79
CA ASP E 606 44.64 -32.58 -1.94
C ASP E 606 44.24 -32.81 -0.49
N ASP E 607 45.02 -33.62 0.22
CA ASP E 607 44.81 -33.88 1.64
C ASP E 607 43.44 -34.53 1.88
N ILE E 608 43.27 -35.71 1.30
CA ILE E 608 42.03 -36.47 1.51
C ILE E 608 41.81 -36.71 3.00
N GLU E 609 42.87 -37.10 3.72
CA GLU E 609 42.73 -37.35 5.14
C GLU E 609 42.22 -36.12 5.88
N ARG E 610 42.47 -34.92 5.34
CA ARG E 610 41.92 -33.72 5.93
C ARG E 610 40.49 -33.45 5.49
N LEU E 611 40.02 -34.11 4.44
CA LEU E 611 38.62 -33.98 4.04
C LEU E 611 37.73 -34.92 4.84
N LEU E 612 38.19 -36.15 5.07
CA LEU E 612 37.40 -37.13 5.81
C LEU E 612 37.30 -36.79 7.30
N ASP E 613 37.95 -35.74 7.78
CA ASP E 613 37.88 -35.35 9.20
C ASP E 613 38.42 -36.46 10.08
N TYR E 614 39.63 -36.91 9.78
CA TYR E 614 40.20 -38.09 10.41
C TYR E 614 41.05 -37.73 11.61
N VAL E 615 40.91 -38.53 12.67
CA VAL E 615 41.74 -38.40 13.88
C VAL E 615 41.84 -39.79 14.49
N PRO E 616 43.02 -40.23 14.93
CA PRO E 616 43.20 -41.65 15.27
C PRO E 616 42.72 -42.04 16.66
N ILE E 617 41.93 -41.20 17.32
CA ILE E 617 41.40 -41.51 18.64
C ILE E 617 39.99 -42.07 18.44
N GLY E 618 39.90 -43.39 18.39
CA GLY E 618 38.63 -44.08 18.39
C GLY E 618 38.50 -45.15 17.31
N PRO E 619 38.89 -44.84 16.07
CA PRO E 619 39.07 -43.52 15.44
C PRO E 619 37.71 -42.95 15.04
N ARG E 620 37.63 -41.70 14.59
CA ARG E 620 36.37 -41.08 14.23
C ARG E 620 36.51 -40.33 12.91
N PHE E 621 35.44 -40.31 12.14
CA PHE E 621 35.39 -39.64 10.84
C PHE E 621 33.93 -39.45 10.45
N SER E 622 33.71 -38.90 9.26
CA SER E 622 32.39 -38.67 8.72
C SER E 622 32.12 -39.62 7.57
N ASN E 623 30.92 -40.20 7.55
CA ASN E 623 30.57 -41.21 6.55
C ASN E 623 30.08 -40.61 5.24
N LEU E 624 29.36 -39.49 5.29
CA LEU E 624 28.80 -38.91 4.07
C LEU E 624 29.90 -38.53 3.09
N VAL E 625 30.97 -37.91 3.59
CA VAL E 625 32.07 -37.52 2.72
C VAL E 625 32.71 -38.75 2.10
N LEU E 626 32.91 -39.80 2.89
CA LEU E 626 33.50 -41.02 2.37
C LEU E 626 32.64 -41.61 1.26
N GLN E 627 31.33 -41.68 1.48
CA GLN E 627 30.44 -42.22 0.46
C GLN E 627 30.48 -41.37 -0.81
N ALA E 628 30.46 -40.04 -0.66
CA ALA E 628 30.49 -39.17 -1.82
C ALA E 628 31.77 -39.37 -2.62
N LEU E 629 32.91 -39.39 -1.92
CA LEU E 629 34.19 -39.57 -2.61
C LEU E 629 34.24 -40.93 -3.30
N LEU E 630 33.77 -41.98 -2.64
CA LEU E 630 33.86 -43.32 -3.21
C LEU E 630 32.92 -43.47 -4.40
N VAL E 631 31.81 -42.72 -4.43
CA VAL E 631 30.88 -42.84 -5.54
C VAL E 631 31.34 -42.01 -6.74
N LEU E 632 31.85 -40.80 -6.49
CA LEU E 632 32.22 -39.93 -7.60
C LEU E 632 33.42 -40.45 -8.39
N LEU E 633 34.11 -41.47 -7.91
CA LEU E 633 35.30 -41.98 -8.57
C LEU E 633 35.02 -43.12 -9.54
N LYS E 634 33.75 -43.43 -9.80
CA LYS E 634 33.41 -44.56 -10.65
C LYS E 634 32.49 -44.19 -11.81
N LYS E 635 31.56 -43.27 -11.59
CA LYS E 635 30.61 -42.92 -12.63
C LYS E 635 31.34 -42.29 -13.81
N ALA E 636 31.05 -42.76 -15.01
CA ALA E 636 31.65 -42.18 -16.20
C ALA E 636 30.91 -40.88 -16.58
N PRO E 637 31.60 -39.95 -17.23
CA PRO E 637 30.94 -38.71 -17.62
C PRO E 637 30.06 -38.92 -18.84
N PRO E 638 29.32 -37.90 -19.27
CA PRO E 638 28.50 -38.05 -20.47
C PRO E 638 29.35 -38.40 -21.68
N GLN E 639 28.75 -39.15 -22.60
CA GLN E 639 29.48 -39.68 -23.75
C GLN E 639 30.31 -38.59 -24.41
N GLY E 640 31.44 -39.00 -24.98
CA GLY E 640 32.30 -38.09 -25.70
C GLY E 640 32.96 -37.04 -24.83
N ARG E 641 33.44 -37.42 -23.65
CA ARG E 641 34.14 -36.49 -22.78
C ARG E 641 35.18 -37.25 -21.98
N LYS E 642 36.17 -36.51 -21.49
CA LYS E 642 37.29 -37.09 -20.76
C LYS E 642 37.49 -36.37 -19.44
N LEU E 643 38.15 -37.04 -18.50
CA LEU E 643 38.42 -36.48 -17.18
C LEU E 643 39.65 -37.16 -16.60
N LEU E 644 40.44 -36.38 -15.85
CA LEU E 644 41.57 -36.89 -15.11
C LEU E 644 41.47 -36.39 -13.67
N ILE E 645 41.79 -37.27 -12.73
CA ILE E 645 41.68 -36.96 -11.30
C ILE E 645 42.99 -37.33 -10.63
N ILE E 646 43.50 -36.42 -9.80
CA ILE E 646 44.76 -36.59 -9.08
C ILE E 646 44.50 -36.37 -7.59
N GLY E 647 45.03 -37.27 -6.76
CA GLY E 647 44.81 -37.19 -5.34
C GLY E 647 46.11 -37.24 -4.57
N THR E 648 46.12 -36.55 -3.43
CA THR E 648 47.29 -36.48 -2.56
C THR E 648 46.90 -36.92 -1.15
N THR E 649 47.76 -37.70 -0.51
CA THR E 649 47.50 -38.20 0.83
C THR E 649 48.82 -38.38 1.55
N SER E 650 48.73 -38.69 2.85
CA SER E 650 49.91 -38.86 3.68
C SER E 650 49.86 -40.09 4.58
N ARG E 651 48.80 -40.90 4.51
CA ARG E 651 48.69 -42.11 5.33
C ARG E 651 48.03 -43.18 4.45
N LYS E 652 48.87 -43.99 3.79
CA LYS E 652 48.35 -44.99 2.87
C LYS E 652 47.60 -46.09 3.61
N ASP E 653 48.11 -46.52 4.76
CA ASP E 653 47.52 -47.66 5.46
C ASP E 653 46.09 -47.38 5.88
N VAL E 654 45.81 -46.17 6.37
CA VAL E 654 44.46 -45.84 6.81
C VAL E 654 43.48 -45.97 5.64
N LEU E 655 43.87 -45.44 4.47
CA LEU E 655 43.02 -45.58 3.30
C LEU E 655 42.86 -47.05 2.92
N GLN E 656 43.95 -47.82 2.97
CA GLN E 656 43.85 -49.25 2.66
C GLN E 656 42.84 -49.93 3.58
N GLU E 657 42.76 -49.48 4.83
CA GLU E 657 41.78 -50.06 5.76
C GLU E 657 40.35 -49.80 5.27
N MET E 658 40.11 -48.61 4.72
CA MET E 658 38.78 -48.22 4.27
C MET E 658 38.42 -48.81 2.91
N GLU E 659 39.15 -49.82 2.44
CA GLU E 659 38.88 -50.47 1.16
C GLU E 659 38.66 -49.45 0.05
N MET E 660 39.41 -48.34 0.11
CA MET E 660 39.34 -47.32 -0.92
C MET E 660 40.53 -47.34 -1.87
N LEU E 661 41.67 -47.89 -1.45
CA LEU E 661 42.86 -47.86 -2.29
C LEU E 661 42.59 -48.49 -3.64
N ASN E 662 41.85 -49.60 -3.68
CA ASN E 662 41.52 -50.23 -4.94
C ASN E 662 40.68 -49.34 -5.84
N ALA E 663 40.04 -48.32 -5.28
CA ALA E 663 39.24 -47.41 -6.10
C ALA E 663 40.11 -46.69 -7.13
N PHE E 664 41.30 -46.24 -6.71
CA PHE E 664 42.22 -45.62 -7.65
C PHE E 664 42.78 -46.68 -8.59
N SER E 665 43.36 -46.19 -9.70
CA SER E 665 43.90 -47.09 -10.72
C SER E 665 45.37 -47.41 -10.49
N THR E 666 46.17 -46.42 -10.10
CA THR E 666 47.60 -46.63 -9.91
C THR E 666 48.11 -45.68 -8.84
N THR E 667 49.27 -46.02 -8.27
CA THR E 667 49.93 -45.21 -7.25
C THR E 667 51.40 -45.05 -7.60
N ILE E 668 51.91 -43.84 -7.41
CA ILE E 668 53.32 -43.53 -7.66
C ILE E 668 53.91 -42.94 -6.39
N HIS E 669 55.04 -43.49 -5.95
CA HIS E 669 55.64 -43.10 -4.68
C HIS E 669 56.49 -41.85 -4.85
N VAL E 670 56.54 -41.04 -3.81
CA VAL E 670 57.34 -39.80 -3.80
C VAL E 670 58.24 -39.81 -2.58
N PRO E 671 59.47 -40.28 -2.68
CA PRO E 671 60.34 -40.37 -1.50
C PRO E 671 60.88 -38.99 -1.12
N ASN E 672 61.73 -38.98 -0.10
CA ASN E 672 62.38 -37.79 0.41
C ASN E 672 63.89 -37.96 0.38
N ILE E 673 64.60 -36.87 0.66
CA ILE E 673 66.05 -36.90 0.61
C ILE E 673 66.57 -37.92 1.60
N ALA E 674 67.46 -38.81 1.13
CA ALA E 674 67.93 -39.92 1.94
C ALA E 674 69.42 -40.20 1.74
N THR E 675 70.22 -39.19 1.45
CA THR E 675 71.65 -39.40 1.26
C THR E 675 72.38 -38.07 1.34
N GLY E 676 73.59 -38.12 1.88
CA GLY E 676 74.37 -36.90 2.05
C GLY E 676 74.69 -36.21 0.73
N GLU E 677 74.96 -36.99 -0.32
CA GLU E 677 75.26 -36.40 -1.62
C GLU E 677 74.08 -35.56 -2.12
N GLN E 678 72.86 -36.09 -1.97
CA GLN E 678 71.69 -35.33 -2.36
C GLN E 678 71.55 -34.04 -1.54
N LEU E 679 71.85 -34.13 -0.24
CA LEU E 679 71.79 -32.93 0.59
C LEU E 679 72.78 -31.87 0.13
N LEU E 680 74.00 -32.31 -0.20
CA LEU E 680 75.01 -31.36 -0.71
C LEU E 680 74.55 -30.75 -2.03
N GLU E 681 73.98 -31.57 -2.91
CA GLU E 681 73.47 -31.04 -4.17
C GLU E 681 72.37 -30.02 -3.93
N ALA E 682 71.46 -30.30 -3.00
CA ALA E 682 70.38 -29.37 -2.71
C ALA E 682 70.93 -28.06 -2.16
N LEU E 683 71.88 -28.14 -1.24
CA LEU E 683 72.48 -26.92 -0.70
C LEU E 683 73.16 -26.12 -1.78
N GLU E 684 73.83 -26.83 -2.67
CA GLU E 684 74.53 -26.17 -3.80
C GLU E 684 73.49 -25.42 -4.60
N LEU E 685 72.42 -26.10 -5.00
CA LEU E 685 71.42 -25.52 -5.89
C LEU E 685 70.69 -24.35 -5.23
N LEU E 686 70.49 -24.41 -3.91
CA LEU E 686 69.82 -23.32 -3.22
C LEU E 686 70.72 -22.10 -3.05
N GLY E 687 72.03 -22.31 -2.86
CA GLY E 687 72.96 -21.22 -2.75
C GLY E 687 72.82 -20.41 -1.48
N ASN E 688 72.99 -21.08 -0.34
CA ASN E 688 72.98 -20.42 0.97
C ASN E 688 74.32 -20.53 1.67
N PHE E 689 74.87 -21.74 1.79
CA PHE E 689 76.20 -21.94 2.31
C PHE E 689 77.16 -22.20 1.16
N LYS E 690 78.38 -21.69 1.27
CA LYS E 690 79.36 -21.80 0.20
C LYS E 690 80.76 -21.78 0.77
N ASP E 691 81.72 -22.17 -0.06
CA ASP E 691 83.13 -22.12 0.29
C ASP E 691 83.44 -23.08 1.44
N LYS E 692 84.25 -22.64 2.41
CA LYS E 692 84.67 -23.55 3.47
C LYS E 692 83.49 -24.07 4.27
N GLU E 693 82.40 -23.30 4.34
CA GLU E 693 81.20 -23.79 5.01
C GLU E 693 80.67 -25.05 4.34
N ARG E 694 80.61 -25.03 3.01
CA ARG E 694 80.18 -26.22 2.28
C ARG E 694 81.13 -27.38 2.52
N THR E 695 82.43 -27.09 2.55
CA THR E 695 83.41 -28.15 2.80
C THR E 695 83.19 -28.80 4.16
N THR E 696 82.99 -27.99 5.20
CA THR E 696 82.84 -28.55 6.54
C THR E 696 81.51 -29.29 6.69
N ILE E 697 80.44 -28.78 6.09
CA ILE E 697 79.16 -29.49 6.18
C ILE E 697 79.27 -30.82 5.44
N ALA E 698 79.94 -30.84 4.29
CA ALA E 698 80.13 -32.10 3.57
C ALA E 698 80.96 -33.08 4.39
N GLN E 699 82.01 -32.58 5.05
CA GLN E 699 82.84 -33.45 5.88
C GLN E 699 82.02 -34.04 7.03
N GLN E 700 81.21 -33.22 7.69
CA GLN E 700 80.49 -33.68 8.87
C GLN E 700 79.33 -34.61 8.50
N VAL E 701 78.62 -34.29 7.43
CA VAL E 701 77.39 -35.03 7.11
C VAL E 701 77.68 -36.47 6.76
N LYS E 702 78.81 -36.74 6.11
CA LYS E 702 79.12 -38.09 5.63
C LYS E 702 78.86 -39.14 6.70
N GLY E 703 78.02 -40.12 6.37
CA GLY E 703 77.68 -41.18 7.28
C GLY E 703 76.39 -40.89 8.05
N LYS E 704 75.75 -41.96 8.48
CA LYS E 704 74.54 -41.98 9.29
C LYS E 704 73.29 -41.64 8.47
N LYS E 705 73.42 -41.31 7.19
CA LYS E 705 72.28 -41.02 6.35
C LYS E 705 71.47 -39.84 6.89
N VAL E 706 70.38 -39.49 6.21
CA VAL E 706 69.55 -38.35 6.61
C VAL E 706 68.12 -38.64 6.20
N TRP E 707 67.18 -38.09 6.97
CA TRP E 707 65.76 -38.33 6.76
C TRP E 707 64.97 -37.04 6.93
N ILE E 708 65.44 -35.96 6.31
CA ILE E 708 64.81 -34.65 6.43
C ILE E 708 63.91 -34.42 5.23
N GLY E 709 62.89 -33.56 5.41
CA GLY E 709 62.05 -33.15 4.32
C GLY E 709 62.44 -31.80 3.75
N ILE E 710 62.03 -31.55 2.51
CA ILE E 710 62.45 -30.34 1.81
C ILE E 710 61.94 -29.10 2.56
N LYS E 711 60.67 -29.11 2.95
CA LYS E 711 60.13 -27.98 3.69
C LYS E 711 60.86 -27.79 5.02
N LYS E 712 61.10 -28.89 5.73
CA LYS E 712 61.87 -28.81 6.97
C LYS E 712 63.28 -28.31 6.70
N LEU E 713 63.87 -28.69 5.57
CA LEU E 713 65.21 -28.20 5.23
C LEU E 713 65.21 -26.69 5.05
N LEU E 714 64.23 -26.17 4.32
CA LEU E 714 64.15 -24.72 4.14
C LEU E 714 63.94 -24.02 5.48
N MET E 715 63.05 -24.54 6.32
CA MET E 715 62.82 -23.94 7.62
C MET E 715 64.10 -23.94 8.45
N LEU E 716 64.84 -25.05 8.42
CA LEU E 716 66.05 -25.15 9.23
C LEU E 716 67.13 -24.17 8.74
N ILE E 717 67.32 -24.06 7.43
CA ILE E 717 68.32 -23.11 6.94
C ILE E 717 67.93 -21.70 7.31
N GLU E 718 66.65 -21.34 7.16
CA GLU E 718 66.21 -20.00 7.51
C GLU E 718 66.44 -19.74 9.01
N MET E 719 66.13 -20.71 9.86
CA MET E 719 66.38 -20.55 11.28
C MET E 719 67.87 -20.38 11.57
N SER E 720 68.71 -21.19 10.92
CA SER E 720 70.14 -21.14 11.19
C SER E 720 70.76 -19.83 10.73
N LEU E 721 70.17 -19.18 9.73
CA LEU E 721 70.75 -17.94 9.21
C LEU E 721 70.45 -16.71 10.08
N GLN E 722 70.04 -16.90 11.34
CA GLN E 722 69.74 -15.79 12.23
C GLN E 722 70.81 -15.58 13.29
N MET E 723 71.91 -16.32 13.24
CA MET E 723 72.99 -16.21 14.23
C MET E 723 74.17 -15.48 13.59
N ASP E 724 75.21 -15.30 14.39
CA ASP E 724 76.43 -14.68 13.91
C ASP E 724 77.19 -15.67 13.03
N PRO E 725 78.06 -15.16 12.13
CA PRO E 725 78.73 -16.06 11.18
C PRO E 725 79.50 -17.19 11.84
N GLU E 726 80.14 -16.93 12.98
CA GLU E 726 80.96 -17.94 13.63
C GLU E 726 80.14 -19.10 14.19
N TYR E 727 78.83 -18.96 14.29
CA TYR E 727 77.99 -19.98 14.91
C TYR E 727 76.94 -20.57 13.98
N ARG E 728 76.77 -20.04 12.78
CA ARG E 728 75.71 -20.53 11.89
C ARG E 728 75.89 -22.01 11.60
N VAL E 729 77.11 -22.42 11.24
CA VAL E 729 77.34 -23.81 10.88
C VAL E 729 77.05 -24.72 12.07
N ARG E 730 77.53 -24.34 13.26
CA ARG E 730 77.32 -25.18 14.44
C ARG E 730 75.84 -25.32 14.75
N LYS E 731 75.10 -24.21 14.71
CA LYS E 731 73.67 -24.26 14.99
C LYS E 731 72.95 -25.14 13.98
N PHE E 732 73.27 -24.98 12.70
CA PHE E 732 72.62 -25.79 11.67
C PHE E 732 72.92 -27.28 11.87
N LEU E 733 74.18 -27.61 12.17
CA LEU E 733 74.53 -29.01 12.39
C LEU E 733 73.78 -29.57 13.58
N ALA E 734 73.71 -28.82 14.68
CA ALA E 734 73.00 -29.29 15.86
C ALA E 734 71.53 -29.50 15.55
N LEU E 735 70.90 -28.55 14.85
CA LEU E 735 69.49 -28.69 14.50
C LEU E 735 69.26 -29.91 13.62
N LEU E 736 70.12 -30.12 12.63
CA LEU E 736 69.95 -31.28 11.76
C LEU E 736 70.11 -32.58 12.54
N ARG E 737 71.10 -32.64 13.45
CA ARG E 737 71.29 -33.84 14.24
C ARG E 737 70.09 -34.11 15.14
N GLU E 738 69.54 -33.06 15.76
CA GLU E 738 68.44 -33.25 16.70
C GLU E 738 67.14 -33.55 15.98
N GLU E 739 66.66 -32.62 15.15
CA GLU E 739 65.42 -32.82 14.42
C GLU E 739 65.55 -33.89 13.35
N GLY E 740 66.78 -34.25 12.97
CA GLY E 740 66.95 -35.25 11.92
C GLY E 740 66.26 -36.56 12.25
N ALA E 741 66.33 -36.99 13.51
CA ALA E 741 65.67 -38.21 13.94
C ALA E 741 66.08 -39.39 13.07
N SER E 742 65.23 -40.40 12.98
CA SER E 742 65.48 -41.59 12.18
C SER E 742 64.22 -41.96 11.42
N PRO E 743 64.34 -42.68 10.30
CA PRO E 743 63.16 -43.13 9.56
C PRO E 743 62.37 -44.20 10.30
N ILE F 212 -30.00 -43.59 -24.03
CA ILE F 212 -28.95 -44.58 -24.22
C ILE F 212 -28.14 -44.23 -25.47
N ASN F 213 -26.85 -43.99 -25.27
CA ASN F 213 -25.94 -43.58 -26.36
C ASN F 213 -24.65 -44.39 -26.25
N PRO F 214 -24.69 -45.68 -26.62
CA PRO F 214 -23.51 -46.54 -26.52
C PRO F 214 -22.62 -46.46 -27.75
N ASP F 215 -22.24 -45.24 -28.13
CA ASP F 215 -21.32 -45.02 -29.24
C ASP F 215 -19.90 -45.01 -28.71
N TRP F 216 -19.00 -45.73 -29.37
CA TRP F 216 -17.67 -46.00 -28.84
C TRP F 216 -16.61 -45.77 -29.90
N ASN F 217 -16.70 -44.63 -30.59
CA ASN F 217 -15.62 -44.13 -31.43
C ASN F 217 -14.57 -43.38 -30.63
N PHE F 218 -14.46 -43.64 -29.33
CA PHE F 218 -13.56 -42.86 -28.48
C PHE F 218 -12.14 -42.87 -29.02
N GLU F 219 -11.70 -44.00 -29.57
CA GLU F 219 -10.33 -44.08 -30.07
C GLU F 219 -10.09 -43.06 -31.16
N LYS F 220 -10.97 -43.04 -32.17
CA LYS F 220 -10.92 -42.04 -33.24
C LYS F 220 -11.65 -40.75 -32.85
N MET F 221 -12.30 -40.73 -31.69
CA MET F 221 -12.98 -39.52 -31.24
C MET F 221 -12.03 -38.37 -31.01
N GLY F 222 -10.81 -38.67 -30.54
CA GLY F 222 -9.85 -37.63 -30.24
C GLY F 222 -9.02 -37.93 -29.00
N ILE F 223 -9.39 -38.96 -28.26
CA ILE F 223 -8.71 -39.35 -27.03
C ILE F 223 -8.23 -40.79 -27.18
N GLY F 224 -6.97 -41.03 -26.82
CA GLY F 224 -6.42 -42.37 -26.81
C GLY F 224 -5.84 -42.72 -25.46
N GLY F 225 -6.46 -42.22 -24.39
CA GLY F 225 -5.95 -42.42 -23.05
C GLY F 225 -6.06 -43.85 -22.57
N LEU F 226 -7.29 -44.34 -22.40
CA LEU F 226 -7.50 -45.68 -21.89
C LEU F 226 -8.86 -46.17 -22.35
N ASP F 227 -9.04 -47.49 -22.29
CA ASP F 227 -10.28 -48.16 -22.68
C ASP F 227 -11.01 -48.74 -21.47
N LYS F 228 -10.98 -48.03 -20.34
CA LYS F 228 -11.64 -48.53 -19.14
C LYS F 228 -12.56 -47.48 -18.52
N GLU F 229 -12.21 -46.20 -18.69
CA GLU F 229 -13.00 -45.14 -18.06
C GLU F 229 -14.42 -45.09 -18.61
N PHE F 230 -14.59 -45.47 -19.89
CA PHE F 230 -15.87 -45.28 -20.55
C PHE F 230 -16.98 -46.07 -19.87
N SER F 231 -16.69 -47.33 -19.51
CA SER F 231 -17.74 -48.17 -18.93
C SER F 231 -18.24 -47.59 -17.62
N ASP F 232 -17.33 -47.24 -16.72
CA ASP F 232 -17.73 -46.66 -15.44
C ASP F 232 -18.49 -45.36 -15.67
N ILE F 233 -17.93 -44.46 -16.49
CA ILE F 233 -18.55 -43.16 -16.71
C ILE F 233 -19.98 -43.32 -17.20
N PHE F 234 -20.16 -44.14 -18.23
CA PHE F 234 -21.48 -44.24 -18.85
C PHE F 234 -22.45 -45.05 -17.99
N ARG F 235 -22.00 -46.08 -17.28
CA ARG F 235 -22.91 -46.75 -16.36
C ARG F 235 -23.41 -45.80 -15.29
N ARG F 236 -22.51 -44.97 -14.74
CA ARG F 236 -22.95 -44.01 -13.72
C ARG F 236 -23.92 -43.00 -14.31
N ALA F 237 -23.59 -42.44 -15.48
CA ALA F 237 -24.47 -41.45 -16.09
C ALA F 237 -25.84 -42.03 -16.40
N PHE F 238 -25.87 -43.26 -16.95
CA PHE F 238 -27.14 -43.88 -17.29
C PHE F 238 -27.96 -44.18 -16.04
N ALA F 239 -27.32 -44.72 -15.00
CA ALA F 239 -28.03 -44.94 -13.76
C ALA F 239 -28.56 -43.63 -13.18
N SER F 240 -27.90 -42.53 -13.50
CA SER F 240 -28.33 -41.23 -12.98
C SER F 240 -29.55 -40.70 -13.73
N ARG F 241 -29.43 -40.51 -15.05
CA ARG F 241 -30.34 -39.63 -15.77
C ARG F 241 -31.27 -40.34 -16.75
N VAL F 242 -31.06 -41.62 -17.03
CA VAL F 242 -31.86 -42.29 -18.07
C VAL F 242 -33.33 -42.32 -17.68
N PHE F 243 -33.63 -42.65 -16.42
CA PHE F 243 -35.00 -42.96 -16.04
C PHE F 243 -35.88 -41.71 -16.06
N PRO F 244 -37.19 -41.90 -16.20
CA PRO F 244 -38.09 -40.75 -16.22
C PRO F 244 -38.03 -40.00 -14.89
N PRO F 245 -38.31 -38.70 -14.91
CA PRO F 245 -38.18 -37.92 -13.65
C PRO F 245 -39.05 -38.44 -12.52
N GLU F 246 -40.29 -38.87 -12.81
CA GLU F 246 -41.22 -39.19 -11.73
C GLU F 246 -40.77 -40.42 -10.94
N ILE F 247 -40.22 -41.43 -11.62
CA ILE F 247 -39.75 -42.61 -10.90
C ILE F 247 -38.59 -42.23 -9.98
N VAL F 248 -37.68 -41.41 -10.48
CA VAL F 248 -36.55 -40.98 -9.66
C VAL F 248 -37.04 -40.18 -8.46
N GLU F 249 -38.01 -39.28 -8.68
CA GLU F 249 -38.56 -38.51 -7.57
C GLU F 249 -39.18 -39.42 -6.52
N GLN F 250 -39.93 -40.43 -6.95
CA GLN F 250 -40.53 -41.38 -6.00
C GLN F 250 -39.44 -42.13 -5.24
N MET F 251 -38.42 -42.60 -5.95
CA MET F 251 -37.30 -43.30 -5.31
C MET F 251 -36.44 -42.36 -4.47
N GLY F 252 -36.45 -41.07 -4.76
CA GLY F 252 -35.66 -40.12 -4.00
C GLY F 252 -34.17 -40.38 -4.09
N CYS F 253 -33.68 -40.62 -5.30
CA CYS F 253 -32.26 -40.83 -5.53
C CYS F 253 -31.58 -39.51 -5.90
N LYS F 254 -30.31 -39.41 -5.51
CA LYS F 254 -29.52 -38.21 -5.73
C LYS F 254 -28.72 -38.34 -7.01
N HIS F 255 -28.96 -37.45 -7.97
CA HIS F 255 -28.22 -37.47 -9.23
C HIS F 255 -26.76 -37.11 -8.98
N VAL F 256 -25.88 -37.74 -9.75
CA VAL F 256 -24.45 -37.49 -9.62
C VAL F 256 -24.14 -36.12 -10.22
N LYS F 257 -23.63 -35.22 -9.39
CA LYS F 257 -23.19 -33.89 -9.82
C LYS F 257 -21.73 -33.72 -9.40
N GLY F 258 -20.86 -33.48 -10.37
CA GLY F 258 -19.46 -33.28 -10.09
C GLY F 258 -18.57 -34.39 -10.61
N ILE F 259 -17.62 -34.02 -11.47
CA ILE F 259 -16.59 -34.92 -11.98
C ILE F 259 -15.25 -34.24 -11.83
N LEU F 260 -14.27 -34.94 -11.25
CA LEU F 260 -12.93 -34.42 -11.08
C LEU F 260 -11.99 -35.07 -12.08
N LEU F 261 -11.31 -34.24 -12.88
CA LEU F 261 -10.30 -34.69 -13.82
C LEU F 261 -8.98 -34.05 -13.41
N TYR F 262 -7.95 -34.87 -13.18
CA TYR F 262 -6.68 -34.31 -12.79
C TYR F 262 -5.54 -34.97 -13.55
N GLY F 263 -4.46 -34.21 -13.71
CA GLY F 263 -3.27 -34.73 -14.35
C GLY F 263 -2.27 -33.65 -14.72
N PRO F 264 -1.11 -34.06 -15.24
CA PRO F 264 -0.09 -33.10 -15.65
C PRO F 264 -0.52 -32.35 -16.90
N PRO F 265 0.07 -31.18 -17.17
CA PRO F 265 -0.36 -30.40 -18.32
C PRO F 265 -0.02 -31.07 -19.64
N GLY F 266 -0.81 -30.74 -20.66
CA GLY F 266 -0.56 -31.25 -22.00
C GLY F 266 -1.13 -32.62 -22.29
N CYS F 267 -2.06 -33.11 -21.47
CA CYS F 267 -2.65 -34.41 -21.67
C CYS F 267 -4.01 -34.35 -22.34
N GLY F 268 -4.47 -33.17 -22.75
CA GLY F 268 -5.73 -33.07 -23.45
C GLY F 268 -6.96 -33.16 -22.58
N LYS F 269 -6.84 -32.78 -21.30
CA LYS F 269 -8.00 -32.85 -20.41
C LYS F 269 -9.13 -31.95 -20.91
N THR F 270 -8.80 -30.76 -21.40
CA THR F 270 -9.81 -29.86 -21.91
C THR F 270 -10.53 -30.47 -23.12
N LEU F 271 -9.79 -31.20 -23.96
CA LEU F 271 -10.42 -31.90 -25.07
C LEU F 271 -11.44 -32.92 -24.56
N LEU F 272 -11.08 -33.68 -23.53
CA LEU F 272 -12.02 -34.65 -22.97
C LEU F 272 -13.24 -33.97 -22.40
N ALA F 273 -13.05 -32.86 -21.69
CA ALA F 273 -14.19 -32.13 -21.12
C ALA F 273 -15.11 -31.62 -22.22
N ARG F 274 -14.53 -31.03 -23.26
CA ARG F 274 -15.34 -30.54 -24.37
C ARG F 274 -16.11 -31.67 -25.03
N GLN F 275 -15.44 -32.81 -25.24
CA GLN F 275 -16.10 -33.95 -25.88
C GLN F 275 -17.26 -34.46 -25.03
N ILE F 276 -17.01 -34.71 -23.75
CA ILE F 276 -18.06 -35.27 -22.89
C ILE F 276 -19.23 -34.30 -22.80
N GLY F 277 -18.94 -33.00 -22.73
CA GLY F 277 -20.02 -32.02 -22.75
C GLY F 277 -20.82 -32.07 -24.04
N LYS F 278 -20.12 -32.16 -25.18
CA LYS F 278 -20.79 -32.16 -26.47
C LYS F 278 -21.69 -33.40 -26.61
N MET F 279 -21.18 -34.57 -26.24
CA MET F 279 -21.90 -35.81 -26.53
C MET F 279 -23.27 -35.82 -25.86
N LEU F 280 -23.33 -35.43 -24.59
CA LEU F 280 -24.61 -35.33 -23.91
C LEU F 280 -25.45 -34.23 -24.54
N ASN F 281 -26.74 -34.51 -24.73
CA ASN F 281 -27.66 -33.56 -25.34
C ASN F 281 -27.94 -32.46 -24.32
N ALA F 282 -27.03 -31.50 -24.25
CA ALA F 282 -27.05 -30.47 -23.22
C ALA F 282 -26.66 -29.14 -23.86
N ARG F 283 -26.40 -28.15 -23.01
CA ARG F 283 -26.05 -26.80 -23.46
C ARG F 283 -24.54 -26.66 -23.63
N GLU F 284 -24.14 -25.62 -24.34
CA GLU F 284 -22.73 -25.35 -24.52
C GLU F 284 -22.08 -24.98 -23.18
N PRO F 285 -20.86 -25.47 -22.92
CA PRO F 285 -20.20 -25.12 -21.65
C PRO F 285 -19.69 -23.70 -21.66
N LYS F 286 -19.89 -23.01 -20.53
CA LYS F 286 -19.42 -21.63 -20.37
C LYS F 286 -17.99 -21.70 -19.86
N VAL F 287 -17.05 -21.73 -20.80
CA VAL F 287 -15.63 -21.85 -20.46
C VAL F 287 -15.23 -20.64 -19.62
N VAL F 288 -14.76 -20.90 -18.41
CA VAL F 288 -14.31 -19.86 -17.50
C VAL F 288 -12.89 -20.19 -17.06
N ASN F 289 -12.00 -19.21 -17.15
CA ASN F 289 -10.59 -19.40 -16.81
C ASN F 289 -10.43 -19.43 -15.28
N GLY F 290 -9.18 -19.42 -14.82
CA GLY F 290 -8.90 -19.59 -13.41
C GLY F 290 -8.74 -18.29 -12.67
N PRO F 291 -7.51 -17.91 -12.32
CA PRO F 291 -7.30 -16.79 -11.38
C PRO F 291 -8.07 -15.52 -11.74
N GLU F 292 -8.57 -15.43 -12.97
CA GLU F 292 -9.38 -14.28 -13.35
C GLU F 292 -10.65 -14.18 -12.51
N ILE F 293 -11.26 -15.33 -12.17
CA ILE F 293 -12.55 -15.29 -11.50
C ILE F 293 -12.44 -14.65 -10.12
N LEU F 294 -11.34 -14.94 -9.42
CA LEU F 294 -11.17 -14.41 -8.07
C LEU F 294 -11.39 -12.91 -8.09
N ASN F 295 -12.44 -12.44 -7.42
CA ASN F 295 -12.96 -11.11 -7.66
C ASN F 295 -12.25 -10.11 -6.74
N LYS F 296 -12.77 -8.88 -6.68
CA LYS F 296 -12.10 -7.82 -5.94
C LYS F 296 -12.19 -8.10 -4.45
N TYR F 297 -11.04 -8.08 -3.77
CA TYR F 297 -10.97 -8.25 -2.33
C TYR F 297 -11.81 -9.45 -1.90
N VAL F 298 -12.50 -9.37 -0.76
CA VAL F 298 -13.31 -10.47 -0.24
C VAL F 298 -14.80 -10.17 -0.30
N GLY F 299 -15.19 -9.01 -0.82
CA GLY F 299 -16.59 -8.62 -0.82
C GLY F 299 -17.40 -9.24 -1.95
N GLU F 300 -17.01 -8.97 -3.19
CA GLU F 300 -17.73 -9.46 -4.35
C GLU F 300 -17.17 -10.78 -4.87
N SER F 301 -16.20 -11.37 -4.17
CA SER F 301 -15.73 -12.71 -4.53
C SER F 301 -16.80 -13.76 -4.26
N GLU F 302 -17.83 -13.44 -3.49
CA GLU F 302 -19.01 -14.28 -3.35
C GLU F 302 -20.11 -13.90 -4.33
N ALA F 303 -19.85 -12.91 -5.19
CA ALA F 303 -20.82 -12.41 -6.14
C ALA F 303 -20.42 -12.64 -7.59
N ASN F 304 -19.14 -12.83 -7.88
CA ASN F 304 -18.70 -12.99 -9.26
C ASN F 304 -19.34 -14.20 -9.94
N ILE F 305 -19.81 -15.17 -9.16
CA ILE F 305 -20.28 -16.44 -9.69
C ILE F 305 -21.80 -16.54 -9.63
N ARG F 306 -22.46 -15.66 -8.88
CA ARG F 306 -23.91 -15.69 -8.78
C ARG F 306 -24.57 -15.43 -10.12
N LYS F 307 -23.97 -14.56 -10.94
CA LYS F 307 -24.50 -14.33 -12.27
C LYS F 307 -24.44 -15.60 -13.11
N LEU F 308 -23.30 -16.31 -13.06
CA LEU F 308 -23.16 -17.55 -13.81
C LEU F 308 -24.21 -18.56 -13.38
N PHE F 309 -24.41 -18.70 -12.07
CA PHE F 309 -25.40 -19.67 -11.61
C PHE F 309 -26.83 -19.23 -11.95
N ALA F 310 -27.12 -17.93 -11.83
CA ALA F 310 -28.46 -17.43 -12.13
C ALA F 310 -28.80 -17.62 -13.60
N ASP F 311 -27.81 -17.58 -14.48
CA ASP F 311 -28.07 -17.80 -15.89
C ASP F 311 -28.83 -19.11 -16.10
N ALA F 312 -28.36 -20.18 -15.48
CA ALA F 312 -29.04 -21.47 -15.59
C ALA F 312 -30.25 -21.56 -14.65
N GLU F 313 -30.20 -20.88 -13.50
CA GLU F 313 -31.31 -20.95 -12.56
C GLU F 313 -32.59 -20.38 -13.16
N GLU F 314 -32.48 -19.29 -13.92
CA GLU F 314 -33.66 -18.69 -14.54
C GLU F 314 -34.32 -19.69 -15.49
N GLU F 315 -33.53 -20.35 -16.32
CA GLU F 315 -34.08 -21.34 -17.24
C GLU F 315 -34.71 -22.50 -16.48
N GLN F 316 -34.04 -22.98 -15.43
CA GLN F 316 -34.57 -24.09 -14.65
C GLN F 316 -35.92 -23.72 -14.04
N ARG F 317 -36.01 -22.52 -13.47
CA ARG F 317 -37.27 -22.10 -12.87
C ARG F 317 -38.37 -21.94 -13.91
N ARG F 318 -38.04 -21.31 -15.05
CA ARG F 318 -39.06 -21.06 -16.07
C ARG F 318 -39.59 -22.37 -16.64
N LEU F 319 -38.69 -23.30 -16.96
CA LEU F 319 -39.10 -24.56 -17.56
C LEU F 319 -39.40 -25.65 -16.54
N GLY F 320 -39.17 -25.39 -15.25
CA GLY F 320 -39.44 -26.37 -14.23
C GLY F 320 -38.37 -27.45 -14.17
N ALA F 321 -38.73 -28.57 -13.55
CA ALA F 321 -37.78 -29.66 -13.35
C ALA F 321 -37.30 -30.22 -14.69
N ASN F 322 -38.22 -30.42 -15.63
CA ASN F 322 -37.87 -30.99 -16.94
C ASN F 322 -37.14 -29.93 -17.75
N SER F 323 -35.81 -30.00 -17.74
CA SER F 323 -35.00 -29.02 -18.43
C SER F 323 -33.67 -29.66 -18.83
N GLY F 324 -32.98 -29.01 -19.76
CA GLY F 324 -31.69 -29.50 -20.19
C GLY F 324 -30.63 -29.31 -19.12
N LEU F 325 -29.51 -30.02 -19.32
CA LEU F 325 -28.41 -30.00 -18.37
C LEU F 325 -27.43 -28.89 -18.75
N HIS F 326 -26.98 -28.15 -17.75
CA HIS F 326 -25.99 -27.10 -17.93
C HIS F 326 -24.65 -27.59 -17.39
N ILE F 327 -23.63 -27.55 -18.24
CA ILE F 327 -22.29 -28.03 -17.90
C ILE F 327 -21.40 -26.83 -17.66
N ILE F 328 -20.90 -26.69 -16.43
CA ILE F 328 -19.95 -25.66 -16.07
C ILE F 328 -18.59 -26.32 -15.91
N ILE F 329 -17.61 -25.85 -16.68
CA ILE F 329 -16.25 -26.38 -16.63
C ILE F 329 -15.38 -25.40 -15.85
N PHE F 330 -14.78 -25.88 -14.77
CA PHE F 330 -14.03 -25.07 -13.83
C PHE F 330 -12.61 -25.61 -13.77
N ASP F 331 -11.63 -24.73 -13.97
CA ASP F 331 -10.24 -25.13 -14.05
C ASP F 331 -9.44 -24.54 -12.89
N GLU F 332 -8.41 -25.26 -12.48
CA GLU F 332 -7.51 -24.83 -11.41
C GLU F 332 -8.28 -24.63 -10.10
N ILE F 333 -8.94 -25.70 -9.65
CA ILE F 333 -9.59 -25.67 -8.35
C ILE F 333 -8.57 -25.40 -7.25
N ASP F 334 -7.32 -25.80 -7.47
CA ASP F 334 -6.30 -25.65 -6.44
C ASP F 334 -6.10 -24.18 -6.07
N ALA F 335 -6.09 -23.29 -7.05
CA ALA F 335 -5.79 -21.89 -6.78
C ALA F 335 -6.82 -21.29 -5.83
N ILE F 336 -8.11 -21.44 -6.15
CA ILE F 336 -9.14 -20.85 -5.30
C ILE F 336 -9.24 -21.58 -3.97
N CYS F 337 -9.09 -22.90 -4.00
CA CYS F 337 -9.21 -23.71 -2.79
C CYS F 337 -7.87 -23.69 -2.05
N LYS F 338 -7.81 -22.95 -0.95
CA LYS F 338 -6.59 -22.86 -0.16
C LYS F 338 -6.88 -22.23 1.20
N THR F 347 -6.29 -13.13 2.53
CA THR F 347 -6.19 -14.57 2.38
C THR F 347 -7.53 -15.25 2.63
N GLY F 348 -8.52 -14.48 3.07
CA GLY F 348 -9.84 -15.01 3.35
C GLY F 348 -10.73 -15.16 2.14
N VAL F 349 -10.27 -14.75 0.95
CA VAL F 349 -11.08 -14.90 -0.25
C VAL F 349 -11.34 -16.37 -0.54
N HIS F 350 -10.35 -17.23 -0.29
CA HIS F 350 -10.48 -18.64 -0.60
C HIS F 350 -11.69 -19.23 0.12
N ASP F 351 -11.80 -18.99 1.42
CA ASP F 351 -12.88 -19.58 2.19
C ASP F 351 -14.24 -19.10 1.70
N THR F 352 -14.37 -17.79 1.47
CA THR F 352 -15.66 -17.25 1.04
C THR F 352 -16.06 -17.81 -0.32
N VAL F 353 -15.13 -17.83 -1.27
CA VAL F 353 -15.44 -18.34 -2.59
C VAL F 353 -15.82 -19.81 -2.52
N VAL F 354 -15.06 -20.60 -1.77
CA VAL F 354 -15.35 -22.03 -1.65
C VAL F 354 -16.73 -22.24 -1.03
N ASN F 355 -17.04 -21.48 0.03
CA ASN F 355 -18.33 -21.65 0.69
C ASN F 355 -19.47 -21.30 -0.26
N GLN F 356 -19.35 -20.20 -0.99
CA GLN F 356 -20.41 -19.82 -1.93
C GLN F 356 -20.56 -20.87 -3.03
N LEU F 357 -19.44 -21.33 -3.57
CA LEU F 357 -19.48 -22.32 -4.65
C LEU F 357 -20.15 -23.61 -4.18
N LEU F 358 -19.76 -24.10 -3.00
CA LEU F 358 -20.36 -25.33 -2.50
C LEU F 358 -21.83 -25.13 -2.13
N SER F 359 -22.19 -23.95 -1.62
CA SER F 359 -23.60 -23.69 -1.32
C SER F 359 -24.43 -23.75 -2.60
N LYS F 360 -23.93 -23.16 -3.69
CA LYS F 360 -24.70 -23.13 -4.92
C LYS F 360 -24.72 -24.48 -5.63
N ILE F 361 -23.59 -25.21 -5.63
CA ILE F 361 -23.52 -26.45 -6.39
C ILE F 361 -24.10 -27.63 -5.62
N ASP F 362 -24.17 -27.56 -4.29
CA ASP F 362 -24.66 -28.68 -3.51
C ASP F 362 -26.15 -28.94 -3.71
N GLY F 363 -26.86 -28.02 -4.35
CA GLY F 363 -28.30 -28.17 -4.48
C GLY F 363 -29.07 -27.77 -3.24
N VAL F 364 -28.45 -27.08 -2.30
CA VAL F 364 -29.14 -26.72 -1.05
C VAL F 364 -30.34 -25.85 -1.35
N GLU F 365 -30.19 -24.86 -2.24
CA GLU F 365 -31.29 -23.92 -2.47
C GLU F 365 -32.31 -24.53 -3.43
N GLN F 366 -31.95 -24.61 -4.71
CA GLN F 366 -32.61 -25.50 -5.66
C GLN F 366 -31.83 -25.56 -6.96
N LEU F 367 -31.25 -26.72 -7.28
CA LEU F 367 -30.62 -26.94 -8.57
C LEU F 367 -30.71 -28.40 -8.93
N ASN F 368 -31.16 -28.70 -10.16
CA ASN F 368 -31.14 -30.05 -10.69
C ASN F 368 -30.36 -30.15 -12.00
N ASN F 369 -29.74 -29.06 -12.46
CA ASN F 369 -29.01 -29.03 -13.72
C ASN F 369 -27.63 -28.42 -13.47
N ILE F 370 -26.68 -29.26 -13.07
CA ILE F 370 -25.30 -28.82 -12.84
C ILE F 370 -24.39 -30.02 -13.04
N LEU F 371 -23.33 -29.82 -13.81
CA LEU F 371 -22.33 -30.86 -14.11
C LEU F 371 -20.93 -30.29 -13.96
N VAL F 372 -20.68 -29.61 -12.84
CA VAL F 372 -19.38 -28.98 -12.60
C VAL F 372 -18.27 -29.97 -12.89
N ILE F 373 -17.39 -29.63 -13.83
CA ILE F 373 -16.26 -30.46 -14.21
C ILE F 373 -15.00 -29.75 -13.73
N GLY F 374 -14.35 -30.32 -12.72
CA GLY F 374 -13.19 -29.69 -12.12
C GLY F 374 -11.87 -30.24 -12.63
N MET F 375 -11.10 -29.42 -13.34
CA MET F 375 -9.81 -29.81 -13.87
C MET F 375 -8.71 -29.33 -12.95
N THR F 376 -7.71 -30.18 -12.71
CA THR F 376 -6.63 -29.81 -11.82
C THR F 376 -5.36 -30.60 -12.14
N ASN F 377 -4.27 -30.19 -11.51
CA ASN F 377 -2.98 -30.85 -11.63
C ASN F 377 -2.38 -31.28 -10.30
N ARG F 378 -2.68 -30.56 -9.20
CA ARG F 378 -2.12 -30.87 -7.90
C ARG F 378 -3.21 -31.39 -6.97
N PRO F 379 -3.27 -32.69 -6.70
CA PRO F 379 -4.32 -33.22 -5.81
C PRO F 379 -4.08 -32.95 -4.33
N ASP F 380 -2.92 -32.41 -3.96
CA ASP F 380 -2.58 -32.22 -2.55
C ASP F 380 -2.98 -30.85 -2.03
N LEU F 381 -3.57 -29.99 -2.85
CA LEU F 381 -3.95 -28.64 -2.46
C LEU F 381 -5.41 -28.39 -2.77
N ILE F 382 -6.26 -29.36 -2.43
CA ILE F 382 -7.70 -29.27 -2.62
C ILE F 382 -8.37 -29.45 -1.28
N ASP F 383 -9.28 -28.53 -0.94
CA ASP F 383 -9.95 -28.59 0.36
C ASP F 383 -10.68 -29.92 0.51
N GLU F 384 -10.48 -30.56 1.66
CA GLU F 384 -11.12 -31.85 1.90
C GLU F 384 -12.64 -31.73 1.92
N ALA F 385 -13.17 -30.60 2.40
CA ALA F 385 -14.61 -30.43 2.46
C ALA F 385 -15.23 -30.50 1.07
N LEU F 386 -14.59 -29.90 0.07
CA LEU F 386 -15.10 -29.96 -1.29
C LEU F 386 -15.15 -31.39 -1.81
N LEU F 387 -14.30 -32.27 -1.29
CA LEU F 387 -14.23 -33.65 -1.74
C LEU F 387 -15.11 -34.59 -0.93
N ARG F 388 -15.94 -34.06 -0.03
CA ARG F 388 -16.80 -34.90 0.77
C ARG F 388 -17.84 -35.60 -0.11
N PRO F 389 -18.38 -36.72 0.33
CA PRO F 389 -19.41 -37.40 -0.47
C PRO F 389 -20.59 -36.49 -0.69
N GLY F 390 -21.18 -36.58 -1.89
CA GLY F 390 -22.30 -35.76 -2.27
C GLY F 390 -21.94 -34.48 -2.97
N ARG F 391 -20.66 -34.11 -3.05
CA ARG F 391 -20.23 -32.90 -3.74
C ARG F 391 -19.38 -33.23 -4.97
N LEU F 392 -18.28 -33.95 -4.78
CA LEU F 392 -17.43 -34.43 -5.88
C LEU F 392 -17.21 -35.91 -5.65
N GLU F 393 -18.14 -36.73 -6.12
CA GLU F 393 -18.11 -38.16 -5.79
C GLU F 393 -17.07 -38.91 -6.60
N VAL F 394 -16.87 -38.53 -7.86
CA VAL F 394 -16.11 -39.32 -8.81
C VAL F 394 -14.94 -38.49 -9.35
N LYS F 395 -13.75 -39.10 -9.36
CA LYS F 395 -12.52 -38.46 -9.77
C LYS F 395 -11.71 -39.44 -10.62
N MET F 396 -10.84 -38.90 -11.46
CA MET F 396 -9.99 -39.75 -12.28
C MET F 396 -8.83 -38.94 -12.83
N GLU F 397 -7.82 -39.64 -13.33
CA GLU F 397 -6.55 -39.07 -13.73
C GLU F 397 -6.29 -39.32 -15.21
N ILE F 398 -5.66 -38.34 -15.85
CA ILE F 398 -5.19 -38.47 -17.23
C ILE F 398 -3.72 -38.86 -17.17
N GLY F 399 -3.35 -39.90 -17.90
CA GLY F 399 -2.00 -40.42 -17.89
C GLY F 399 -1.19 -39.96 -19.08
N LEU F 400 -0.19 -40.76 -19.44
CA LEU F 400 0.70 -40.43 -20.53
C LEU F 400 -0.03 -40.56 -21.87
N PRO F 401 0.50 -39.92 -22.92
CA PRO F 401 -0.15 -40.03 -24.24
C PRO F 401 -0.18 -41.45 -24.80
N ASP F 402 0.60 -42.38 -24.23
CA ASP F 402 0.58 -43.77 -24.64
C ASP F 402 1.27 -43.94 -26.00
N GLU F 403 2.06 -45.01 -26.14
CA GLU F 403 2.74 -45.26 -27.41
C GLU F 403 1.74 -45.44 -28.53
N LYS F 404 0.68 -46.23 -28.29
CA LYS F 404 -0.35 -46.40 -29.31
C LYS F 404 -1.15 -45.12 -29.51
N GLY F 405 -1.45 -44.40 -28.43
CA GLY F 405 -2.09 -43.10 -28.58
C GLY F 405 -1.19 -42.11 -29.29
N ARG F 406 0.11 -42.15 -29.01
CA ARG F 406 1.06 -41.33 -29.74
C ARG F 406 1.02 -41.66 -31.23
N LEU F 407 1.00 -42.95 -31.56
CA LEU F 407 0.90 -43.37 -32.96
C LEU F 407 -0.39 -42.84 -33.59
N GLN F 408 -1.51 -42.91 -32.86
CA GLN F 408 -2.78 -42.47 -33.41
C GLN F 408 -2.78 -40.98 -33.68
N ILE F 409 -2.29 -40.18 -32.72
CA ILE F 409 -2.25 -38.73 -32.93
C ILE F 409 -1.32 -38.38 -34.08
N LEU F 410 -0.17 -39.05 -34.15
CA LEU F 410 0.76 -38.80 -35.25
C LEU F 410 0.15 -39.19 -36.59
N HIS F 411 -0.63 -40.27 -36.61
CA HIS F 411 -1.30 -40.67 -37.84
C HIS F 411 -2.35 -39.64 -38.26
N ILE F 412 -3.09 -39.10 -37.29
CA ILE F 412 -4.05 -38.05 -37.61
C ILE F 412 -3.34 -36.84 -38.21
N HIS F 413 -2.24 -36.43 -37.58
CA HIS F 413 -1.51 -35.27 -38.07
C HIS F 413 -0.91 -35.54 -39.45
N THR F 414 -0.40 -36.75 -39.68
CA THR F 414 0.16 -37.08 -40.98
C THR F 414 -0.92 -37.11 -42.05
N ALA F 415 -2.13 -37.54 -41.70
CA ALA F 415 -3.24 -37.42 -42.63
C ALA F 415 -3.51 -35.95 -42.94
N ARG F 416 -3.48 -35.10 -41.92
CA ARG F 416 -3.66 -33.67 -42.15
C ARG F 416 -2.65 -33.14 -43.15
N MET F 417 -1.36 -33.39 -42.91
CA MET F 417 -0.35 -32.89 -43.85
C MET F 417 -0.50 -33.51 -45.23
N ARG F 418 -0.71 -34.83 -45.30
CA ARG F 418 -0.82 -35.51 -46.58
C ARG F 418 -2.04 -35.05 -47.37
N GLY F 419 -3.01 -34.41 -46.71
CA GLY F 419 -4.14 -33.86 -47.43
C GLY F 419 -3.73 -33.09 -48.67
N HIS F 420 -2.51 -32.54 -48.68
CA HIS F 420 -1.97 -31.85 -49.85
C HIS F 420 -0.72 -32.53 -50.39
N GLN F 421 -0.56 -33.82 -50.12
CA GLN F 421 0.53 -34.64 -50.68
C GLN F 421 1.91 -34.00 -50.47
N LEU F 422 2.03 -33.09 -49.50
CA LEU F 422 3.32 -32.48 -49.25
C LEU F 422 4.30 -33.46 -48.61
N LEU F 423 3.79 -34.41 -47.84
CA LEU F 423 4.64 -35.37 -47.15
C LEU F 423 5.32 -36.30 -48.13
N SER F 424 6.62 -36.51 -47.96
CA SER F 424 7.36 -37.42 -48.81
C SER F 424 7.18 -38.85 -48.33
N ALA F 425 7.10 -39.78 -49.29
CA ALA F 425 6.83 -41.17 -48.94
C ALA F 425 7.91 -41.77 -48.05
N ASP F 426 9.13 -41.23 -48.08
CA ASP F 426 10.19 -41.75 -47.23
C ASP F 426 9.81 -41.71 -45.76
N VAL F 427 8.97 -40.75 -45.37
CA VAL F 427 8.58 -40.62 -43.97
C VAL F 427 7.74 -41.83 -43.55
N ASP F 428 7.98 -42.32 -42.34
CA ASP F 428 7.22 -43.41 -41.75
C ASP F 428 6.86 -43.06 -40.32
N ILE F 429 5.57 -43.24 -39.99
CA ILE F 429 5.11 -42.89 -38.65
C ILE F 429 5.72 -43.81 -37.61
N LYS F 430 5.94 -45.08 -37.95
CA LYS F 430 6.36 -46.06 -36.94
C LYS F 430 7.73 -45.71 -36.37
N GLU F 431 8.72 -45.46 -37.24
CA GLU F 431 10.06 -45.18 -36.75
C GLU F 431 10.10 -43.87 -35.97
N LEU F 432 9.39 -42.84 -36.46
CA LEU F 432 9.35 -41.57 -35.75
C LEU F 432 8.73 -41.76 -34.37
N ALA F 433 7.64 -42.52 -34.28
CA ALA F 433 7.02 -42.77 -32.99
C ALA F 433 7.96 -43.52 -32.05
N VAL F 434 8.71 -44.49 -32.60
CA VAL F 434 9.68 -45.20 -31.79
C VAL F 434 10.73 -44.25 -31.25
N GLU F 435 11.25 -43.37 -32.12
CA GLU F 435 12.28 -42.42 -31.68
C GLU F 435 11.74 -41.47 -30.62
N THR F 436 10.59 -40.85 -30.90
CA THR F 436 10.00 -39.91 -29.95
C THR F 436 9.36 -40.68 -28.80
N LYS F 437 9.70 -40.30 -27.57
CA LYS F 437 9.25 -41.00 -26.38
C LYS F 437 8.61 -40.01 -25.41
N ASN F 438 7.34 -40.27 -25.07
CA ASN F 438 6.61 -39.44 -24.10
C ASN F 438 6.57 -37.97 -24.51
N PHE F 439 6.38 -37.73 -25.80
CA PHE F 439 6.15 -36.39 -26.32
C PHE F 439 4.65 -36.12 -26.37
N SER F 440 4.19 -35.18 -25.57
CA SER F 440 2.76 -34.86 -25.54
C SER F 440 2.31 -34.39 -26.93
N GLY F 441 0.99 -34.35 -27.10
CA GLY F 441 0.45 -33.91 -28.38
C GLY F 441 0.93 -32.53 -28.76
N ALA F 442 0.97 -31.62 -27.79
CA ALA F 442 1.54 -30.29 -28.03
C ALA F 442 3.02 -30.40 -28.38
N GLU F 443 3.76 -31.26 -27.68
CA GLU F 443 5.18 -31.43 -27.97
C GLU F 443 5.39 -32.04 -29.35
N LEU F 444 4.56 -33.02 -29.73
CA LEU F 444 4.67 -33.59 -31.06
C LEU F 444 4.35 -32.54 -32.13
N GLU F 445 3.33 -31.72 -31.88
CA GLU F 445 3.01 -30.64 -32.82
C GLU F 445 4.17 -29.67 -32.94
N GLY F 446 4.81 -29.33 -31.83
CA GLY F 446 5.96 -28.45 -31.89
C GLY F 446 7.12 -29.07 -32.66
N LEU F 447 7.34 -30.37 -32.48
CA LEU F 447 8.36 -31.07 -33.25
C LEU F 447 8.06 -30.99 -34.74
N VAL F 448 6.79 -31.21 -35.11
CA VAL F 448 6.41 -31.12 -36.52
C VAL F 448 6.64 -29.71 -37.04
N ARG F 449 6.31 -28.70 -36.23
CA ARG F 449 6.54 -27.31 -36.64
C ARG F 449 8.02 -27.04 -36.86
N ALA F 450 8.86 -27.55 -35.96
CA ALA F 450 10.31 -27.37 -36.11
C ALA F 450 10.81 -28.04 -37.38
N ALA F 451 10.29 -29.24 -37.67
CA ALA F 451 10.65 -29.90 -38.92
C ALA F 451 10.26 -29.06 -40.12
N GLN F 452 9.05 -28.50 -40.08
CA GLN F 452 8.61 -27.59 -41.14
C GLN F 452 9.60 -26.44 -41.30
N SER F 453 9.97 -25.81 -40.17
CA SER F 453 10.84 -24.64 -40.23
C SER F 453 12.19 -24.99 -40.82
N THR F 454 12.80 -26.10 -40.39
CA THR F 454 14.12 -26.46 -40.91
C THR F 454 14.04 -26.83 -42.38
N ALA F 455 13.01 -27.57 -42.79
CA ALA F 455 12.86 -27.92 -44.20
C ALA F 455 12.69 -26.68 -45.05
N MET F 456 11.87 -25.73 -44.58
CA MET F 456 11.67 -24.49 -45.33
C MET F 456 12.94 -23.64 -45.38
N ASN F 457 13.73 -23.64 -44.30
CA ASN F 457 15.00 -22.92 -44.33
C ASN F 457 15.94 -23.54 -45.37
N ARG F 458 16.02 -24.87 -45.39
CA ARG F 458 16.80 -25.54 -46.44
C ARG F 458 16.27 -25.16 -47.82
N HIS F 459 14.94 -25.04 -47.95
CA HIS F 459 14.36 -24.68 -49.24
C HIS F 459 14.81 -23.30 -49.68
N ILE F 460 14.66 -22.30 -48.81
CA ILE F 460 15.00 -20.94 -49.20
C ILE F 460 16.50 -20.80 -49.44
N LYS F 461 17.31 -21.46 -48.62
CA LYS F 461 18.76 -21.37 -48.79
C LYS F 461 19.24 -22.00 -50.10
N ALA F 462 18.40 -22.77 -50.78
CA ALA F 462 18.76 -23.36 -52.05
C ALA F 462 19.24 -22.30 -53.03
N MET F 470 11.40 -20.61 -59.42
CA MET F 470 10.23 -21.06 -58.68
C MET F 470 10.08 -22.58 -58.75
N GLU F 471 10.98 -23.22 -59.51
CA GLU F 471 10.96 -24.68 -59.59
C GLU F 471 11.10 -25.32 -58.21
N LYS F 472 11.91 -24.71 -57.34
CA LYS F 472 12.03 -25.20 -55.98
C LYS F 472 10.67 -25.21 -55.29
N ALA F 473 9.93 -24.11 -55.40
CA ALA F 473 8.61 -24.05 -54.77
C ALA F 473 7.73 -25.19 -55.24
N GLU F 474 7.76 -25.49 -56.53
CA GLU F 474 7.01 -26.64 -57.05
C GLU F 474 7.56 -27.96 -56.50
N SER F 475 8.84 -27.99 -56.16
CA SER F 475 9.50 -29.20 -55.66
C SER F 475 9.48 -29.28 -54.13
N LEU F 476 8.55 -28.60 -53.47
CA LEU F 476 8.53 -28.58 -52.01
C LEU F 476 8.23 -29.98 -51.48
N GLN F 477 9.05 -30.45 -50.54
CA GLN F 477 8.84 -31.73 -49.89
C GLN F 477 9.53 -31.72 -48.54
N VAL F 478 9.04 -32.55 -47.62
CA VAL F 478 9.60 -32.71 -46.29
C VAL F 478 10.18 -34.12 -46.18
N THR F 479 11.41 -34.22 -45.70
CA THR F 479 12.13 -35.48 -45.67
C THR F 479 12.33 -35.94 -44.23
N ARG F 480 12.72 -37.21 -44.09
CA ARG F 480 12.96 -37.79 -42.77
C ARG F 480 14.11 -37.08 -42.06
N GLY F 481 15.14 -36.68 -42.81
CA GLY F 481 16.28 -36.02 -42.20
C GLY F 481 15.87 -34.76 -41.43
N ASP F 482 14.93 -34.00 -41.98
CA ASP F 482 14.46 -32.81 -41.29
C ASP F 482 13.80 -33.18 -39.96
N PHE F 483 12.99 -34.23 -39.96
CA PHE F 483 12.36 -34.68 -38.72
C PHE F 483 13.42 -35.07 -37.68
N LEU F 484 14.42 -35.84 -38.12
CA LEU F 484 15.47 -36.26 -37.19
C LEU F 484 16.23 -35.05 -36.64
N ALA F 485 16.57 -34.09 -37.51
CA ALA F 485 17.29 -32.92 -37.07
C ALA F 485 16.48 -32.12 -36.07
N SER F 486 15.20 -31.91 -36.34
CA SER F 486 14.36 -31.17 -35.41
C SER F 486 14.24 -31.91 -34.07
N LEU F 487 14.08 -33.23 -34.12
CA LEU F 487 13.97 -34.00 -32.88
C LEU F 487 15.24 -33.87 -32.05
N GLU F 488 16.40 -34.00 -32.68
CA GLU F 488 17.65 -34.00 -31.93
C GLU F 488 18.06 -32.60 -31.48
N ASN F 489 17.66 -31.56 -32.21
CA ASN F 489 18.15 -30.21 -31.96
C ASN F 489 17.16 -29.35 -31.17
N ASP F 490 15.94 -29.20 -31.68
CA ASP F 490 15.04 -28.17 -31.18
C ASP F 490 14.19 -28.64 -29.99
N ILE F 491 13.66 -29.85 -30.04
CA ILE F 491 12.74 -30.34 -29.01
C ILE F 491 13.50 -31.24 -28.05
N LYS F 492 13.34 -30.98 -26.75
CA LYS F 492 13.95 -31.79 -25.71
C LYS F 492 12.93 -32.78 -25.17
N PRO F 493 13.27 -34.06 -25.00
CA PRO F 493 12.28 -35.03 -24.51
C PRO F 493 11.89 -34.77 -23.06
N ALA F 494 10.95 -35.55 -22.54
CA ALA F 494 10.50 -35.43 -21.15
C ALA F 494 10.84 -36.66 -20.34
N PHE F 495 10.41 -37.85 -20.77
CA PHE F 495 10.58 -39.08 -20.03
C PHE F 495 11.22 -40.12 -20.93
N GLY F 496 12.09 -40.95 -20.35
CA GLY F 496 12.74 -42.01 -21.10
C GLY F 496 14.24 -42.07 -20.89
N THR F 497 14.74 -41.35 -19.88
CA THR F 497 16.17 -41.33 -19.62
C THR F 497 16.72 -42.71 -19.27
N ASN F 498 15.84 -43.63 -18.88
CA ASN F 498 16.30 -44.92 -18.36
C ASN F 498 17.03 -45.72 -19.43
N GLN F 499 16.57 -45.66 -20.68
CA GLN F 499 17.08 -46.56 -21.72
C GLN F 499 18.49 -46.20 -22.17
N GLU F 500 18.80 -44.90 -22.29
CA GLU F 500 20.17 -44.55 -22.66
C GLU F 500 21.18 -44.93 -21.58
N ASP F 501 20.81 -44.77 -20.30
CA ASP F 501 21.65 -45.31 -19.23
C ASP F 501 21.74 -46.83 -19.32
N TYR F 502 20.62 -47.47 -19.62
CA TYR F 502 20.55 -48.91 -19.80
C TYR F 502 21.54 -49.40 -20.85
N ALA F 503 21.69 -48.65 -21.93
CA ALA F 503 22.73 -48.93 -22.92
C ALA F 503 24.12 -48.59 -22.38
N SER F 504 24.23 -47.48 -21.65
CA SER F 504 25.52 -47.02 -21.15
C SER F 504 26.17 -48.04 -20.22
N TYR F 505 25.37 -48.76 -19.43
CA TYR F 505 25.93 -49.71 -18.49
C TYR F 505 26.78 -50.76 -19.20
N ILE F 506 26.31 -51.26 -20.34
CA ILE F 506 27.06 -52.23 -21.13
C ILE F 506 27.82 -51.45 -22.20
N MET F 507 29.13 -51.29 -22.01
CA MET F 507 29.93 -50.37 -22.81
C MET F 507 30.92 -51.04 -23.73
N ASN F 508 31.39 -52.25 -23.43
CA ASN F 508 32.15 -53.05 -24.37
C ASN F 508 31.49 -54.41 -24.63
N GLY F 509 30.19 -54.49 -24.45
CA GLY F 509 29.48 -55.72 -24.75
C GLY F 509 30.02 -56.90 -23.96
N ILE F 510 29.49 -58.07 -24.30
CA ILE F 510 29.84 -59.33 -23.65
C ILE F 510 30.70 -60.14 -24.61
N ILE F 511 31.92 -60.44 -24.19
CA ILE F 511 32.84 -61.27 -24.97
C ILE F 511 32.99 -62.59 -24.23
N LYS F 512 32.58 -63.67 -24.87
CA LYS F 512 32.72 -64.99 -24.26
C LYS F 512 34.19 -65.34 -24.14
N TRP F 513 34.58 -65.85 -22.97
CA TRP F 513 35.92 -66.37 -22.78
C TRP F 513 35.95 -67.74 -22.10
N GLY F 514 34.83 -68.23 -21.59
CA GLY F 514 34.83 -69.53 -20.94
C GLY F 514 33.42 -70.02 -20.69
N ASP F 515 33.35 -71.20 -20.09
CA ASP F 515 32.05 -71.81 -19.80
C ASP F 515 31.16 -70.95 -18.92
N PRO F 516 31.66 -70.28 -17.87
CA PRO F 516 30.74 -69.63 -16.92
C PRO F 516 29.71 -68.70 -17.56
N VAL F 517 30.08 -67.97 -18.61
CA VAL F 517 29.14 -67.04 -19.24
C VAL F 517 27.91 -67.80 -19.75
N THR F 518 28.14 -68.92 -20.43
CA THR F 518 27.03 -69.70 -20.95
C THR F 518 26.15 -70.23 -19.82
N ARG F 519 26.77 -70.72 -18.75
CA ARG F 519 25.99 -71.26 -17.64
C ARG F 519 25.13 -70.19 -17.00
N VAL F 520 25.70 -69.02 -16.75
CA VAL F 520 24.94 -67.95 -16.11
C VAL F 520 23.81 -67.49 -17.01
N LEU F 521 24.08 -67.36 -18.32
CA LEU F 521 23.02 -66.96 -19.23
C LEU F 521 21.89 -67.98 -19.25
N ASP F 522 22.22 -69.27 -19.29
CA ASP F 522 21.19 -70.30 -19.29
C ASP F 522 20.39 -70.26 -17.99
N ASP F 523 21.06 -70.09 -16.85
CA ASP F 523 20.34 -70.03 -15.58
C ASP F 523 19.40 -68.84 -15.54
N GLY F 524 19.87 -67.68 -16.01
CA GLY F 524 19.00 -66.51 -16.06
C GLY F 524 17.80 -66.73 -16.96
N GLU F 525 18.01 -67.35 -18.12
CA GLU F 525 16.89 -67.64 -19.01
C GLU F 525 15.90 -68.58 -18.36
N LEU F 526 16.40 -69.60 -17.66
CA LEU F 526 15.51 -70.53 -16.97
C LEU F 526 14.70 -69.83 -15.90
N LEU F 527 15.33 -68.95 -15.13
CA LEU F 527 14.59 -68.21 -14.10
C LEU F 527 13.54 -67.30 -14.72
N VAL F 528 13.89 -66.64 -15.82
CA VAL F 528 12.93 -65.78 -16.50
C VAL F 528 11.74 -66.59 -16.97
N GLN F 529 11.99 -67.76 -17.56
N GLN F 529 11.99 -67.76 -17.57
CA GLN F 529 10.90 -68.62 -18.01
CA GLN F 529 10.90 -68.62 -18.01
C GLN F 529 10.05 -69.09 -16.83
C GLN F 529 10.04 -69.06 -16.83
N GLN F 530 10.68 -69.43 -15.72
CA GLN F 530 9.93 -69.88 -14.55
C GLN F 530 9.00 -68.78 -14.06
N THR F 531 9.49 -67.55 -13.97
CA THR F 531 8.65 -66.46 -13.46
C THR F 531 7.59 -66.04 -14.48
N LYS F 532 7.85 -66.23 -15.78
CA LYS F 532 6.92 -65.77 -16.79
C LYS F 532 5.58 -66.48 -16.67
N ASN F 533 5.59 -67.80 -16.49
CA ASN F 533 4.37 -68.61 -16.47
C ASN F 533 4.45 -69.56 -15.28
N SER F 534 3.93 -69.11 -14.14
CA SER F 534 3.88 -69.94 -12.95
C SER F 534 2.79 -69.43 -12.03
N ASP F 535 2.24 -70.34 -11.24
CA ASP F 535 1.23 -70.03 -10.23
C ASP F 535 1.81 -70.27 -8.84
N ARG F 536 1.08 -69.84 -7.82
CA ARG F 536 1.43 -70.06 -6.42
C ARG F 536 2.86 -69.62 -6.11
N THR F 537 3.43 -68.75 -6.93
CA THR F 537 4.79 -68.25 -6.71
C THR F 537 5.01 -66.96 -7.50
N PRO F 538 4.32 -65.88 -7.14
CA PRO F 538 4.42 -64.63 -7.91
C PRO F 538 5.65 -63.79 -7.59
N LEU F 539 6.61 -64.31 -6.84
CA LEU F 539 7.81 -63.56 -6.49
C LEU F 539 9.03 -64.46 -6.63
N VAL F 540 10.12 -63.90 -7.14
CA VAL F 540 11.37 -64.62 -7.32
C VAL F 540 12.53 -63.67 -7.05
N SER F 541 13.58 -64.18 -6.41
CA SER F 541 14.73 -63.38 -6.03
C SER F 541 16.01 -64.10 -6.43
N VAL F 542 17.02 -63.33 -6.84
CA VAL F 542 18.31 -63.85 -7.24
C VAL F 542 19.39 -63.00 -6.59
N LEU F 543 20.58 -63.58 -6.46
CA LEU F 543 21.71 -62.89 -5.84
C LEU F 543 22.99 -63.26 -6.57
N LEU F 544 23.66 -62.25 -7.13
CA LEU F 544 24.94 -62.44 -7.81
C LEU F 544 26.06 -61.94 -6.90
N GLU F 545 27.05 -62.80 -6.67
CA GLU F 545 28.17 -62.46 -5.80
C GLU F 545 29.46 -62.95 -6.45
N GLY F 546 30.56 -62.26 -6.12
CA GLY F 546 31.86 -62.63 -6.62
C GLY F 546 32.94 -61.63 -6.22
N PRO F 547 34.17 -61.91 -6.62
CA PRO F 547 35.28 -60.99 -6.32
C PRO F 547 35.11 -59.67 -7.06
N PRO F 548 35.70 -58.60 -6.55
CA PRO F 548 35.51 -57.29 -7.18
C PRO F 548 36.11 -57.25 -8.57
N HIS F 549 35.56 -56.37 -9.41
CA HIS F 549 35.99 -56.18 -10.79
C HIS F 549 35.80 -57.43 -11.64
N SER F 550 34.88 -58.31 -11.25
CA SER F 550 34.62 -59.54 -11.98
C SER F 550 33.57 -59.38 -13.06
N GLY F 551 32.96 -58.20 -13.20
CA GLY F 551 31.97 -57.97 -14.23
C GLY F 551 30.61 -58.53 -13.87
N LYS F 552 30.00 -58.02 -12.80
CA LYS F 552 28.69 -58.47 -12.36
C LYS F 552 27.56 -57.63 -12.96
N THR F 553 27.71 -56.29 -12.90
CA THR F 553 26.63 -55.42 -13.34
C THR F 553 26.27 -55.66 -14.80
N ALA F 554 27.28 -55.79 -15.66
CA ALA F 554 27.02 -55.99 -17.08
C ALA F 554 26.23 -57.27 -17.32
N LEU F 555 26.57 -58.34 -16.60
CA LEU F 555 25.85 -59.59 -16.76
C LEU F 555 24.39 -59.44 -16.39
N ALA F 556 24.11 -58.75 -15.28
CA ALA F 556 22.72 -58.54 -14.89
C ALA F 556 21.98 -57.73 -15.93
N ALA F 557 22.61 -56.67 -16.44
CA ALA F 557 21.96 -55.86 -17.47
C ALA F 557 21.66 -56.68 -18.72
N LYS F 558 22.61 -57.52 -19.13
CA LYS F 558 22.39 -58.36 -20.30
C LYS F 558 21.29 -59.38 -20.06
N ILE F 559 21.24 -59.96 -18.86
CA ILE F 559 20.16 -60.89 -18.54
C ILE F 559 18.82 -60.19 -18.64
N ALA F 560 18.74 -58.95 -18.14
CA ALA F 560 17.51 -58.18 -18.26
C ALA F 560 17.16 -57.94 -19.73
N GLU F 561 18.17 -57.61 -20.55
CA GLU F 561 17.91 -57.27 -21.95
C GLU F 561 17.43 -58.49 -22.73
N GLU F 562 17.98 -59.67 -22.44
CA GLU F 562 17.53 -60.86 -23.16
C GLU F 562 16.02 -61.04 -23.04
N SER F 563 15.47 -60.74 -21.87
CA SER F 563 14.03 -60.76 -21.69
C SER F 563 13.37 -59.61 -22.44
N ASN F 564 12.07 -59.76 -22.69
CA ASN F 564 11.27 -58.77 -23.39
C ASN F 564 10.18 -58.22 -22.48
N PHE F 565 10.51 -58.01 -21.20
CA PHE F 565 9.51 -57.55 -20.25
C PHE F 565 9.08 -56.13 -20.60
N PRO F 566 7.78 -55.82 -20.55
CA PRO F 566 7.34 -54.46 -20.89
C PRO F 566 7.96 -53.38 -20.02
N PHE F 567 8.19 -53.66 -18.73
CA PHE F 567 8.70 -52.68 -17.79
C PHE F 567 10.04 -53.13 -17.25
N ILE F 568 11.02 -52.23 -17.29
CA ILE F 568 12.36 -52.50 -16.77
C ILE F 568 12.90 -51.20 -16.18
N LYS F 569 13.73 -51.34 -15.14
CA LYS F 569 14.33 -50.19 -14.50
C LYS F 569 15.56 -50.63 -13.73
N ILE F 570 16.51 -49.72 -13.58
CA ILE F 570 17.73 -49.96 -12.83
C ILE F 570 17.91 -48.83 -11.82
N CYS F 571 18.14 -49.19 -10.56
CA CYS F 571 18.41 -48.23 -9.51
C CYS F 571 19.86 -48.38 -9.06
N SER F 572 20.61 -47.29 -9.12
CA SER F 572 22.02 -47.28 -8.77
C SER F 572 22.33 -46.09 -7.87
N PRO F 573 23.32 -46.20 -6.99
CA PRO F 573 23.61 -45.08 -6.09
C PRO F 573 24.14 -43.84 -6.79
N ASP F 574 24.61 -44.01 -8.02
CA ASP F 574 25.18 -42.88 -8.80
C ASP F 574 24.22 -41.70 -8.77
N LYS F 575 22.94 -41.95 -8.97
CA LYS F 575 21.92 -40.91 -9.10
C LYS F 575 21.29 -40.51 -7.77
N MET F 576 21.73 -41.11 -6.66
CA MET F 576 21.22 -40.79 -5.33
C MET F 576 22.34 -40.25 -4.46
N ILE F 577 23.35 -39.67 -5.10
CA ILE F 577 24.56 -39.22 -4.42
C ILE F 577 24.25 -38.01 -3.56
N GLY F 578 24.76 -38.01 -2.33
CA GLY F 578 24.58 -36.90 -1.42
C GLY F 578 23.23 -36.84 -0.74
N PHE F 579 22.38 -37.84 -0.94
CA PHE F 579 21.04 -37.85 -0.37
C PHE F 579 21.11 -38.26 1.10
N SER F 580 19.97 -38.22 1.76
CA SER F 580 19.83 -38.66 3.14
C SER F 580 19.10 -40.01 3.17
N GLU F 581 19.06 -40.60 4.37
CA GLU F 581 18.50 -41.94 4.52
C GLU F 581 17.02 -41.94 4.16
N THR F 582 16.28 -40.95 4.66
CA THR F 582 14.85 -40.87 4.34
C THR F 582 14.65 -40.71 2.85
N ALA F 583 15.48 -39.90 2.20
CA ALA F 583 15.39 -39.75 0.75
C ALA F 583 15.64 -41.09 0.04
N LYS F 584 16.63 -41.85 0.52
CA LYS F 584 16.92 -43.14 -0.10
C LYS F 584 15.72 -44.08 0.02
N CYS F 585 15.13 -44.16 1.21
CA CYS F 585 14.00 -45.06 1.41
C CYS F 585 12.81 -44.61 0.57
N GLN F 586 12.57 -43.30 0.50
CA GLN F 586 11.48 -42.80 -0.33
C GLN F 586 11.70 -43.13 -1.80
N ALA F 587 12.94 -43.00 -2.28
CA ALA F 587 13.22 -43.33 -3.67
C ALA F 587 12.99 -44.81 -3.94
N MET F 588 13.45 -45.68 -3.05
CA MET F 588 13.20 -47.11 -3.22
C MET F 588 11.71 -47.40 -3.25
N LYS F 589 10.96 -46.79 -2.33
CA LYS F 589 9.52 -46.98 -2.29
C LYS F 589 8.87 -46.54 -3.60
N LYS F 590 9.28 -45.39 -4.12
CA LYS F 590 8.71 -44.91 -5.37
C LYS F 590 9.02 -45.84 -6.52
N ILE F 591 10.26 -46.34 -6.59
CA ILE F 591 10.64 -47.23 -7.70
C ILE F 591 9.79 -48.50 -7.65
N PHE F 592 9.67 -49.10 -6.47
CA PHE F 592 8.87 -50.33 -6.38
C PHE F 592 7.40 -50.06 -6.65
N ASP F 593 6.88 -48.91 -6.18
CA ASP F 593 5.49 -48.58 -6.45
C ASP F 593 5.24 -48.45 -7.95
N ASP F 594 6.15 -47.79 -8.66
CA ASP F 594 6.02 -47.69 -10.11
C ASP F 594 6.08 -49.07 -10.75
N ALA F 595 7.00 -49.92 -10.30
CA ALA F 595 7.13 -51.25 -10.88
C ALA F 595 5.92 -52.13 -10.57
N TYR F 596 5.15 -51.80 -9.54
CA TYR F 596 4.01 -52.63 -9.14
C TYR F 596 2.86 -52.58 -10.14
N LYS F 597 2.88 -51.65 -11.09
CA LYS F 597 1.69 -51.43 -11.92
C LYS F 597 1.62 -52.39 -13.09
N SER F 598 2.73 -52.60 -13.80
CA SER F 598 2.69 -53.46 -14.97
C SER F 598 2.32 -54.89 -14.58
N GLN F 599 1.88 -55.65 -15.58
CA GLN F 599 1.47 -57.03 -15.33
C GLN F 599 2.65 -57.88 -14.88
N LEU F 600 3.81 -57.67 -15.48
CA LEU F 600 5.03 -58.36 -15.07
C LEU F 600 6.20 -57.41 -15.28
N SER F 601 7.17 -57.49 -14.38
CA SER F 601 8.28 -56.54 -14.40
C SER F 601 9.51 -57.19 -13.77
N CYS F 602 10.66 -56.58 -14.02
CA CYS F 602 11.93 -56.98 -13.44
C CYS F 602 12.64 -55.76 -12.91
N VAL F 603 13.34 -55.92 -11.79
CA VAL F 603 14.05 -54.83 -11.14
C VAL F 603 15.46 -55.30 -10.78
N VAL F 604 16.40 -54.36 -10.81
CA VAL F 604 17.81 -54.64 -10.64
C VAL F 604 18.36 -53.73 -9.55
N VAL F 605 19.07 -54.32 -8.59
CA VAL F 605 19.80 -53.57 -7.56
C VAL F 605 21.26 -53.95 -7.67
N ASP F 606 22.13 -52.96 -7.86
CA ASP F 606 23.55 -53.18 -8.02
C ASP F 606 24.32 -52.46 -6.93
N ASP F 607 25.47 -53.04 -6.57
CA ASP F 607 26.31 -52.50 -5.50
C ASP F 607 25.48 -52.29 -4.23
N ILE F 608 24.98 -53.41 -3.70
CA ILE F 608 24.13 -53.35 -2.52
C ILE F 608 24.86 -52.65 -1.39
N GLU F 609 26.15 -52.93 -1.23
CA GLU F 609 26.92 -52.32 -0.16
C GLU F 609 26.93 -50.81 -0.24
N ARG F 610 26.66 -50.24 -1.41
CA ARG F 610 26.59 -48.79 -1.55
C ARG F 610 25.20 -48.25 -1.23
N LEU F 611 24.15 -49.04 -1.44
CA LEU F 611 22.81 -48.58 -1.06
C LEU F 611 22.76 -48.31 0.44
N LEU F 612 23.30 -49.23 1.24
CA LEU F 612 23.46 -49.02 2.67
C LEU F 612 24.94 -48.83 2.94
N ASP F 613 25.30 -47.67 3.46
CA ASP F 613 26.70 -47.39 3.78
C ASP F 613 27.31 -48.55 4.57
N TYR F 614 28.54 -48.91 4.20
CA TYR F 614 29.27 -49.95 4.92
C TYR F 614 30.74 -49.60 4.96
N VAL F 615 31.35 -49.79 6.13
CA VAL F 615 32.78 -49.57 6.32
C VAL F 615 33.30 -50.61 7.31
N PRO F 616 34.46 -51.24 7.06
CA PRO F 616 34.93 -52.28 7.98
C PRO F 616 35.09 -51.81 9.41
N ILE F 617 35.46 -50.55 9.63
CA ILE F 617 35.63 -50.05 10.99
C ILE F 617 34.27 -49.93 11.67
N GLY F 618 34.23 -50.30 12.95
CA GLY F 618 33.01 -50.39 13.71
C GLY F 618 32.42 -51.80 13.80
N PRO F 619 31.78 -52.31 12.74
CA PRO F 619 31.43 -51.70 11.45
C PRO F 619 30.30 -50.69 11.59
N ARG F 620 30.05 -49.89 10.55
CA ARG F 620 29.02 -48.86 10.57
C ARG F 620 28.14 -49.01 9.33
N PHE F 621 26.86 -48.70 9.49
CA PHE F 621 25.92 -48.74 8.38
C PHE F 621 24.62 -48.09 8.82
N SER F 622 23.75 -47.84 7.84
CA SER F 622 22.45 -47.22 8.09
C SER F 622 21.39 -48.32 8.24
N ASN F 623 20.72 -48.34 9.39
CA ASN F 623 19.79 -49.41 9.70
C ASN F 623 18.47 -49.27 8.95
N LEU F 624 18.00 -48.03 8.74
CA LEU F 624 16.68 -47.82 8.17
C LEU F 624 16.59 -48.40 6.76
N VAL F 625 17.62 -48.17 5.95
CA VAL F 625 17.61 -48.69 4.58
C VAL F 625 17.60 -50.22 4.59
N LEU F 626 18.38 -50.82 5.49
CA LEU F 626 18.39 -52.28 5.59
C LEU F 626 17.00 -52.81 5.95
N GLN F 627 16.34 -52.17 6.91
CA GLN F 627 15.01 -52.61 7.29
C GLN F 627 14.04 -52.48 6.13
N ALA F 628 14.09 -51.35 5.41
CA ALA F 628 13.19 -51.16 4.28
C ALA F 628 13.42 -52.23 3.22
N LEU F 629 14.69 -52.51 2.90
CA LEU F 629 14.99 -53.52 1.88
C LEU F 629 14.53 -54.90 2.32
N LEU F 630 14.77 -55.25 3.58
CA LEU F 630 14.35 -56.56 4.07
C LEU F 630 12.84 -56.71 4.02
N VAL F 631 12.10 -55.67 4.41
CA VAL F 631 10.65 -55.73 4.33
C VAL F 631 10.19 -55.88 2.89
N LEU F 632 10.79 -55.10 1.97
CA LEU F 632 10.31 -55.09 0.60
C LEU F 632 10.63 -56.39 -0.14
N LEU F 633 11.75 -57.04 0.18
CA LEU F 633 12.20 -58.19 -0.60
C LEU F 633 11.27 -59.40 -0.52
N LYS F 634 10.32 -59.41 0.39
CA LYS F 634 9.38 -60.51 0.57
C LYS F 634 7.96 -59.97 0.53
N LYS F 635 7.67 -59.16 -0.49
CA LYS F 635 6.36 -58.56 -0.66
C LYS F 635 5.71 -59.06 -1.94
N ALA F 636 4.64 -59.82 -1.82
CA ALA F 636 3.93 -60.24 -3.02
C ALA F 636 3.17 -59.04 -3.58
N PRO F 637 3.15 -58.86 -4.90
CA PRO F 637 2.40 -57.74 -5.47
C PRO F 637 0.91 -58.01 -5.38
N PRO F 638 0.07 -57.07 -5.83
CA PRO F 638 -1.37 -57.33 -5.84
C PRO F 638 -1.68 -58.60 -6.63
N GLN F 639 -2.91 -59.09 -6.47
CA GLN F 639 -3.30 -60.35 -7.07
C GLN F 639 -3.17 -60.30 -8.58
N GLY F 640 -2.64 -61.40 -9.15
CA GLY F 640 -2.60 -61.58 -10.58
C GLY F 640 -1.33 -61.12 -11.27
N ARG F 641 -0.53 -60.27 -10.62
CA ARG F 641 0.68 -59.74 -11.22
C ARG F 641 1.88 -60.59 -10.80
N LYS F 642 3.04 -60.24 -11.37
CA LYS F 642 4.27 -60.99 -11.12
C LYS F 642 5.44 -60.01 -11.14
N LEU F 643 6.54 -60.42 -10.51
CA LEU F 643 7.70 -59.55 -10.39
C LEU F 643 8.96 -60.40 -10.26
N LEU F 644 10.07 -59.86 -10.76
CA LEU F 644 11.38 -60.48 -10.63
C LEU F 644 12.36 -59.46 -10.09
N ILE F 645 13.24 -59.91 -9.19
CA ILE F 645 14.23 -59.03 -8.56
C ILE F 645 15.59 -59.70 -8.68
N ILE F 646 16.58 -58.93 -9.14
CA ILE F 646 17.96 -59.40 -9.21
C ILE F 646 18.85 -58.41 -8.48
N GLY F 647 19.79 -58.94 -7.69
CA GLY F 647 20.70 -58.11 -6.93
C GLY F 647 22.14 -58.56 -7.11
N THR F 648 23.06 -57.61 -6.93
CA THR F 648 24.48 -57.89 -7.07
C THR F 648 25.23 -57.35 -5.86
N THR F 649 26.32 -58.02 -5.52
CA THR F 649 27.16 -57.63 -4.38
C THR F 649 28.52 -58.29 -4.54
N SER F 650 29.42 -58.00 -3.58
CA SER F 650 30.76 -58.57 -3.63
C SER F 650 31.30 -59.01 -2.28
N ARG F 651 30.50 -58.98 -1.22
CA ARG F 651 30.97 -59.32 0.13
C ARG F 651 29.95 -60.22 0.82
N LYS F 652 29.61 -61.32 0.16
CA LYS F 652 28.57 -62.24 0.61
C LYS F 652 28.60 -62.50 2.11
N ASP F 653 29.80 -62.60 2.69
CA ASP F 653 29.89 -62.97 4.11
C ASP F 653 29.22 -61.92 5.00
N VAL F 654 29.42 -60.64 4.70
CA VAL F 654 28.80 -59.60 5.50
C VAL F 654 27.29 -59.73 5.45
N LEU F 655 26.73 -59.93 4.25
CA LEU F 655 25.30 -60.15 4.14
C LEU F 655 24.87 -61.38 4.90
N GLN F 656 25.72 -62.40 4.97
CA GLN F 656 25.40 -63.58 5.79
C GLN F 656 25.29 -63.20 7.26
N GLU F 657 26.18 -62.33 7.73
CA GLU F 657 26.10 -61.86 9.11
C GLU F 657 24.82 -61.06 9.37
N MET F 658 24.21 -60.49 8.34
CA MET F 658 23.01 -59.68 8.49
C MET F 658 21.73 -60.45 8.25
N GLU F 659 21.80 -61.78 8.09
CA GLU F 659 20.62 -62.61 7.88
C GLU F 659 19.83 -62.16 6.65
N MET F 660 20.54 -61.75 5.61
CA MET F 660 19.91 -61.33 4.36
C MET F 660 19.77 -62.47 3.36
N LEU F 661 20.45 -63.60 3.58
CA LEU F 661 20.39 -64.71 2.63
C LEU F 661 19.16 -65.59 2.81
N ASN F 662 18.42 -65.44 3.90
CA ASN F 662 17.16 -66.17 4.05
C ASN F 662 16.05 -65.60 3.19
N ALA F 663 16.25 -64.40 2.61
CA ALA F 663 15.25 -63.80 1.73
C ALA F 663 15.48 -64.18 0.27
N PHE F 664 16.72 -64.04 -0.20
CA PHE F 664 17.02 -64.41 -1.58
C PHE F 664 16.77 -65.88 -1.80
N SER F 665 16.15 -66.21 -2.94
CA SER F 665 15.79 -67.60 -3.22
C SER F 665 17.03 -68.45 -3.51
N THR F 666 17.92 -67.96 -4.36
CA THR F 666 19.09 -68.72 -4.77
C THR F 666 20.27 -67.77 -4.95
N THR F 667 21.41 -68.33 -5.34
CA THR F 667 22.63 -67.57 -5.57
C THR F 667 23.37 -68.15 -6.76
N ILE F 668 24.20 -67.31 -7.39
CA ILE F 668 25.03 -67.72 -8.51
C ILE F 668 26.43 -67.15 -8.28
N HIS F 669 27.41 -67.79 -8.90
CA HIS F 669 28.81 -67.42 -8.76
C HIS F 669 29.37 -66.90 -10.08
N VAL F 670 30.29 -65.95 -9.98
CA VAL F 670 30.92 -65.34 -11.15
C VAL F 670 32.43 -65.40 -10.96
N PRO F 671 33.09 -66.47 -11.39
CA PRO F 671 34.53 -66.59 -11.14
C PRO F 671 35.35 -65.69 -12.03
N ASN F 672 36.58 -65.45 -11.60
CA ASN F 672 37.56 -64.72 -12.40
C ASN F 672 38.25 -65.67 -13.38
N ILE F 673 38.92 -65.08 -14.36
CA ILE F 673 39.74 -65.87 -15.28
C ILE F 673 40.96 -66.38 -14.52
N ALA F 674 41.18 -67.70 -14.58
CA ALA F 674 42.19 -68.32 -13.74
C ALA F 674 43.00 -69.38 -14.48
N THR F 675 43.12 -69.27 -15.80
CA THR F 675 43.90 -70.23 -16.56
C THR F 675 44.59 -69.52 -17.72
N GLY F 676 45.78 -70.00 -18.06
CA GLY F 676 46.49 -69.44 -19.19
C GLY F 676 45.75 -69.62 -20.50
N GLU F 677 45.08 -70.75 -20.67
CA GLU F 677 44.28 -70.98 -21.87
C GLU F 677 43.19 -69.92 -22.00
N GLN F 678 42.43 -69.69 -20.91
CA GLN F 678 41.41 -68.65 -20.95
C GLN F 678 42.03 -67.28 -21.16
N LEU F 679 43.17 -67.03 -20.51
CA LEU F 679 43.84 -65.74 -20.68
C LEU F 679 44.15 -65.49 -22.15
N LEU F 680 44.75 -66.47 -22.83
CA LEU F 680 45.11 -66.29 -24.23
C LEU F 680 43.88 -66.24 -25.12
N GLU F 681 42.82 -66.98 -24.78
CA GLU F 681 41.60 -66.90 -25.56
C GLU F 681 41.00 -65.50 -25.49
N ALA F 682 40.95 -64.92 -24.29
CA ALA F 682 40.48 -63.54 -24.16
C ALA F 682 41.41 -62.58 -24.90
N LEU F 683 42.71 -62.80 -24.81
CA LEU F 683 43.67 -61.96 -25.52
C LEU F 683 43.38 -61.96 -27.02
N GLU F 684 43.23 -63.14 -27.61
CA GLU F 684 43.00 -63.21 -29.05
C GLU F 684 41.65 -62.62 -29.42
N LEU F 685 40.62 -62.85 -28.61
CA LEU F 685 39.32 -62.28 -28.92
C LEU F 685 39.37 -60.75 -28.89
N LEU F 686 40.07 -60.18 -27.91
CA LEU F 686 40.20 -58.73 -27.85
C LEU F 686 41.07 -58.20 -28.99
N GLY F 687 42.05 -58.98 -29.43
CA GLY F 687 42.94 -58.57 -30.50
C GLY F 687 44.29 -58.11 -29.97
N ASN F 688 44.71 -56.92 -30.38
CA ASN F 688 45.96 -56.33 -29.89
C ASN F 688 47.15 -57.23 -30.20
N PHE F 689 47.77 -57.82 -29.19
CA PHE F 689 48.94 -58.65 -29.43
C PHE F 689 48.56 -59.87 -30.26
N LYS F 690 49.48 -60.29 -31.12
CA LYS F 690 49.24 -61.38 -32.06
C LYS F 690 50.58 -61.89 -32.57
N ASP F 691 50.51 -62.92 -33.40
CA ASP F 691 51.67 -63.52 -34.08
C ASP F 691 52.78 -63.74 -33.05
N LYS F 692 54.00 -63.23 -33.29
CA LYS F 692 55.10 -63.50 -32.36
C LYS F 692 54.83 -62.96 -30.97
N GLU F 693 54.22 -61.78 -30.88
CA GLU F 693 53.92 -61.21 -29.58
C GLU F 693 53.05 -62.15 -28.76
N ARG F 694 51.92 -62.58 -29.34
CA ARG F 694 50.99 -63.44 -28.64
C ARG F 694 51.64 -64.79 -28.32
N THR F 695 52.42 -65.34 -29.26
CA THR F 695 53.05 -66.62 -29.02
C THR F 695 54.05 -66.53 -27.85
N THR F 696 54.84 -65.45 -27.81
CA THR F 696 55.79 -65.28 -26.72
C THR F 696 55.08 -65.08 -25.40
N ILE F 697 53.98 -64.32 -25.40
CA ILE F 697 53.21 -64.14 -24.17
C ILE F 697 52.69 -65.48 -23.67
N ALA F 698 52.16 -66.30 -24.59
CA ALA F 698 51.68 -67.63 -24.20
C ALA F 698 52.81 -68.48 -23.65
N GLN F 699 53.98 -68.44 -24.30
CA GLN F 699 55.12 -69.21 -23.82
C GLN F 699 55.50 -68.78 -22.41
N GLN F 700 55.54 -67.48 -22.15
CA GLN F 700 55.92 -67.00 -20.83
C GLN F 700 54.90 -67.41 -19.78
N VAL F 701 53.62 -67.15 -20.04
CA VAL F 701 52.59 -67.42 -19.04
C VAL F 701 52.38 -68.92 -18.86
N LYS F 702 52.56 -69.70 -19.91
CA LYS F 702 52.24 -71.12 -19.86
C LYS F 702 53.00 -71.81 -18.73
N GLY F 703 52.30 -72.70 -18.02
CA GLY F 703 52.87 -73.39 -16.89
C GLY F 703 52.79 -72.63 -15.59
N LYS F 704 51.92 -71.61 -15.51
CA LYS F 704 51.80 -70.78 -14.32
C LYS F 704 50.35 -70.61 -13.92
N LYS F 705 50.08 -69.72 -12.97
CA LYS F 705 48.74 -69.45 -12.48
C LYS F 705 48.44 -67.96 -12.60
N VAL F 706 47.19 -67.65 -12.89
CA VAL F 706 46.74 -66.26 -13.05
C VAL F 706 45.44 -66.07 -12.29
N TRP F 707 45.20 -64.83 -11.85
CA TRP F 707 43.99 -64.50 -11.10
C TRP F 707 43.75 -63.01 -11.29
N ILE F 708 42.81 -62.67 -12.18
CA ILE F 708 42.59 -61.28 -12.58
C ILE F 708 41.16 -61.11 -13.05
N GLY F 709 40.66 -59.87 -12.96
CA GLY F 709 39.35 -59.52 -13.47
C GLY F 709 39.43 -58.89 -14.84
N ILE F 710 38.31 -58.93 -15.56
CA ILE F 710 38.29 -58.44 -16.95
C ILE F 710 38.57 -56.95 -16.99
N LYS F 711 37.97 -56.17 -16.08
CA LYS F 711 38.15 -54.72 -16.11
C LYS F 711 39.60 -54.34 -15.89
N LYS F 712 40.25 -54.95 -14.90
CA LYS F 712 41.66 -54.68 -14.66
C LYS F 712 42.49 -55.11 -15.86
N LEU F 713 42.10 -56.20 -16.51
CA LEU F 713 42.79 -56.64 -17.71
C LEU F 713 42.73 -55.57 -18.80
N LEU F 714 41.54 -54.99 -19.00
CA LEU F 714 41.41 -53.91 -19.99
C LEU F 714 42.26 -52.71 -19.60
N MET F 715 42.26 -52.35 -18.33
CA MET F 715 43.08 -51.21 -17.90
C MET F 715 44.55 -51.47 -18.19
N LEU F 716 45.01 -52.69 -17.91
CA LEU F 716 46.42 -53.01 -18.13
C LEU F 716 46.74 -53.09 -19.62
N ILE F 717 45.82 -53.62 -20.43
CA ILE F 717 46.08 -53.69 -21.87
C ILE F 717 46.29 -52.27 -22.41
N GLU F 718 45.41 -51.34 -22.04
CA GLU F 718 45.58 -49.96 -22.48
C GLU F 718 46.88 -49.37 -21.96
N MET F 719 47.16 -49.56 -20.67
CA MET F 719 48.40 -49.05 -20.09
C MET F 719 49.60 -49.49 -20.91
N SER F 720 49.69 -50.78 -21.20
CA SER F 720 50.83 -51.30 -21.96
C SER F 720 50.84 -50.78 -23.39
N LEU F 721 49.68 -50.78 -24.05
CA LEU F 721 49.63 -50.41 -25.46
C LEU F 721 50.06 -48.97 -25.67
N GLN F 722 49.80 -48.08 -24.72
CA GLN F 722 50.19 -46.68 -24.93
C GLN F 722 51.68 -46.54 -25.20
N MET F 723 52.51 -47.42 -24.66
CA MET F 723 53.95 -47.22 -24.75
C MET F 723 54.45 -47.47 -26.16
N ASP F 724 55.76 -47.29 -26.34
CA ASP F 724 56.37 -47.43 -27.65
C ASP F 724 56.20 -48.87 -28.15
N PRO F 725 56.05 -49.07 -29.47
CA PRO F 725 55.85 -50.45 -29.96
C PRO F 725 56.96 -51.40 -29.55
N GLU F 726 58.21 -50.93 -29.48
CA GLU F 726 59.30 -51.81 -29.09
C GLU F 726 59.09 -52.33 -27.68
N TYR F 727 58.67 -51.46 -26.77
CA TYR F 727 58.44 -51.82 -25.37
C TYR F 727 56.93 -51.86 -25.14
N ARG F 728 56.32 -53.00 -25.43
CA ARG F 728 54.91 -53.21 -25.10
C ARG F 728 54.67 -54.51 -24.37
N VAL F 729 55.37 -55.59 -24.73
CA VAL F 729 55.19 -56.85 -24.02
C VAL F 729 55.80 -56.78 -22.62
N ARG F 730 56.94 -56.11 -22.50
CA ARG F 730 57.62 -56.05 -21.21
C ARG F 730 56.77 -55.34 -20.17
N LYS F 731 56.14 -54.23 -20.54
CA LYS F 731 55.29 -53.52 -19.59
C LYS F 731 54.10 -54.37 -19.18
N PHE F 732 53.47 -55.06 -20.13
CA PHE F 732 52.33 -55.92 -19.81
C PHE F 732 52.76 -57.03 -18.85
N LEU F 733 53.90 -57.67 -19.12
CA LEU F 733 54.37 -58.74 -18.25
C LEU F 733 54.69 -58.21 -16.86
N ALA F 734 55.34 -57.06 -16.78
CA ALA F 734 55.66 -56.49 -15.48
C ALA F 734 54.41 -56.18 -14.69
N LEU F 735 53.41 -55.58 -15.33
CA LEU F 735 52.16 -55.26 -14.64
C LEU F 735 51.46 -56.54 -14.18
N LEU F 736 51.42 -57.57 -15.04
CA LEU F 736 50.77 -58.80 -14.65
C LEU F 736 51.47 -59.45 -13.46
N ARG F 737 52.80 -59.44 -13.46
CA ARG F 737 53.54 -60.04 -12.35
C ARG F 737 53.41 -59.23 -11.07
N GLU F 738 53.31 -57.90 -11.18
CA GLU F 738 53.23 -57.07 -9.99
C GLU F 738 51.99 -57.40 -9.17
N GLU F 739 50.84 -57.52 -9.82
CA GLU F 739 49.59 -57.81 -9.15
C GLU F 739 48.77 -58.76 -10.01
N GLY F 740 47.88 -59.50 -9.36
CA GLY F 740 47.07 -60.49 -10.02
C GLY F 740 47.57 -61.91 -9.91
N ALA F 741 48.76 -62.11 -9.35
CA ALA F 741 49.31 -63.45 -9.13
C ALA F 741 48.89 -64.03 -7.78
N SER F 742 48.12 -63.29 -6.98
CA SER F 742 47.67 -63.76 -5.69
C SER F 742 46.23 -64.26 -5.80
N PRO F 743 45.96 -65.56 -5.63
CA PRO F 743 44.58 -66.05 -5.73
C PRO F 743 43.63 -65.35 -4.76
N UNK G 1 5.25 -16.09 13.66
CA UNK G 1 4.57 -15.96 12.34
C UNK G 1 5.35 -15.01 11.43
N UNK G 2 4.84 -13.80 11.21
CA UNK G 2 5.49 -12.82 10.35
C UNK G 2 4.78 -11.49 10.55
N UNK G 3 5.20 -10.49 9.76
CA UNK G 3 4.56 -9.19 9.75
C UNK G 3 4.52 -8.68 8.32
N UNK G 4 3.56 -7.81 8.03
CA UNK G 4 3.33 -7.33 6.68
C UNK G 4 3.09 -5.83 6.69
N UNK G 5 3.70 -5.12 5.75
CA UNK G 5 3.40 -3.74 5.48
C UNK G 5 2.28 -3.68 4.44
N UNK G 6 2.01 -2.50 3.89
CA UNK G 6 0.96 -2.38 2.88
C UNK G 6 1.20 -1.13 2.04
N UNK G 7 0.73 -1.18 0.81
CA UNK G 7 0.72 -0.04 -0.09
C UNK G 7 -0.68 0.52 -0.20
N UNK G 8 -0.79 1.69 -0.84
CA UNK G 8 -2.05 2.40 -0.95
C UNK G 8 -2.38 2.69 -2.41
N UNK G 9 -3.64 2.50 -2.76
CA UNK G 9 -4.16 2.87 -4.07
C UNK G 9 -4.81 4.24 -3.99
N UNK G 10 -5.00 4.86 -5.16
CA UNK G 10 -5.56 6.20 -5.20
C UNK G 10 -6.99 6.21 -4.67
N UNK G 11 -7.39 7.35 -4.13
CA UNK G 11 -8.77 7.53 -3.66
C UNK G 11 -9.67 7.95 -4.81
N UNK G 12 -9.65 7.19 -5.90
CA UNK G 12 -10.45 7.50 -7.07
C UNK G 12 -10.19 8.92 -7.56
N UNK G 13 -11.03 9.41 -8.45
CA UNK G 13 -10.90 10.77 -8.98
C UNK G 13 -9.51 10.98 -9.57
N GLY H 1 -76.14 34.89 -11.67
CA GLY H 1 -75.37 36.09 -11.22
C GLY H 1 -76.19 37.36 -11.27
N MET H 2 -76.28 38.05 -10.13
CA MET H 2 -77.05 39.29 -10.09
C MET H 2 -76.45 40.34 -11.01
N ASP H 3 -75.13 40.43 -11.04
CA ASP H 3 -74.47 41.37 -11.95
C ASP H 3 -74.80 41.03 -13.40
N THR H 4 -74.77 39.75 -13.74
CA THR H 4 -75.12 39.34 -15.10
C THR H 4 -76.62 39.45 -15.35
N SER H 5 -77.44 39.21 -14.33
CA SER H 5 -78.89 39.30 -14.50
C SER H 5 -79.31 40.71 -14.88
N GLY H 6 -78.88 41.70 -14.10
CA GLY H 6 -79.13 43.08 -14.47
C GLY H 6 -78.43 43.47 -15.76
N LYS H 7 -77.25 42.90 -16.01
CA LYS H 7 -76.56 43.13 -17.26
C LYS H 7 -77.40 42.65 -18.44
N GLN H 8 -78.01 41.47 -18.31
CA GLN H 8 -78.87 40.95 -19.37
C GLN H 8 -80.16 41.75 -19.44
N ALA H 9 -80.66 42.24 -18.30
CA ALA H 9 -81.90 43.02 -18.31
C ALA H 9 -81.74 44.30 -19.14
N GLU H 10 -80.70 45.07 -18.85
CA GLU H 10 -80.44 46.27 -19.66
C GLU H 10 -80.08 45.90 -21.09
N ALA H 11 -79.45 44.74 -21.29
CA ALA H 11 -79.16 44.28 -22.64
C ALA H 11 -80.43 44.10 -23.46
N MET H 12 -81.46 43.50 -22.84
CA MET H 12 -82.75 43.37 -23.51
C MET H 12 -83.35 44.74 -23.78
N ALA H 13 -83.23 45.67 -22.83
CA ALA H 13 -83.78 47.01 -23.01
C ALA H 13 -83.15 47.70 -24.22
N LEU H 14 -81.83 47.56 -24.37
CA LEU H 14 -81.16 48.14 -25.52
C LEU H 14 -81.60 47.48 -26.82
N LEU H 15 -81.89 46.18 -26.78
CA LEU H 15 -82.40 45.50 -27.97
C LEU H 15 -83.75 46.09 -28.39
N ALA H 16 -84.64 46.32 -27.42
CA ALA H 16 -85.92 46.93 -27.73
C ALA H 16 -85.72 48.33 -28.31
N GLU H 17 -84.80 49.11 -27.74
CA GLU H 17 -84.49 50.41 -28.31
C GLU H 17 -83.91 50.27 -29.71
N ALA H 18 -83.01 49.31 -29.91
CA ALA H 18 -82.46 49.07 -31.24
C ALA H 18 -83.55 48.65 -32.22
N GLU H 19 -84.47 47.79 -31.78
CA GLU H 19 -85.61 47.44 -32.63
C GLU H 19 -86.42 48.68 -32.98
N ARG H 20 -86.52 49.62 -32.04
CA ARG H 20 -87.19 50.90 -32.35
C ARG H 20 -86.36 51.73 -33.31
N LYS H 21 -85.03 51.58 -33.29
CA LYS H 21 -84.18 52.36 -34.19
C LYS H 21 -84.24 51.84 -35.62
N VAL H 22 -84.31 50.52 -35.81
CA VAL H 22 -84.53 50.01 -37.16
C VAL H 22 -85.91 50.42 -37.65
N LYS H 23 -86.89 50.49 -36.75
CA LYS H 23 -88.17 51.10 -37.12
C LYS H 23 -87.97 52.56 -37.49
N ASN H 24 -87.11 53.28 -36.76
CA ASN H 24 -86.80 54.65 -37.15
C ASN H 24 -86.15 54.68 -38.53
N SER H 25 -85.27 53.72 -38.82
CA SER H 25 -84.59 53.69 -40.10
C SER H 25 -85.59 53.51 -41.25
N GLN H 26 -86.43 52.49 -41.18
CA GLN H 26 -87.39 52.25 -42.25
C GLN H 26 -88.37 53.41 -42.39
N SER H 27 -88.72 54.06 -41.28
CA SER H 27 -89.57 55.24 -41.35
C SER H 27 -88.83 56.44 -41.90
N PHE H 28 -87.50 56.40 -41.94
CA PHE H 28 -86.70 57.50 -42.46
C PHE H 28 -86.15 57.24 -43.86
N PHE H 29 -86.19 55.99 -44.35
CA PHE H 29 -85.90 55.75 -45.75
C PHE H 29 -87.13 55.93 -46.63
N SER H 30 -88.30 55.52 -46.14
CA SER H 30 -89.54 55.62 -46.89
C SER H 30 -90.46 56.73 -46.42
N GLY H 31 -90.37 57.14 -45.15
CA GLY H 31 -91.26 58.15 -44.62
C GLY H 31 -90.65 59.53 -44.54
N LEU H 32 -89.40 59.62 -44.09
CA LEU H 32 -88.68 60.88 -43.95
C LEU H 32 -87.45 60.88 -44.85
N PHE H 33 -86.65 61.93 -44.74
CA PHE H 33 -85.42 62.08 -45.51
C PHE H 33 -84.28 62.43 -44.57
N GLY H 34 -83.06 62.21 -45.05
CA GLY H 34 -81.89 62.48 -44.23
C GLY H 34 -81.70 61.52 -43.08
N GLY H 35 -82.25 60.31 -43.18
CA GLY H 35 -82.11 59.33 -42.11
C GLY H 35 -80.72 58.81 -41.93
N SER H 36 -79.80 59.10 -42.84
CA SER H 36 -78.43 58.64 -42.75
C SER H 36 -77.84 58.97 -41.37
N SER H 37 -78.10 60.20 -40.89
CA SER H 37 -77.67 60.57 -39.56
C SER H 37 -78.43 59.77 -38.50
N LYS H 38 -79.75 59.60 -38.68
CA LYS H 38 -80.54 58.87 -37.70
C LYS H 38 -80.09 57.43 -37.59
N ILE H 39 -79.88 56.76 -38.73
CA ILE H 39 -79.39 55.40 -38.72
C ILE H 39 -77.95 55.34 -38.21
N GLU H 40 -77.18 56.41 -38.43
CA GLU H 40 -75.85 56.49 -37.82
C GLU H 40 -75.95 56.44 -36.30
N GLU H 41 -76.92 57.16 -35.73
CA GLU H 41 -77.18 57.04 -34.30
C GLU H 41 -77.62 55.61 -33.95
N ALA H 42 -78.42 54.99 -34.83
CA ALA H 42 -78.80 53.60 -34.62
C ALA H 42 -77.56 52.70 -34.60
N CYS H 43 -76.61 52.96 -35.49
CA CYS H 43 -75.38 52.19 -35.50
C CYS H 43 -74.62 52.38 -34.18
N GLU H 44 -74.58 53.61 -33.67
CA GLU H 44 -73.88 53.87 -32.41
C GLU H 44 -74.49 53.07 -31.27
N ILE H 45 -75.83 53.06 -31.20
CA ILE H 45 -76.49 52.27 -30.16
C ILE H 45 -76.30 50.78 -30.42
N TYR H 46 -76.34 50.37 -31.70
CA TYR H 46 -76.06 48.98 -32.02
C TYR H 46 -74.67 48.57 -31.57
N ALA H 47 -73.67 49.43 -31.83
CA ALA H 47 -72.34 49.18 -31.29
C ALA H 47 -72.36 49.27 -29.77
N ARG H 48 -73.12 50.21 -29.22
CA ARG H 48 -73.24 50.33 -27.77
C ARG H 48 -73.77 49.04 -27.17
N ALA H 49 -74.86 48.51 -27.76
CA ALA H 49 -75.41 47.25 -27.26
C ALA H 49 -74.50 46.07 -27.59
N ALA H 50 -74.04 45.99 -28.84
CA ALA H 50 -73.28 44.82 -29.27
C ALA H 50 -72.09 44.55 -28.35
N ASN H 51 -71.33 45.59 -28.02
CA ASN H 51 -70.19 45.40 -27.12
C ASN H 51 -70.65 45.01 -25.73
N MET H 52 -71.69 45.65 -25.21
CA MET H 52 -72.16 45.32 -23.87
C MET H 52 -72.56 43.85 -23.79
N PHE H 53 -73.10 43.29 -24.87
CA PHE H 53 -73.32 41.84 -24.92
C PHE H 53 -72.00 41.10 -24.72
N LYS H 54 -70.94 41.58 -25.35
CA LYS H 54 -69.64 40.92 -25.24
C LYS H 54 -69.16 40.92 -23.80
N MET H 55 -69.62 41.89 -23.00
CA MET H 55 -69.31 41.89 -21.57
C MET H 55 -70.32 41.08 -20.76
N ALA H 56 -71.45 40.72 -21.35
CA ALA H 56 -72.46 39.92 -20.66
C ALA H 56 -72.19 38.42 -20.78
N LYS H 57 -71.12 38.02 -21.48
CA LYS H 57 -70.74 36.64 -21.73
C LYS H 57 -71.59 36.02 -22.83
N ASN H 58 -72.57 36.73 -23.37
CA ASN H 58 -73.40 36.23 -24.46
C ASN H 58 -72.70 36.52 -25.78
N TRP H 59 -71.73 35.66 -26.10
CA TRP H 59 -70.92 35.89 -27.29
C TRP H 59 -71.74 35.80 -28.57
N SER H 60 -72.64 34.83 -28.66
CA SER H 60 -73.40 34.64 -29.88
C SER H 60 -74.25 35.87 -30.20
N ALA H 61 -74.93 36.42 -29.20
CA ALA H 61 -75.73 37.62 -29.43
C ALA H 61 -74.86 38.80 -29.82
N ALA H 62 -73.69 38.94 -29.18
CA ALA H 62 -72.79 40.03 -29.51
C ALA H 62 -72.35 39.95 -30.97
N GLY H 63 -71.98 38.76 -31.43
CA GLY H 63 -71.57 38.61 -32.82
C GLY H 63 -72.68 38.94 -33.79
N ASN H 64 -73.91 38.52 -33.48
CA ASN H 64 -75.05 38.84 -34.34
C ASN H 64 -75.28 40.35 -34.39
N ALA H 65 -75.18 41.02 -33.25
CA ALA H 65 -75.37 42.47 -33.23
C ALA H 65 -74.30 43.18 -34.05
N PHE H 66 -73.05 42.73 -33.94
CA PHE H 66 -71.98 43.33 -34.73
C PHE H 66 -72.24 43.14 -36.22
N CYS H 67 -72.62 41.93 -36.64
CA CYS H 67 -72.85 41.67 -38.04
C CYS H 67 -74.01 42.50 -38.57
N GLN H 68 -75.10 42.59 -37.81
CA GLN H 68 -76.25 43.40 -38.24
C GLN H 68 -75.86 44.86 -38.36
N ALA H 69 -75.10 45.38 -37.39
CA ALA H 69 -74.68 46.76 -37.45
C ALA H 69 -73.78 47.01 -38.66
N ALA H 70 -72.85 46.10 -38.93
CA ALA H 70 -71.95 46.27 -40.06
C ALA H 70 -72.70 46.30 -41.38
N GLN H 71 -73.53 45.28 -41.62
CA GLN H 71 -74.22 45.17 -42.90
C GLN H 71 -75.09 46.39 -43.16
N LEU H 72 -75.77 46.89 -42.13
CA LEU H 72 -76.51 48.14 -42.28
C LEU H 72 -75.58 49.29 -42.61
N HIS H 73 -74.38 49.31 -42.00
CA HIS H 73 -73.47 50.42 -42.20
C HIS H 73 -72.87 50.41 -43.60
N LEU H 74 -72.78 49.25 -44.25
CA LEU H 74 -72.21 49.19 -45.59
C LEU H 74 -72.97 50.06 -46.59
N GLN H 75 -74.22 50.39 -46.30
CA GLN H 75 -75.06 51.10 -47.25
C GLN H 75 -74.77 52.60 -47.30
N LEU H 76 -73.93 53.13 -46.42
CA LEU H 76 -73.69 54.56 -46.31
C LEU H 76 -72.41 55.00 -47.01
N GLN H 77 -72.00 54.28 -48.06
CA GLN H 77 -70.82 54.66 -48.85
C GLN H 77 -69.58 54.78 -47.97
N SER H 78 -69.55 54.03 -46.86
CA SER H 78 -68.42 54.00 -45.95
C SER H 78 -67.95 52.56 -45.82
N LYS H 79 -66.63 52.36 -45.83
CA LYS H 79 -66.06 51.04 -45.88
C LYS H 79 -65.13 50.71 -44.72
N HIS H 80 -64.34 51.69 -44.24
CA HIS H 80 -63.41 51.38 -43.16
C HIS H 80 -64.13 50.94 -41.90
N ASP H 81 -65.18 51.66 -41.49
CA ASP H 81 -65.94 51.25 -40.32
C ASP H 81 -66.61 49.90 -40.55
N ALA H 82 -66.95 49.58 -41.80
CA ALA H 82 -67.47 48.26 -42.12
C ALA H 82 -66.42 47.18 -41.81
N ALA H 83 -65.17 47.46 -42.15
CA ALA H 83 -64.10 46.51 -41.87
C ALA H 83 -63.91 46.30 -40.38
N THR H 84 -63.91 47.39 -39.61
CA THR H 84 -63.70 47.29 -38.17
C THR H 84 -64.79 46.44 -37.52
N CYS H 85 -66.04 46.67 -37.92
CA CYS H 85 -67.14 45.91 -37.34
C CYS H 85 -67.12 44.46 -37.81
N PHE H 86 -66.74 44.22 -39.07
CA PHE H 86 -66.58 42.86 -39.55
C PHE H 86 -65.53 42.12 -38.72
N VAL H 87 -64.37 42.75 -38.49
CA VAL H 87 -63.34 42.11 -37.68
C VAL H 87 -63.82 41.89 -36.27
N ASP H 88 -64.50 42.89 -35.68
CA ASP H 88 -65.05 42.72 -34.34
C ASP H 88 -66.11 41.62 -34.33
N ALA H 89 -66.94 41.56 -35.37
CA ALA H 89 -67.93 40.50 -35.46
C ALA H 89 -67.26 39.13 -35.48
N GLY H 90 -66.18 39.00 -36.25
CA GLY H 90 -65.42 37.77 -36.23
C GLY H 90 -64.81 37.48 -34.87
N ASN H 91 -64.19 38.50 -34.26
CA ASN H 91 -63.53 38.31 -32.97
C ASN H 91 -64.49 37.72 -31.94
N ALA H 92 -65.78 38.06 -32.05
CA ALA H 92 -66.77 37.46 -31.16
C ALA H 92 -67.06 36.02 -31.56
N PHE H 93 -66.99 35.71 -32.86
CA PHE H 93 -67.39 34.39 -33.33
C PHE H 93 -66.28 33.36 -33.27
N LYS H 94 -65.04 33.76 -33.00
CA LYS H 94 -63.94 32.80 -32.93
C LYS H 94 -64.27 31.64 -32.00
N LYS H 95 -64.82 31.95 -30.83
CA LYS H 95 -65.31 30.91 -29.93
C LYS H 95 -66.75 30.56 -30.26
N ALA H 96 -67.28 29.58 -29.52
CA ALA H 96 -68.65 29.13 -29.73
C ALA H 96 -68.81 28.58 -31.13
N ASP H 97 -69.39 29.38 -32.04
CA ASP H 97 -69.59 28.95 -33.41
C ASP H 97 -68.65 29.73 -34.32
N PRO H 98 -67.56 29.15 -34.81
CA PRO H 98 -66.63 29.89 -35.67
C PRO H 98 -66.84 29.75 -37.17
N GLN H 99 -67.84 28.96 -37.61
CA GLN H 99 -68.01 28.73 -39.04
C GLN H 99 -68.30 30.03 -39.77
N GLU H 100 -69.19 30.86 -39.22
CA GLU H 100 -69.49 32.14 -39.85
C GLU H 100 -68.39 33.17 -39.64
N ALA H 101 -67.49 32.94 -38.69
CA ALA H 101 -66.34 33.83 -38.54
C ALA H 101 -65.46 33.78 -39.78
N ILE H 102 -65.34 32.61 -40.39
CA ILE H 102 -64.56 32.49 -41.62
C ILE H 102 -65.17 33.35 -42.71
N ASN H 103 -66.49 33.25 -42.89
CA ASN H 103 -67.15 34.00 -43.96
C ASN H 103 -66.97 35.51 -43.75
N CYS H 104 -67.25 35.99 -42.54
CA CYS H 104 -67.13 37.42 -42.27
C CYS H 104 -65.69 37.89 -42.45
N LEU H 105 -64.72 37.10 -41.97
CA LEU H 105 -63.32 37.47 -42.16
C LEU H 105 -62.98 37.59 -43.64
N MET H 106 -63.35 36.58 -44.44
CA MET H 106 -63.10 36.64 -45.87
C MET H 106 -63.66 37.93 -46.47
N ARG H 107 -64.84 38.35 -46.01
CA ARG H 107 -65.39 39.64 -46.42
C ARG H 107 -64.49 40.77 -45.94
N ALA H 108 -64.02 40.69 -44.68
CA ALA H 108 -63.09 41.68 -44.17
C ALA H 108 -61.77 41.64 -44.93
N ILE H 109 -61.29 40.44 -45.24
CA ILE H 109 -60.12 40.32 -46.11
C ILE H 109 -60.40 41.01 -47.44
N GLU H 110 -61.57 40.76 -48.01
CA GLU H 110 -61.91 41.34 -49.30
C GLU H 110 -61.85 42.86 -49.23
N ILE H 111 -62.39 43.43 -48.15
CA ILE H 111 -62.45 44.89 -48.03
C ILE H 111 -61.05 45.45 -47.79
N TYR H 112 -60.32 44.90 -46.82
CA TYR H 112 -58.96 45.40 -46.55
C TYR H 112 -58.10 45.40 -47.80
N THR H 113 -58.02 44.25 -48.49
CA THR H 113 -57.32 44.26 -49.77
C THR H 113 -58.24 44.74 -50.89
N ASP H 114 -59.34 45.42 -50.52
CA ASP H 114 -60.00 46.36 -51.41
C ASP H 114 -59.73 47.80 -50.96
N MET H 115 -58.75 48.00 -50.07
CA MET H 115 -58.45 49.35 -49.58
C MET H 115 -57.00 49.73 -49.86
N GLY H 116 -56.05 48.83 -49.62
CA GLY H 116 -54.66 49.18 -49.84
C GLY H 116 -53.63 48.59 -48.89
N ARG H 117 -54.06 47.79 -47.92
CA ARG H 117 -53.15 47.32 -46.88
C ARG H 117 -52.98 45.80 -46.96
N PHE H 118 -51.73 45.35 -47.00
CA PHE H 118 -51.38 43.93 -47.00
C PHE H 118 -51.18 43.36 -45.60
N THR H 119 -50.23 43.91 -44.83
CA THR H 119 -49.77 43.25 -43.62
C THR H 119 -50.92 42.90 -42.71
N ILE H 120 -51.96 43.74 -42.68
CA ILE H 120 -53.17 43.40 -41.92
C ILE H 120 -53.91 42.25 -42.58
N ALA H 121 -54.04 42.30 -43.91
CA ALA H 121 -54.74 41.24 -44.62
C ALA H 121 -54.02 39.90 -44.46
N ALA H 122 -52.70 39.89 -44.60
CA ALA H 122 -51.96 38.65 -44.46
C ALA H 122 -51.97 38.15 -43.01
N LYS H 123 -51.95 39.08 -42.05
CA LYS H 123 -52.06 38.69 -40.65
C LYS H 123 -53.39 37.98 -40.39
N HIS H 124 -54.47 38.50 -40.98
CA HIS H 124 -55.77 37.84 -40.84
C HIS H 124 -55.80 36.50 -41.57
N HIS H 125 -55.07 36.40 -42.69
CA HIS H 125 -54.98 35.13 -43.40
C HIS H 125 -54.40 34.05 -42.51
N ILE H 126 -53.27 34.32 -41.87
CA ILE H 126 -52.65 33.33 -40.99
C ILE H 126 -53.55 33.03 -39.79
N SER H 127 -54.26 34.06 -39.31
CA SER H 127 -55.23 33.82 -38.24
C SER H 127 -56.32 32.86 -38.69
N ILE H 128 -56.81 33.03 -39.93
CA ILE H 128 -57.81 32.11 -40.47
C ILE H 128 -57.24 30.71 -40.55
N ALA H 129 -55.99 30.58 -41.01
CA ALA H 129 -55.37 29.26 -41.10
C ALA H 129 -55.22 28.63 -39.73
N GLU H 130 -54.79 29.41 -38.74
CA GLU H 130 -54.56 28.86 -37.41
C GLU H 130 -55.86 28.34 -36.80
N ILE H 131 -56.95 29.11 -36.91
CA ILE H 131 -58.22 28.66 -36.37
C ILE H 131 -58.74 27.46 -37.16
N TYR H 132 -58.47 27.44 -38.46
CA TYR H 132 -58.93 26.32 -39.28
C TYR H 132 -58.25 25.02 -38.89
N GLU H 133 -56.94 25.06 -38.64
CA GLU H 133 -56.21 23.84 -38.31
C GLU H 133 -56.50 23.38 -36.89
N THR H 134 -56.73 24.32 -35.97
CA THR H 134 -56.87 23.97 -34.57
C THR H 134 -58.24 23.37 -34.26
N GLU H 135 -59.29 23.81 -34.94
CA GLU H 135 -60.65 23.41 -34.60
C GLU H 135 -61.40 22.74 -35.75
N LEU H 136 -61.00 22.96 -37.00
CA LEU H 136 -61.53 22.23 -38.14
C LEU H 136 -60.55 21.12 -38.53
N VAL H 137 -61.08 19.92 -38.78
CA VAL H 137 -60.24 18.76 -39.14
C VAL H 137 -60.13 18.76 -40.67
N ASP H 138 -59.18 19.55 -41.17
CA ASP H 138 -58.86 19.58 -42.59
C ASP H 138 -57.60 20.41 -42.76
N VAL H 139 -56.73 19.99 -43.67
CA VAL H 139 -55.38 20.56 -43.76
C VAL H 139 -55.12 21.19 -45.11
N GLU H 140 -55.82 20.71 -46.15
CA GLU H 140 -55.54 21.21 -47.49
C GLU H 140 -55.79 22.70 -47.60
N LYS H 141 -56.92 23.18 -47.05
CA LYS H 141 -57.19 24.61 -47.07
C LYS H 141 -56.16 25.39 -46.25
N ALA H 142 -55.62 24.77 -45.20
CA ALA H 142 -54.54 25.42 -44.46
C ALA H 142 -53.31 25.62 -45.35
N ILE H 143 -53.00 24.62 -46.19
CA ILE H 143 -51.86 24.75 -47.10
C ILE H 143 -52.06 25.95 -48.02
N ALA H 144 -53.28 26.10 -48.58
CA ALA H 144 -53.56 27.21 -49.46
C ALA H 144 -53.44 28.55 -48.73
N HIS H 145 -54.03 28.63 -47.53
CA HIS H 145 -53.99 29.88 -46.77
C HIS H 145 -52.56 30.25 -46.39
N TYR H 146 -51.76 29.27 -45.95
CA TYR H 146 -50.36 29.55 -45.66
C TYR H 146 -49.61 29.97 -46.91
N GLU H 147 -49.91 29.34 -48.04
CA GLU H 147 -49.27 29.73 -49.30
C GLU H 147 -49.62 31.17 -49.66
N GLN H 148 -50.90 31.53 -49.52
CA GLN H 148 -51.30 32.90 -49.83
C GLN H 148 -50.63 33.89 -48.88
N SER H 149 -50.58 33.56 -47.59
CA SER H 149 -49.87 34.41 -46.63
C SER H 149 -48.38 34.49 -46.98
N ALA H 150 -47.80 33.37 -47.39
CA ALA H 150 -46.39 33.38 -47.78
C ALA H 150 -46.14 34.31 -48.96
N ASP H 151 -47.03 34.28 -49.95
CA ASP H 151 -46.86 35.14 -51.12
C ASP H 151 -46.91 36.62 -50.72
N TYR H 152 -47.85 36.98 -49.85
CA TYR H 152 -47.98 38.37 -49.42
C TYR H 152 -46.77 38.83 -48.62
N TYR H 153 -46.32 37.99 -47.68
CA TYR H 153 -45.20 38.37 -46.82
C TYR H 153 -43.92 38.56 -47.63
N LYS H 154 -43.46 37.50 -48.30
CA LYS H 154 -42.20 37.59 -49.04
C LYS H 154 -42.20 38.71 -50.07
N GLY H 155 -43.34 39.00 -50.68
CA GLY H 155 -43.40 40.10 -51.62
C GLY H 155 -43.06 41.44 -50.97
N GLU H 156 -43.65 41.71 -49.82
CA GLU H 156 -43.45 42.96 -49.11
C GLU H 156 -42.09 43.06 -48.42
N GLU H 157 -41.22 42.07 -48.63
CA GLU H 157 -39.86 42.01 -48.12
C GLU H 157 -39.82 41.61 -46.64
N SER H 158 -40.97 41.34 -46.02
CA SER H 158 -40.99 40.85 -44.65
C SER H 158 -40.52 39.39 -44.68
N ASN H 159 -39.23 39.22 -44.95
CA ASN H 159 -38.68 37.89 -45.15
C ASN H 159 -38.79 37.04 -43.89
N SER H 160 -38.57 37.65 -42.73
CA SER H 160 -38.54 36.90 -41.48
C SER H 160 -39.86 36.16 -41.25
N SER H 161 -40.98 36.88 -41.33
CA SER H 161 -42.27 36.25 -41.12
C SER H 161 -42.59 35.25 -42.23
N ALA H 162 -42.20 35.57 -43.47
CA ALA H 162 -42.44 34.66 -44.59
C ALA H 162 -41.71 33.34 -44.37
N ASN H 163 -40.45 33.41 -43.94
CA ASN H 163 -39.63 32.20 -43.82
C ASN H 163 -40.33 31.16 -42.95
N LYS H 164 -40.82 31.58 -41.78
CA LYS H 164 -41.51 30.64 -40.90
C LYS H 164 -42.79 30.12 -41.55
N CYS H 165 -43.52 30.99 -42.26
CA CYS H 165 -44.75 30.55 -42.92
C CYS H 165 -44.46 29.50 -43.98
N LEU H 166 -43.43 29.73 -44.80
CA LEU H 166 -43.05 28.74 -45.80
C LEU H 166 -42.56 27.45 -45.14
N LEU H 167 -41.82 27.59 -44.03
CA LEU H 167 -41.30 26.41 -43.34
C LEU H 167 -42.43 25.54 -42.83
N LYS H 168 -43.41 26.14 -42.16
CA LYS H 168 -44.49 25.36 -41.54
C LYS H 168 -45.32 24.64 -42.60
N VAL H 169 -45.69 25.33 -43.67
CA VAL H 169 -46.52 24.72 -44.70
C VAL H 169 -45.79 23.56 -45.35
N ALA H 170 -44.50 23.73 -45.66
CA ALA H 170 -43.72 22.67 -46.26
C ALA H 170 -43.61 21.47 -45.32
N GLY H 171 -43.38 21.73 -44.03
CA GLY H 171 -43.27 20.64 -43.08
C GLY H 171 -44.57 19.86 -42.94
N TYR H 172 -45.70 20.57 -42.86
CA TYR H 172 -46.98 19.89 -42.76
C TYR H 172 -47.29 19.11 -44.04
N ALA H 173 -46.93 19.66 -45.20
CA ALA H 173 -47.19 18.96 -46.46
C ALA H 173 -46.46 17.63 -46.50
N ALA H 174 -45.24 17.57 -45.95
CA ALA H 174 -44.47 16.33 -45.99
C ALA H 174 -45.23 15.19 -45.33
N GLN H 175 -46.08 15.50 -44.36
CA GLN H 175 -46.79 14.46 -43.62
C GLN H 175 -47.78 13.72 -44.53
N LEU H 176 -48.52 14.45 -45.36
CA LEU H 176 -49.62 13.87 -46.14
C LEU H 176 -49.51 14.17 -47.62
N GLU H 177 -48.45 14.86 -48.06
CA GLU H 177 -48.32 15.30 -49.44
C GLU H 177 -46.97 14.85 -49.98
N GLN H 178 -46.87 14.76 -51.31
CA GLN H 178 -45.64 14.27 -51.91
C GLN H 178 -44.45 15.11 -51.47
N TYR H 179 -43.30 14.45 -51.33
CA TYR H 179 -42.15 15.07 -50.68
C TYR H 179 -41.36 15.98 -51.62
N GLN H 180 -41.70 16.06 -52.90
CA GLN H 180 -40.98 16.94 -53.80
C GLN H 180 -41.04 18.39 -53.33
N LYS H 181 -42.23 18.83 -52.92
CA LYS H 181 -42.37 20.18 -52.38
C LYS H 181 -41.56 20.34 -51.10
N ALA H 182 -41.63 19.37 -50.20
CA ALA H 182 -40.89 19.46 -48.95
C ALA H 182 -39.41 19.71 -49.21
N ILE H 183 -38.84 18.99 -50.18
CA ILE H 183 -37.42 19.17 -50.50
C ILE H 183 -37.18 20.58 -51.02
N ASP H 184 -38.06 21.09 -51.87
CA ASP H 184 -37.83 22.38 -52.50
C ASP H 184 -37.82 23.51 -51.49
N ILE H 185 -38.86 23.61 -50.66
CA ILE H 185 -38.91 24.68 -49.67
C ILE H 185 -37.79 24.54 -48.65
N TYR H 186 -37.54 23.32 -48.18
CA TYR H 186 -36.49 23.13 -47.17
C TYR H 186 -35.12 23.53 -47.73
N GLU H 187 -34.84 23.15 -48.97
CA GLU H 187 -33.58 23.56 -49.60
C GLU H 187 -33.54 25.07 -49.80
N GLN H 188 -34.66 25.66 -50.22
CA GLN H 188 -34.69 27.10 -50.47
C GLN H 188 -34.43 27.89 -49.20
N VAL H 189 -35.10 27.51 -48.11
CA VAL H 189 -34.92 28.23 -46.85
C VAL H 189 -33.52 27.99 -46.30
N GLY H 190 -33.00 26.76 -46.46
CA GLY H 190 -31.66 26.48 -45.98
C GLY H 190 -30.61 27.30 -46.69
N THR H 191 -30.71 27.39 -48.03
CA THR H 191 -29.76 28.20 -48.78
C THR H 191 -29.86 29.67 -48.40
N SER H 192 -31.09 30.18 -48.27
CA SER H 192 -31.27 31.58 -47.87
C SER H 192 -30.70 31.84 -46.48
N ALA H 193 -30.93 30.90 -45.55
CA ALA H 193 -30.42 31.07 -44.20
C ALA H 193 -28.90 30.96 -44.14
N MET H 194 -28.29 30.30 -45.13
CA MET H 194 -26.85 30.07 -45.09
C MET H 194 -26.07 31.37 -45.05
N ASP H 195 -26.35 32.28 -45.99
CA ASP H 195 -25.63 33.54 -46.02
C ASP H 195 -25.92 34.37 -44.78
N SER H 196 -27.18 34.42 -44.36
CA SER H 196 -27.54 35.20 -43.18
C SER H 196 -26.89 34.61 -41.94
N PRO H 197 -26.34 35.43 -41.05
CA PRO H 197 -25.72 34.90 -39.82
C PRO H 197 -26.72 34.48 -38.75
N LEU H 198 -28.01 34.69 -38.97
CA LEU H 198 -29.00 34.37 -37.95
C LEU H 198 -29.24 32.86 -37.86
N LEU H 199 -29.66 32.24 -38.96
CA LEU H 199 -30.02 30.84 -38.98
C LEU H 199 -28.88 29.93 -39.43
N LYS H 200 -27.69 30.48 -39.68
CA LYS H 200 -26.59 29.66 -40.17
C LYS H 200 -26.22 28.56 -39.18
N TYR H 201 -26.32 28.83 -37.87
CA TYR H 201 -26.05 27.82 -36.86
C TYR H 201 -27.14 26.77 -36.78
N SER H 202 -28.36 27.07 -37.23
CA SER H 202 -29.49 26.16 -37.14
C SER H 202 -29.90 25.56 -38.48
N ALA H 203 -29.30 26.00 -39.59
CA ALA H 203 -29.67 25.46 -40.89
C ALA H 203 -29.40 23.97 -40.98
N LYS H 204 -28.50 23.44 -40.14
CA LYS H 204 -28.26 22.00 -40.14
C LYS H 204 -29.54 21.21 -39.87
N ASP H 205 -30.40 21.74 -39.01
CA ASP H 205 -31.67 21.07 -38.75
C ASP H 205 -32.52 21.01 -40.01
N TYR H 206 -32.58 22.10 -40.77
CA TYR H 206 -33.31 22.09 -42.03
C TYR H 206 -32.67 21.11 -43.01
N PHE H 207 -31.34 21.08 -43.07
CA PHE H 207 -30.67 20.09 -43.91
C PHE H 207 -30.95 18.67 -43.41
N PHE H 208 -31.02 18.49 -42.09
CA PHE H 208 -31.39 17.19 -41.55
C PHE H 208 -32.78 16.77 -42.02
N LYS H 209 -33.75 17.68 -41.93
CA LYS H 209 -35.11 17.34 -42.32
C LYS H 209 -35.19 17.04 -43.81
N ALA H 210 -34.48 17.82 -44.63
CA ALA H 210 -34.51 17.59 -46.07
C ALA H 210 -33.97 16.20 -46.42
N ALA H 211 -32.88 15.78 -45.76
CA ALA H 211 -32.34 14.46 -46.01
C ALA H 211 -33.34 13.37 -45.61
N LEU H 212 -34.01 13.54 -44.46
CA LEU H 212 -35.02 12.57 -44.04
C LEU H 212 -36.16 12.51 -45.06
N CYS H 213 -36.59 13.66 -45.56
CA CYS H 213 -37.65 13.68 -46.56
C CYS H 213 -37.19 12.97 -47.84
N HIS H 214 -35.95 13.20 -48.25
CA HIS H 214 -35.45 12.55 -49.46
C HIS H 214 -35.21 11.06 -49.23
N PHE H 215 -34.68 10.70 -48.06
CA PHE H 215 -34.40 9.30 -47.78
C PHE H 215 -35.67 8.45 -47.85
N CYS H 216 -36.79 9.00 -47.37
CA CYS H 216 -38.02 8.21 -47.28
C CYS H 216 -38.47 7.67 -48.64
N ILE H 217 -38.04 8.29 -49.73
CA ILE H 217 -38.42 7.83 -51.06
C ILE H 217 -37.47 6.74 -51.52
N ASP H 218 -36.19 7.07 -51.64
CA ASP H 218 -35.20 6.12 -52.13
C ASP H 218 -33.87 6.39 -51.46
N MET H 219 -32.95 5.44 -51.62
CA MET H 219 -31.63 5.48 -50.97
C MET H 219 -30.57 6.11 -51.86
N LEU H 220 -30.55 5.76 -53.15
CA LEU H 220 -29.43 6.11 -54.00
C LEU H 220 -29.34 7.62 -54.21
N ASN H 221 -30.45 8.26 -54.59
CA ASN H 221 -30.44 9.69 -54.76
C ASN H 221 -30.27 10.41 -53.42
N ALA H 222 -30.69 9.77 -52.33
CA ALA H 222 -30.43 10.34 -51.01
C ALA H 222 -28.94 10.45 -50.73
N LYS H 223 -28.17 9.45 -51.15
CA LYS H 223 -26.72 9.55 -51.07
C LYS H 223 -26.22 10.70 -51.92
N LEU H 224 -26.81 10.89 -53.10
CA LEU H 224 -26.45 12.03 -53.95
C LEU H 224 -26.81 13.35 -53.28
N ALA H 225 -27.98 13.41 -52.62
CA ALA H 225 -28.40 14.64 -51.98
C ALA H 225 -27.48 15.01 -50.82
N VAL H 226 -27.18 14.04 -49.95
CA VAL H 226 -26.36 14.32 -48.78
C VAL H 226 -24.95 14.74 -49.19
N GLN H 227 -24.37 14.03 -50.16
CA GLN H 227 -23.02 14.40 -50.59
C GLN H 227 -23.01 15.77 -51.24
N LYS H 228 -24.07 16.12 -51.96
CA LYS H 228 -24.18 17.47 -52.50
C LYS H 228 -24.29 18.49 -51.39
N TYR H 229 -25.05 18.19 -50.34
CA TYR H 229 -25.22 19.13 -49.24
C TYR H 229 -23.89 19.42 -48.56
N GLU H 230 -23.15 18.36 -48.20
CA GLU H 230 -21.87 18.57 -47.52
C GLU H 230 -20.85 19.22 -48.44
N GLU H 231 -20.94 18.97 -49.75
CA GLU H 231 -20.07 19.68 -50.69
C GLU H 231 -20.34 21.17 -50.65
N LEU H 232 -21.62 21.57 -50.65
CA LEU H 232 -21.96 22.98 -50.59
C LEU H 232 -21.71 23.55 -49.20
N PHE H 233 -21.93 22.73 -48.16
CA PHE H 233 -21.79 23.13 -46.77
C PHE H 233 -20.74 22.22 -46.14
N PRO H 234 -19.45 22.56 -46.27
CA PRO H 234 -18.41 21.65 -45.76
C PRO H 234 -18.55 21.35 -44.27
N ALA H 235 -19.01 22.32 -43.48
CA ALA H 235 -19.11 22.14 -42.04
C ALA H 235 -20.25 21.21 -41.64
N PHE H 236 -20.98 20.63 -42.60
CA PHE H 236 -22.01 19.65 -42.28
C PHE H 236 -21.42 18.27 -42.03
N SER H 237 -20.18 18.04 -42.47
CA SER H 237 -19.55 16.74 -42.26
C SER H 237 -19.37 16.43 -40.78
N ASP H 238 -18.93 17.42 -40.00
CA ASP H 238 -18.69 17.20 -38.58
C ASP H 238 -19.98 17.14 -37.75
N SER H 239 -21.11 17.55 -38.33
CA SER H 239 -22.36 17.51 -37.60
C SER H 239 -22.69 16.08 -37.16
N ARG H 240 -23.12 15.94 -35.90
CA ARG H 240 -23.49 14.62 -35.41
C ARG H 240 -24.61 14.00 -36.24
N GLU H 241 -25.49 14.83 -36.80
CA GLU H 241 -26.56 14.31 -37.64
C GLU H 241 -26.01 13.62 -38.88
N CYS H 242 -24.95 14.17 -39.48
CA CYS H 242 -24.36 13.53 -40.65
C CYS H 242 -23.86 12.13 -40.30
N LYS H 243 -23.22 11.97 -39.14
CA LYS H 243 -22.80 10.66 -38.71
C LYS H 243 -24.00 9.74 -38.52
N LEU H 244 -25.10 10.26 -37.97
CA LEU H 244 -26.30 9.47 -37.80
C LEU H 244 -26.83 8.98 -39.14
N MET H 245 -26.86 9.86 -40.14
CA MET H 245 -27.32 9.45 -41.47
C MET H 245 -26.42 8.35 -42.03
N LYS H 246 -25.10 8.54 -41.95
CA LYS H 246 -24.17 7.58 -42.54
C LYS H 246 -24.34 6.20 -41.90
N LYS H 247 -24.49 6.15 -40.58
CA LYS H 247 -24.73 4.88 -39.91
C LYS H 247 -26.08 4.30 -40.33
N LEU H 248 -27.11 5.15 -40.44
CA LEU H 248 -28.44 4.66 -40.80
C LEU H 248 -28.44 4.07 -42.20
N LEU H 249 -27.92 4.81 -43.19
CA LEU H 249 -27.92 4.30 -44.55
C LEU H 249 -27.06 3.06 -44.67
N GLU H 250 -25.90 3.03 -43.98
CA GLU H 250 -25.05 1.86 -44.04
C GLU H 250 -25.75 0.63 -43.46
N ALA H 251 -26.42 0.81 -42.32
CA ALA H 251 -27.16 -0.31 -41.72
C ALA H 251 -28.30 -0.76 -42.63
N HIS H 252 -29.03 0.19 -43.20
CA HIS H 252 -30.14 -0.16 -44.07
C HIS H 252 -29.68 -0.95 -45.29
N GLU H 253 -28.51 -0.62 -45.84
CA GLU H 253 -27.96 -1.41 -46.94
C GLU H 253 -27.75 -2.86 -46.53
N GLU H 254 -27.47 -3.10 -45.25
CA GLU H 254 -27.24 -4.43 -44.74
C GLU H 254 -28.53 -5.19 -44.41
N GLN H 255 -29.66 -4.50 -44.33
CA GLN H 255 -30.93 -5.14 -44.00
C GLN H 255 -30.84 -5.81 -42.61
N ASN H 256 -30.56 -4.99 -41.61
CA ASN H 256 -30.40 -5.43 -40.23
C ASN H 256 -31.26 -4.56 -39.33
N VAL H 257 -32.36 -5.13 -38.83
CA VAL H 257 -33.26 -4.38 -37.96
C VAL H 257 -32.56 -4.00 -36.66
N ASP H 258 -31.80 -4.94 -36.07
CA ASP H 258 -31.21 -4.70 -34.76
C ASP H 258 -30.26 -3.50 -34.78
N SER H 259 -29.39 -3.45 -35.78
CA SER H 259 -28.42 -2.35 -35.85
C SER H 259 -29.11 -1.00 -36.03
N TYR H 260 -30.11 -0.95 -36.91
CA TYR H 260 -30.84 0.28 -37.12
C TYR H 260 -31.61 0.70 -35.87
N THR H 261 -32.27 -0.26 -35.22
CA THR H 261 -33.07 0.07 -34.05
C THR H 261 -32.20 0.58 -32.90
N GLU H 262 -31.05 -0.07 -32.67
CA GLU H 262 -30.19 0.38 -31.58
C GLU H 262 -29.56 1.73 -31.89
N SER H 263 -29.23 1.99 -33.15
CA SER H 263 -28.63 3.28 -33.51
C SER H 263 -29.59 4.43 -33.24
N VAL H 264 -30.86 4.27 -33.64
CA VAL H 264 -31.85 5.32 -33.39
C VAL H 264 -32.11 5.45 -31.90
N LYS H 265 -32.13 4.32 -31.18
CA LYS H 265 -32.27 4.38 -29.72
C LYS H 265 -31.08 5.12 -29.10
N GLU H 266 -29.87 4.86 -29.60
CA GLU H 266 -28.70 5.55 -29.07
C GLU H 266 -28.82 7.05 -29.27
N TYR H 267 -29.27 7.47 -30.46
CA TYR H 267 -29.52 8.89 -30.69
C TYR H 267 -30.62 9.41 -29.78
N ASP H 268 -31.67 8.60 -29.57
CA ASP H 268 -32.74 9.01 -28.68
C ASP H 268 -32.28 9.14 -27.24
N SER H 269 -31.30 8.34 -26.83
CA SER H 269 -30.80 8.40 -25.45
C SER H 269 -30.35 9.82 -25.12
N ILE H 270 -29.58 10.44 -26.01
CA ILE H 270 -29.19 11.83 -25.84
C ILE H 270 -30.24 12.73 -26.50
N SER H 271 -30.44 13.91 -25.94
CA SER H 271 -31.49 14.80 -26.40
C SER H 271 -32.83 14.07 -26.40
N ARG H 272 -33.72 14.40 -27.32
CA ARG H 272 -35.02 13.74 -27.40
C ARG H 272 -35.51 13.76 -28.83
N LEU H 273 -36.32 12.76 -29.17
CA LEU H 273 -36.98 12.70 -30.46
C LEU H 273 -38.26 13.54 -30.42
N ASP H 274 -38.93 13.63 -31.57
CA ASP H 274 -40.14 14.42 -31.72
C ASP H 274 -41.24 13.58 -32.34
N GLN H 275 -42.48 14.06 -32.19
CA GLN H 275 -43.63 13.34 -32.73
C GLN H 275 -43.50 13.12 -34.23
N TRP H 276 -42.84 14.06 -34.92
CA TRP H 276 -42.73 13.97 -36.37
C TRP H 276 -41.63 13.00 -36.79
N LEU H 277 -40.41 13.21 -36.29
CA LEU H 277 -39.28 12.39 -36.72
C LEU H 277 -39.49 10.93 -36.36
N THR H 278 -40.08 10.64 -35.20
CA THR H 278 -40.34 9.25 -34.84
C THR H 278 -41.23 8.58 -35.87
N THR H 279 -42.28 9.28 -36.32
CA THR H 279 -43.14 8.74 -37.37
C THR H 279 -42.36 8.51 -38.65
N MET H 280 -41.50 9.46 -39.01
CA MET H 280 -40.70 9.33 -40.23
C MET H 280 -39.80 8.10 -40.15
N LEU H 281 -39.11 7.91 -39.03
CA LEU H 281 -38.22 6.76 -38.89
C LEU H 281 -39.01 5.46 -38.94
N LEU H 282 -40.18 5.41 -38.28
CA LEU H 282 -40.99 4.21 -38.33
C LEU H 282 -41.47 3.92 -39.75
N ARG H 283 -41.88 4.96 -40.47
CA ARG H 283 -42.41 4.76 -41.83
C ARG H 283 -41.35 4.16 -42.75
N ILE H 284 -40.13 4.71 -42.71
CA ILE H 284 -39.07 4.16 -43.54
C ILE H 284 -38.72 2.74 -43.11
N LYS H 285 -38.78 2.47 -41.81
CA LYS H 285 -38.46 1.14 -41.31
C LYS H 285 -39.47 0.11 -41.80
N LYS H 286 -40.75 0.48 -41.85
CA LYS H 286 -41.80 -0.49 -42.18
C LYS H 286 -41.62 -1.08 -43.56
N THR H 287 -40.96 -0.38 -44.48
CA THR H 287 -40.77 -0.85 -45.85
C THR H 287 -39.36 -1.40 -46.06
N ILE H 288 -38.70 -1.81 -44.98
CA ILE H 288 -37.32 -2.29 -45.09
C ILE H 288 -37.28 -3.59 -45.88
N GLN H 289 -38.26 -4.48 -45.65
CA GLN H 289 -38.33 -5.76 -46.34
C GLN H 289 -37.04 -6.56 -46.14
N GLY I 1 -37.99 71.39 -3.88
CA GLY I 1 -37.65 72.43 -2.87
C GLY I 1 -38.29 73.77 -3.18
N MET I 2 -37.40 74.71 -3.58
CA MET I 2 -37.92 76.04 -3.89
C MET I 2 -38.91 75.98 -5.05
N ASP I 3 -38.65 75.18 -6.08
CA ASP I 3 -39.57 75.02 -7.20
C ASP I 3 -40.94 74.55 -6.72
N THR I 4 -40.95 73.52 -5.87
CA THR I 4 -42.22 72.99 -5.37
C THR I 4 -42.99 74.03 -4.57
N SER I 5 -42.29 74.78 -3.72
CA SER I 5 -42.96 75.81 -2.92
C SER I 5 -43.58 76.88 -3.82
N GLY I 6 -42.82 77.34 -4.81
CA GLY I 6 -43.36 78.34 -5.72
C GLY I 6 -44.52 77.81 -6.55
N LYS I 7 -44.43 76.54 -6.96
CA LYS I 7 -45.51 75.96 -7.74
C LYS I 7 -46.81 75.93 -6.94
N GLN I 8 -46.74 75.55 -5.66
CA GLN I 8 -47.93 75.57 -4.84
C GLN I 8 -48.47 76.99 -4.65
N ALA I 9 -47.59 77.97 -4.57
CA ALA I 9 -48.02 79.35 -4.35
C ALA I 9 -48.95 79.80 -5.46
N GLU I 10 -48.54 79.63 -6.71
CA GLU I 10 -49.42 79.96 -7.83
C GLU I 10 -50.48 78.90 -8.05
N ALA I 11 -50.28 77.69 -7.51
CA ALA I 11 -51.32 76.67 -7.59
C ALA I 11 -52.55 77.08 -6.78
N MET I 12 -52.33 77.58 -5.56
CA MET I 12 -53.43 78.14 -4.79
C MET I 12 -54.02 79.35 -5.50
N ALA I 13 -53.17 80.19 -6.09
CA ALA I 13 -53.66 81.33 -6.85
C ALA I 13 -54.58 80.88 -7.98
N LEU I 14 -54.11 79.94 -8.82
CA LEU I 14 -54.92 79.51 -9.95
C LEU I 14 -56.24 78.91 -9.48
N LEU I 15 -56.21 78.11 -8.41
CA LEU I 15 -57.46 77.61 -7.84
C LEU I 15 -58.34 78.76 -7.37
N ALA I 16 -57.73 79.82 -6.83
CA ALA I 16 -58.50 80.98 -6.41
C ALA I 16 -59.21 81.62 -7.61
N GLU I 17 -58.50 81.79 -8.73
CA GLU I 17 -59.17 82.22 -9.95
C GLU I 17 -60.14 81.15 -10.44
N ALA I 18 -59.73 79.88 -10.38
CA ALA I 18 -60.58 78.81 -10.90
C ALA I 18 -61.95 78.82 -10.26
N GLU I 19 -62.01 78.97 -8.93
CA GLU I 19 -63.31 79.11 -8.27
C GLU I 19 -63.96 80.43 -8.62
N ARG I 20 -63.16 81.44 -9.00
CA ARG I 20 -63.73 82.67 -9.54
C ARG I 20 -64.28 82.46 -10.93
N LYS I 21 -63.61 81.63 -11.73
CA LYS I 21 -64.09 81.35 -13.09
C LYS I 21 -65.44 80.68 -13.06
N VAL I 22 -65.63 79.71 -12.15
CA VAL I 22 -66.88 78.95 -12.14
C VAL I 22 -68.03 79.81 -11.64
N LYS I 23 -67.81 80.59 -10.57
CA LYS I 23 -68.91 81.35 -9.99
C LYS I 23 -69.37 82.46 -10.93
N ASN I 24 -68.41 83.16 -11.54
CA ASN I 24 -68.77 84.22 -12.47
C ASN I 24 -69.26 83.69 -13.81
N SER I 25 -68.73 82.55 -14.26
CA SER I 25 -69.18 82.00 -15.53
C SER I 25 -70.66 81.62 -15.47
N GLN I 26 -71.09 80.99 -14.37
CA GLN I 26 -72.51 80.68 -14.23
C GLN I 26 -73.33 81.94 -14.10
N SER I 27 -72.80 82.95 -13.41
CA SER I 27 -73.50 84.24 -13.32
C SER I 27 -73.61 84.88 -14.69
N PHE I 28 -72.53 84.85 -15.49
CA PHE I 28 -72.59 85.43 -16.83
C PHE I 28 -73.53 84.64 -17.73
N PHE I 29 -73.56 83.31 -17.58
CA PHE I 29 -74.49 82.50 -18.37
C PHE I 29 -75.94 82.89 -18.07
N SER I 30 -76.26 83.09 -16.79
CA SER I 30 -77.62 83.48 -16.43
C SER I 30 -77.96 84.87 -16.93
N GLY I 31 -77.04 85.82 -16.78
CA GLY I 31 -77.32 87.21 -17.10
C GLY I 31 -77.05 87.60 -18.54
N LEU I 32 -76.23 86.82 -19.24
CA LEU I 32 -75.87 87.13 -20.63
C LEU I 32 -76.03 85.97 -21.60
N PHE I 33 -75.98 84.72 -21.15
CA PHE I 33 -76.12 83.57 -22.02
C PHE I 33 -75.05 83.58 -23.12
N GLY I 34 -73.80 83.49 -22.69
CA GLY I 34 -72.68 83.49 -23.60
C GLY I 34 -72.40 82.16 -24.28
N GLY I 35 -73.16 81.12 -23.95
CA GLY I 35 -72.96 79.81 -24.56
C GLY I 35 -72.34 78.83 -23.59
N SER I 36 -71.27 78.15 -24.03
CA SER I 36 -70.60 77.18 -23.17
C SER I 36 -69.07 77.29 -23.26
N SER I 37 -68.54 78.30 -23.96
CA SER I 37 -67.09 78.44 -24.08
C SER I 37 -66.45 78.66 -22.72
N LYS I 38 -67.07 79.47 -21.87
CA LYS I 38 -66.49 79.76 -20.56
C LYS I 38 -66.37 78.49 -19.71
N ILE I 39 -67.37 77.60 -19.80
CA ILE I 39 -67.30 76.35 -19.06
C ILE I 39 -66.12 75.52 -19.54
N GLU I 40 -65.93 75.46 -20.86
CA GLU I 40 -64.75 74.75 -21.39
C GLU I 40 -63.46 75.38 -20.88
N GLU I 41 -63.37 76.71 -20.94
CA GLU I 41 -62.16 77.38 -20.47
C GLU I 41 -61.87 77.02 -19.01
N ALA I 42 -62.90 76.96 -18.17
CA ALA I 42 -62.69 76.55 -16.79
C ALA I 42 -62.16 75.12 -16.71
N CYS I 43 -62.62 74.25 -17.61
CA CYS I 43 -62.18 72.86 -17.56
C CYS I 43 -60.67 72.75 -17.80
N GLU I 44 -60.15 73.46 -18.80
CA GLU I 44 -58.70 73.45 -19.01
C GLU I 44 -57.98 74.06 -17.82
N ILE I 45 -58.56 75.07 -17.19
CA ILE I 45 -57.97 75.66 -15.99
C ILE I 45 -57.90 74.61 -14.89
N TYR I 46 -58.97 73.84 -14.71
CA TYR I 46 -58.92 72.72 -13.78
C TYR I 46 -57.86 71.72 -14.20
N ALA I 47 -57.78 71.41 -15.50
CA ALA I 47 -56.76 70.48 -15.98
C ALA I 47 -55.36 71.02 -15.71
N ARG I 48 -55.09 72.25 -16.15
CA ARG I 48 -53.76 72.82 -15.96
C ARG I 48 -53.43 72.93 -14.48
N ALA I 49 -54.39 73.39 -13.67
CA ALA I 49 -54.17 73.48 -12.23
C ALA I 49 -53.81 72.12 -11.65
N ALA I 50 -54.58 71.08 -12.00
CA ALA I 50 -54.32 69.75 -11.47
C ALA I 50 -52.91 69.29 -11.83
N ASN I 51 -52.44 69.63 -13.02
CA ASN I 51 -51.13 69.15 -13.46
C ASN I 51 -50.02 69.81 -12.65
N MET I 52 -50.16 71.12 -12.37
CA MET I 52 -49.21 71.78 -11.49
C MET I 52 -49.25 71.20 -10.08
N PHE I 53 -50.42 70.74 -9.64
CA PHE I 53 -50.50 70.11 -8.32
C PHE I 53 -49.61 68.87 -8.26
N LYS I 54 -49.63 68.06 -9.32
CA LYS I 54 -48.77 66.88 -9.36
C LYS I 54 -47.31 67.27 -9.52
N MET I 55 -47.04 68.36 -10.25
CA MET I 55 -45.68 68.89 -10.30
C MET I 55 -45.23 69.37 -8.93
N ALA I 56 -46.18 69.71 -8.07
CA ALA I 56 -45.89 70.22 -6.73
C ALA I 56 -45.79 69.13 -5.68
N LYS I 57 -45.96 67.86 -6.07
CA LYS I 57 -45.85 66.73 -5.13
C LYS I 57 -46.97 66.74 -4.10
N ASN I 58 -48.20 67.00 -4.55
CA ASN I 58 -49.40 66.95 -3.71
C ASN I 58 -50.46 66.20 -4.50
N TRP I 59 -50.51 64.88 -4.30
CA TRP I 59 -51.34 64.03 -5.15
C TRP I 59 -52.82 64.10 -4.76
N SER I 60 -53.12 64.18 -3.47
CA SER I 60 -54.51 64.13 -3.03
C SER I 60 -55.32 65.27 -3.63
N ALA I 61 -54.79 66.48 -3.57
CA ALA I 61 -55.49 67.62 -4.17
C ALA I 61 -55.56 67.48 -5.69
N ALA I 62 -54.50 66.98 -6.32
CA ALA I 62 -54.51 66.79 -7.76
C ALA I 62 -55.60 65.82 -8.17
N GLY I 63 -55.75 64.71 -7.43
CA GLY I 63 -56.82 63.78 -7.74
C GLY I 63 -58.19 64.41 -7.61
N ASN I 64 -58.37 65.25 -6.60
CA ASN I 64 -59.64 65.98 -6.46
C ASN I 64 -59.88 66.88 -7.66
N ALA I 65 -58.84 67.58 -8.11
CA ALA I 65 -58.99 68.50 -9.24
C ALA I 65 -59.39 67.73 -10.50
N PHE I 66 -58.75 66.60 -10.76
CA PHE I 66 -59.11 65.80 -11.93
C PHE I 66 -60.54 65.29 -11.83
N CYS I 67 -60.93 64.81 -10.64
CA CYS I 67 -62.30 64.34 -10.46
C CYS I 67 -63.30 65.47 -10.67
N GLN I 68 -63.01 66.65 -10.13
CA GLN I 68 -63.90 67.80 -10.32
C GLN I 68 -64.01 68.16 -11.79
N ALA I 69 -62.88 68.19 -12.50
CA ALA I 69 -62.92 68.47 -13.94
C ALA I 69 -63.68 67.39 -14.69
N ALA I 70 -63.48 66.12 -14.31
CA ALA I 70 -64.14 65.03 -15.01
C ALA I 70 -65.65 65.12 -14.86
N GLN I 71 -66.15 65.34 -13.64
CA GLN I 71 -67.58 65.40 -13.41
C GLN I 71 -68.19 66.60 -14.13
N LEU I 72 -67.51 67.75 -14.10
CA LEU I 72 -68.01 68.91 -14.82
C LEU I 72 -68.03 68.66 -16.32
N HIS I 73 -67.00 68.01 -16.86
CA HIS I 73 -66.95 67.77 -18.29
C HIS I 73 -68.07 66.82 -18.73
N LEU I 74 -68.29 65.73 -17.99
CA LEU I 74 -69.37 64.82 -18.36
C LEU I 74 -70.72 65.48 -18.19
N GLN I 75 -70.85 66.45 -17.28
CA GLN I 75 -72.06 67.25 -17.21
C GLN I 75 -72.21 68.10 -18.46
N LEU I 76 -71.12 68.35 -19.18
CA LEU I 76 -71.15 69.05 -20.45
C LEU I 76 -71.49 68.13 -21.63
N GLN I 77 -71.83 66.87 -21.34
CA GLN I 77 -72.28 65.92 -22.36
C GLN I 77 -71.15 65.52 -23.29
N SER I 78 -69.96 65.27 -22.73
CA SER I 78 -68.83 64.70 -23.45
C SER I 78 -68.15 63.68 -22.56
N LYS I 79 -67.81 62.53 -23.14
CA LYS I 79 -67.40 61.36 -22.36
C LYS I 79 -65.89 61.12 -22.39
N HIS I 80 -65.30 61.03 -23.58
CA HIS I 80 -63.92 60.55 -23.68
C HIS I 80 -62.96 61.43 -22.89
N ASP I 81 -63.11 62.76 -22.99
CA ASP I 81 -62.26 63.65 -22.19
C ASP I 81 -62.48 63.43 -20.70
N ALA I 82 -63.73 63.23 -20.29
CA ALA I 82 -64.01 62.92 -18.90
C ALA I 82 -63.38 61.60 -18.50
N ALA I 83 -63.42 60.60 -19.40
CA ALA I 83 -62.83 59.31 -19.10
C ALA I 83 -61.34 59.44 -18.83
N THR I 84 -60.65 60.24 -19.66
CA THR I 84 -59.23 60.47 -19.43
C THR I 84 -58.99 61.12 -18.08
N CYS I 85 -59.83 62.09 -17.71
CA CYS I 85 -59.69 62.74 -16.41
C CYS I 85 -59.89 61.75 -15.26
N PHE I 86 -60.90 60.88 -15.37
CA PHE I 86 -61.16 59.92 -14.31
C PHE I 86 -59.99 58.95 -14.15
N VAL I 87 -59.46 58.44 -15.27
CA VAL I 87 -58.34 57.51 -15.18
C VAL I 87 -57.11 58.21 -14.60
N ASP I 88 -56.88 59.46 -15.00
CA ASP I 88 -55.74 60.20 -14.45
C ASP I 88 -55.88 60.38 -12.94
N ALA I 89 -57.09 60.67 -12.47
CA ALA I 89 -57.31 60.79 -11.03
C ALA I 89 -57.04 59.46 -10.33
N GLY I 90 -57.48 58.36 -10.92
CA GLY I 90 -57.17 57.05 -10.34
C GLY I 90 -55.69 56.80 -10.25
N ASN I 91 -54.94 57.16 -11.29
CA ASN I 91 -53.49 57.02 -11.25
C ASN I 91 -52.89 57.88 -10.14
N ALA I 92 -53.37 59.11 -10.00
CA ALA I 92 -52.88 59.98 -8.93
C ALA I 92 -53.20 59.40 -7.56
N PHE I 93 -54.41 58.85 -7.41
CA PHE I 93 -54.81 58.29 -6.12
C PHE I 93 -54.16 56.94 -5.83
N LYS I 94 -53.48 56.35 -6.80
CA LYS I 94 -52.89 55.03 -6.60
C LYS I 94 -52.02 54.99 -5.34
N LYS I 95 -51.11 55.95 -5.23
CA LYS I 95 -50.34 56.11 -4.00
C LYS I 95 -51.15 56.93 -2.99
N ALA I 96 -50.62 57.04 -1.79
CA ALA I 96 -51.29 57.76 -0.71
C ALA I 96 -52.58 57.04 -0.33
N ASP I 97 -53.73 57.58 -0.73
CA ASP I 97 -55.01 56.97 -0.42
C ASP I 97 -55.58 56.34 -1.68
N PRO I 98 -55.58 55.01 -1.81
CA PRO I 98 -56.09 54.37 -3.04
C PRO I 98 -57.53 53.90 -2.99
N GLN I 99 -58.25 54.08 -1.88
CA GLN I 99 -59.61 53.55 -1.79
C GLN I 99 -60.51 54.17 -2.84
N GLU I 100 -60.55 55.50 -2.90
CA GLU I 100 -61.38 56.18 -3.90
C GLU I 100 -60.88 55.94 -5.32
N ALA I 101 -59.61 55.56 -5.49
CA ALA I 101 -59.13 55.20 -6.82
C ALA I 101 -59.91 54.01 -7.37
N ILE I 102 -60.33 53.11 -6.48
CA ILE I 102 -61.13 51.96 -6.90
C ILE I 102 -62.44 52.43 -7.52
N ASN I 103 -63.15 53.33 -6.83
CA ASN I 103 -64.44 53.79 -7.32
C ASN I 103 -64.32 54.52 -8.64
N CYS I 104 -63.35 55.43 -8.76
CA CYS I 104 -63.18 56.17 -10.00
C CYS I 104 -62.77 55.26 -11.14
N LEU I 105 -61.86 54.31 -10.89
CA LEU I 105 -61.46 53.37 -11.93
C LEU I 105 -62.64 52.52 -12.39
N MET I 106 -63.47 52.08 -11.45
CA MET I 106 -64.67 51.35 -11.83
C MET I 106 -65.57 52.21 -12.70
N ARG I 107 -65.72 53.49 -12.36
CA ARG I 107 -66.48 54.39 -13.21
C ARG I 107 -65.83 54.51 -14.59
N ALA I 108 -64.50 54.61 -14.64
CA ALA I 108 -63.82 54.65 -15.92
C ALA I 108 -64.07 53.39 -16.73
N ILE I 109 -64.05 52.23 -16.06
CA ILE I 109 -64.42 50.99 -16.73
C ILE I 109 -65.89 51.01 -17.11
N GLU I 110 -66.73 51.57 -16.23
CA GLU I 110 -68.16 51.58 -16.49
C GLU I 110 -68.50 52.39 -17.74
N ILE I 111 -67.79 53.51 -17.95
CA ILE I 111 -67.98 54.26 -19.19
C ILE I 111 -67.32 53.55 -20.35
N TYR I 112 -66.14 52.96 -20.12
CA TYR I 112 -65.45 52.23 -21.19
C TYR I 112 -66.27 51.04 -21.66
N THR I 113 -66.84 50.28 -20.73
CA THR I 113 -67.68 49.15 -21.12
C THR I 113 -68.91 49.63 -21.88
N ASP I 114 -69.46 50.79 -21.50
CA ASP I 114 -70.60 51.32 -22.23
C ASP I 114 -70.27 51.52 -23.70
N MET I 115 -69.31 52.41 -23.99
CA MET I 115 -68.98 52.71 -25.38
C MET I 115 -68.71 51.42 -26.16
N GLY I 116 -67.88 50.54 -25.62
CA GLY I 116 -67.75 49.21 -26.18
C GLY I 116 -66.34 48.67 -26.31
N ARG I 117 -65.33 49.47 -25.97
CA ARG I 117 -63.95 49.02 -26.07
C ARG I 117 -63.56 48.26 -24.81
N PHE I 118 -62.98 47.08 -25.00
CA PHE I 118 -62.75 46.13 -23.92
C PHE I 118 -61.29 46.04 -23.48
N THR I 119 -60.35 46.00 -24.42
CA THR I 119 -58.96 45.75 -24.07
C THR I 119 -58.48 46.72 -23.00
N ILE I 120 -58.91 47.98 -23.10
CA ILE I 120 -58.58 48.94 -22.05
C ILE I 120 -59.33 48.61 -20.76
N ALA I 121 -60.57 48.13 -20.87
CA ALA I 121 -61.33 47.76 -19.68
C ALA I 121 -60.64 46.63 -18.93
N ALA I 122 -60.23 45.58 -19.65
CA ALA I 122 -59.54 44.47 -19.00
C ALA I 122 -58.24 44.94 -18.37
N LYS I 123 -57.55 45.88 -19.03
CA LYS I 123 -56.33 46.44 -18.45
C LYS I 123 -56.63 47.14 -17.13
N HIS I 124 -57.77 47.82 -17.04
CA HIS I 124 -58.14 48.47 -15.79
C HIS I 124 -58.57 47.45 -14.74
N HIS I 125 -59.25 46.37 -15.17
CA HIS I 125 -59.63 45.34 -14.21
C HIS I 125 -58.40 44.71 -13.55
N ILE I 126 -57.38 44.36 -14.35
CA ILE I 126 -56.19 43.74 -13.78
C ILE I 126 -55.47 44.73 -12.87
N SER I 127 -55.40 46.00 -13.27
CA SER I 127 -54.76 47.00 -12.41
C SER I 127 -55.48 47.11 -11.07
N ILE I 128 -56.81 47.11 -11.08
CA ILE I 128 -57.55 47.16 -9.83
C ILE I 128 -57.29 45.92 -9.00
N ALA I 129 -57.27 44.75 -9.64
CA ALA I 129 -56.99 43.52 -8.92
C ALA I 129 -55.60 43.55 -8.29
N GLU I 130 -54.63 44.13 -9.00
CA GLU I 130 -53.29 44.29 -8.44
C GLU I 130 -53.34 45.18 -7.21
N ILE I 131 -54.15 46.24 -7.24
CA ILE I 131 -54.25 47.14 -6.10
C ILE I 131 -54.77 46.39 -4.88
N TYR I 132 -55.80 45.57 -5.06
CA TYR I 132 -56.31 44.78 -3.95
C TYR I 132 -55.25 43.83 -3.43
N GLU I 133 -54.55 43.14 -4.32
CA GLU I 133 -53.56 42.15 -3.89
C GLU I 133 -52.41 42.80 -3.14
N THR I 134 -51.91 43.93 -3.65
CA THR I 134 -50.71 44.53 -3.06
C THR I 134 -51.02 45.25 -1.74
N GLU I 135 -52.19 45.89 -1.64
CA GLU I 135 -52.50 46.72 -0.50
C GLU I 135 -53.53 46.12 0.45
N LEU I 136 -54.42 45.25 -0.04
CA LEU I 136 -55.47 44.66 0.78
C LEU I 136 -55.33 43.13 0.78
N VAL I 137 -56.14 42.49 1.61
CA VAL I 137 -56.11 41.04 1.79
C VAL I 137 -57.37 40.36 1.30
N ASP I 138 -58.37 41.12 0.85
CA ASP I 138 -59.62 40.54 0.35
C ASP I 138 -59.35 39.92 -1.02
N VAL I 139 -58.71 38.75 -0.99
CA VAL I 139 -58.34 38.06 -2.22
C VAL I 139 -59.55 37.68 -3.05
N GLU I 140 -60.73 37.56 -2.43
CA GLU I 140 -61.91 37.16 -3.18
C GLU I 140 -62.23 38.16 -4.29
N LYS I 141 -62.12 39.45 -3.98
CA LYS I 141 -62.32 40.47 -5.02
C LYS I 141 -61.27 40.34 -6.12
N ALA I 142 -60.02 40.03 -5.74
CA ALA I 142 -58.99 39.83 -6.75
C ALA I 142 -59.33 38.65 -7.65
N ILE I 143 -59.87 37.57 -7.08
CA ILE I 143 -60.26 36.42 -7.89
C ILE I 143 -61.33 36.82 -8.90
N ALA I 144 -62.34 37.57 -8.44
CA ALA I 144 -63.42 37.98 -9.33
C ALA I 144 -62.91 38.87 -10.45
N HIS I 145 -62.09 39.87 -10.11
CA HIS I 145 -61.58 40.78 -11.12
C HIS I 145 -60.67 40.06 -12.11
N TYR I 146 -59.78 39.19 -11.62
CA TYR I 146 -58.92 38.44 -12.51
C TYR I 146 -59.74 37.51 -13.42
N GLU I 147 -60.73 36.83 -12.85
CA GLU I 147 -61.59 35.98 -13.66
C GLU I 147 -62.34 36.79 -14.71
N GLN I 148 -62.85 37.95 -14.32
CA GLN I 148 -63.57 38.79 -15.27
C GLN I 148 -62.64 39.27 -16.37
N SER I 149 -61.41 39.66 -16.02
CA SER I 149 -60.45 40.08 -17.02
C SER I 149 -60.10 38.95 -17.97
N ALA I 150 -59.87 37.75 -17.43
CA ALA I 150 -59.55 36.61 -18.29
C ALA I 150 -60.66 36.33 -19.28
N ASP I 151 -61.91 36.50 -18.86
CA ASP I 151 -63.04 36.33 -19.76
C ASP I 151 -62.95 37.33 -20.92
N TYR I 152 -62.56 38.56 -20.63
CA TYR I 152 -62.46 39.57 -21.67
C TYR I 152 -61.33 39.24 -22.64
N TYR I 153 -60.14 38.92 -22.11
CA TYR I 153 -59.01 38.59 -22.97
C TYR I 153 -59.33 37.40 -23.86
N LYS I 154 -59.80 36.30 -23.26
CA LYS I 154 -60.24 35.17 -24.06
C LYS I 154 -61.38 35.57 -24.99
N GLY I 155 -62.22 36.51 -24.57
CA GLY I 155 -63.32 36.96 -25.41
C GLY I 155 -62.87 37.51 -26.74
N GLU I 156 -61.76 38.25 -26.76
CA GLU I 156 -61.29 38.93 -27.96
C GLU I 156 -60.17 38.15 -28.64
N GLU I 157 -60.15 36.83 -28.52
CA GLU I 157 -59.18 35.94 -29.14
C GLU I 157 -57.78 36.08 -28.55
N SER I 158 -57.58 36.98 -27.59
CA SER I 158 -56.25 37.20 -27.01
C SER I 158 -55.92 36.02 -26.11
N ASN I 159 -55.59 34.90 -26.74
CA ASN I 159 -55.34 33.67 -26.01
C ASN I 159 -54.15 33.82 -25.06
N SER I 160 -53.09 34.49 -25.52
CA SER I 160 -51.89 34.64 -24.68
C SER I 160 -52.21 35.39 -23.39
N SER I 161 -52.98 36.47 -23.49
CA SER I 161 -53.30 37.27 -22.31
C SER I 161 -54.12 36.46 -21.31
N ALA I 162 -55.07 35.66 -21.81
CA ALA I 162 -55.96 34.92 -20.91
C ALA I 162 -55.20 33.94 -20.04
N ASN I 163 -54.17 33.29 -20.60
CA ASN I 163 -53.47 32.25 -19.85
C ASN I 163 -52.82 32.81 -18.60
N LYS I 164 -52.20 33.99 -18.68
CA LYS I 164 -51.54 34.56 -17.52
C LYS I 164 -52.55 34.83 -16.40
N CYS I 165 -53.69 35.42 -16.74
CA CYS I 165 -54.70 35.69 -15.71
C CYS I 165 -55.24 34.40 -15.12
N LEU I 166 -55.50 33.39 -15.97
CA LEU I 166 -56.02 32.12 -15.47
C LEU I 166 -55.02 31.44 -14.53
N LEU I 167 -53.73 31.50 -14.86
CA LEU I 167 -52.71 30.92 -14.00
C LEU I 167 -52.72 31.57 -12.63
N LYS I 168 -52.83 32.90 -12.59
CA LYS I 168 -52.86 33.62 -11.32
C LYS I 168 -54.08 33.21 -10.50
N VAL I 169 -55.25 33.09 -11.15
CA VAL I 169 -56.45 32.68 -10.44
C VAL I 169 -56.28 31.28 -9.88
N ALA I 170 -55.74 30.35 -10.69
CA ALA I 170 -55.55 28.99 -10.22
C ALA I 170 -54.57 28.94 -9.05
N GLY I 171 -53.48 29.70 -9.13
CA GLY I 171 -52.51 29.70 -8.05
C GLY I 171 -53.11 30.16 -6.74
N TYR I 172 -53.86 31.26 -6.78
CA TYR I 172 -54.54 31.74 -5.58
C TYR I 172 -55.62 30.75 -5.13
N ALA I 173 -56.34 30.15 -6.08
CA ALA I 173 -57.37 29.18 -5.71
C ALA I 173 -56.77 28.00 -4.97
N ALA I 174 -55.62 27.51 -5.44
CA ALA I 174 -54.93 26.44 -4.72
C ALA I 174 -54.47 26.89 -3.34
N GLN I 175 -54.15 28.18 -3.20
CA GLN I 175 -53.72 28.69 -1.91
C GLN I 175 -54.82 28.57 -0.87
N LEU I 176 -56.05 28.89 -1.25
CA LEU I 176 -57.16 28.90 -0.30
C LEU I 176 -57.87 27.54 -0.25
N GLU I 177 -57.08 26.48 -0.09
CA GLU I 177 -57.60 25.12 0.08
C GLU I 177 -58.78 24.81 -0.82
N GLN I 178 -58.73 25.25 -2.08
CA GLN I 178 -59.66 24.82 -3.11
C GLN I 178 -58.88 24.25 -4.28
N TYR I 179 -59.21 23.02 -4.67
CA TYR I 179 -58.40 22.26 -5.61
C TYR I 179 -59.07 21.99 -6.94
N GLN I 180 -60.40 21.97 -7.01
CA GLN I 180 -61.07 21.69 -8.27
C GLN I 180 -60.73 22.73 -9.33
N LYS I 181 -60.83 24.01 -8.98
CA LYS I 181 -60.54 25.07 -9.94
C LYS I 181 -59.09 25.03 -10.39
N ALA I 182 -58.16 24.83 -9.44
CA ALA I 182 -56.75 24.79 -9.79
C ALA I 182 -56.47 23.63 -10.74
N ILE I 183 -57.05 22.47 -10.48
CA ILE I 183 -56.83 21.31 -11.34
C ILE I 183 -57.35 21.58 -12.75
N ASP I 184 -58.55 22.15 -12.85
CA ASP I 184 -59.16 22.38 -14.15
C ASP I 184 -58.34 23.37 -14.98
N ILE I 185 -57.97 24.49 -14.38
CA ILE I 185 -57.21 25.51 -15.11
C ILE I 185 -55.83 24.97 -15.47
N TYR I 186 -55.16 24.30 -14.53
CA TYR I 186 -53.83 23.78 -14.80
C TYR I 186 -53.85 22.76 -15.93
N GLU I 187 -54.81 21.83 -15.90
CA GLU I 187 -54.90 20.83 -16.96
C GLU I 187 -55.29 21.46 -18.28
N GLN I 188 -56.23 22.42 -18.26
CA GLN I 188 -56.71 23.03 -19.49
C GLN I 188 -55.58 23.77 -20.20
N VAL I 189 -54.82 24.57 -19.47
CA VAL I 189 -53.74 25.33 -20.09
C VAL I 189 -52.62 24.40 -20.54
N GLY I 190 -52.34 23.37 -19.75
CA GLY I 190 -51.31 22.42 -20.14
C GLY I 190 -51.64 21.71 -21.43
N THR I 191 -52.89 21.25 -21.56
CA THR I 191 -53.31 20.60 -22.80
C THR I 191 -53.27 21.59 -23.96
N SER I 192 -53.71 22.82 -23.73
CA SER I 192 -53.70 23.83 -24.78
C SER I 192 -52.29 24.19 -25.24
N ALA I 193 -51.28 23.89 -24.42
CA ALA I 193 -49.89 24.15 -24.77
C ALA I 193 -49.21 22.96 -25.43
N MET I 194 -49.96 21.90 -25.72
CA MET I 194 -49.35 20.68 -26.27
C MET I 194 -48.67 20.95 -27.60
N ASP I 195 -49.38 21.57 -28.53
CA ASP I 195 -48.90 21.74 -29.90
C ASP I 195 -48.21 23.07 -30.14
N SER I 196 -48.01 23.88 -29.13
CA SER I 196 -47.37 25.18 -29.31
C SER I 196 -45.91 24.98 -29.70
N PRO I 197 -45.46 25.48 -30.84
CA PRO I 197 -44.04 25.29 -31.21
C PRO I 197 -43.08 25.88 -30.19
N LEU I 198 -43.42 27.00 -29.56
CA LEU I 198 -42.54 27.67 -28.61
C LEU I 198 -42.81 27.27 -27.16
N LEU I 199 -44.08 27.16 -26.78
CA LEU I 199 -44.43 26.85 -25.39
C LEU I 199 -44.37 25.36 -25.07
N LYS I 200 -44.13 24.50 -26.07
CA LYS I 200 -44.08 23.07 -25.81
C LYS I 200 -43.04 22.73 -24.75
N TYR I 201 -41.93 23.47 -24.72
CA TYR I 201 -40.89 23.20 -23.75
C TYR I 201 -41.41 23.35 -22.33
N SER I 202 -42.16 24.42 -22.07
CA SER I 202 -42.67 24.70 -20.73
C SER I 202 -43.98 23.99 -20.43
N ALA I 203 -44.52 23.23 -21.38
CA ALA I 203 -45.80 22.55 -21.15
C ALA I 203 -45.71 21.56 -19.99
N LYS I 204 -44.52 21.02 -19.73
CA LYS I 204 -44.38 20.02 -18.67
C LYS I 204 -44.64 20.64 -17.29
N ASP I 205 -44.25 21.89 -17.10
CA ASP I 205 -44.29 22.50 -15.78
C ASP I 205 -45.71 22.52 -15.23
N TYR I 206 -46.69 22.93 -16.04
CA TYR I 206 -48.06 23.03 -15.57
C TYR I 206 -48.60 21.66 -15.16
N PHE I 207 -48.27 20.63 -15.93
CA PHE I 207 -48.73 19.28 -15.60
C PHE I 207 -48.16 18.83 -14.25
N PHE I 208 -46.90 19.19 -13.98
CA PHE I 208 -46.28 18.82 -12.71
C PHE I 208 -47.06 19.39 -11.53
N LYS I 209 -47.46 20.65 -11.63
CA LYS I 209 -48.19 21.30 -10.54
C LYS I 209 -49.54 20.62 -10.30
N ALA I 210 -50.24 20.26 -11.38
CA ALA I 210 -51.60 19.75 -11.25
C ALA I 210 -51.63 18.47 -10.41
N ALA I 211 -50.73 17.53 -10.71
CA ALA I 211 -50.70 16.28 -9.96
C ALA I 211 -50.32 16.52 -8.50
N LEU I 212 -49.43 17.48 -8.27
CA LEU I 212 -49.06 17.82 -6.89
C LEU I 212 -50.27 18.28 -6.09
N CYS I 213 -51.04 19.22 -6.66
CA CYS I 213 -52.27 19.65 -6.00
C CYS I 213 -53.30 18.54 -5.99
N HIS I 214 -53.35 17.73 -7.04
CA HIS I 214 -54.25 16.58 -7.07
C HIS I 214 -53.88 15.54 -6.03
N PHE I 215 -52.60 15.47 -5.65
CA PHE I 215 -52.16 14.53 -4.61
C PHE I 215 -52.65 14.93 -3.23
N CYS I 216 -53.15 16.15 -3.06
CA CYS I 216 -53.63 16.59 -1.76
C CYS I 216 -54.87 15.82 -1.33
N ILE I 217 -55.54 15.14 -2.24
CA ILE I 217 -56.78 14.43 -1.93
C ILE I 217 -56.45 13.01 -1.44
N ASP I 218 -55.83 12.21 -2.30
CA ASP I 218 -55.51 10.82 -1.96
C ASP I 218 -54.31 10.39 -2.79
N MET I 219 -53.99 9.10 -2.73
CA MET I 219 -52.85 8.54 -3.46
C MET I 219 -53.26 7.77 -4.70
N LEU I 220 -54.34 6.97 -4.62
CA LEU I 220 -54.76 6.18 -5.78
C LEU I 220 -55.25 7.08 -6.90
N ASN I 221 -55.85 8.22 -6.57
CA ASN I 221 -56.20 9.20 -7.59
C ASN I 221 -54.95 9.84 -8.18
N ALA I 222 -53.93 10.04 -7.35
CA ALA I 222 -52.69 10.65 -7.84
C ALA I 222 -51.98 9.75 -8.84
N LYS I 223 -51.89 8.45 -8.54
CA LYS I 223 -51.24 7.53 -9.47
C LYS I 223 -52.01 7.46 -10.77
N LEU I 224 -53.34 7.46 -10.70
CA LEU I 224 -54.15 7.49 -11.91
C LEU I 224 -53.96 8.81 -12.65
N ALA I 225 -53.74 9.90 -11.92
CA ALA I 225 -53.62 11.21 -12.56
C ALA I 225 -52.25 11.36 -13.23
N VAL I 226 -51.19 10.85 -12.61
CA VAL I 226 -49.87 10.97 -13.22
C VAL I 226 -49.76 10.07 -14.44
N GLN I 227 -50.31 8.84 -14.36
CA GLN I 227 -50.16 7.91 -15.47
C GLN I 227 -50.96 8.36 -16.69
N LYS I 228 -52.16 8.92 -16.48
CA LYS I 228 -52.95 9.38 -17.60
C LYS I 228 -52.24 10.53 -18.33
N TYR I 229 -51.65 11.44 -17.56
CA TYR I 229 -50.86 12.50 -18.17
C TYR I 229 -49.67 11.94 -18.94
N GLU I 230 -48.99 10.95 -18.35
CA GLU I 230 -47.85 10.34 -19.03
C GLU I 230 -48.28 9.70 -20.35
N GLU I 231 -49.41 9.00 -20.35
CA GLU I 231 -49.93 8.46 -21.60
C GLU I 231 -50.26 9.58 -22.59
N LEU I 232 -50.87 10.66 -22.10
CA LEU I 232 -51.18 11.79 -22.97
C LEU I 232 -49.91 12.48 -23.46
N PHE I 233 -48.90 12.59 -22.60
CA PHE I 233 -47.63 13.23 -22.96
C PHE I 233 -46.51 12.19 -22.89
N PRO I 234 -46.15 11.56 -24.00
CA PRO I 234 -45.14 10.48 -23.92
C PRO I 234 -43.79 10.93 -23.40
N ALA I 235 -43.39 12.16 -23.68
CA ALA I 235 -42.07 12.65 -23.28
C ALA I 235 -42.04 13.13 -21.83
N PHE I 236 -43.15 13.04 -21.10
CA PHE I 236 -43.19 13.55 -19.74
C PHE I 236 -42.20 12.81 -18.85
N SER I 237 -42.05 11.49 -19.04
CA SER I 237 -41.18 10.70 -18.20
C SER I 237 -39.71 11.12 -18.31
N ASP I 238 -39.34 11.83 -19.38
CA ASP I 238 -37.94 12.17 -19.59
C ASP I 238 -37.41 13.07 -18.47
N SER I 239 -38.20 14.05 -18.05
CA SER I 239 -37.74 15.04 -17.09
C SER I 239 -37.61 14.43 -15.69
N ARG I 240 -37.02 15.21 -14.79
CA ARG I 240 -36.85 14.76 -13.41
C ARG I 240 -38.15 14.83 -12.61
N GLU I 241 -39.18 15.49 -13.14
CA GLU I 241 -40.42 15.62 -12.39
C GLU I 241 -41.08 14.26 -12.16
N CYS I 242 -41.14 13.44 -13.22
CA CYS I 242 -41.81 12.14 -13.10
C CYS I 242 -41.09 11.23 -12.10
N LYS I 243 -39.75 11.20 -12.15
CA LYS I 243 -39.04 10.34 -11.21
C LYS I 243 -39.29 10.78 -9.77
N LEU I 244 -39.23 12.10 -9.53
CA LEU I 244 -39.46 12.60 -8.18
C LEU I 244 -40.82 12.18 -7.66
N MET I 245 -41.86 12.34 -8.48
CA MET I 245 -43.21 12.00 -8.03
C MET I 245 -43.31 10.52 -7.67
N LYS I 246 -42.68 9.66 -8.45
CA LYS I 246 -42.71 8.23 -8.16
C LYS I 246 -42.04 7.93 -6.82
N LYS I 247 -40.91 8.59 -6.52
CA LYS I 247 -40.30 8.45 -5.19
C LYS I 247 -41.23 8.95 -4.09
N LEU I 248 -41.92 10.07 -4.31
CA LEU I 248 -42.83 10.55 -3.27
C LEU I 248 -43.94 9.55 -3.01
N LEU I 249 -44.49 8.97 -4.08
CA LEU I 249 -45.61 8.03 -3.92
C LEU I 249 -45.17 6.77 -3.19
N GLU I 250 -44.08 6.15 -3.67
CA GLU I 250 -43.63 4.90 -3.06
C GLU I 250 -43.18 5.12 -1.62
N ALA I 251 -42.48 6.23 -1.36
CA ALA I 251 -42.01 6.51 0.00
C ALA I 251 -43.17 6.69 0.96
N HIS I 252 -44.19 7.47 0.57
CA HIS I 252 -45.33 7.70 1.43
C HIS I 252 -46.13 6.43 1.67
N GLU I 253 -46.06 5.46 0.77
CA GLU I 253 -46.83 4.23 0.92
C GLU I 253 -46.38 3.45 2.15
N GLU I 254 -45.08 3.40 2.42
CA GLU I 254 -44.49 2.57 3.47
C GLU I 254 -44.22 3.38 4.74
N GLN I 255 -44.64 4.64 4.76
CA GLN I 255 -44.38 5.53 5.89
C GLN I 255 -42.89 5.75 6.10
N ASN I 256 -42.17 5.94 5.00
CA ASN I 256 -40.72 6.20 5.04
C ASN I 256 -40.50 7.71 5.01
N VAL I 257 -40.75 8.34 6.16
CA VAL I 257 -40.71 9.80 6.24
C VAL I 257 -39.29 10.31 5.99
N ASP I 258 -38.28 9.65 6.56
CA ASP I 258 -36.92 10.17 6.48
C ASP I 258 -36.45 10.29 5.03
N SER I 259 -36.66 9.25 4.23
CA SER I 259 -36.28 9.31 2.83
C SER I 259 -37.08 10.38 2.09
N TYR I 260 -38.38 10.47 2.40
CA TYR I 260 -39.22 11.49 1.78
C TYR I 260 -38.63 12.87 1.97
N THR I 261 -38.20 13.20 3.19
CA THR I 261 -37.58 14.49 3.43
C THR I 261 -36.24 14.62 2.72
N GLU I 262 -35.42 13.55 2.76
CA GLU I 262 -34.09 13.62 2.17
C GLU I 262 -34.16 13.81 0.67
N SER I 263 -35.05 13.09 -0.01
CA SER I 263 -35.18 13.24 -1.46
C SER I 263 -35.63 14.66 -1.82
N VAL I 264 -36.56 15.22 -1.04
CA VAL I 264 -36.97 16.60 -1.25
C VAL I 264 -35.78 17.53 -1.05
N LYS I 265 -34.99 17.30 -0.01
CA LYS I 265 -33.82 18.13 0.23
C LYS I 265 -32.82 18.02 -0.91
N GLU I 266 -32.61 16.81 -1.43
CA GLU I 266 -31.69 16.64 -2.55
C GLU I 266 -32.19 17.40 -3.77
N TYR I 267 -33.49 17.32 -4.06
CA TYR I 267 -34.04 18.10 -5.16
C TYR I 267 -33.88 19.60 -4.92
N ASP I 268 -34.08 20.03 -3.68
CA ASP I 268 -33.85 21.43 -3.34
C ASP I 268 -32.39 21.82 -3.56
N SER I 269 -31.47 20.94 -3.19
CA SER I 269 -30.05 21.25 -3.35
C SER I 269 -29.68 21.46 -4.81
N ILE I 270 -30.11 20.55 -5.68
CA ILE I 270 -29.81 20.67 -7.11
C ILE I 270 -30.48 21.91 -7.68
N SER I 271 -31.74 22.14 -7.31
CA SER I 271 -32.48 23.30 -7.78
C SER I 271 -33.44 23.75 -6.68
N ARG I 272 -33.33 25.01 -6.27
CA ARG I 272 -34.11 25.52 -5.16
C ARG I 272 -35.56 25.74 -5.56
N LEU I 273 -36.44 25.69 -4.56
CA LEU I 273 -37.88 25.77 -4.75
C LEU I 273 -38.39 27.14 -4.29
N ASP I 274 -39.71 27.30 -4.35
CA ASP I 274 -40.39 28.56 -3.98
C ASP I 274 -41.02 28.40 -2.61
N GLN I 275 -41.47 29.50 -2.01
CA GLN I 275 -42.17 29.46 -0.70
C GLN I 275 -43.47 28.68 -0.90
N TRP I 276 -44.05 28.74 -2.10
CA TRP I 276 -45.31 28.01 -2.42
C TRP I 276 -45.05 26.50 -2.32
N LEU I 277 -43.91 26.01 -2.82
CA LEU I 277 -43.54 24.57 -2.73
C LEU I 277 -43.15 24.28 -1.30
N THR I 278 -42.54 25.25 -0.62
CA THR I 278 -42.18 25.11 0.81
C THR I 278 -43.47 24.83 1.57
N THR I 279 -44.59 25.38 1.09
CA THR I 279 -45.90 25.25 1.79
C THR I 279 -46.67 24.02 1.32
N MET I 280 -46.69 23.68 0.02
CA MET I 280 -47.53 22.56 -0.40
C MET I 280 -46.89 21.23 -0.02
N LEU I 281 -45.59 21.09 -0.25
CA LEU I 281 -44.91 19.84 0.11
C LEU I 281 -44.98 19.59 1.62
N LEU I 282 -44.75 20.63 2.42
CA LEU I 282 -44.86 20.47 3.86
C LEU I 282 -46.28 20.10 4.27
N ARG I 283 -47.28 20.72 3.64
CA ARG I 283 -48.67 20.38 3.94
C ARG I 283 -48.95 18.92 3.62
N ILE I 284 -48.41 18.43 2.51
CA ILE I 284 -48.57 17.02 2.15
C ILE I 284 -47.91 16.13 3.20
N LYS I 285 -46.70 16.50 3.63
CA LYS I 285 -45.96 15.67 4.57
C LYS I 285 -46.67 15.60 5.93
N LYS I 286 -47.57 16.54 6.21
CA LYS I 286 -48.26 16.55 7.48
C LYS I 286 -49.04 15.26 7.73
N THR I 287 -49.42 14.55 6.67
CA THR I 287 -50.12 13.28 6.80
C THR I 287 -49.38 12.17 6.08
N GLY J 1 -20.19 69.30 -52.52
CA GLY J 1 -21.37 68.73 -53.24
C GLY J 1 -22.34 69.79 -53.72
N MET J 2 -22.92 69.59 -54.90
CA MET J 2 -23.88 70.55 -55.43
C MET J 2 -25.12 70.62 -54.54
N ASP J 3 -25.57 69.48 -54.02
CA ASP J 3 -26.77 69.48 -53.18
C ASP J 3 -26.60 70.40 -51.98
N THR J 4 -25.46 70.31 -51.30
CA THR J 4 -25.23 71.16 -50.13
C THR J 4 -25.26 72.64 -50.52
N SER J 5 -24.48 73.02 -51.53
CA SER J 5 -24.34 74.43 -51.88
C SER J 5 -25.69 75.02 -52.28
N GLY J 6 -26.45 74.30 -53.10
CA GLY J 6 -27.77 74.78 -53.50
C GLY J 6 -28.71 74.90 -52.32
N LYS J 7 -28.67 73.92 -51.41
CA LYS J 7 -29.56 73.95 -50.25
C LYS J 7 -29.27 75.15 -49.36
N GLN J 8 -27.99 75.45 -49.12
CA GLN J 8 -27.66 76.64 -48.34
C GLN J 8 -28.09 77.91 -49.06
N ALA J 9 -27.85 77.98 -50.37
CA ALA J 9 -28.21 79.17 -51.12
C ALA J 9 -29.71 79.43 -51.06
N GLU J 10 -30.52 78.40 -51.25
CA GLU J 10 -31.96 78.56 -51.12
C GLU J 10 -32.40 78.65 -49.66
N ALA J 11 -31.57 78.18 -48.73
CA ALA J 11 -31.87 78.41 -47.32
C ALA J 11 -31.86 79.90 -46.99
N MET J 12 -30.80 80.60 -47.40
CA MET J 12 -30.72 82.03 -47.16
C MET J 12 -31.85 82.78 -47.87
N ALA J 13 -32.17 82.38 -49.10
CA ALA J 13 -33.26 83.01 -49.83
C ALA J 13 -34.58 82.86 -49.08
N LEU J 14 -34.88 81.65 -48.61
CA LEU J 14 -36.11 81.44 -47.85
C LEU J 14 -36.10 82.23 -46.55
N LEU J 15 -34.97 82.24 -45.84
CA LEU J 15 -34.88 83.01 -44.61
C LEU J 15 -35.09 84.49 -44.89
N ALA J 16 -34.48 85.01 -45.95
CA ALA J 16 -34.72 86.40 -46.34
C ALA J 16 -36.18 86.61 -46.73
N GLU J 17 -36.76 85.67 -47.46
CA GLU J 17 -38.17 85.78 -47.83
C GLU J 17 -39.06 85.78 -46.59
N ALA J 18 -38.74 84.93 -45.61
CA ALA J 18 -39.53 84.92 -44.38
C ALA J 18 -39.38 86.24 -43.61
N GLU J 19 -38.16 86.79 -43.56
CA GLU J 19 -37.95 88.03 -42.83
C GLU J 19 -38.74 89.18 -43.46
N ARG J 20 -38.74 89.25 -44.79
CA ARG J 20 -39.55 90.27 -45.45
C ARG J 20 -41.04 89.94 -45.35
N LYS J 21 -41.38 88.66 -45.27
CA LYS J 21 -42.78 88.28 -45.10
C LYS J 21 -43.33 88.77 -43.77
N VAL J 22 -42.55 88.63 -42.69
CA VAL J 22 -43.03 89.02 -41.37
C VAL J 22 -43.14 90.54 -41.28
N LYS J 23 -42.15 91.27 -41.79
CA LYS J 23 -42.20 92.72 -41.74
C LYS J 23 -43.38 93.25 -42.56
N ASN J 24 -43.62 92.66 -43.74
CA ASN J 24 -44.79 93.02 -44.52
C ASN J 24 -46.08 92.59 -43.82
N SER J 25 -46.04 91.47 -43.09
CA SER J 25 -47.21 91.03 -42.33
C SER J 25 -47.60 92.07 -41.28
N GLN J 26 -46.60 92.64 -40.60
CA GLN J 26 -46.89 93.73 -39.66
C GLN J 26 -47.51 94.91 -40.39
N SER J 27 -46.99 95.25 -41.57
CA SER J 27 -47.56 96.34 -42.35
C SER J 27 -48.98 96.00 -42.80
N PHE J 28 -49.21 94.75 -43.22
CA PHE J 28 -50.52 94.40 -43.76
C PHE J 28 -51.59 94.30 -42.68
N PHE J 29 -51.20 93.95 -41.45
CA PHE J 29 -52.18 93.84 -40.38
C PHE J 29 -52.93 95.15 -40.18
N SER J 30 -52.18 96.26 -40.13
CA SER J 30 -52.82 97.58 -40.08
C SER J 30 -53.33 98.00 -41.45
N GLY J 31 -52.58 97.67 -42.51
CA GLY J 31 -52.94 98.15 -43.83
C GLY J 31 -54.24 97.56 -44.34
N LEU J 32 -54.42 96.25 -44.18
CA LEU J 32 -55.58 95.56 -44.72
C LEU J 32 -56.33 94.78 -43.65
N PHE J 33 -55.62 94.35 -42.60
CA PHE J 33 -56.21 93.57 -41.52
C PHE J 33 -56.82 92.28 -42.07
N GLY J 34 -55.95 91.44 -42.61
CA GLY J 34 -56.35 90.15 -43.14
C GLY J 34 -56.56 89.07 -42.10
N GLY J 35 -56.30 89.36 -40.83
CA GLY J 35 -56.47 88.39 -39.77
C GLY J 35 -55.14 87.88 -39.24
N SER J 36 -54.89 86.58 -39.40
CA SER J 36 -53.63 86.00 -38.95
C SER J 36 -53.05 85.02 -39.96
N SER J 37 -53.60 84.94 -41.17
CA SER J 37 -53.08 84.02 -42.17
C SER J 37 -51.65 84.38 -42.56
N LYS J 38 -51.32 85.67 -42.52
CA LYS J 38 -49.98 86.12 -42.90
C LYS J 38 -48.91 85.52 -42.00
N ILE J 39 -49.14 85.53 -40.69
CA ILE J 39 -48.14 85.03 -39.76
C ILE J 39 -47.98 83.51 -39.88
N GLU J 40 -49.10 82.79 -39.92
CA GLU J 40 -49.03 81.34 -39.95
C GLU J 40 -48.32 80.83 -41.20
N GLU J 41 -48.61 81.43 -42.36
CA GLU J 41 -47.91 81.04 -43.57
C GLU J 41 -46.42 81.35 -43.47
N ALA J 42 -46.07 82.50 -42.87
CA ALA J 42 -44.66 82.79 -42.65
C ALA J 42 -44.01 81.73 -41.77
N CYS J 43 -44.74 81.23 -40.77
CA CYS J 43 -44.23 80.14 -39.95
C CYS J 43 -44.00 78.89 -40.80
N GLU J 44 -44.91 78.61 -41.74
CA GLU J 44 -44.71 77.47 -42.63
C GLU J 44 -43.43 77.64 -43.44
N ILE J 45 -43.16 78.86 -43.91
CA ILE J 45 -41.91 79.12 -44.63
C ILE J 45 -40.73 78.88 -43.70
N TYR J 46 -40.82 79.34 -42.45
CA TYR J 46 -39.76 79.09 -41.49
C TYR J 46 -39.56 77.60 -41.26
N ALA J 47 -40.67 76.86 -41.11
CA ALA J 47 -40.57 75.42 -40.89
C ALA J 47 -39.93 74.73 -42.09
N ARG J 48 -40.36 75.07 -43.31
CA ARG J 48 -39.78 74.45 -44.49
C ARG J 48 -38.29 74.78 -44.60
N ALA J 49 -37.94 76.05 -44.45
CA ALA J 49 -36.54 76.44 -44.58
C ALA J 49 -35.68 75.76 -43.52
N ALA J 50 -36.16 75.72 -42.28
CA ALA J 50 -35.42 75.05 -41.22
C ALA J 50 -35.27 73.57 -41.50
N ASN J 51 -36.32 72.93 -42.00
CA ASN J 51 -36.30 71.48 -42.16
C ASN J 51 -35.46 71.06 -43.37
N MET J 52 -35.47 71.86 -44.44
CA MET J 52 -34.55 71.60 -45.54
C MET J 52 -33.12 71.93 -45.14
N PHE J 53 -32.94 72.95 -44.31
CA PHE J 53 -31.60 73.35 -43.89
C PHE J 53 -30.92 72.23 -43.11
N LYS J 54 -31.66 71.59 -42.20
CA LYS J 54 -31.08 70.48 -41.45
C LYS J 54 -30.70 69.32 -42.37
N MET J 55 -31.50 69.06 -43.40
CA MET J 55 -31.11 68.06 -44.39
C MET J 55 -29.78 68.41 -45.04
N ALA J 56 -29.42 69.69 -45.07
CA ALA J 56 -28.19 70.14 -45.69
C ALA J 56 -26.97 69.97 -44.78
N LYS J 57 -27.08 69.20 -43.70
CA LYS J 57 -26.03 68.83 -42.78
C LYS J 57 -25.67 69.97 -41.82
N ASN J 58 -26.25 71.15 -41.97
CA ASN J 58 -26.00 72.28 -41.06
C ASN J 58 -27.09 72.33 -40.01
N TRP J 59 -26.69 72.46 -38.75
CA TRP J 59 -27.58 72.24 -37.62
C TRP J 59 -27.90 73.51 -36.83
N SER J 60 -26.88 74.30 -36.49
CA SER J 60 -27.08 75.39 -35.53
C SER J 60 -28.20 76.33 -35.98
N ALA J 61 -28.12 76.82 -37.22
CA ALA J 61 -29.15 77.75 -37.70
C ALA J 61 -30.49 77.04 -37.87
N ALA J 62 -30.48 75.72 -38.08
CA ALA J 62 -31.74 74.99 -38.22
C ALA J 62 -32.57 75.10 -36.95
N GLY J 63 -31.96 74.78 -35.80
CA GLY J 63 -32.68 74.90 -34.54
C GLY J 63 -33.04 76.34 -34.21
N ASN J 64 -32.19 77.29 -34.61
CA ASN J 64 -32.51 78.69 -34.41
C ASN J 64 -33.78 79.06 -35.15
N ALA J 65 -33.93 78.59 -36.39
CA ALA J 65 -35.16 78.82 -37.13
C ALA J 65 -36.35 78.17 -36.43
N PHE J 66 -36.17 76.95 -35.91
CA PHE J 66 -37.24 76.27 -35.20
C PHE J 66 -37.70 77.10 -34.00
N CYS J 67 -36.74 77.60 -33.22
CA CYS J 67 -37.09 78.38 -32.04
C CYS J 67 -37.85 79.65 -32.41
N GLN J 68 -37.40 80.34 -33.47
CA GLN J 68 -38.08 81.54 -33.91
C GLN J 68 -39.50 81.21 -34.38
N ALA J 69 -39.65 80.14 -35.16
CA ALA J 69 -40.97 79.74 -35.63
C ALA J 69 -41.87 79.38 -34.46
N ALA J 70 -41.34 78.63 -33.49
CA ALA J 70 -42.14 78.26 -32.32
C ALA J 70 -42.51 79.48 -31.50
N GLN J 71 -41.56 80.41 -31.32
CA GLN J 71 -41.85 81.61 -30.55
C GLN J 71 -42.99 82.41 -31.19
N LEU J 72 -42.90 82.63 -32.50
CA LEU J 72 -43.98 83.34 -33.20
C LEU J 72 -45.27 82.57 -33.16
N HIS J 73 -45.21 81.25 -33.32
CA HIS J 73 -46.42 80.44 -33.30
C HIS J 73 -47.10 80.51 -31.93
N LEU J 74 -46.32 80.40 -30.85
CA LEU J 74 -46.88 80.53 -29.51
C LEU J 74 -47.44 81.92 -29.27
N GLN J 75 -46.98 82.93 -30.02
CA GLN J 75 -47.55 84.27 -29.90
C GLN J 75 -49.02 84.30 -30.32
N LEU J 76 -49.47 83.30 -31.09
CA LEU J 76 -50.85 83.24 -31.56
C LEU J 76 -51.70 82.29 -30.73
N GLN J 77 -51.31 82.01 -29.49
CA GLN J 77 -52.08 81.23 -28.53
C GLN J 77 -52.12 79.74 -28.86
N SER J 78 -51.22 79.25 -29.70
CA SER J 78 -51.09 77.82 -29.98
C SER J 78 -49.88 77.29 -29.24
N LYS J 79 -50.10 76.29 -28.38
CA LYS J 79 -49.08 75.83 -27.45
C LYS J 79 -48.45 74.51 -27.86
N HIS J 80 -49.27 73.49 -28.15
CA HIS J 80 -48.73 72.15 -28.39
C HIS J 80 -47.82 72.13 -29.61
N ASP J 81 -48.23 72.80 -30.70
CA ASP J 81 -47.41 72.81 -31.90
C ASP J 81 -46.06 73.47 -31.63
N ALA J 82 -46.07 74.60 -30.91
CA ALA J 82 -44.81 75.25 -30.56
C ALA J 82 -43.95 74.35 -29.67
N ALA J 83 -44.58 73.68 -28.71
CA ALA J 83 -43.84 72.80 -27.82
C ALA J 83 -43.19 71.65 -28.58
N THR J 84 -43.91 71.07 -29.54
CA THR J 84 -43.31 70.03 -30.37
C THR J 84 -42.12 70.58 -31.15
N CYS J 85 -42.24 71.80 -31.68
CA CYS J 85 -41.11 72.44 -32.34
C CYS J 85 -39.98 72.67 -31.35
N PHE J 86 -40.30 73.02 -30.10
CA PHE J 86 -39.27 73.16 -29.08
C PHE J 86 -38.50 71.86 -28.90
N VAL J 87 -39.22 70.73 -28.83
CA VAL J 87 -38.56 69.44 -28.70
C VAL J 87 -37.69 69.18 -29.93
N ASP J 88 -38.22 69.46 -31.12
CA ASP J 88 -37.45 69.28 -32.34
C ASP J 88 -36.24 70.21 -32.35
N ALA J 89 -36.42 71.47 -31.95
CA ALA J 89 -35.30 72.40 -31.92
C ALA J 89 -34.24 71.95 -30.91
N GLY J 90 -34.66 71.54 -29.72
CA GLY J 90 -33.70 71.09 -28.73
C GLY J 90 -32.89 69.90 -29.21
N ASN J 91 -33.55 68.94 -29.86
CA ASN J 91 -32.85 67.76 -30.36
C ASN J 91 -31.80 68.14 -31.40
N ALA J 92 -32.13 69.09 -32.28
CA ALA J 92 -31.16 69.54 -33.27
C ALA J 92 -29.94 70.19 -32.59
N PHE J 93 -30.18 70.99 -31.56
CA PHE J 93 -29.09 71.63 -30.84
C PHE J 93 -28.23 70.64 -30.07
N LYS J 94 -28.69 69.38 -29.93
CA LYS J 94 -27.97 68.42 -29.11
C LYS J 94 -26.53 68.25 -29.58
N LYS J 95 -26.29 68.35 -30.88
CA LYS J 95 -24.96 68.22 -31.45
C LYS J 95 -24.32 69.57 -31.78
N ALA J 96 -24.97 70.68 -31.41
CA ALA J 96 -24.47 72.02 -31.70
C ALA J 96 -24.09 72.79 -30.45
N ASP J 97 -25.03 72.93 -29.50
CA ASP J 97 -24.76 73.68 -28.28
C ASP J 97 -25.62 73.13 -27.15
N PRO J 98 -25.05 72.41 -26.17
CA PRO J 98 -25.89 71.81 -25.13
C PRO J 98 -26.74 72.80 -24.37
N GLN J 99 -26.22 74.00 -24.08
CA GLN J 99 -26.93 74.93 -23.19
C GLN J 99 -28.28 75.32 -23.78
N GLU J 100 -28.30 75.72 -25.06
CA GLU J 100 -29.57 76.09 -25.69
C GLU J 100 -30.52 74.90 -25.77
N ALA J 101 -29.98 73.72 -26.06
CA ALA J 101 -30.83 72.53 -26.09
C ALA J 101 -31.48 72.27 -24.73
N ILE J 102 -30.71 72.42 -23.65
CA ILE J 102 -31.25 72.20 -22.32
C ILE J 102 -32.35 73.22 -22.03
N ASN J 103 -32.09 74.49 -22.32
CA ASN J 103 -33.08 75.53 -22.03
C ASN J 103 -34.39 75.26 -22.74
N CYS J 104 -34.33 75.00 -24.05
CA CYS J 104 -35.54 74.76 -24.82
C CYS J 104 -36.26 73.51 -24.31
N LEU J 105 -35.51 72.45 -24.01
CA LEU J 105 -36.13 71.22 -23.51
C LEU J 105 -36.84 71.46 -22.18
N MET J 106 -36.22 72.23 -21.29
CA MET J 106 -36.89 72.60 -20.03
C MET J 106 -38.16 73.39 -20.32
N ARG J 107 -38.13 74.28 -21.30
CA ARG J 107 -39.34 75.01 -21.69
C ARG J 107 -40.41 74.04 -22.16
N ALA J 108 -40.02 73.03 -22.95
CA ALA J 108 -40.98 72.04 -23.43
C ALA J 108 -41.54 71.22 -22.27
N ILE J 109 -40.70 70.88 -21.29
CA ILE J 109 -41.15 70.07 -20.18
C ILE J 109 -42.18 70.81 -19.34
N GLU J 110 -41.91 72.08 -19.04
CA GLU J 110 -42.82 72.85 -18.18
C GLU J 110 -44.17 73.03 -18.85
N ILE J 111 -44.19 73.28 -20.16
CA ILE J 111 -45.46 73.42 -20.87
C ILE J 111 -46.17 72.08 -20.97
N TYR J 112 -45.42 71.00 -21.17
CA TYR J 112 -46.04 69.68 -21.25
C TYR J 112 -46.66 69.29 -19.91
N THR J 113 -45.90 69.43 -18.82
CA THR J 113 -46.49 69.21 -17.50
C THR J 113 -47.53 70.28 -17.19
N ASP J 114 -47.55 71.37 -17.96
CA ASP J 114 -48.67 72.30 -17.89
C ASP J 114 -49.89 71.76 -18.63
N MET J 115 -49.66 71.06 -19.75
CA MET J 115 -50.76 70.41 -20.45
C MET J 115 -51.30 69.24 -19.65
N GLY J 116 -50.39 68.40 -19.13
CA GLY J 116 -50.78 67.33 -18.23
C GLY J 116 -50.23 65.96 -18.56
N ARG J 117 -49.26 65.90 -19.47
CA ARG J 117 -48.62 64.65 -19.83
C ARG J 117 -47.31 64.53 -19.05
N PHE J 118 -47.23 63.49 -18.21
CA PHE J 118 -46.08 63.28 -17.33
C PHE J 118 -45.10 62.26 -17.87
N THR J 119 -45.58 61.25 -18.60
CA THR J 119 -44.66 60.29 -19.22
C THR J 119 -43.75 61.00 -20.22
N ILE J 120 -44.31 61.90 -21.04
CA ILE J 120 -43.49 62.67 -21.97
C ILE J 120 -42.54 63.59 -21.22
N ALA J 121 -43.06 64.28 -20.21
CA ALA J 121 -42.21 65.19 -19.43
C ALA J 121 -41.08 64.44 -18.74
N ALA J 122 -41.40 63.28 -18.15
CA ALA J 122 -40.35 62.51 -17.47
C ALA J 122 -39.40 61.88 -18.48
N LYS J 123 -39.90 61.51 -19.66
CA LYS J 123 -39.02 61.01 -20.72
C LYS J 123 -38.01 62.08 -21.11
N HIS J 124 -38.47 63.34 -21.23
CA HIS J 124 -37.55 64.44 -21.51
C HIS J 124 -36.56 64.64 -20.37
N HIS J 125 -37.01 64.40 -19.12
CA HIS J 125 -36.11 64.55 -17.99
C HIS J 125 -34.95 63.57 -18.06
N ILE J 126 -35.22 62.33 -18.47
CA ILE J 126 -34.14 61.36 -18.68
C ILE J 126 -33.19 61.88 -19.75
N SER J 127 -33.74 62.38 -20.86
CA SER J 127 -32.90 62.87 -21.94
C SER J 127 -32.02 64.02 -21.47
N ILE J 128 -32.58 64.94 -20.68
CA ILE J 128 -31.79 66.04 -20.14
C ILE J 128 -30.69 65.51 -19.24
N ALA J 129 -31.02 64.55 -18.37
CA ALA J 129 -30.02 63.99 -17.48
C ALA J 129 -28.95 63.22 -18.27
N GLU J 130 -29.36 62.46 -19.27
CA GLU J 130 -28.41 61.68 -20.05
C GLU J 130 -27.38 62.57 -20.73
N ILE J 131 -27.84 63.64 -21.39
CA ILE J 131 -26.89 64.58 -22.00
C ILE J 131 -26.08 65.28 -20.92
N TYR J 132 -26.70 65.55 -19.77
CA TYR J 132 -26.02 66.30 -18.72
C TYR J 132 -24.80 65.53 -18.21
N GLU J 133 -24.93 64.22 -18.06
CA GLU J 133 -23.85 63.41 -17.50
C GLU J 133 -22.91 62.84 -18.55
N THR J 134 -23.42 62.53 -19.74
CA THR J 134 -22.60 61.85 -20.74
C THR J 134 -21.41 62.71 -21.17
N GLU J 135 -21.62 64.00 -21.39
CA GLU J 135 -20.58 64.90 -21.85
C GLU J 135 -20.14 65.90 -20.81
N LEU J 136 -21.07 66.51 -20.08
CA LEU J 136 -20.73 67.44 -19.01
C LEU J 136 -20.50 66.66 -17.72
N VAL J 137 -19.44 67.03 -17.00
CA VAL J 137 -19.01 66.28 -15.82
C VAL J 137 -19.69 66.91 -14.62
N ASP J 138 -20.78 66.29 -14.16
CA ASP J 138 -21.48 66.70 -12.96
C ASP J 138 -22.56 65.67 -12.67
N VAL J 139 -22.91 65.53 -11.39
CA VAL J 139 -23.80 64.47 -10.93
C VAL J 139 -25.04 65.01 -10.25
N GLU J 140 -24.90 66.04 -9.41
CA GLU J 140 -25.98 66.43 -8.51
C GLU J 140 -27.26 66.75 -9.29
N LYS J 141 -27.15 67.50 -10.39
CA LYS J 141 -28.33 67.81 -11.18
C LYS J 141 -28.91 66.55 -11.80
N ALA J 142 -28.05 65.62 -12.23
CA ALA J 142 -28.53 64.37 -12.79
C ALA J 142 -29.34 63.59 -11.75
N ILE J 143 -28.88 63.56 -10.51
CA ILE J 143 -29.63 62.88 -9.45
C ILE J 143 -30.99 63.52 -9.28
N ALA J 144 -31.04 64.85 -9.26
CA ALA J 144 -32.31 65.54 -9.10
C ALA J 144 -33.25 65.26 -10.28
N HIS J 145 -32.71 65.29 -11.50
CA HIS J 145 -33.53 65.02 -12.67
C HIS J 145 -34.08 63.60 -12.66
N TYR J 146 -33.22 62.63 -12.35
CA TYR J 146 -33.69 61.24 -12.30
C TYR J 146 -34.70 61.03 -11.18
N GLU J 147 -34.44 61.61 -10.00
CA GLU J 147 -35.38 61.47 -8.90
C GLU J 147 -36.74 62.07 -9.25
N GLN J 148 -36.73 63.24 -9.89
CA GLN J 148 -37.98 63.82 -10.38
C GLN J 148 -38.64 62.89 -11.39
N SER J 149 -37.85 62.31 -12.30
CA SER J 149 -38.40 61.38 -13.27
C SER J 149 -38.99 60.16 -12.58
N ALA J 150 -38.27 59.60 -11.61
CA ALA J 150 -38.77 58.42 -10.90
C ALA J 150 -40.10 58.74 -10.22
N ASP J 151 -40.23 59.95 -9.68
CA ASP J 151 -41.48 60.35 -9.04
C ASP J 151 -42.62 60.38 -10.05
N TYR J 152 -42.36 60.90 -11.24
CA TYR J 152 -43.41 61.03 -12.24
C TYR J 152 -43.90 59.67 -12.73
N TYR J 153 -42.98 58.73 -12.95
CA TYR J 153 -43.39 57.37 -13.34
C TYR J 153 -44.28 56.76 -12.27
N LYS J 154 -43.84 56.80 -11.02
CA LYS J 154 -44.67 56.30 -9.92
C LYS J 154 -45.98 57.06 -9.83
N GLY J 155 -46.03 58.27 -10.39
CA GLY J 155 -47.29 59.02 -10.41
C GLY J 155 -48.36 58.32 -11.22
N GLU J 156 -47.96 57.45 -12.15
CA GLU J 156 -48.89 56.76 -13.05
C GLU J 156 -48.67 55.25 -13.02
N GLU J 157 -48.07 54.76 -11.93
CA GLU J 157 -47.82 53.33 -11.76
C GLU J 157 -47.04 52.77 -12.94
N SER J 158 -45.93 53.40 -13.29
CA SER J 158 -44.95 52.81 -14.20
C SER J 158 -43.82 52.27 -13.33
N ASN J 159 -44.09 51.14 -12.68
CA ASN J 159 -43.19 50.61 -11.68
C ASN J 159 -41.84 50.25 -12.27
N SER J 160 -41.83 49.60 -13.44
CA SER J 160 -40.58 49.16 -14.04
C SER J 160 -39.66 50.34 -14.33
N SER J 161 -40.22 51.40 -14.91
CA SER J 161 -39.40 52.58 -15.21
C SER J 161 -38.90 53.25 -13.94
N ALA J 162 -39.77 53.38 -12.94
CA ALA J 162 -39.35 53.97 -11.67
C ALA J 162 -38.30 53.11 -10.99
N ASN J 163 -38.46 51.78 -11.06
CA ASN J 163 -37.49 50.89 -10.44
C ASN J 163 -36.11 51.08 -11.04
N LYS J 164 -36.04 51.18 -12.38
CA LYS J 164 -34.75 51.31 -13.03
C LYS J 164 -34.06 52.62 -12.65
N CYS J 165 -34.79 53.73 -12.69
CA CYS J 165 -34.19 55.02 -12.41
C CYS J 165 -33.75 55.13 -10.96
N LEU J 166 -34.59 54.66 -10.02
CA LEU J 166 -34.21 54.69 -8.61
C LEU J 166 -32.96 53.84 -8.38
N LEU J 167 -32.88 52.68 -9.03
CA LEU J 167 -31.66 51.89 -8.96
C LEU J 167 -30.47 52.68 -9.49
N LYS J 168 -30.65 53.36 -10.63
CA LYS J 168 -29.58 54.18 -11.18
C LYS J 168 -29.20 55.30 -10.23
N VAL J 169 -30.19 55.95 -9.63
CA VAL J 169 -29.92 57.03 -8.68
C VAL J 169 -29.14 56.50 -7.48
N ALA J 170 -29.55 55.36 -6.95
CA ALA J 170 -28.88 54.80 -5.78
C ALA J 170 -27.44 54.43 -6.11
N GLY J 171 -27.20 53.88 -7.30
CA GLY J 171 -25.85 53.45 -7.65
C GLY J 171 -24.86 54.59 -7.64
N TYR J 172 -25.21 55.71 -8.30
CA TYR J 172 -24.31 56.86 -8.32
C TYR J 172 -24.18 57.47 -6.94
N ALA J 173 -25.28 57.55 -6.19
CA ALA J 173 -25.22 58.08 -4.83
C ALA J 173 -24.24 57.29 -3.99
N ALA J 174 -24.25 55.95 -4.12
CA ALA J 174 -23.28 55.14 -3.41
C ALA J 174 -21.86 55.43 -3.88
N GLN J 175 -21.68 55.64 -5.18
CA GLN J 175 -20.35 55.88 -5.72
C GLN J 175 -19.72 57.13 -5.12
N LEU J 176 -20.48 58.22 -5.06
CA LEU J 176 -19.98 59.51 -4.58
C LEU J 176 -20.69 59.98 -3.32
N GLU J 177 -22.02 60.02 -3.34
CA GLU J 177 -22.78 60.52 -2.20
C GLU J 177 -22.68 59.55 -1.03
N GLN J 178 -23.32 59.91 0.07
CA GLN J 178 -23.31 59.05 1.26
C GLN J 178 -24.05 57.75 0.98
N TYR J 179 -24.08 56.88 1.99
CA TYR J 179 -24.55 55.52 1.83
C TYR J 179 -25.98 55.29 2.33
N GLN J 180 -26.51 56.17 3.18
CA GLN J 180 -27.83 55.93 3.75
C GLN J 180 -28.89 55.85 2.66
N LYS J 181 -28.86 56.78 1.71
CA LYS J 181 -29.83 56.74 0.62
C LYS J 181 -29.69 55.46 -0.19
N ALA J 182 -28.45 55.03 -0.47
CA ALA J 182 -28.24 53.78 -1.19
C ALA J 182 -28.84 52.61 -0.42
N ILE J 183 -28.64 52.59 0.90
CA ILE J 183 -29.14 51.48 1.71
C ILE J 183 -30.65 51.35 1.56
N ASP J 184 -31.37 52.46 1.71
CA ASP J 184 -32.83 52.40 1.68
C ASP J 184 -33.34 52.02 0.30
N ILE J 185 -32.80 52.65 -0.75
CA ILE J 185 -33.29 52.37 -2.09
C ILE J 185 -32.96 50.95 -2.50
N TYR J 186 -31.72 50.51 -2.27
CA TYR J 186 -31.32 49.16 -2.66
C TYR J 186 -32.11 48.12 -1.88
N GLU J 187 -32.30 48.33 -0.57
CA GLU J 187 -33.04 47.37 0.23
C GLU J 187 -34.51 47.33 -0.18
N GLN J 188 -35.11 48.50 -0.41
CA GLN J 188 -36.53 48.55 -0.75
C GLN J 188 -36.78 47.90 -2.10
N VAL J 189 -35.96 48.20 -3.10
CA VAL J 189 -36.17 47.64 -4.43
C VAL J 189 -35.97 46.13 -4.42
N GLY J 190 -34.93 45.67 -3.71
CA GLY J 190 -34.65 44.24 -3.69
C GLY J 190 -35.77 43.45 -3.03
N THR J 191 -36.24 43.93 -1.87
CA THR J 191 -37.29 43.21 -1.16
C THR J 191 -38.63 43.29 -1.88
N SER J 192 -38.81 44.24 -2.80
CA SER J 192 -40.05 44.40 -3.54
C SER J 192 -40.08 43.53 -4.79
N ALA J 193 -39.21 42.53 -4.89
CA ALA J 193 -39.18 41.64 -6.05
C ALA J 193 -39.12 40.16 -5.64
N MET J 194 -39.48 39.84 -4.40
CA MET J 194 -39.43 38.46 -3.94
C MET J 194 -40.38 37.56 -4.73
N ASP J 195 -41.48 38.11 -5.24
CA ASP J 195 -42.49 37.35 -5.97
C ASP J 195 -42.53 37.78 -7.43
N SER J 196 -41.36 38.06 -8.01
CA SER J 196 -41.31 38.49 -9.39
C SER J 196 -41.73 37.34 -10.31
N PRO J 197 -42.40 37.63 -11.43
CA PRO J 197 -42.76 36.53 -12.35
C PRO J 197 -41.55 35.86 -12.98
N LEU J 198 -40.63 36.66 -13.53
CA LEU J 198 -39.42 36.14 -14.16
C LEU J 198 -38.14 36.56 -13.43
N LEU J 199 -38.18 37.62 -12.62
CA LEU J 199 -37.01 38.13 -11.92
C LEU J 199 -36.89 37.56 -10.52
N LYS J 200 -37.48 36.39 -10.28
CA LYS J 200 -37.44 35.80 -8.96
C LYS J 200 -36.02 35.54 -8.47
N TYR J 201 -35.17 34.97 -9.32
CA TYR J 201 -33.81 34.62 -8.93
C TYR J 201 -32.81 35.73 -9.25
N SER J 202 -33.30 36.95 -9.44
CA SER J 202 -32.45 38.10 -9.74
C SER J 202 -32.32 39.06 -8.56
N ALA J 203 -33.27 39.04 -7.63
CA ALA J 203 -33.26 39.97 -6.50
C ALA J 203 -32.05 39.73 -5.60
N LYS J 204 -31.42 38.56 -5.73
CA LYS J 204 -30.28 38.22 -4.89
C LYS J 204 -29.17 39.28 -4.98
N ASP J 205 -28.86 39.71 -6.20
CA ASP J 205 -27.77 40.67 -6.37
C ASP J 205 -28.04 41.98 -5.63
N TYR J 206 -29.32 42.36 -5.53
CA TYR J 206 -29.66 43.62 -4.88
C TYR J 206 -29.26 43.60 -3.41
N PHE J 207 -29.54 42.50 -2.72
CA PHE J 207 -29.15 42.39 -1.32
C PHE J 207 -27.63 42.35 -1.19
N PHE J 208 -26.94 41.77 -2.16
CA PHE J 208 -25.48 41.74 -2.13
C PHE J 208 -24.89 43.15 -2.16
N LYS J 209 -25.45 44.01 -3.01
CA LYS J 209 -24.96 45.38 -3.09
C LYS J 209 -25.18 46.10 -1.76
N ALA J 210 -26.33 45.87 -1.14
CA ALA J 210 -26.60 46.48 0.16
C ALA J 210 -25.58 46.01 1.19
N ALA J 211 -25.29 44.70 1.21
CA ALA J 211 -24.37 44.15 2.20
C ALA J 211 -23.01 44.84 2.12
N LEU J 212 -22.52 45.06 0.90
CA LEU J 212 -21.25 45.75 0.73
C LEU J 212 -21.32 47.17 1.29
N CYS J 213 -22.44 47.86 1.03
CA CYS J 213 -22.58 49.24 1.51
C CYS J 213 -22.58 49.30 3.02
N HIS J 214 -23.27 48.37 3.69
CA HIS J 214 -23.23 48.32 5.14
C HIS J 214 -21.82 48.01 5.63
N PHE J 215 -21.13 47.10 4.93
CA PHE J 215 -19.77 46.74 5.32
C PHE J 215 -18.84 47.93 5.19
N CYS J 216 -19.06 48.77 4.17
CA CYS J 216 -18.25 49.97 4.01
C CYS J 216 -18.40 50.91 5.20
N ILE J 217 -19.54 50.85 5.89
CA ILE J 217 -19.78 51.73 7.02
C ILE J 217 -19.01 51.27 8.25
N ASP J 218 -19.31 50.07 8.73
CA ASP J 218 -18.66 49.55 9.93
C ASP J 218 -18.82 48.03 9.95
N MET J 219 -17.95 47.39 10.74
CA MET J 219 -17.99 45.93 10.85
C MET J 219 -19.25 45.45 11.56
N LEU J 220 -19.58 46.07 12.70
CA LEU J 220 -20.72 45.59 13.48
C LEU J 220 -22.01 45.72 12.69
N ASN J 221 -22.20 46.85 12.00
CA ASN J 221 -23.38 47.00 11.16
C ASN J 221 -23.36 46.01 10.01
N ALA J 222 -22.17 45.67 9.52
CA ALA J 222 -22.05 44.70 8.44
C ALA J 222 -22.60 43.34 8.84
N LYS J 223 -22.12 42.82 9.97
CA LYS J 223 -22.57 41.50 10.42
C LYS J 223 -24.04 41.53 10.81
N LEU J 224 -24.45 42.54 11.58
CA LEU J 224 -25.84 42.62 12.02
C LEU J 224 -26.79 42.66 10.83
N ALA J 225 -26.47 43.48 9.83
CA ALA J 225 -27.29 43.53 8.62
C ALA J 225 -27.26 42.20 7.88
N VAL J 226 -26.08 41.57 7.80
CA VAL J 226 -25.96 40.31 7.06
C VAL J 226 -26.88 39.26 7.66
N GLN J 227 -26.89 39.15 9.00
CA GLN J 227 -27.82 38.21 9.62
C GLN J 227 -29.27 38.58 9.30
N LYS J 228 -29.62 39.86 9.43
CA LYS J 228 -31.02 40.27 9.23
C LYS J 228 -31.54 39.77 7.89
N TYR J 229 -30.71 39.84 6.85
CA TYR J 229 -31.12 39.32 5.55
C TYR J 229 -31.19 37.80 5.57
N GLU J 230 -30.33 37.15 6.35
CA GLU J 230 -30.33 35.68 6.40
C GLU J 230 -31.68 35.15 6.88
N GLU J 231 -32.18 35.69 7.99
CA GLU J 231 -33.48 35.24 8.48
C GLU J 231 -34.60 35.70 7.56
N LEU J 232 -34.52 36.95 7.07
CA LEU J 232 -35.60 37.51 6.27
C LEU J 232 -35.77 36.75 4.97
N PHE J 233 -34.68 36.48 4.25
CA PHE J 233 -34.72 35.82 2.95
C PHE J 233 -33.98 34.49 3.03
N PRO J 234 -34.68 33.35 3.17
CA PRO J 234 -33.98 32.08 3.36
C PRO J 234 -33.01 31.73 2.25
N ALA J 235 -33.35 32.04 1.00
CA ALA J 235 -32.52 31.59 -0.12
C ALA J 235 -31.15 32.27 -0.12
N PHE J 236 -31.06 33.48 0.44
CA PHE J 236 -29.77 34.16 0.50
C PHE J 236 -28.77 33.39 1.36
N SER J 237 -29.25 32.47 2.20
CA SER J 237 -28.33 31.68 3.02
C SER J 237 -27.41 30.83 2.17
N ASP J 238 -27.93 30.25 1.09
CA ASP J 238 -27.18 29.33 0.25
C ASP J 238 -26.64 29.98 -1.01
N SER J 239 -26.63 31.31 -1.07
CA SER J 239 -26.07 32.01 -2.22
C SER J 239 -24.55 31.99 -2.17
N ARG J 240 -23.93 31.90 -3.35
CA ARG J 240 -22.47 31.93 -3.43
C ARG J 240 -21.92 33.24 -2.87
N GLU J 241 -22.66 34.33 -3.05
CA GLU J 241 -22.23 35.61 -2.47
C GLU J 241 -22.20 35.56 -0.96
N CYS J 242 -23.14 34.84 -0.34
CA CYS J 242 -23.18 34.76 1.12
C CYS J 242 -21.90 34.14 1.66
N LYS J 243 -21.44 33.05 1.05
CA LYS J 243 -20.19 32.43 1.49
C LYS J 243 -19.02 33.38 1.28
N LEU J 244 -18.98 34.06 0.13
CA LEU J 244 -17.88 34.99 -0.15
C LEU J 244 -17.82 36.08 0.91
N MET J 245 -18.97 36.71 1.19
CA MET J 245 -18.99 37.78 2.18
C MET J 245 -18.65 37.27 3.57
N LYS J 246 -19.12 36.08 3.92
CA LYS J 246 -18.73 35.50 5.21
C LYS J 246 -17.23 35.25 5.27
N LYS J 247 -16.65 34.74 4.18
CA LYS J 247 -15.21 34.53 4.14
C LYS J 247 -14.46 35.85 4.25
N LEU J 248 -14.91 36.87 3.52
CA LEU J 248 -14.28 38.19 3.64
C LEU J 248 -14.49 38.75 5.05
N LEU J 249 -15.68 38.53 5.63
CA LEU J 249 -15.95 39.04 6.97
C LEU J 249 -14.96 38.48 7.99
N GLU J 250 -14.81 37.15 8.02
CA GLU J 250 -13.91 36.54 9.00
C GLU J 250 -12.46 36.82 8.67
N ALA J 251 -12.11 36.92 7.39
CA ALA J 251 -10.73 37.21 7.03
C ALA J 251 -10.30 38.57 7.54
N HIS J 252 -11.12 39.60 7.32
CA HIS J 252 -10.77 40.94 7.77
C HIS J 252 -10.71 41.04 9.29
N GLU J 253 -11.34 40.11 10.00
CA GLU J 253 -11.37 40.16 11.46
C GLU J 253 -9.97 39.99 12.05
N GLU J 254 -9.18 39.08 11.49
CA GLU J 254 -7.89 38.71 12.05
C GLU J 254 -6.73 39.50 11.44
N GLN J 255 -7.00 40.43 10.53
CA GLN J 255 -5.97 41.28 9.93
C GLN J 255 -4.91 40.41 9.22
N ASN J 256 -5.36 39.71 8.19
CA ASN J 256 -4.49 38.92 7.32
C ASN J 256 -4.84 39.30 5.88
N VAL J 257 -4.09 40.27 5.33
CA VAL J 257 -4.40 40.77 4.00
C VAL J 257 -4.27 39.67 2.96
N ASP J 258 -3.39 38.69 3.21
CA ASP J 258 -3.21 37.61 2.23
C ASP J 258 -4.50 36.84 2.01
N SER J 259 -5.22 36.53 3.09
CA SER J 259 -6.49 35.82 2.95
C SER J 259 -7.48 36.65 2.15
N TYR J 260 -7.55 37.96 2.42
CA TYR J 260 -8.44 38.82 1.66
C TYR J 260 -8.03 38.87 0.19
N THR J 261 -6.72 38.98 -0.08
CA THR J 261 -6.26 39.10 -1.45
C THR J 261 -6.55 37.82 -2.24
N GLU J 262 -6.32 36.66 -1.63
CA GLU J 262 -6.60 35.41 -2.33
C GLU J 262 -8.09 35.19 -2.46
N SER J 263 -8.88 35.61 -1.47
CA SER J 263 -10.32 35.44 -1.53
C SER J 263 -10.91 36.23 -2.69
N VAL J 264 -10.46 37.46 -2.89
CA VAL J 264 -10.94 38.25 -4.03
C VAL J 264 -10.39 37.68 -5.32
N LYS J 265 -9.15 37.20 -5.31
CA LYS J 265 -8.55 36.66 -6.52
C LYS J 265 -9.33 35.44 -7.03
N GLU J 266 -9.68 34.52 -6.13
CA GLU J 266 -10.44 33.34 -6.55
C GLU J 266 -11.81 33.74 -7.07
N TYR J 267 -12.46 34.71 -6.42
CA TYR J 267 -13.76 35.15 -6.88
C TYR J 267 -13.68 35.73 -8.29
N ASP J 268 -12.65 36.54 -8.55
CA ASP J 268 -12.47 37.11 -9.88
C ASP J 268 -12.21 36.01 -10.91
N SER J 269 -11.40 35.01 -10.55
CA SER J 269 -11.09 33.95 -11.48
C SER J 269 -12.34 33.15 -11.85
N ILE J 270 -13.17 32.82 -10.85
CA ILE J 270 -14.36 32.02 -11.11
C ILE J 270 -15.34 32.77 -12.00
N SER J 271 -15.62 34.02 -11.65
CA SER J 271 -16.51 34.87 -12.42
C SER J 271 -15.94 36.28 -12.45
N ARG J 272 -16.32 37.03 -13.48
CA ARG J 272 -15.69 38.32 -13.73
C ARG J 272 -16.23 39.39 -12.78
N LEU J 273 -15.43 40.42 -12.58
CA LEU J 273 -15.83 41.59 -11.80
C LEU J 273 -16.75 42.46 -12.66
N ASP J 274 -17.13 43.62 -12.13
CA ASP J 274 -18.05 44.53 -12.81
C ASP J 274 -17.55 45.96 -12.91
N GLN J 275 -16.35 46.26 -12.44
CA GLN J 275 -15.72 47.58 -12.40
C GLN J 275 -16.33 48.46 -11.31
N TRP J 276 -17.41 48.03 -10.65
CA TRP J 276 -17.98 48.76 -9.53
C TRP J 276 -17.73 48.06 -8.20
N LEU J 277 -17.75 46.72 -8.18
CA LEU J 277 -17.41 46.00 -6.96
C LEU J 277 -15.91 46.09 -6.68
N THR J 278 -15.09 46.11 -7.73
CA THR J 278 -13.64 46.17 -7.53
C THR J 278 -13.24 47.45 -6.81
N THR J 279 -13.84 48.58 -7.18
CA THR J 279 -13.50 49.84 -6.53
C THR J 279 -13.88 49.80 -5.05
N MET J 280 -15.07 49.27 -4.73
CA MET J 280 -15.47 49.17 -3.33
C MET J 280 -14.56 48.23 -2.55
N LEU J 281 -14.20 47.09 -3.16
CA LEU J 281 -13.32 46.16 -2.47
C LEU J 281 -11.94 46.77 -2.22
N LEU J 282 -11.41 47.51 -3.20
CA LEU J 282 -10.12 48.16 -3.02
C LEU J 282 -10.18 49.18 -1.88
N ARG J 283 -11.25 49.96 -1.82
CA ARG J 283 -11.40 50.93 -0.74
C ARG J 283 -11.48 50.23 0.61
N ILE J 284 -12.17 49.08 0.66
CA ILE J 284 -12.23 48.30 1.89
C ILE J 284 -10.82 47.87 2.31
N LYS J 285 -10.04 47.37 1.35
CA LYS J 285 -8.69 46.92 1.66
C LYS J 285 -7.80 48.08 2.09
N LYS J 286 -8.14 49.30 1.68
CA LYS J 286 -7.33 50.45 2.05
C LYS J 286 -7.34 50.72 3.54
N THR J 287 -8.34 50.23 4.26
CA THR J 287 -8.51 50.48 5.69
C THR J 287 -8.35 49.20 6.51
N ILE J 288 -7.37 48.38 6.14
CA ILE J 288 -7.09 47.17 6.91
C ILE J 288 -6.13 47.44 8.07
N GLN J 289 -5.32 48.48 7.98
CA GLN J 289 -4.33 48.81 8.99
C GLN J 289 -3.61 47.57 9.53
N GLY K 1 -62.04 35.53 -56.15
CA GLY K 1 -60.87 34.95 -56.86
C GLY K 1 -60.84 35.30 -58.34
N MET K 2 -61.25 34.35 -59.18
CA MET K 2 -61.26 34.59 -60.62
C MET K 2 -62.20 35.74 -60.97
N ASP K 3 -63.38 35.79 -60.35
CA ASP K 3 -64.29 36.89 -60.56
C ASP K 3 -63.82 38.19 -59.92
N THR K 4 -63.02 38.11 -58.85
CA THR K 4 -62.39 39.31 -58.32
C THR K 4 -61.37 39.87 -59.31
N SER K 5 -60.78 39.00 -60.14
CA SER K 5 -60.05 39.49 -61.30
C SER K 5 -61.02 39.99 -62.37
N GLY K 6 -62.23 39.45 -62.39
CA GLY K 6 -63.27 40.03 -63.23
C GLY K 6 -63.65 41.44 -62.78
N LYS K 7 -63.78 41.64 -61.46
CA LYS K 7 -64.00 42.98 -60.94
C LYS K 7 -62.72 43.81 -60.98
N GLN K 8 -61.56 43.17 -61.11
CA GLN K 8 -60.34 43.91 -61.41
C GLN K 8 -60.47 44.62 -62.76
N ALA K 9 -61.01 43.91 -63.76
CA ALA K 9 -61.30 44.56 -65.04
C ALA K 9 -62.34 45.66 -64.85
N GLU K 10 -63.36 45.40 -64.02
CA GLU K 10 -64.28 46.46 -63.65
C GLU K 10 -63.58 47.55 -62.84
N ALA K 11 -62.55 47.19 -62.07
CA ALA K 11 -61.75 48.20 -61.39
C ALA K 11 -60.93 49.01 -62.38
N MET K 12 -60.45 48.40 -63.46
CA MET K 12 -59.88 49.19 -64.55
C MET K 12 -60.93 50.09 -65.17
N ALA K 13 -62.18 49.62 -65.24
CA ALA K 13 -63.27 50.51 -65.64
C ALA K 13 -63.49 51.61 -64.61
N LEU K 14 -63.28 51.28 -63.33
CA LEU K 14 -63.34 52.31 -62.30
C LEU K 14 -62.26 53.37 -62.52
N LEU K 15 -61.04 52.93 -62.88
CA LEU K 15 -60.05 53.88 -63.36
C LEU K 15 -60.51 54.56 -64.64
N ALA K 16 -61.21 53.83 -65.49
CA ALA K 16 -61.71 54.40 -66.73
C ALA K 16 -62.72 55.51 -66.46
N GLU K 17 -63.63 55.30 -65.50
CA GLU K 17 -64.53 56.38 -65.12
C GLU K 17 -63.81 57.45 -64.33
N ALA K 18 -62.68 57.11 -63.70
CA ALA K 18 -61.81 58.14 -63.17
C ALA K 18 -61.15 58.93 -64.29
N GLU K 19 -60.93 58.29 -65.44
CA GLU K 19 -60.48 59.02 -66.62
C GLU K 19 -61.56 59.99 -67.08
N ARG K 20 -62.83 59.60 -66.98
CA ARG K 20 -63.91 60.56 -67.22
C ARG K 20 -63.95 61.63 -66.13
N LYS K 21 -63.50 61.31 -64.92
CA LYS K 21 -63.47 62.32 -63.87
C LYS K 21 -62.41 63.39 -64.16
N VAL K 22 -61.29 63.00 -64.75
CA VAL K 22 -60.33 64.01 -65.21
C VAL K 22 -60.80 64.62 -66.52
N LYS K 23 -61.60 63.89 -67.31
CA LYS K 23 -62.23 64.51 -68.46
C LYS K 23 -63.17 65.64 -68.03
N ASN K 24 -63.67 65.57 -66.80
CA ASN K 24 -64.39 66.72 -66.24
C ASN K 24 -63.46 67.90 -66.10
N SER K 25 -62.23 67.66 -65.62
CA SER K 25 -61.23 68.73 -65.55
C SER K 25 -60.92 69.28 -66.93
N GLN K 26 -61.11 68.47 -67.97
CA GLN K 26 -60.90 68.94 -69.32
C GLN K 26 -61.97 69.96 -69.72
N SER K 27 -63.24 69.63 -69.48
CA SER K 27 -64.32 70.51 -69.90
C SER K 27 -65.34 70.83 -68.81
N PHE K 28 -65.70 69.87 -67.96
CA PHE K 28 -66.91 69.99 -67.17
C PHE K 28 -66.74 70.78 -65.88
N PHE K 29 -65.54 70.86 -65.31
CA PHE K 29 -65.38 71.65 -64.09
C PHE K 29 -65.53 73.15 -64.34
N SER K 30 -65.62 73.58 -65.60
CA SER K 30 -65.95 74.99 -65.86
C SER K 30 -67.28 75.36 -65.20
N GLY K 31 -68.28 74.48 -65.30
CA GLY K 31 -69.53 74.67 -64.61
C GLY K 31 -69.61 74.00 -63.25
N LEU K 32 -68.65 73.13 -62.94
CA LEU K 32 -68.56 72.45 -61.65
C LEU K 32 -67.30 72.88 -60.92
N PHE K 33 -66.93 74.16 -61.05
CA PHE K 33 -65.70 74.65 -60.46
C PHE K 33 -65.66 74.38 -58.96
N GLY K 34 -66.83 74.38 -58.31
CA GLY K 34 -66.90 74.06 -56.90
C GLY K 34 -66.78 72.59 -56.58
N GLY K 35 -66.57 71.74 -57.59
CA GLY K 35 -66.48 70.31 -57.37
C GLY K 35 -65.08 69.85 -57.01
N SER K 36 -64.35 70.65 -56.24
CA SER K 36 -63.07 70.19 -55.72
C SER K 36 -63.24 68.90 -54.93
N SER K 37 -64.35 68.77 -54.21
CA SER K 37 -64.68 67.50 -53.59
C SER K 37 -64.90 66.41 -54.63
N LYS K 38 -65.37 66.78 -55.83
CA LYS K 38 -65.50 65.80 -56.90
C LYS K 38 -64.13 65.24 -57.28
N ILE K 39 -63.10 66.07 -57.25
CA ILE K 39 -61.74 65.58 -57.45
C ILE K 39 -61.34 64.67 -56.29
N GLU K 40 -61.77 65.01 -55.07
CA GLU K 40 -61.44 64.19 -53.91
C GLU K 40 -62.05 62.80 -54.04
N GLU K 41 -63.35 62.72 -54.33
CA GLU K 41 -63.97 61.41 -54.52
C GLU K 41 -63.39 60.70 -55.74
N ALA K 42 -62.97 61.48 -56.75
CA ALA K 42 -62.24 60.87 -57.87
C ALA K 42 -60.96 60.21 -57.39
N CYS K 43 -60.26 60.85 -56.45
CA CYS K 43 -59.10 60.21 -55.85
C CYS K 43 -59.51 59.03 -54.98
N GLU K 44 -60.67 59.12 -54.32
CA GLU K 44 -61.13 58.02 -53.49
C GLU K 44 -61.42 56.78 -54.32
N ILE K 45 -62.10 56.94 -55.46
CA ILE K 45 -62.34 55.80 -56.34
C ILE K 45 -61.03 55.28 -56.89
N TYR K 46 -60.08 56.19 -57.14
CA TYR K 46 -58.72 55.76 -57.49
C TYR K 46 -58.15 54.85 -56.42
N ALA K 47 -58.26 55.27 -55.15
CA ALA K 47 -57.61 54.53 -54.07
C ALA K 47 -58.21 53.14 -53.91
N ARG K 48 -59.53 53.03 -53.80
CA ARG K 48 -60.14 51.72 -53.65
C ARG K 48 -59.98 50.88 -54.92
N ALA K 49 -60.07 51.50 -56.09
CA ALA K 49 -59.77 50.77 -57.32
C ALA K 49 -58.28 50.45 -57.43
N ALA K 50 -57.44 51.33 -56.88
CA ALA K 50 -56.00 51.08 -56.92
C ALA K 50 -55.66 49.77 -56.23
N ASN K 51 -56.47 49.37 -55.24
CA ASN K 51 -56.11 48.22 -54.43
C ASN K 51 -56.97 47.00 -54.77
N MET K 52 -58.08 47.20 -55.48
CA MET K 52 -58.74 46.04 -56.09
C MET K 52 -57.81 45.34 -57.06
N PHE K 53 -56.85 46.07 -57.62
CA PHE K 53 -55.71 45.43 -58.27
C PHE K 53 -54.83 44.75 -57.24
N LYS K 54 -54.64 45.39 -56.09
CA LYS K 54 -53.79 44.85 -55.04
C LYS K 54 -54.46 43.64 -54.36
N MET K 55 -55.78 43.50 -54.55
CA MET K 55 -56.41 42.17 -54.44
C MET K 55 -55.80 41.18 -55.42
N ALA K 56 -55.95 41.44 -56.72
CA ALA K 56 -55.70 40.45 -57.76
C ALA K 56 -54.23 40.05 -57.88
N LYS K 57 -53.36 40.54 -56.99
CA LYS K 57 -51.94 40.20 -57.03
C LYS K 57 -51.28 40.73 -58.29
N ASN K 58 -51.81 41.81 -58.84
CA ASN K 58 -51.23 42.53 -59.97
C ASN K 58 -50.38 43.65 -59.37
N TRP K 59 -49.12 43.34 -59.08
CA TRP K 59 -48.27 44.29 -58.36
C TRP K 59 -48.05 45.56 -59.16
N SER K 60 -47.76 45.43 -60.46
CA SER K 60 -47.48 46.61 -61.27
C SER K 60 -48.69 47.53 -61.34
N ALA K 61 -49.87 46.98 -61.61
CA ALA K 61 -51.06 47.80 -61.76
C ALA K 61 -51.40 48.52 -60.47
N ALA K 62 -51.29 47.83 -59.32
CA ALA K 62 -51.54 48.48 -58.05
C ALA K 62 -50.59 49.63 -57.81
N GLY K 63 -49.30 49.44 -58.12
CA GLY K 63 -48.35 50.52 -57.98
C GLY K 63 -48.65 51.69 -58.90
N ASN K 64 -49.04 51.40 -60.14
CA ASN K 64 -49.40 52.48 -61.07
C ASN K 64 -50.57 53.29 -60.54
N ALA K 65 -51.58 52.61 -59.99
CA ALA K 65 -52.75 53.32 -59.46
C ALA K 65 -52.36 54.18 -58.26
N PHE K 66 -51.52 53.64 -57.38
CA PHE K 66 -51.09 54.41 -56.21
C PHE K 66 -50.33 55.67 -56.62
N CYS K 67 -49.37 55.52 -57.54
CA CYS K 67 -48.59 56.67 -57.97
C CYS K 67 -49.47 57.71 -58.65
N GLN K 68 -50.38 57.27 -59.52
CA GLN K 68 -51.28 58.20 -60.19
C GLN K 68 -52.18 58.90 -59.18
N ALA K 69 -52.71 58.16 -58.22
CA ALA K 69 -53.56 58.77 -57.19
C ALA K 69 -52.79 59.79 -56.38
N ALA K 70 -51.55 59.47 -56.01
CA ALA K 70 -50.74 60.41 -55.25
C ALA K 70 -50.47 61.68 -56.04
N GLN K 71 -50.14 61.52 -57.33
CA GLN K 71 -49.85 62.69 -58.17
C GLN K 71 -51.07 63.60 -58.27
N LEU K 72 -52.24 63.02 -58.49
CA LEU K 72 -53.46 63.83 -58.57
C LEU K 72 -53.77 64.49 -57.23
N HIS K 73 -53.56 63.77 -56.13
CA HIS K 73 -53.97 64.27 -54.82
C HIS K 73 -53.05 65.37 -54.31
N LEU K 74 -51.78 65.38 -54.74
CA LEU K 74 -50.81 66.36 -54.24
C LEU K 74 -50.97 67.70 -54.96
N GLN K 75 -52.18 68.24 -54.88
CA GLN K 75 -52.47 69.55 -55.46
C GLN K 75 -52.06 70.66 -54.49
N LEU K 76 -50.83 70.60 -53.99
CA LEU K 76 -50.32 71.55 -53.00
C LEU K 76 -51.17 71.57 -51.73
N GLN K 77 -51.90 70.49 -51.47
CA GLN K 77 -52.74 70.39 -50.28
C GLN K 77 -52.79 68.94 -49.84
N SER K 78 -53.11 68.73 -48.56
CA SER K 78 -53.20 67.40 -47.98
C SER K 78 -51.93 66.61 -48.27
N LYS K 79 -50.79 67.23 -47.99
CA LYS K 79 -49.50 66.64 -48.35
C LYS K 79 -49.29 65.29 -47.66
N HIS K 80 -49.64 65.21 -46.38
CA HIS K 80 -49.45 63.97 -45.65
C HIS K 80 -50.21 62.82 -46.28
N ASP K 81 -51.42 63.08 -46.79
CA ASP K 81 -52.16 62.03 -47.49
C ASP K 81 -51.42 61.58 -48.73
N ALA K 82 -50.84 62.51 -49.48
CA ALA K 82 -50.02 62.13 -50.62
C ALA K 82 -48.82 61.31 -50.19
N ALA K 83 -48.20 61.68 -49.06
CA ALA K 83 -47.06 60.93 -48.56
C ALA K 83 -47.45 59.49 -48.23
N THR K 84 -48.61 59.30 -47.60
CA THR K 84 -49.06 57.95 -47.30
C THR K 84 -49.25 57.14 -48.58
N CYS K 85 -49.82 57.76 -49.61
CA CYS K 85 -49.98 57.07 -50.89
C CYS K 85 -48.62 56.72 -51.49
N PHE K 86 -47.66 57.64 -51.40
CA PHE K 86 -46.34 57.39 -51.97
C PHE K 86 -45.65 56.22 -51.29
N VAL K 87 -45.68 56.17 -49.96
CA VAL K 87 -45.05 55.06 -49.25
C VAL K 87 -45.78 53.75 -49.55
N ASP K 88 -47.10 53.80 -49.66
CA ASP K 88 -47.85 52.60 -50.03
C ASP K 88 -47.43 52.10 -51.41
N ALA K 89 -47.24 53.02 -52.36
CA ALA K 89 -46.75 52.64 -53.68
C ALA K 89 -45.38 51.99 -53.59
N GLY K 90 -44.48 52.59 -52.79
CA GLY K 90 -43.17 51.98 -52.60
C GLY K 90 -43.26 50.61 -51.97
N ASN K 91 -44.15 50.45 -50.98
CA ASN K 91 -44.35 49.14 -50.37
C ASN K 91 -44.86 48.13 -51.40
N ALA K 92 -45.81 48.55 -52.24
CA ALA K 92 -46.29 47.69 -53.31
C ALA K 92 -45.20 47.41 -54.33
N PHE K 93 -44.43 48.44 -54.70
CA PHE K 93 -43.36 48.26 -55.67
C PHE K 93 -42.19 47.44 -55.12
N LYS K 94 -42.17 47.20 -53.81
CA LYS K 94 -41.08 46.42 -53.22
C LYS K 94 -40.92 45.09 -53.92
N LYS K 95 -42.02 44.35 -54.04
CA LYS K 95 -42.04 43.13 -54.83
C LYS K 95 -41.93 43.47 -56.32
N ALA K 96 -41.58 42.46 -57.12
CA ALA K 96 -41.44 42.64 -58.56
C ALA K 96 -40.29 43.59 -58.88
N ASP K 97 -40.60 44.87 -59.12
CA ASP K 97 -39.59 45.86 -59.48
C ASP K 97 -39.48 46.90 -58.37
N PRO K 98 -38.44 46.88 -57.51
CA PRO K 98 -38.31 47.94 -56.52
C PRO K 98 -37.57 49.18 -57.04
N GLN K 99 -37.21 49.28 -58.32
CA GLN K 99 -36.41 50.43 -58.73
C GLN K 99 -37.15 51.74 -58.51
N GLU K 100 -38.37 51.85 -59.04
CA GLU K 100 -39.13 53.07 -58.89
C GLU K 100 -39.54 53.33 -57.44
N ALA K 101 -39.57 52.29 -56.61
CA ALA K 101 -39.89 52.50 -55.19
C ALA K 101 -38.87 53.40 -54.52
N ILE K 102 -37.61 53.34 -54.97
CA ILE K 102 -36.57 54.18 -54.40
C ILE K 102 -36.90 55.65 -54.62
N ASN K 103 -37.29 56.01 -55.85
CA ASN K 103 -37.59 57.40 -56.16
C ASN K 103 -38.80 57.89 -55.35
N CYS K 104 -39.85 57.07 -55.28
CA CYS K 104 -41.04 57.47 -54.54
C CYS K 104 -40.74 57.61 -53.05
N LEU K 105 -39.96 56.67 -52.50
CA LEU K 105 -39.57 56.78 -51.09
C LEU K 105 -38.70 58.02 -50.86
N MET K 106 -37.80 58.31 -51.80
CA MET K 106 -36.98 59.52 -51.69
C MET K 106 -37.86 60.77 -51.68
N ARG K 107 -38.88 60.80 -52.53
CA ARG K 107 -39.81 61.93 -52.52
C ARG K 107 -40.54 62.01 -51.19
N ALA K 108 -40.98 60.87 -50.66
CA ALA K 108 -41.61 60.86 -49.35
C ALA K 108 -40.65 61.32 -48.26
N ILE K 109 -39.37 60.95 -48.40
CA ILE K 109 -38.37 61.41 -47.44
C ILE K 109 -38.30 62.93 -47.45
N GLU K 110 -38.29 63.54 -48.64
CA GLU K 110 -38.22 64.99 -48.73
C GLU K 110 -39.44 65.63 -48.07
N ILE K 111 -40.62 65.08 -48.30
CA ILE K 111 -41.84 65.63 -47.71
C ILE K 111 -41.80 65.48 -46.20
N TYR K 112 -41.46 64.28 -45.71
CA TYR K 112 -41.40 64.06 -44.27
C TYR K 112 -40.36 64.95 -43.62
N THR K 113 -39.17 65.06 -44.22
CA THR K 113 -38.18 65.99 -43.69
C THR K 113 -38.72 67.41 -43.66
N ASP K 114 -39.28 67.86 -44.79
CA ASP K 114 -39.88 69.19 -44.83
C ASP K 114 -40.87 69.37 -43.68
N MET K 115 -41.67 68.34 -43.40
CA MET K 115 -42.54 68.39 -42.22
C MET K 115 -41.74 68.29 -40.94
N GLY K 116 -40.59 67.62 -40.98
CA GLY K 116 -39.70 67.53 -39.84
C GLY K 116 -39.78 66.25 -39.05
N ARG K 117 -40.50 65.24 -39.54
CA ARG K 117 -40.68 63.99 -38.81
C ARG K 117 -39.46 63.10 -39.08
N PHE K 118 -38.53 63.11 -38.12
CA PHE K 118 -37.27 62.39 -38.29
C PHE K 118 -37.48 60.87 -38.31
N THR K 119 -38.20 60.34 -37.32
CA THR K 119 -38.20 58.90 -37.09
C THR K 119 -38.73 58.13 -38.29
N ILE K 120 -39.82 58.62 -38.89
CA ILE K 120 -40.37 57.94 -40.06
C ILE K 120 -39.40 58.03 -41.24
N ALA K 121 -38.80 59.21 -41.43
CA ALA K 121 -37.86 59.39 -42.55
C ALA K 121 -36.65 58.47 -42.40
N ALA K 122 -36.04 58.45 -41.21
CA ALA K 122 -34.87 57.61 -41.01
C ALA K 122 -35.21 56.13 -41.11
N LYS K 123 -36.38 55.74 -40.62
CA LYS K 123 -36.81 54.35 -40.76
C LYS K 123 -36.94 53.97 -42.23
N HIS K 124 -37.51 54.87 -43.04
CA HIS K 124 -37.57 54.64 -44.48
C HIS K 124 -36.17 54.61 -45.09
N HIS K 125 -35.24 55.40 -44.55
CA HIS K 125 -33.86 55.35 -45.02
C HIS K 125 -33.26 53.97 -44.78
N ILE K 126 -33.58 53.35 -43.64
CA ILE K 126 -33.14 51.97 -43.39
C ILE K 126 -33.76 51.04 -44.42
N SER K 127 -35.05 51.24 -44.73
CA SER K 127 -35.73 50.35 -45.65
C SER K 127 -35.08 50.38 -47.03
N ILE K 128 -34.77 51.58 -47.52
CA ILE K 128 -34.10 51.69 -48.82
C ILE K 128 -32.67 51.16 -48.73
N ALA K 129 -32.07 51.23 -47.54
CA ALA K 129 -30.71 50.71 -47.38
C ALA K 129 -30.69 49.19 -47.45
N GLU K 130 -31.66 48.54 -46.81
CA GLU K 130 -31.68 47.08 -46.80
C GLU K 130 -32.10 46.51 -48.15
N ILE K 131 -33.02 47.18 -48.86
CA ILE K 131 -33.42 46.68 -50.17
C ILE K 131 -32.26 46.74 -51.14
N TYR K 132 -31.41 47.77 -51.02
CA TYR K 132 -30.19 47.81 -51.80
C TYR K 132 -29.34 46.57 -51.55
N GLU K 133 -29.16 46.22 -50.27
CA GLU K 133 -28.30 45.10 -49.91
C GLU K 133 -28.85 43.79 -50.43
N THR K 134 -30.16 43.57 -50.28
CA THR K 134 -30.76 42.28 -50.58
C THR K 134 -31.12 42.10 -52.04
N GLU K 135 -31.26 43.20 -52.80
CA GLU K 135 -31.63 43.13 -54.21
C GLU K 135 -30.48 43.57 -55.12
N LEU K 136 -29.96 44.78 -54.93
CA LEU K 136 -28.86 45.29 -55.71
C LEU K 136 -27.54 44.93 -55.02
N VAL K 137 -26.42 45.37 -55.59
CA VAL K 137 -25.10 45.05 -55.05
C VAL K 137 -24.36 46.28 -54.54
N ASP K 138 -24.78 47.50 -54.89
CA ASP K 138 -24.10 48.69 -54.42
C ASP K 138 -24.16 48.75 -52.89
N VAL K 139 -23.02 49.05 -52.27
CA VAL K 139 -22.91 49.09 -50.82
C VAL K 139 -22.59 50.50 -50.36
N GLU K 140 -21.87 51.26 -51.20
CA GLU K 140 -21.48 52.61 -50.81
C GLU K 140 -22.71 53.50 -50.61
N LYS K 141 -23.71 53.37 -51.49
CA LYS K 141 -24.94 54.12 -51.31
C LYS K 141 -25.65 53.69 -50.02
N ALA K 142 -25.64 52.39 -49.72
CA ALA K 142 -26.21 51.92 -48.47
C ALA K 142 -25.48 52.52 -47.27
N ILE K 143 -24.16 52.62 -47.36
CA ILE K 143 -23.39 53.24 -46.28
C ILE K 143 -23.83 54.69 -46.09
N ALA K 144 -24.00 55.42 -47.19
CA ALA K 144 -24.41 56.81 -47.10
C ALA K 144 -25.79 56.92 -46.45
N HIS K 145 -26.72 56.05 -46.84
CA HIS K 145 -28.05 56.07 -46.25
C HIS K 145 -27.99 55.76 -44.76
N TYR K 146 -27.18 54.77 -44.37
CA TYR K 146 -27.05 54.44 -42.96
C TYR K 146 -26.47 55.61 -42.18
N GLU K 147 -25.45 56.28 -42.74
CA GLU K 147 -24.87 57.43 -42.06
C GLU K 147 -25.90 58.53 -41.86
N GLN K 148 -26.68 58.84 -42.89
CA GLN K 148 -27.69 59.87 -42.76
C GLN K 148 -28.76 59.46 -41.75
N SER K 149 -29.20 58.20 -41.79
CA SER K 149 -30.18 57.73 -40.83
C SER K 149 -29.63 57.78 -39.41
N ALA K 150 -28.36 57.39 -39.22
CA ALA K 150 -27.75 57.44 -37.90
C ALA K 150 -27.68 58.87 -37.39
N ASP K 151 -27.32 59.82 -38.26
CA ASP K 151 -27.25 61.22 -37.84
C ASP K 151 -28.60 61.72 -37.37
N TYR K 152 -29.66 61.36 -38.10
CA TYR K 152 -31.01 61.79 -37.71
C TYR K 152 -31.40 61.19 -36.36
N TYR K 153 -31.09 59.91 -36.14
CA TYR K 153 -31.41 59.28 -34.87
C TYR K 153 -30.61 59.91 -33.73
N LYS K 154 -29.32 60.14 -33.94
CA LYS K 154 -28.47 60.68 -32.88
C LYS K 154 -28.91 62.07 -32.43
N GLY K 155 -29.58 62.82 -33.31
CA GLY K 155 -30.07 64.13 -32.92
C GLY K 155 -31.15 64.05 -31.85
N GLU K 156 -31.98 63.00 -31.90
CA GLU K 156 -33.12 62.84 -31.00
C GLU K 156 -32.83 61.84 -29.89
N GLU K 157 -31.56 61.67 -29.54
CA GLU K 157 -31.12 60.85 -28.42
C GLU K 157 -31.55 59.39 -28.54
N SER K 158 -31.93 58.94 -29.74
CA SER K 158 -32.24 57.53 -29.97
C SER K 158 -30.91 56.80 -30.17
N ASN K 159 -30.15 56.72 -29.08
CA ASN K 159 -28.79 56.20 -29.16
C ASN K 159 -28.75 54.75 -29.61
N SER K 160 -29.63 53.91 -29.05
CA SER K 160 -29.56 52.48 -29.34
C SER K 160 -29.80 52.20 -30.82
N SER K 161 -30.81 52.84 -31.43
CA SER K 161 -31.08 52.62 -32.84
C SER K 161 -29.92 53.09 -33.70
N ALA K 162 -29.36 54.25 -33.39
CA ALA K 162 -28.17 54.71 -34.11
C ALA K 162 -26.99 53.81 -33.83
N ASN K 163 -26.88 53.28 -32.62
CA ASN K 163 -25.78 52.40 -32.27
C ASN K 163 -25.74 51.18 -33.19
N LYS K 164 -26.88 50.49 -33.33
CA LYS K 164 -26.91 49.30 -34.17
C LYS K 164 -26.65 49.65 -35.63
N CYS K 165 -27.18 50.78 -36.10
CA CYS K 165 -26.91 51.20 -37.46
C CYS K 165 -25.43 51.42 -37.70
N LEU K 166 -24.75 52.08 -36.75
CA LEU K 166 -23.31 52.27 -36.87
C LEU K 166 -22.56 50.95 -36.81
N LEU K 167 -23.03 50.00 -35.99
CA LEU K 167 -22.39 48.70 -35.92
C LEU K 167 -22.43 47.99 -37.27
N LYS K 168 -23.58 48.04 -37.95
CA LYS K 168 -23.68 47.46 -39.28
C LYS K 168 -22.78 48.19 -40.26
N VAL K 169 -22.69 49.52 -40.13
CA VAL K 169 -21.82 50.29 -41.01
C VAL K 169 -20.36 49.87 -40.83
N ALA K 170 -19.94 49.70 -39.58
CA ALA K 170 -18.55 49.32 -39.32
C ALA K 170 -18.23 47.96 -39.92
N GLY K 171 -19.15 47.00 -39.80
CA GLY K 171 -18.91 45.69 -40.37
C GLY K 171 -18.76 45.75 -41.89
N TYR K 172 -19.66 46.48 -42.55
CA TYR K 172 -19.54 46.63 -44.00
C TYR K 172 -18.25 47.36 -44.38
N ALA K 173 -17.90 48.41 -43.63
CA ALA K 173 -16.66 49.12 -43.89
C ALA K 173 -15.46 48.21 -43.70
N ALA K 174 -15.49 47.37 -42.64
CA ALA K 174 -14.41 46.41 -42.44
C ALA K 174 -14.31 45.45 -43.60
N GLN K 175 -15.45 44.95 -44.09
CA GLN K 175 -15.43 44.10 -45.28
C GLN K 175 -14.89 44.87 -46.49
N LEU K 176 -15.05 46.19 -46.50
CA LEU K 176 -14.52 47.04 -47.56
C LEU K 176 -13.11 47.54 -47.24
N GLU K 177 -12.48 46.99 -46.20
CA GLU K 177 -11.10 47.30 -45.80
C GLU K 177 -10.84 48.80 -45.78
N GLN K 178 -11.59 49.48 -44.91
CA GLN K 178 -11.27 50.84 -44.44
C GLN K 178 -11.32 50.75 -42.92
N TYR K 179 -10.19 50.36 -42.32
CA TYR K 179 -10.19 49.94 -40.92
C TYR K 179 -10.31 51.11 -39.96
N GLN K 180 -9.80 52.29 -40.34
CA GLN K 180 -9.84 53.43 -39.42
C GLN K 180 -11.27 53.76 -39.03
N LYS K 181 -12.19 53.77 -40.01
CA LYS K 181 -13.58 54.03 -39.70
C LYS K 181 -14.16 52.93 -38.81
N ALA K 182 -13.83 51.68 -39.11
CA ALA K 182 -14.38 50.56 -38.33
C ALA K 182 -13.93 50.63 -36.89
N ILE K 183 -12.62 50.85 -36.65
CA ILE K 183 -12.10 50.84 -35.30
C ILE K 183 -12.70 51.97 -34.47
N ASP K 184 -12.88 53.15 -35.08
CA ASP K 184 -13.45 54.28 -34.37
C ASP K 184 -14.87 53.98 -33.90
N ILE K 185 -15.68 53.40 -34.79
CA ILE K 185 -17.07 53.09 -34.43
C ILE K 185 -17.09 52.01 -33.36
N TYR K 186 -16.28 50.96 -33.53
CA TYR K 186 -16.26 49.87 -32.56
C TYR K 186 -15.80 50.35 -31.19
N GLU K 187 -14.77 51.19 -31.16
CA GLU K 187 -14.31 51.74 -29.88
C GLU K 187 -15.39 52.61 -29.24
N GLN K 188 -16.04 53.46 -30.02
CA GLN K 188 -17.04 54.36 -29.47
C GLN K 188 -18.18 53.57 -28.83
N VAL K 189 -18.71 52.57 -29.54
CA VAL K 189 -19.80 51.78 -28.99
C VAL K 189 -19.33 50.98 -27.79
N GLY K 190 -18.14 50.40 -27.88
CA GLY K 190 -17.62 49.56 -26.80
C GLY K 190 -17.50 50.31 -25.49
N THR K 191 -16.93 51.51 -25.52
CA THR K 191 -16.80 52.31 -24.32
C THR K 191 -18.12 52.94 -23.87
N SER K 192 -19.10 53.05 -24.77
CA SER K 192 -20.39 53.63 -24.42
C SER K 192 -21.33 52.61 -23.78
N ALA K 193 -21.33 51.38 -24.28
CA ALA K 193 -22.18 50.34 -23.68
C ALA K 193 -21.77 50.06 -22.24
N MET K 194 -20.46 50.09 -21.97
CA MET K 194 -19.98 49.87 -20.61
C MET K 194 -20.38 50.98 -19.66
N ASP K 195 -20.86 52.11 -20.18
CA ASP K 195 -21.20 53.22 -19.29
C ASP K 195 -22.42 52.90 -18.44
N SER K 196 -23.33 52.07 -18.95
CA SER K 196 -24.57 51.76 -18.26
C SER K 196 -24.65 50.28 -17.89
N PRO K 197 -25.30 49.95 -16.77
CA PRO K 197 -25.32 48.54 -16.33
C PRO K 197 -25.97 47.58 -17.32
N LEU K 198 -26.98 48.03 -18.05
CA LEU K 198 -27.82 47.11 -18.82
C LEU K 198 -27.07 46.42 -19.95
N LEU K 199 -25.93 46.98 -20.39
CA LEU K 199 -25.23 46.47 -21.56
C LEU K 199 -23.76 46.15 -21.30
N LYS K 200 -23.33 46.06 -20.04
CA LYS K 200 -21.91 45.88 -19.77
C LYS K 200 -21.40 44.51 -20.19
N TYR K 201 -22.27 43.51 -20.31
CA TYR K 201 -21.83 42.17 -20.70
C TYR K 201 -21.48 42.10 -22.19
N SER K 202 -21.98 43.03 -23.00
CA SER K 202 -21.85 42.89 -24.46
C SER K 202 -20.48 43.35 -24.95
N ALA K 203 -19.82 44.24 -24.22
CA ALA K 203 -18.64 44.92 -24.75
C ALA K 203 -17.53 43.96 -25.14
N LYS K 204 -17.40 42.83 -24.41
CA LYS K 204 -16.32 41.89 -24.68
C LYS K 204 -16.24 41.55 -26.16
N ASP K 205 -17.39 41.37 -26.80
CA ASP K 205 -17.42 41.12 -28.24
C ASP K 205 -16.91 42.33 -29.02
N TYR K 206 -17.35 43.53 -28.62
CA TYR K 206 -16.96 44.74 -29.35
C TYR K 206 -15.45 44.95 -29.29
N PHE K 207 -14.85 44.79 -28.11
CA PHE K 207 -13.41 44.99 -27.97
C PHE K 207 -12.65 43.95 -28.80
N PHE K 208 -13.13 42.71 -28.80
CA PHE K 208 -12.45 41.65 -29.54
C PHE K 208 -12.39 41.97 -31.03
N LYS K 209 -13.53 42.38 -31.60
CA LYS K 209 -13.56 42.71 -33.03
C LYS K 209 -12.66 43.91 -33.31
N ALA K 210 -12.68 44.92 -32.43
CA ALA K 210 -11.84 46.09 -32.63
C ALA K 210 -10.36 45.73 -32.61
N ALA K 211 -9.98 44.85 -31.68
CA ALA K 211 -8.59 44.41 -31.59
C ALA K 211 -8.15 43.73 -32.88
N LEU K 212 -9.02 42.90 -33.45
CA LEU K 212 -8.69 42.25 -34.71
C LEU K 212 -8.46 43.26 -35.81
N CYS K 213 -9.31 44.29 -35.89
CA CYS K 213 -9.14 45.32 -36.91
C CYS K 213 -7.83 46.07 -36.73
N HIS K 214 -7.52 46.46 -35.50
CA HIS K 214 -6.20 47.04 -35.20
C HIS K 214 -5.11 46.03 -35.54
N PHE K 215 -5.35 44.76 -35.22
CA PHE K 215 -4.38 43.70 -35.42
C PHE K 215 -4.09 43.45 -36.89
N CYS K 216 -4.90 44.00 -37.80
CA CYS K 216 -4.68 43.75 -39.23
C CYS K 216 -3.68 44.73 -39.83
N ILE K 217 -3.71 46.00 -39.41
CA ILE K 217 -2.91 47.04 -40.04
C ILE K 217 -1.48 47.01 -39.50
N ASP K 218 -1.34 47.28 -38.20
CA ASP K 218 -0.03 47.37 -37.55
C ASP K 218 0.01 46.35 -36.42
N MET K 219 0.72 45.25 -36.65
CA MET K 219 0.84 44.20 -35.64
C MET K 219 1.55 44.73 -34.40
N LEU K 220 2.58 45.56 -34.61
CA LEU K 220 3.35 46.08 -33.48
C LEU K 220 2.47 46.89 -32.54
N ASN K 221 1.62 47.75 -33.10
CA ASN K 221 0.71 48.54 -32.28
C ASN K 221 -0.39 47.70 -31.64
N ALA K 222 -0.61 46.47 -32.12
CA ALA K 222 -1.64 45.63 -31.54
C ALA K 222 -1.38 45.34 -30.07
N LYS K 223 -0.12 45.06 -29.72
CA LYS K 223 0.20 44.76 -28.33
C LYS K 223 -0.08 45.97 -27.43
N LEU K 224 0.27 47.17 -27.89
CA LEU K 224 -0.06 48.37 -27.12
C LEU K 224 -1.56 48.56 -27.02
N ALA K 225 -2.29 48.31 -28.12
CA ALA K 225 -3.73 48.51 -28.12
C ALA K 225 -4.41 47.56 -27.13
N VAL K 226 -4.03 46.28 -27.15
CA VAL K 226 -4.65 45.32 -26.25
C VAL K 226 -4.29 45.65 -24.81
N GLN K 227 -3.06 46.12 -24.57
CA GLN K 227 -2.69 46.56 -23.23
C GLN K 227 -3.55 47.73 -22.77
N LYS K 228 -3.82 48.67 -23.68
CA LYS K 228 -4.67 49.81 -23.33
C LYS K 228 -6.07 49.33 -22.98
N TYR K 229 -6.61 48.37 -23.73
CA TYR K 229 -7.93 47.83 -23.42
C TYR K 229 -7.93 47.12 -22.07
N GLU K 230 -6.86 46.36 -21.80
CA GLU K 230 -6.78 45.61 -20.54
C GLU K 230 -6.77 46.56 -19.34
N GLU K 231 -5.99 47.64 -19.43
CA GLU K 231 -5.91 48.58 -18.30
C GLU K 231 -7.18 49.41 -18.20
N LEU K 232 -7.74 49.82 -19.34
CA LEU K 232 -8.98 50.59 -19.32
C LEU K 232 -10.11 49.77 -18.70
N PHE K 233 -10.22 48.51 -19.10
CA PHE K 233 -11.23 47.60 -18.55
C PHE K 233 -10.51 46.47 -17.82
N PRO K 234 -10.40 46.52 -16.48
CA PRO K 234 -9.70 45.44 -15.77
C PRO K 234 -10.34 44.08 -15.96
N ALA K 235 -11.60 44.03 -16.41
CA ALA K 235 -12.33 42.79 -16.57
C ALA K 235 -12.30 42.28 -18.02
N PHE K 236 -11.20 42.51 -18.72
CA PHE K 236 -11.09 42.13 -20.13
C PHE K 236 -10.18 40.92 -20.35
N SER K 237 -9.38 40.55 -19.36
CA SER K 237 -8.30 39.59 -19.60
C SER K 237 -8.82 38.16 -19.62
N ASP K 238 -9.44 37.71 -18.53
CA ASP K 238 -9.75 36.28 -18.39
C ASP K 238 -10.68 35.81 -19.51
N SER K 239 -11.48 36.72 -20.06
CA SER K 239 -12.40 36.35 -21.13
C SER K 239 -11.65 35.65 -22.24
N ARG K 240 -12.22 34.55 -22.72
CA ARG K 240 -11.51 33.71 -23.69
C ARG K 240 -11.06 34.49 -24.91
N GLU K 241 -11.81 35.54 -25.26
CA GLU K 241 -11.42 36.35 -26.42
C GLU K 241 -10.04 36.97 -26.22
N CYS K 242 -9.78 37.55 -25.05
CA CYS K 242 -8.50 38.20 -24.83
C CYS K 242 -7.37 37.18 -24.76
N LYS K 243 -7.58 36.07 -24.06
CA LYS K 243 -6.55 35.04 -23.99
C LYS K 243 -6.25 34.48 -25.38
N LEU K 244 -7.29 34.23 -26.18
CA LEU K 244 -7.06 33.73 -27.53
C LEU K 244 -6.20 34.69 -28.33
N MET K 245 -6.56 35.97 -28.35
CA MET K 245 -5.76 36.95 -29.09
C MET K 245 -4.33 36.98 -28.58
N LYS K 246 -4.15 37.12 -27.26
CA LYS K 246 -2.79 37.17 -26.72
C LYS K 246 -1.96 36.00 -27.22
N LYS K 247 -2.57 34.82 -27.34
CA LYS K 247 -1.85 33.67 -27.84
C LYS K 247 -1.54 33.83 -29.32
N LEU K 248 -2.51 34.32 -30.10
CA LEU K 248 -2.29 34.47 -31.54
C LEU K 248 -1.15 35.45 -31.82
N LEU K 249 -1.17 36.63 -31.18
CA LEU K 249 -0.12 37.59 -31.43
C LEU K 249 1.25 37.07 -30.98
N GLU K 250 1.33 36.47 -29.80
CA GLU K 250 2.61 35.98 -29.33
C GLU K 250 3.11 34.82 -30.19
N ALA K 251 2.20 33.96 -30.65
CA ALA K 251 2.59 32.86 -31.51
C ALA K 251 3.16 33.36 -32.83
N HIS K 252 2.58 34.42 -33.39
CA HIS K 252 3.05 34.96 -34.66
C HIS K 252 4.49 35.47 -34.57
N GLU K 253 4.98 35.78 -33.38
CA GLU K 253 6.36 36.20 -33.23
C GLU K 253 7.31 35.19 -33.87
N GLU K 254 6.97 33.91 -33.79
CA GLU K 254 7.70 32.84 -34.44
C GLU K 254 6.87 32.25 -35.57
N GLN K 255 7.54 31.89 -36.67
CA GLN K 255 6.85 31.38 -37.86
C GLN K 255 6.54 29.90 -37.64
N ASN K 256 5.39 29.64 -37.01
CA ASN K 256 4.90 28.29 -36.79
C ASN K 256 3.43 28.27 -37.20
N VAL K 257 3.16 27.87 -38.44
CA VAL K 257 1.79 27.88 -38.94
C VAL K 257 0.92 26.97 -38.09
N ASP K 258 1.48 25.86 -37.61
CA ASP K 258 0.72 24.96 -36.75
C ASP K 258 0.16 25.70 -35.54
N SER K 259 1.01 26.42 -34.80
CA SER K 259 0.61 26.97 -33.52
C SER K 259 -0.78 27.59 -33.59
N TYR K 260 -1.04 28.43 -34.59
CA TYR K 260 -2.31 29.15 -34.62
C TYR K 260 -3.46 28.27 -35.09
N THR K 261 -3.18 27.23 -35.88
CA THR K 261 -4.27 26.48 -36.50
C THR K 261 -5.03 25.65 -35.45
N GLU K 262 -4.31 24.93 -34.59
CA GLU K 262 -5.02 24.20 -33.53
C GLU K 262 -5.75 25.18 -32.62
N SER K 263 -5.17 26.36 -32.37
CA SER K 263 -5.80 27.31 -31.47
C SER K 263 -7.17 27.75 -31.99
N VAL K 264 -7.24 28.10 -33.27
CA VAL K 264 -8.51 28.50 -33.85
C VAL K 264 -9.46 27.32 -33.93
N LYS K 265 -8.94 26.14 -34.26
CA LYS K 265 -9.78 24.94 -34.24
C LYS K 265 -10.24 24.63 -32.82
N GLU K 266 -9.35 24.75 -31.84
CA GLU K 266 -9.74 24.52 -30.45
C GLU K 266 -10.83 25.50 -30.00
N TYR K 267 -10.66 26.79 -30.34
CA TYR K 267 -11.71 27.76 -30.03
C TYR K 267 -13.00 27.41 -30.75
N ASP K 268 -12.90 27.03 -32.03
CA ASP K 268 -14.09 26.62 -32.77
C ASP K 268 -14.72 25.36 -32.18
N SER K 269 -13.95 24.53 -31.48
CA SER K 269 -14.47 23.31 -30.89
C SER K 269 -15.50 23.58 -29.80
N ILE K 270 -15.54 24.78 -29.23
CA ILE K 270 -16.53 25.13 -28.22
C ILE K 270 -17.74 25.84 -28.81
N SER K 271 -17.60 26.52 -29.94
CA SER K 271 -18.72 27.16 -30.60
C SER K 271 -18.33 27.45 -32.05
N ARG K 272 -19.33 27.48 -32.92
CA ARG K 272 -19.08 27.74 -34.33
C ARG K 272 -18.84 29.23 -34.57
N LEU K 273 -18.13 29.51 -35.66
CA LEU K 273 -17.78 30.87 -36.05
C LEU K 273 -18.69 31.34 -37.17
N ASP K 274 -18.58 32.64 -37.46
CA ASP K 274 -19.39 33.29 -38.50
C ASP K 274 -18.53 33.57 -39.72
N GLN K 275 -19.21 33.83 -40.84
CA GLN K 275 -18.51 34.13 -42.09
C GLN K 275 -17.60 35.34 -41.91
N TRP K 276 -18.05 36.35 -41.16
CA TRP K 276 -17.25 37.56 -40.99
C TRP K 276 -15.94 37.25 -40.28
N LEU K 277 -16.00 36.50 -39.18
CA LEU K 277 -14.79 36.18 -38.43
C LEU K 277 -13.89 35.25 -39.23
N THR K 278 -14.46 34.17 -39.76
CA THR K 278 -13.65 33.19 -40.48
C THR K 278 -12.97 33.81 -41.69
N THR K 279 -13.69 34.63 -42.45
CA THR K 279 -13.10 35.26 -43.61
C THR K 279 -11.96 36.19 -43.22
N MET K 280 -12.15 36.98 -42.17
CA MET K 280 -11.10 37.90 -41.74
C MET K 280 -9.86 37.15 -41.28
N LEU K 281 -10.04 36.09 -40.48
CA LEU K 281 -8.90 35.31 -40.01
C LEU K 281 -8.16 34.67 -41.18
N LEU K 282 -8.91 34.14 -42.15
CA LEU K 282 -8.27 33.52 -43.31
C LEU K 282 -7.41 34.52 -44.07
N ARG K 283 -7.94 35.73 -44.28
CA ARG K 283 -7.19 36.75 -45.02
C ARG K 283 -6.00 37.24 -44.22
N ILE K 284 -6.21 37.59 -42.96
CA ILE K 284 -5.16 38.25 -42.17
C ILE K 284 -4.00 37.30 -41.91
N LYS K 285 -4.31 36.08 -41.48
CA LYS K 285 -3.26 35.14 -41.08
C LYS K 285 -2.44 34.65 -42.26
N LYS K 286 -2.86 34.92 -43.50
CA LYS K 286 -2.07 34.53 -44.66
C LYS K 286 -0.69 35.16 -44.64
N THR K 287 -0.52 36.29 -43.96
CA THR K 287 0.77 36.95 -43.86
C THR K 287 0.84 37.81 -42.59
#